data_7U32
#
_entry.id   7U32
#
_cell.length_a   1.00
_cell.length_b   1.00
_cell.length_c   1.00
_cell.angle_alpha   90.00
_cell.angle_beta   90.00
_cell.angle_gamma   90.00
#
_symmetry.space_group_name_H-M   'P 1'
#
loop_
_entity.id
_entity.type
_entity.pdbx_description
1 polymer Integrase
2 polymer 'DNA EV273'
3 polymer 'DNA EV272'
4 non-polymer 'ZINC ION'
5 non-polymer 'CALCIUM ION'
#
loop_
_entity_poly.entity_id
_entity_poly.type
_entity_poly.pdbx_seq_one_letter_code
_entity_poly.pdbx_strand_id
1 'polypeptide(L)'
;WIENIPLAEEEHNKWHQDAVSLHLEFGIPRTAAEDIVQQCDVCQENKMPSTLRGSNKRGIDHWQVDYTHYEDKIILVWVE
TNSGLIYAERVKGETGQEFRVQTMKWYAMFAPKSLQSDNGPAFVAESTQLLMKYLGIEHTTGIPWNPQSQALVERTHQTL
KNTLEKLIPMFNAFESALAGTLITLNIKRKGGLGTSPMDIFIFNKEQQRIQQQSKSKQEKIRFCYYRTRKRGHPGEWQGP
TQVLWGGDGAIVVKDRGTDRYLVIANKDVKFIPPPKEIQKE
;
A,B,C,D,E,F,G,H,I,J,K,L,M,N,O,P
2 'polydeoxyribonucleotide'
;(DG)(DC)(DT)(DG)(DC)(DG)(DA)(DG)(DA)(DT)(DC)(DC)(DG)(DC)(DT)(DC)(DC)(DG)(DG)(DT)
(DG)(DT)(DT)(DG)(DC)(DA)(DC)(DG)(DG)
;
X,Y
3 'polydeoxyribonucleotide'
;(DC)(DC)(DG)(DT)(DG)(DC)(DA)(DA)(DC)(DA)(DC)(DC)(DG)(DG)(DA)(DG)(DC)(DG)(DG)(DA)
(DT)(DC)(DT)(DC)(DG)(DC)(DA)
;
W,Z
#
# COMPACT_ATOMS: atom_id res chain seq x y z
N TRP A 1 22.44 -33.91 -1.79
CA TRP A 1 22.14 -33.07 -2.94
C TRP A 1 21.30 -33.82 -3.96
N ILE A 2 21.98 -34.49 -4.90
CA ILE A 2 21.28 -35.30 -5.89
C ILE A 2 20.61 -36.49 -5.22
N GLU A 3 21.26 -37.05 -4.20
CA GLU A 3 20.75 -38.28 -3.57
C GLU A 3 19.39 -38.07 -2.93
N ASN A 4 19.20 -36.94 -2.25
CA ASN A 4 17.96 -36.69 -1.54
C ASN A 4 16.89 -36.03 -2.40
N ILE A 5 17.19 -35.74 -3.67
CA ILE A 5 16.18 -35.16 -4.55
C ILE A 5 14.97 -36.08 -4.72
N PRO A 6 15.12 -37.38 -4.99
CA PRO A 6 13.93 -38.25 -5.03
C PRO A 6 13.16 -38.27 -3.71
N LEU A 7 13.87 -38.19 -2.58
CA LEU A 7 13.18 -38.15 -1.30
C LEU A 7 12.31 -36.91 -1.17
N ALA A 8 12.85 -35.75 -1.53
CA ALA A 8 12.06 -34.52 -1.49
C ALA A 8 10.88 -34.58 -2.46
N GLU A 9 11.12 -35.12 -3.66
CA GLU A 9 10.05 -35.23 -4.65
C GLU A 9 8.92 -36.12 -4.14
N GLU A 10 9.25 -37.28 -3.57
CA GLU A 10 8.21 -38.15 -3.05
C GLU A 10 7.53 -37.56 -1.83
N GLU A 11 8.26 -36.85 -0.98
CA GLU A 11 7.64 -36.18 0.16
C GLU A 11 6.62 -35.14 -0.30
N HIS A 12 6.98 -34.35 -1.31
CA HIS A 12 6.04 -33.36 -1.82
C HIS A 12 4.87 -34.03 -2.52
N ASN A 13 5.11 -35.17 -3.18
CA ASN A 13 3.99 -35.92 -3.76
C ASN A 13 3.04 -36.41 -2.69
N LYS A 14 3.56 -36.85 -1.55
CA LYS A 14 2.73 -37.41 -0.50
C LYS A 14 1.97 -36.31 0.26
N TRP A 15 2.63 -35.18 0.54
CA TRP A 15 2.04 -34.17 1.42
C TRP A 15 1.76 -32.84 0.75
N HIS A 16 2.36 -32.56 -0.40
CA HIS A 16 2.18 -31.28 -1.11
C HIS A 16 2.58 -30.11 -0.22
N GLN A 17 3.85 -30.09 0.15
CA GLN A 17 4.41 -29.04 0.99
C GLN A 17 4.72 -27.80 0.14
N ASP A 18 5.44 -26.85 0.72
CA ASP A 18 5.87 -25.66 0.03
C ASP A 18 7.35 -25.75 -0.31
N ALA A 19 7.77 -24.91 -1.27
CA ALA A 19 9.17 -24.91 -1.69
C ALA A 19 10.10 -24.50 -0.55
N VAL A 20 9.69 -23.49 0.23
CA VAL A 20 10.50 -23.07 1.37
C VAL A 20 10.63 -24.20 2.38
N SER A 21 9.54 -24.93 2.62
CA SER A 21 9.59 -26.05 3.55
C SER A 21 10.56 -27.12 3.08
N LEU A 22 10.52 -27.46 1.79
CA LEU A 22 11.43 -28.47 1.26
C LEU A 22 12.88 -28.00 1.36
N HIS A 23 13.13 -26.73 1.04
CA HIS A 23 14.49 -26.20 1.12
C HIS A 23 15.01 -26.22 2.55
N LEU A 24 14.16 -25.84 3.52
CA LEU A 24 14.59 -25.83 4.90
C LEU A 24 14.71 -27.22 5.50
N GLU A 25 13.99 -28.20 4.96
CA GLU A 25 14.01 -29.55 5.51
C GLU A 25 15.15 -30.38 4.91
N PHE A 26 15.16 -30.55 3.59
CA PHE A 26 16.12 -31.44 2.95
C PHE A 26 17.38 -30.72 2.48
N GLY A 27 17.46 -29.41 2.63
CA GLY A 27 18.66 -28.69 2.23
C GLY A 27 18.84 -28.52 0.74
N ILE A 28 17.84 -28.86 -0.06
CA ILE A 28 17.91 -28.74 -1.51
C ILE A 28 17.90 -27.26 -1.87
N PRO A 29 18.44 -26.86 -3.02
CA PRO A 29 18.43 -25.43 -3.38
C PRO A 29 17.01 -24.91 -3.56
N ARG A 30 16.86 -23.61 -3.33
CA ARG A 30 15.56 -22.98 -3.50
C ARG A 30 15.07 -23.11 -4.93
N THR A 31 15.98 -23.03 -5.91
CA THR A 31 15.59 -23.21 -7.30
C THR A 31 15.05 -24.62 -7.55
N ALA A 32 15.71 -25.63 -6.97
CA ALA A 32 15.23 -27.01 -7.14
C ALA A 32 13.85 -27.19 -6.51
N ALA A 33 13.64 -26.62 -5.32
CA ALA A 33 12.33 -26.72 -4.69
C ALA A 33 11.27 -26.01 -5.51
N GLU A 34 11.60 -24.84 -6.06
CA GLU A 34 10.66 -24.13 -6.93
C GLU A 34 10.31 -24.95 -8.15
N ASP A 35 11.31 -25.58 -8.77
CA ASP A 35 11.05 -26.42 -9.94
C ASP A 35 10.17 -27.60 -9.58
N ILE A 36 10.42 -28.22 -8.41
CA ILE A 36 9.61 -29.36 -7.99
C ILE A 36 8.17 -28.95 -7.75
N VAL A 37 7.96 -27.85 -7.01
CA VAL A 37 6.60 -27.44 -6.67
C VAL A 37 5.85 -26.96 -7.91
N GLN A 38 6.54 -26.28 -8.83
CA GLN A 38 5.87 -25.78 -10.03
C GLN A 38 5.52 -26.89 -11.01
N GLN A 39 6.18 -28.05 -10.92
CA GLN A 39 5.90 -29.17 -11.81
C GLN A 39 4.78 -30.07 -11.29
N CYS A 40 4.28 -29.82 -10.09
CA CYS A 40 3.19 -30.61 -9.54
C CYS A 40 1.89 -30.27 -10.27
N ASP A 41 1.30 -31.28 -10.92
CA ASP A 41 0.05 -31.05 -11.65
C ASP A 41 -1.08 -30.68 -10.69
N VAL A 42 -1.13 -31.31 -9.52
CA VAL A 42 -2.18 -31.00 -8.55
C VAL A 42 -2.05 -29.56 -8.07
N CYS A 43 -0.81 -29.12 -7.78
CA CYS A 43 -0.61 -27.75 -7.33
C CYS A 43 -0.96 -26.75 -8.44
N GLN A 44 -0.59 -27.06 -9.68
CA GLN A 44 -0.92 -26.18 -10.80
C GLN A 44 -2.43 -26.08 -11.00
N GLU A 45 -3.14 -27.20 -10.86
CA GLU A 45 -4.58 -27.20 -11.10
C GLU A 45 -5.32 -26.33 -10.09
N ASN A 46 -4.91 -26.36 -8.83
CA ASN A 46 -5.61 -25.65 -7.76
C ASN A 46 -4.95 -24.32 -7.39
N LYS A 47 -3.99 -23.85 -8.19
CA LYS A 47 -3.33 -22.59 -7.87
C LYS A 47 -4.24 -21.41 -8.14
N MET A 48 -4.03 -20.34 -7.38
CA MET A 48 -4.85 -19.15 -7.51
C MET A 48 -4.48 -18.36 -8.77
N PRO A 49 -5.45 -17.70 -9.41
CA PRO A 49 -5.16 -16.99 -10.67
C PRO A 49 -4.20 -15.84 -10.47
N SER A 50 -3.43 -15.55 -11.52
CA SER A 50 -2.41 -14.52 -11.46
C SER A 50 -3.02 -13.14 -11.24
N THR A 51 -2.28 -12.29 -10.54
CA THR A 51 -2.72 -10.95 -10.20
C THR A 51 -1.77 -9.93 -10.81
N LEU A 52 -2.02 -9.57 -12.06
CA LEU A 52 -1.34 -8.47 -12.74
C LEU A 52 -2.39 -7.50 -13.26
N ARG A 53 -2.14 -6.21 -13.08
CA ARG A 53 -3.10 -5.18 -13.45
C ARG A 53 -2.40 -4.08 -14.25
N GLY A 54 -3.17 -3.40 -15.08
CA GLY A 54 -2.63 -2.36 -15.94
C GLY A 54 -3.15 -0.98 -15.64
N SER A 55 -3.26 -0.14 -16.68
CA SER A 55 -3.72 1.22 -16.52
C SER A 55 -4.41 1.67 -17.80
N ASN A 56 -5.25 2.70 -17.67
CA ASN A 56 -6.04 3.19 -18.78
C ASN A 56 -5.18 4.01 -19.74
N LYS A 57 -5.77 4.34 -20.90
CA LYS A 57 -5.02 4.98 -21.97
C LYS A 57 -4.51 6.36 -21.56
N ARG A 58 -5.33 7.15 -20.88
CA ARG A 58 -4.93 8.47 -20.39
C ARG A 58 -4.38 9.35 -21.52
N GLY A 59 -5.12 9.39 -22.62
CA GLY A 59 -4.72 10.22 -23.74
C GLY A 59 -5.09 11.67 -23.55
N ILE A 60 -4.64 12.51 -24.50
CA ILE A 60 -4.96 13.92 -24.45
C ILE A 60 -6.40 14.17 -24.90
N ASP A 61 -6.72 13.80 -26.14
CA ASP A 61 -8.10 13.86 -26.62
C ASP A 61 -8.75 12.47 -26.54
N HIS A 62 -8.84 11.96 -25.32
CA HIS A 62 -9.41 10.65 -25.04
C HIS A 62 -10.59 10.83 -24.11
N TRP A 63 -11.72 10.22 -24.47
CA TRP A 63 -12.96 10.36 -23.71
C TRP A 63 -13.56 9.00 -23.44
N GLN A 64 -14.09 8.85 -22.23
CA GLN A 64 -14.80 7.63 -21.82
C GLN A 64 -16.26 7.98 -21.54
N VAL A 65 -17.16 7.19 -22.11
CA VAL A 65 -18.59 7.46 -22.01
C VAL A 65 -19.29 6.29 -21.34
N ASP A 66 -20.28 6.61 -20.51
CA ASP A 66 -21.00 5.54 -19.82
C ASP A 66 -22.38 6.03 -19.41
N TYR A 67 -23.27 5.07 -19.15
CA TYR A 67 -24.59 5.34 -18.62
C TYR A 67 -24.62 5.13 -17.11
N THR A 68 -25.57 5.77 -16.45
CA THR A 68 -25.79 5.55 -15.03
C THR A 68 -27.24 5.84 -14.67
N HIS A 69 -27.67 5.30 -13.54
CA HIS A 69 -29.03 5.46 -13.04
C HIS A 69 -29.00 6.19 -11.71
N TYR A 70 -29.95 7.10 -11.52
CA TYR A 70 -30.06 7.86 -10.27
C TYR A 70 -31.53 8.17 -10.03
N GLU A 71 -32.20 7.34 -9.24
CA GLU A 71 -33.58 7.54 -8.82
C GLU A 71 -34.50 7.73 -10.03
N ASP A 72 -34.60 6.67 -10.84
CA ASP A 72 -35.43 6.64 -12.03
C ASP A 72 -35.02 7.72 -13.03
N LYS A 73 -33.73 8.04 -13.07
CA LYS A 73 -33.18 8.96 -14.04
C LYS A 73 -31.94 8.34 -14.68
N ILE A 74 -31.81 8.51 -15.99
CA ILE A 74 -30.70 7.97 -16.76
C ILE A 74 -29.80 9.12 -17.17
N ILE A 75 -28.52 9.02 -16.82
CA ILE A 75 -27.54 10.07 -17.08
C ILE A 75 -26.40 9.50 -17.90
N LEU A 76 -26.07 10.17 -19.00
CA LEU A 76 -24.93 9.81 -19.84
C LEU A 76 -23.77 10.72 -19.47
N VAL A 77 -22.61 10.12 -19.18
CA VAL A 77 -21.46 10.85 -18.67
C VAL A 77 -20.28 10.63 -19.62
N TRP A 78 -19.64 11.73 -20.02
CA TRP A 78 -18.40 11.72 -20.77
C TRP A 78 -17.30 12.30 -19.90
N VAL A 79 -16.15 11.62 -19.88
CA VAL A 79 -15.03 12.01 -19.04
C VAL A 79 -13.79 12.13 -19.90
N GLU A 80 -13.12 13.28 -19.82
CA GLU A 80 -11.86 13.49 -20.50
C GLU A 80 -10.72 12.95 -19.65
N THR A 81 -9.82 12.18 -20.27
CA THR A 81 -8.81 11.48 -19.50
C THR A 81 -7.74 12.44 -18.97
N ASN A 82 -7.25 13.35 -19.80
CA ASN A 82 -6.09 14.15 -19.43
C ASN A 82 -6.45 15.20 -18.38
N SER A 83 -7.33 16.14 -18.73
CA SER A 83 -7.68 17.21 -17.81
C SER A 83 -8.55 16.71 -16.67
N GLY A 84 -9.55 15.89 -16.98
CA GLY A 84 -10.48 15.41 -15.98
C GLY A 84 -11.84 16.08 -16.08
N LEU A 85 -12.01 16.89 -17.12
CA LEU A 85 -13.28 17.56 -17.34
C LEU A 85 -14.37 16.55 -17.64
N ILE A 86 -15.57 16.79 -17.14
CA ILE A 86 -16.69 15.88 -17.28
C ILE A 86 -17.86 16.61 -17.91
N TYR A 87 -18.75 15.85 -18.54
CA TYR A 87 -19.94 16.40 -19.19
C TYR A 87 -21.05 15.37 -19.06
N ALA A 88 -22.10 15.72 -18.33
CA ALA A 88 -23.21 14.81 -18.07
C ALA A 88 -24.50 15.38 -18.66
N GLU A 89 -25.36 14.48 -19.14
CA GLU A 89 -26.63 14.88 -19.73
C GLU A 89 -27.71 13.87 -19.39
N ARG A 90 -28.89 14.37 -19.06
CA ARG A 90 -30.03 13.49 -18.80
C ARG A 90 -30.60 12.98 -20.11
N VAL A 91 -30.75 11.66 -20.22
CA VAL A 91 -31.22 11.01 -21.43
C VAL A 91 -32.46 10.19 -21.10
N LYS A 92 -33.48 10.27 -21.96
CA LYS A 92 -34.72 9.55 -21.71
C LYS A 92 -34.50 8.04 -21.71
N GLY A 93 -33.71 7.54 -22.65
CA GLY A 93 -33.46 6.11 -22.74
C GLY A 93 -32.04 5.76 -23.12
N GLU A 94 -31.84 4.58 -23.71
CA GLU A 94 -30.54 4.14 -24.17
C GLU A 94 -30.58 3.68 -25.61
N THR A 95 -31.47 4.26 -26.40
CA THR A 95 -31.60 3.88 -27.81
C THR A 95 -30.39 4.40 -28.61
N GLY A 96 -30.19 3.79 -29.77
CA GLY A 96 -29.07 4.19 -30.62
C GLY A 96 -29.19 5.60 -31.15
N GLN A 97 -30.41 6.01 -31.52
CA GLN A 97 -30.59 7.36 -32.06
C GLN A 97 -30.28 8.43 -31.03
N GLU A 98 -30.73 8.24 -29.79
CA GLU A 98 -30.45 9.20 -28.74
C GLU A 98 -28.95 9.31 -28.48
N PHE A 99 -28.27 8.16 -28.43
CA PHE A 99 -26.82 8.16 -28.23
C PHE A 99 -26.11 8.85 -29.38
N ARG A 100 -26.57 8.62 -30.62
CA ARG A 100 -25.96 9.28 -31.77
C ARG A 100 -26.12 10.79 -31.69
N VAL A 101 -27.33 11.26 -31.36
CA VAL A 101 -27.55 12.69 -31.23
C VAL A 101 -26.66 13.28 -30.13
N GLN A 102 -26.62 12.60 -28.98
CA GLN A 102 -25.81 13.10 -27.87
C GLN A 102 -24.33 13.14 -28.23
N THR A 103 -23.82 12.09 -28.88
CA THR A 103 -22.39 12.04 -29.18
C THR A 103 -22.02 13.05 -30.26
N MET A 104 -22.90 13.32 -31.23
CA MET A 104 -22.55 14.32 -32.22
C MET A 104 -22.68 15.73 -31.68
N LYS A 105 -23.60 15.94 -30.73
CA LYS A 105 -23.61 17.21 -30.00
C LYS A 105 -22.32 17.38 -29.20
N TRP A 106 -21.86 16.30 -28.56
CA TRP A 106 -20.61 16.34 -27.81
C TRP A 106 -19.43 16.66 -28.72
N TYR A 107 -19.40 16.07 -29.91
CA TYR A 107 -18.39 16.44 -30.90
C TYR A 107 -18.52 17.90 -31.31
N ALA A 108 -19.74 18.39 -31.47
CA ALA A 108 -19.96 19.78 -31.86
C ALA A 108 -19.40 20.74 -30.83
N MET A 109 -19.58 20.41 -29.55
CA MET A 109 -19.15 21.33 -28.49
C MET A 109 -17.63 21.49 -28.48
N PHE A 110 -16.92 20.38 -28.64
CA PHE A 110 -15.46 20.41 -28.73
C PHE A 110 -15.01 19.17 -29.49
N ALA A 111 -13.84 19.28 -30.13
CA ALA A 111 -13.37 18.25 -31.05
C ALA A 111 -12.51 17.24 -30.32
N PRO A 112 -12.95 15.99 -30.15
CA PRO A 112 -12.08 14.96 -29.59
C PRO A 112 -11.32 14.21 -30.67
N LYS A 113 -10.55 13.19 -30.28
CA LYS A 113 -9.87 12.33 -31.23
C LYS A 113 -10.04 10.84 -30.99
N SER A 114 -10.38 10.41 -29.77
CA SER A 114 -10.55 9.00 -29.49
C SER A 114 -11.62 8.83 -28.41
N LEU A 115 -12.25 7.65 -28.42
CA LEU A 115 -13.29 7.32 -27.46
C LEU A 115 -13.09 5.90 -26.96
N GLN A 116 -13.40 5.68 -25.68
CA GLN A 116 -13.33 4.36 -25.07
C GLN A 116 -14.68 4.05 -24.44
N SER A 117 -15.19 2.84 -24.70
CA SER A 117 -16.48 2.43 -24.17
C SER A 117 -16.50 0.91 -24.08
N ASP A 118 -17.54 0.39 -23.43
CA ASP A 118 -17.75 -1.04 -23.28
C ASP A 118 -18.85 -1.51 -24.23
N ASN A 119 -19.09 -2.82 -24.22
CA ASN A 119 -20.15 -3.40 -25.04
C ASN A 119 -21.51 -2.91 -24.56
N GLY A 120 -22.41 -2.66 -25.51
CA GLY A 120 -23.74 -2.20 -25.20
C GLY A 120 -24.64 -2.20 -26.42
N PRO A 121 -25.96 -2.16 -26.19
CA PRO A 121 -26.88 -2.13 -27.33
C PRO A 121 -26.71 -0.91 -28.22
N ALA A 122 -26.29 0.22 -27.67
CA ALA A 122 -26.10 1.44 -28.44
C ALA A 122 -24.64 1.79 -28.68
N PHE A 123 -23.73 1.37 -27.80
CA PHE A 123 -22.31 1.68 -27.99
C PHE A 123 -21.77 1.00 -29.25
N VAL A 124 -22.16 -0.25 -29.48
CA VAL A 124 -21.76 -0.99 -30.67
C VAL A 124 -23.00 -1.36 -31.46
N ALA A 125 -23.01 -0.98 -32.73
CA ALA A 125 -24.11 -1.24 -33.66
C ALA A 125 -23.62 -0.89 -35.05
N GLU A 126 -24.52 -0.91 -36.03
CA GLU A 126 -24.16 -0.58 -37.39
C GLU A 126 -24.16 0.92 -37.65
N SER A 127 -25.23 1.61 -37.26
CA SER A 127 -25.35 3.04 -37.54
C SER A 127 -24.33 3.85 -36.74
N THR A 128 -24.11 3.50 -35.47
CA THR A 128 -23.20 4.27 -34.63
C THR A 128 -21.76 4.19 -35.13
N GLN A 129 -21.33 3.01 -35.58
CA GLN A 129 -19.99 2.87 -36.13
C GLN A 129 -19.84 3.69 -37.41
N LEU A 130 -20.87 3.70 -38.25
CA LEU A 130 -20.85 4.54 -39.44
C LEU A 130 -20.74 6.01 -39.07
N LEU A 131 -21.49 6.44 -38.04
CA LEU A 131 -21.40 7.83 -37.61
C LEU A 131 -20.02 8.18 -37.09
N MET A 132 -19.41 7.28 -36.31
CA MET A 132 -18.08 7.55 -35.77
C MET A 132 -17.03 7.60 -36.88
N LYS A 133 -17.16 6.72 -37.88
CA LYS A 133 -16.28 6.81 -39.05
C LYS A 133 -16.50 8.11 -39.81
N TYR A 134 -17.75 8.54 -39.93
CA TYR A 134 -18.06 9.81 -40.59
C TYR A 134 -17.41 10.98 -39.87
N LEU A 135 -17.47 10.98 -38.53
CA LEU A 135 -16.85 12.05 -37.76
C LEU A 135 -15.33 11.92 -37.76
N GLY A 136 -14.83 10.69 -37.81
CA GLY A 136 -13.40 10.46 -37.77
C GLY A 136 -12.85 10.36 -36.36
N ILE A 137 -13.47 9.50 -35.56
CA ILE A 137 -13.08 9.31 -34.16
C ILE A 137 -12.69 7.85 -33.97
N GLU A 138 -11.50 7.62 -33.41
CA GLU A 138 -11.08 6.27 -33.08
C GLU A 138 -11.91 5.73 -31.93
N HIS A 139 -12.48 4.54 -32.10
CA HIS A 139 -13.33 3.92 -31.11
C HIS A 139 -12.71 2.61 -30.64
N THR A 140 -12.61 2.45 -29.33
CA THR A 140 -12.06 1.24 -28.72
C THR A 140 -13.09 0.65 -27.77
N THR A 141 -13.24 -0.67 -27.82
CA THR A 141 -14.20 -1.38 -26.99
C THR A 141 -13.44 -2.25 -25.98
N GLY A 142 -13.81 -2.14 -24.71
CA GLY A 142 -13.14 -2.88 -23.67
C GLY A 142 -13.56 -4.33 -23.62
N ILE A 143 -12.84 -5.09 -22.81
CA ILE A 143 -13.12 -6.53 -22.65
C ILE A 143 -14.49 -6.70 -21.98
N PRO A 144 -15.35 -7.56 -22.49
CA PRO A 144 -16.65 -7.77 -21.85
C PRO A 144 -16.50 -8.33 -20.44
N TRP A 145 -17.45 -7.97 -19.58
CA TRP A 145 -17.47 -8.39 -18.18
C TRP A 145 -16.22 -7.94 -17.43
N ASN A 146 -15.64 -6.82 -17.85
CA ASN A 146 -14.50 -6.20 -17.18
C ASN A 146 -14.82 -4.73 -16.99
N PRO A 147 -15.71 -4.40 -16.04
CA PRO A 147 -16.05 -2.99 -15.80
C PRO A 147 -14.87 -2.16 -15.34
N GLN A 148 -13.82 -2.78 -14.81
CA GLN A 148 -12.62 -2.07 -14.40
C GLN A 148 -11.90 -1.42 -15.57
N SER A 149 -12.20 -1.83 -16.80
CA SER A 149 -11.54 -1.24 -17.97
C SER A 149 -11.79 0.25 -18.06
N GLN A 150 -13.04 0.67 -17.90
CA GLN A 150 -13.39 2.10 -17.90
C GLN A 150 -13.43 2.65 -16.48
N ALA A 151 -12.27 2.61 -15.81
CA ALA A 151 -12.20 2.99 -14.40
C ALA A 151 -12.49 4.46 -14.18
N LEU A 152 -12.00 5.32 -15.09
CA LEU A 152 -12.11 6.76 -14.89
C LEU A 152 -13.57 7.20 -14.81
N VAL A 153 -14.39 6.76 -15.77
CA VAL A 153 -15.78 7.16 -15.77
C VAL A 153 -16.52 6.59 -14.57
N GLU A 154 -16.14 5.37 -14.15
CA GLU A 154 -16.77 4.77 -12.98
C GLU A 154 -16.47 5.58 -11.72
N ARG A 155 -15.24 6.07 -11.58
CA ARG A 155 -14.91 6.91 -10.43
C ARG A 155 -15.61 8.26 -10.51
N THR A 156 -15.69 8.84 -11.72
CA THR A 156 -16.42 10.08 -11.88
C THR A 156 -17.90 9.90 -11.57
N HIS A 157 -18.42 8.69 -11.71
CA HIS A 157 -19.80 8.42 -11.30
C HIS A 157 -19.98 8.70 -9.82
N GLN A 158 -19.05 8.21 -8.99
CA GLN A 158 -19.09 8.51 -7.57
C GLN A 158 -18.93 10.00 -7.33
N THR A 159 -17.92 10.61 -7.96
CA THR A 159 -17.66 12.03 -7.71
C THR A 159 -18.79 12.91 -8.18
N LEU A 160 -19.62 12.43 -9.10
CA LEU A 160 -20.77 13.20 -9.58
C LEU A 160 -21.97 12.99 -8.69
N LYS A 161 -22.26 11.74 -8.32
CA LYS A 161 -23.42 11.47 -7.47
C LYS A 161 -23.26 12.12 -6.10
N ASN A 162 -22.06 12.03 -5.51
CA ASN A 162 -21.85 12.59 -4.18
C ASN A 162 -22.06 14.10 -4.18
N THR A 163 -21.59 14.79 -5.21
CA THR A 163 -21.78 16.24 -5.26
C THR A 163 -23.21 16.60 -5.62
N LEU A 164 -23.84 15.83 -6.52
CA LEU A 164 -25.20 16.12 -6.92
C LEU A 164 -26.18 15.92 -5.79
N GLU A 165 -25.86 15.05 -4.83
CA GLU A 165 -26.71 14.89 -3.65
C GLU A 165 -26.87 16.21 -2.90
N LYS A 166 -25.86 17.08 -2.94
CA LYS A 166 -25.92 18.33 -2.19
C LYS A 166 -26.82 19.36 -2.85
N LEU A 167 -26.87 19.39 -4.18
CA LEU A 167 -27.51 20.47 -4.91
C LEU A 167 -28.97 20.18 -5.29
N ILE A 168 -29.49 19.01 -4.94
CA ILE A 168 -30.88 18.70 -5.25
C ILE A 168 -31.86 19.66 -4.57
N PRO A 169 -31.78 19.91 -3.26
CA PRO A 169 -32.75 20.82 -2.65
C PRO A 169 -32.67 22.24 -3.19
N MET A 170 -31.50 22.67 -3.65
CA MET A 170 -31.33 24.07 -4.07
C MET A 170 -32.17 24.39 -5.30
N PHE A 171 -32.24 23.47 -6.26
CA PHE A 171 -32.93 23.72 -7.52
C PHE A 171 -34.07 22.73 -7.70
N ASN A 172 -35.21 23.23 -8.19
CA ASN A 172 -36.36 22.36 -8.41
C ASN A 172 -36.18 21.49 -9.65
N ALA A 173 -35.47 21.98 -10.66
CA ALA A 173 -35.27 21.23 -11.89
C ALA A 173 -34.01 20.37 -11.80
N PHE A 174 -34.14 19.12 -12.25
CA PHE A 174 -32.99 18.21 -12.23
C PHE A 174 -31.87 18.68 -13.15
N GLU A 175 -32.23 19.21 -14.33
CA GLU A 175 -31.20 19.73 -15.24
C GLU A 175 -30.46 20.90 -14.62
N SER A 176 -31.15 21.71 -13.83
CA SER A 176 -30.48 22.79 -13.10
C SER A 176 -29.46 22.23 -12.12
N ALA A 177 -29.82 21.15 -11.42
CA ALA A 177 -28.86 20.52 -10.50
C ALA A 177 -27.67 19.95 -11.25
N LEU A 178 -27.91 19.36 -12.42
CA LEU A 178 -26.81 18.84 -13.23
C LEU A 178 -25.88 19.97 -13.67
N ALA A 179 -26.44 21.10 -14.11
CA ALA A 179 -25.61 22.24 -14.48
C ALA A 179 -24.82 22.77 -13.30
N GLY A 180 -25.46 22.82 -12.12
CA GLY A 180 -24.77 23.29 -10.93
C GLY A 180 -23.62 22.39 -10.53
N THR A 181 -23.83 21.07 -10.59
CA THR A 181 -22.74 20.17 -10.25
C THR A 181 -21.65 20.21 -11.30
N LEU A 182 -22.00 20.47 -12.56
CA LEU A 182 -20.97 20.71 -13.57
C LEU A 182 -20.16 21.95 -13.25
N ILE A 183 -20.82 23.01 -12.79
CA ILE A 183 -20.10 24.20 -12.34
C ILE A 183 -19.12 23.85 -11.22
N THR A 184 -19.62 23.20 -10.18
CA THR A 184 -18.80 22.98 -8.99
C THR A 184 -17.74 21.91 -9.21
N LEU A 185 -17.85 21.08 -10.25
CA LEU A 185 -16.84 20.07 -10.52
C LEU A 185 -15.91 20.43 -11.66
N ASN A 186 -16.23 21.45 -12.46
CA ASN A 186 -15.41 21.84 -13.59
C ASN A 186 -14.68 23.16 -13.39
N ILE A 187 -15.41 24.20 -13.01
CA ILE A 187 -14.84 25.55 -12.90
C ILE A 187 -14.39 25.85 -11.48
N LYS A 188 -15.19 25.47 -10.49
CA LYS A 188 -14.94 25.84 -9.10
C LYS A 188 -14.10 24.83 -8.34
N ARG A 189 -13.62 23.78 -9.01
CA ARG A 189 -12.79 22.78 -8.32
C ARG A 189 -11.46 23.38 -7.88
N LYS A 190 -10.69 23.90 -8.84
CA LYS A 190 -9.43 24.60 -8.55
C LYS A 190 -8.49 23.74 -7.70
N GLY A 191 -8.53 22.43 -7.94
CA GLY A 191 -7.74 21.51 -7.14
C GLY A 191 -6.27 21.49 -7.54
N GLY A 192 -5.49 20.80 -6.72
CA GLY A 192 -4.07 20.65 -7.01
C GLY A 192 -3.33 21.96 -6.87
N LEU A 193 -2.57 22.31 -7.90
CA LEU A 193 -1.75 23.52 -7.88
C LEU A 193 -2.57 24.80 -7.94
N GLY A 194 -3.87 24.71 -8.22
CA GLY A 194 -4.71 25.88 -8.28
C GLY A 194 -5.26 26.15 -9.66
N THR A 195 -5.44 25.09 -10.45
CA THR A 195 -5.96 25.19 -11.81
C THR A 195 -7.14 24.26 -11.95
N SER A 196 -8.27 24.80 -12.40
CA SER A 196 -9.45 23.98 -12.63
C SER A 196 -9.25 23.08 -13.85
N PRO A 197 -9.95 21.95 -13.92
CA PRO A 197 -9.82 21.09 -15.11
C PRO A 197 -10.16 21.81 -16.41
N MET A 198 -11.12 22.73 -16.38
CA MET A 198 -11.44 23.49 -17.59
C MET A 198 -10.23 24.32 -18.04
N ASP A 199 -9.47 24.86 -17.09
CA ASP A 199 -8.26 25.58 -17.44
C ASP A 199 -7.25 24.68 -18.14
N ILE A 200 -7.08 23.46 -17.63
CA ILE A 200 -6.16 22.51 -18.26
C ILE A 200 -6.61 22.18 -19.67
N PHE A 201 -7.91 21.93 -19.84
CA PHE A 201 -8.44 21.62 -21.17
C PHE A 201 -8.25 22.78 -22.13
N ILE A 202 -8.50 24.01 -21.66
CA ILE A 202 -8.34 25.19 -22.49
C ILE A 202 -6.88 25.35 -22.91
N PHE A 203 -5.96 25.19 -21.96
CA PHE A 203 -4.54 25.31 -22.28
C PHE A 203 -4.10 24.25 -23.28
N ASN A 204 -4.54 23.00 -23.09
CA ASN A 204 -4.17 21.93 -24.01
C ASN A 204 -4.73 22.19 -25.41
N LYS A 205 -5.97 22.67 -25.49
CA LYS A 205 -6.54 23.00 -26.80
C LYS A 205 -5.81 24.15 -27.45
N GLU A 206 -5.42 25.16 -26.66
CA GLU A 206 -4.72 26.31 -27.21
C GLU A 206 -3.35 25.92 -27.76
N GLN A 207 -2.61 25.10 -27.03
CA GLN A 207 -1.27 24.72 -27.48
C GLN A 207 -1.30 23.69 -28.61
N GLN A 208 -2.46 23.12 -28.92
CA GLN A 208 -2.57 22.09 -29.95
C GLN A 208 -2.51 22.67 -31.36
N ARG A 209 -2.50 23.99 -31.51
CA ARG A 209 -2.50 24.60 -32.84
C ARG A 209 -1.28 24.17 -33.64
N ILE A 210 -1.53 23.76 -34.89
CA ILE A 210 -0.44 23.31 -35.76
C ILE A 210 0.19 24.47 -36.52
N GLN A 211 -0.51 25.58 -36.68
CA GLN A 211 0.05 26.74 -37.38
C GLN A 211 1.30 27.25 -36.65
N GLN A 212 1.31 27.17 -35.32
CA GLN A 212 2.50 27.54 -34.57
C GLN A 212 3.68 26.67 -34.95
N GLN A 213 3.46 25.36 -35.07
CA GLN A 213 4.53 24.45 -35.47
C GLN A 213 4.95 24.67 -36.91
N SER A 214 4.03 25.13 -37.75
CA SER A 214 4.31 25.37 -39.17
C SER A 214 4.89 26.76 -39.42
N LYS A 215 5.06 27.59 -38.39
CA LYS A 215 5.59 28.92 -38.57
C LYS A 215 7.02 28.88 -39.10
N SER A 216 7.85 28.00 -38.55
CA SER A 216 9.25 27.88 -38.92
C SER A 216 9.46 26.62 -39.76
N LYS A 217 10.10 26.78 -40.91
CA LYS A 217 10.41 25.66 -41.79
C LYS A 217 11.91 25.47 -41.99
N GLN A 218 12.73 26.28 -41.32
CA GLN A 218 14.19 26.19 -41.43
C GLN A 218 14.76 25.73 -40.10
N GLU A 219 15.57 24.68 -40.14
CA GLU A 219 16.21 24.15 -38.94
C GLU A 219 17.43 23.33 -39.36
N LYS A 220 18.48 23.40 -38.53
CA LYS A 220 19.69 22.65 -38.81
C LYS A 220 19.43 21.15 -38.72
N ILE A 221 20.01 20.40 -39.64
CA ILE A 221 19.83 18.95 -39.71
C ILE A 221 21.19 18.29 -39.54
N ARG A 222 21.27 17.32 -38.63
CA ARG A 222 22.51 16.63 -38.31
C ARG A 222 22.25 15.14 -38.26
N PHE A 223 23.30 14.35 -38.46
CA PHE A 223 23.23 12.91 -38.39
C PHE A 223 24.28 12.39 -37.42
N CYS A 224 24.08 11.15 -36.98
CA CYS A 224 24.83 10.61 -35.85
C CYS A 224 25.05 9.11 -36.04
N TYR A 225 26.07 8.61 -35.32
CA TYR A 225 26.38 7.20 -35.24
C TYR A 225 26.27 6.75 -33.79
N TYR A 226 25.59 5.62 -33.59
CA TYR A 226 25.31 5.05 -32.28
C TYR A 226 25.38 3.54 -32.35
N ARG A 227 25.54 2.90 -31.19
CA ARG A 227 25.52 1.45 -31.10
C ARG A 227 24.70 1.04 -29.87
N THR A 228 24.22 -0.19 -29.89
CA THR A 228 23.42 -0.71 -28.80
C THR A 228 24.29 -1.01 -27.58
N ARG A 229 23.62 -1.23 -26.44
CA ARG A 229 24.28 -1.54 -25.19
C ARG A 229 23.47 -2.62 -24.47
N LYS A 230 23.97 -3.85 -24.49
CA LYS A 230 23.30 -4.99 -23.88
C LYS A 230 24.15 -5.51 -22.73
N ARG A 231 23.61 -5.45 -21.51
CA ARG A 231 24.27 -5.95 -20.32
C ARG A 231 25.65 -5.31 -20.11
N GLY A 232 25.79 -4.07 -20.56
CA GLY A 232 27.06 -3.37 -20.48
C GLY A 232 28.05 -3.73 -21.57
N HIS A 233 27.70 -4.63 -22.48
CA HIS A 233 28.60 -5.02 -23.56
C HIS A 233 28.36 -4.15 -24.77
N PRO A 234 29.35 -3.40 -25.24
CA PRO A 234 29.15 -2.57 -26.43
C PRO A 234 28.90 -3.42 -27.68
N GLY A 235 28.09 -2.87 -28.58
CA GLY A 235 27.78 -3.55 -29.83
C GLY A 235 28.55 -2.98 -31.01
N GLU A 236 27.84 -2.76 -32.11
CA GLU A 236 28.42 -2.20 -33.32
C GLU A 236 27.57 -1.04 -33.82
N TRP A 237 28.22 -0.10 -34.49
CA TRP A 237 27.51 1.04 -35.05
C TRP A 237 26.47 0.57 -36.05
N GLN A 238 25.25 1.09 -35.92
CA GLN A 238 24.11 0.65 -36.75
C GLN A 238 23.64 1.83 -37.59
N GLY A 239 24.28 2.02 -38.75
CA GLY A 239 23.86 3.01 -39.71
C GLY A 239 23.93 4.43 -39.20
N PRO A 240 23.72 5.39 -40.11
CA PRO A 240 23.54 6.79 -39.66
C PRO A 240 22.09 7.06 -39.32
N THR A 241 21.90 7.87 -38.27
CA THR A 241 20.55 8.19 -37.81
C THR A 241 20.39 9.70 -37.70
N GLN A 242 19.18 10.17 -38.00
CA GLN A 242 18.88 11.59 -37.86
C GLN A 242 18.65 11.93 -36.39
N VAL A 243 19.30 12.98 -35.92
CA VAL A 243 19.16 13.41 -34.53
C VAL A 243 17.76 13.98 -34.33
N LEU A 244 17.09 13.51 -33.28
CA LEU A 244 15.76 14.00 -32.94
C LEU A 244 15.82 15.24 -32.06
N TRP A 245 16.66 15.19 -31.02
CA TRP A 245 16.83 16.32 -30.12
C TRP A 245 18.16 16.19 -29.41
N GLY A 246 18.90 17.29 -29.33
CA GLY A 246 20.20 17.27 -28.68
C GLY A 246 20.24 18.06 -27.39
N GLY A 247 20.47 17.36 -26.28
CA GLY A 247 20.55 18.00 -24.99
C GLY A 247 21.96 18.02 -24.44
N ASP A 248 22.11 17.75 -23.14
CA ASP A 248 23.41 17.70 -22.49
C ASP A 248 23.57 16.36 -21.80
N GLY A 249 24.61 15.62 -22.18
CA GLY A 249 24.91 14.35 -21.58
C GLY A 249 24.16 13.16 -22.17
N ALA A 250 23.24 13.40 -23.09
CA ALA A 250 22.46 12.31 -23.68
C ALA A 250 21.88 12.77 -25.00
N ILE A 251 21.36 11.81 -25.77
CA ILE A 251 20.73 12.08 -27.05
C ILE A 251 19.65 11.04 -27.28
N VAL A 252 18.74 11.33 -28.20
CA VAL A 252 17.60 10.46 -28.50
C VAL A 252 17.72 9.98 -29.93
N VAL A 253 17.57 8.68 -30.14
CA VAL A 253 17.73 8.04 -31.44
C VAL A 253 16.52 7.15 -31.69
N LYS A 254 15.95 7.25 -32.89
CA LYS A 254 14.83 6.40 -33.28
C LYS A 254 15.35 5.20 -34.06
N ASP A 255 15.29 4.02 -33.43
CA ASP A 255 15.72 2.78 -34.06
C ASP A 255 14.62 2.30 -34.99
N ARG A 256 14.96 2.15 -36.28
CA ARG A 256 14.00 1.67 -37.26
C ARG A 256 13.80 0.17 -37.17
N GLY A 257 14.83 -0.57 -36.79
CA GLY A 257 14.69 -2.01 -36.65
C GLY A 257 13.67 -2.40 -35.60
N THR A 258 13.69 -1.70 -34.46
CA THR A 258 12.67 -1.86 -33.43
C THR A 258 11.60 -0.78 -33.52
N ASP A 259 11.80 0.24 -34.35
CA ASP A 259 10.86 1.35 -34.51
C ASP A 259 10.52 1.98 -33.16
N ARG A 260 11.55 2.21 -32.33
CA ARG A 260 11.34 2.71 -30.98
C ARG A 260 12.37 3.78 -30.66
N TYR A 261 12.02 4.65 -29.72
CA TYR A 261 12.89 5.75 -29.30
C TYR A 261 13.76 5.28 -28.14
N LEU A 262 15.06 5.54 -28.25
CA LEU A 262 16.03 5.15 -27.23
C LEU A 262 16.88 6.35 -26.86
N VAL A 263 17.45 6.30 -25.65
CA VAL A 263 18.32 7.35 -25.14
C VAL A 263 19.73 6.78 -25.03
N ILE A 264 20.71 7.50 -25.57
CA ILE A 264 22.10 7.07 -25.59
C ILE A 264 22.96 8.17 -24.97
N ALA A 265 23.83 7.79 -24.05
CA ALA A 265 24.75 8.73 -23.44
C ALA A 265 25.84 9.14 -24.44
N ASN A 266 26.47 10.28 -24.15
CA ASN A 266 27.47 10.82 -25.08
C ASN A 266 28.66 9.90 -25.24
N LYS A 267 28.91 9.02 -24.27
CA LYS A 267 30.03 8.09 -24.38
C LYS A 267 29.84 7.06 -25.48
N ASP A 268 28.61 6.87 -25.97
CA ASP A 268 28.31 5.91 -27.03
C ASP A 268 27.70 6.60 -28.25
N VAL A 269 27.99 7.88 -28.41
CA VAL A 269 27.44 8.70 -29.49
C VAL A 269 28.59 9.41 -30.19
N LYS A 270 28.60 9.36 -31.53
CA LYS A 270 29.57 10.14 -32.27
C LYS A 270 28.88 10.83 -33.43
N PHE A 271 29.47 11.94 -33.87
CA PHE A 271 28.86 12.81 -34.88
C PHE A 271 29.68 12.78 -36.16
N ILE A 272 28.99 12.67 -37.29
CA ILE A 272 29.64 12.72 -38.60
C ILE A 272 30.05 14.16 -38.87
N PRO A 273 31.12 14.39 -39.64
CA PRO A 273 31.47 15.76 -39.99
C PRO A 273 30.37 16.41 -40.81
N PRO A 274 30.15 17.70 -40.62
CA PRO A 274 29.10 18.39 -41.39
C PRO A 274 29.54 18.58 -42.83
N PRO A 275 28.59 18.69 -43.76
CA PRO A 275 28.97 18.92 -45.17
C PRO A 275 29.74 20.21 -45.34
N LYS A 276 30.72 20.18 -46.23
CA LYS A 276 31.57 21.34 -46.48
C LYS A 276 31.79 21.56 -47.97
N ILE B 2 3.52 49.15 -17.95
CA ILE B 2 3.15 50.32 -17.17
C ILE B 2 2.95 51.52 -18.09
N GLU B 3 3.95 51.80 -18.92
CA GLU B 3 3.85 52.87 -19.91
C GLU B 3 2.78 52.57 -20.97
N ASN B 4 2.34 51.31 -21.06
CA ASN B 4 1.29 50.96 -22.00
C ASN B 4 0.00 51.72 -21.72
N ILE B 5 -0.30 51.98 -20.45
CA ILE B 5 -1.51 52.71 -20.09
C ILE B 5 -1.45 54.15 -20.61
N PRO B 6 -0.38 54.92 -20.36
CA PRO B 6 -0.29 56.25 -21.00
C PRO B 6 -0.28 56.19 -22.52
N LEU B 7 0.38 55.19 -23.10
CA LEU B 7 0.38 55.07 -24.55
C LEU B 7 -1.02 54.85 -25.10
N ALA B 8 -1.79 53.98 -24.45
CA ALA B 8 -3.17 53.73 -24.87
C ALA B 8 -4.04 54.96 -24.68
N GLU B 9 -3.84 55.69 -23.57
CA GLU B 9 -4.59 56.92 -23.35
C GLU B 9 -4.31 57.93 -24.45
N GLU B 10 -3.03 58.12 -24.79
CA GLU B 10 -2.69 59.05 -25.85
C GLU B 10 -3.25 58.61 -27.20
N GLU B 11 -3.15 57.32 -27.51
CA GLU B 11 -3.65 56.83 -28.80
C GLU B 11 -5.17 56.96 -28.89
N HIS B 12 -5.88 56.71 -27.80
CA HIS B 12 -7.33 56.89 -27.81
C HIS B 12 -7.70 58.37 -27.93
N ASN B 13 -6.93 59.25 -27.29
CA ASN B 13 -7.16 60.67 -27.47
C ASN B 13 -6.96 61.09 -28.92
N LYS B 14 -5.94 60.52 -29.58
CA LYS B 14 -5.63 60.91 -30.95
C LYS B 14 -6.61 60.31 -31.96
N TRP B 15 -7.10 59.10 -31.71
CA TRP B 15 -7.87 58.37 -32.70
C TRP B 15 -9.23 57.86 -32.23
N HIS B 16 -9.41 57.63 -30.92
CA HIS B 16 -10.68 57.16 -30.36
C HIS B 16 -11.09 55.81 -30.97
N GLN B 17 -10.26 54.81 -30.69
CA GLN B 17 -10.52 53.45 -31.12
C GLN B 17 -11.38 52.73 -30.08
N ASP B 18 -11.57 51.43 -30.25
CA ASP B 18 -12.37 50.62 -29.33
C ASP B 18 -11.46 49.89 -28.35
N ALA B 19 -12.08 49.41 -27.26
CA ALA B 19 -11.32 48.81 -26.17
C ALA B 19 -10.66 47.52 -26.58
N VAL B 20 -11.33 46.72 -27.43
CA VAL B 20 -10.78 45.40 -27.79
C VAL B 20 -9.47 45.55 -28.55
N SER B 21 -9.40 46.51 -29.47
CA SER B 21 -8.17 46.71 -30.23
C SER B 21 -7.03 47.16 -29.33
N LEU B 22 -7.29 48.07 -28.40
CA LEU B 22 -6.26 48.51 -27.47
C LEU B 22 -5.79 47.36 -26.60
N HIS B 23 -6.72 46.53 -26.11
CA HIS B 23 -6.34 45.38 -25.29
C HIS B 23 -5.49 44.40 -26.08
N LEU B 24 -5.85 44.16 -27.35
CA LEU B 24 -5.10 43.21 -28.16
C LEU B 24 -3.72 43.72 -28.56
N GLU B 25 -3.59 45.03 -28.81
CA GLU B 25 -2.37 45.55 -29.40
C GLU B 25 -1.40 46.16 -28.38
N PHE B 26 -1.89 46.50 -27.19
CA PHE B 26 -1.00 46.91 -26.09
C PHE B 26 -0.97 45.93 -24.92
N GLY B 27 -1.90 45.00 -24.84
CA GLY B 27 -1.92 44.10 -23.70
C GLY B 27 -2.28 44.74 -22.39
N ILE B 28 -2.91 45.91 -22.42
CA ILE B 28 -3.31 46.63 -21.22
C ILE B 28 -4.43 45.85 -20.53
N PRO B 29 -4.62 45.99 -19.23
CA PRO B 29 -5.73 45.31 -18.57
C PRO B 29 -7.07 45.76 -19.12
N ARG B 30 -8.04 44.84 -19.11
CA ARG B 30 -9.36 45.14 -19.65
C ARG B 30 -10.04 46.25 -18.84
N THR B 31 -9.85 46.23 -17.52
CA THR B 31 -10.43 47.28 -16.68
C THR B 31 -9.89 48.65 -17.05
N ALA B 32 -8.59 48.74 -17.32
CA ALA B 32 -8.00 50.01 -17.74
C ALA B 32 -8.56 50.47 -19.07
N ALA B 33 -8.75 49.54 -20.01
CA ALA B 33 -9.34 49.91 -21.30
C ALA B 33 -10.77 50.41 -21.13
N GLU B 34 -11.56 49.75 -20.29
CA GLU B 34 -12.92 50.20 -20.03
C GLU B 34 -12.92 51.58 -19.37
N ASP B 35 -11.99 51.81 -18.44
CA ASP B 35 -11.89 53.11 -17.80
C ASP B 35 -11.55 54.20 -18.81
N ILE B 36 -10.63 53.91 -19.74
CA ILE B 36 -10.28 54.86 -20.78
C ILE B 36 -11.49 55.14 -21.67
N VAL B 37 -12.23 54.09 -22.03
CA VAL B 37 -13.40 54.26 -22.90
C VAL B 37 -14.45 55.12 -22.21
N GLN B 38 -14.72 54.86 -20.93
CA GLN B 38 -15.73 55.62 -20.21
C GLN B 38 -15.31 57.08 -20.03
N GLN B 39 -14.00 57.33 -19.93
CA GLN B 39 -13.49 58.69 -19.72
C GLN B 39 -13.52 59.54 -20.99
N CYS B 40 -13.99 59.01 -22.11
CA CYS B 40 -14.09 59.78 -23.35
C CYS B 40 -15.50 60.34 -23.47
N ASP B 41 -15.62 61.66 -23.44
CA ASP B 41 -16.93 62.29 -23.51
C ASP B 41 -17.55 62.15 -24.91
N VAL B 42 -16.74 62.24 -25.96
CA VAL B 42 -17.26 62.08 -27.32
C VAL B 42 -17.85 60.69 -27.51
N CYS B 43 -17.12 59.65 -27.08
CA CYS B 43 -17.63 58.29 -27.19
C CYS B 43 -18.85 58.07 -26.31
N GLN B 44 -18.83 58.63 -25.09
CA GLN B 44 -19.95 58.43 -24.17
C GLN B 44 -21.23 59.08 -24.69
N GLU B 45 -21.13 60.29 -25.23
CA GLU B 45 -22.31 61.02 -25.68
C GLU B 45 -22.90 60.46 -26.96
N ASN B 46 -22.18 59.63 -27.71
CA ASN B 46 -22.69 59.04 -28.94
C ASN B 46 -23.46 57.76 -28.65
N ARG B 58 -18.44 45.18 -28.85
CA ARG B 58 -17.28 44.34 -29.16
C ARG B 58 -16.44 44.08 -27.93
N GLY B 59 -17.06 43.51 -26.90
CA GLY B 59 -16.38 43.18 -25.67
C GLY B 59 -16.15 41.69 -25.55
N ILE B 60 -15.05 41.32 -24.88
CA ILE B 60 -14.74 39.91 -24.69
C ILE B 60 -15.72 39.30 -23.70
N ASP B 61 -16.13 38.06 -23.99
CA ASP B 61 -17.09 37.33 -23.17
C ASP B 61 -18.41 38.09 -23.03
N HIS B 62 -18.79 38.78 -24.10
CA HIS B 62 -20.07 39.48 -24.18
C HIS B 62 -20.98 38.70 -25.11
N TRP B 63 -22.19 38.37 -24.64
CA TRP B 63 -23.08 37.48 -25.35
C TRP B 63 -24.42 38.14 -25.63
N GLN B 64 -25.07 37.66 -26.68
CA GLN B 64 -26.41 38.10 -27.07
C GLN B 64 -27.29 36.87 -27.22
N VAL B 65 -28.52 36.98 -26.73
CA VAL B 65 -29.47 35.87 -26.69
C VAL B 65 -30.69 36.23 -27.54
N ASP B 66 -31.12 35.29 -28.38
CA ASP B 66 -32.26 35.57 -29.25
C ASP B 66 -33.03 34.29 -29.54
N TYR B 67 -34.23 34.48 -30.05
CA TYR B 67 -35.12 33.39 -30.45
C TYR B 67 -35.27 33.38 -31.98
N THR B 68 -35.52 32.19 -32.52
CA THR B 68 -35.61 32.00 -33.96
C THR B 68 -36.75 31.04 -34.28
N HIS B 69 -37.56 31.40 -35.28
CA HIS B 69 -38.65 30.56 -35.76
C HIS B 69 -38.22 29.87 -37.05
N TYR B 70 -38.45 28.56 -37.13
CA TYR B 70 -38.05 27.77 -38.31
C TYR B 70 -39.18 26.79 -38.62
N GLU B 71 -40.13 27.26 -39.42
CA GLU B 71 -41.33 26.51 -39.85
C GLU B 71 -41.89 25.60 -38.74
N ASP B 72 -42.16 26.26 -37.59
CA ASP B 72 -42.77 25.94 -36.27
C ASP B 72 -41.73 25.49 -35.25
N LYS B 73 -40.44 25.56 -35.55
CA LYS B 73 -39.40 25.14 -34.64
C LYS B 73 -38.86 26.35 -33.90
N ILE B 74 -38.75 26.24 -32.59
CA ILE B 74 -38.22 27.30 -31.75
C ILE B 74 -36.76 27.02 -31.45
N ILE B 75 -35.89 27.97 -31.79
CA ILE B 75 -34.45 27.83 -31.61
C ILE B 75 -33.96 28.96 -30.72
N LEU B 76 -33.21 28.62 -29.68
CA LEU B 76 -32.52 29.59 -28.84
C LEU B 76 -31.08 29.73 -29.33
N VAL B 77 -30.66 30.97 -29.58
CA VAL B 77 -29.37 31.26 -30.17
C VAL B 77 -28.58 32.16 -29.24
N TRP B 78 -27.33 31.79 -28.97
CA TRP B 78 -26.40 32.58 -28.19
C TRP B 78 -25.21 32.93 -29.07
N VAL B 79 -24.90 34.22 -29.17
CA VAL B 79 -23.85 34.72 -30.05
C VAL B 79 -22.84 35.50 -29.23
N GLU B 80 -21.56 35.16 -29.39
CA GLU B 80 -20.49 35.91 -28.75
C GLU B 80 -20.08 37.06 -29.66
N THR B 81 -19.99 38.26 -29.09
CA THR B 81 -19.76 39.45 -29.90
C THR B 81 -18.33 39.48 -30.45
N ASN B 82 -17.34 39.23 -29.60
CA ASN B 82 -15.95 39.33 -30.03
C ASN B 82 -15.58 38.22 -31.00
N SER B 83 -16.00 37.00 -30.70
CA SER B 83 -15.68 35.82 -31.50
C SER B 83 -16.96 35.22 -32.07
N GLY B 84 -16.94 34.88 -33.35
CA GLY B 84 -18.13 34.34 -33.98
C GLY B 84 -18.47 32.93 -33.54
N LEU B 85 -18.61 32.74 -32.24
CA LEU B 85 -18.97 31.44 -31.67
C LEU B 85 -20.48 31.42 -31.43
N ILE B 86 -21.16 30.44 -32.02
CA ILE B 86 -22.61 30.36 -31.99
C ILE B 86 -23.02 29.10 -31.23
N TYR B 87 -23.94 29.25 -30.29
CA TYR B 87 -24.48 28.13 -29.53
C TYR B 87 -25.99 28.10 -29.72
N ALA B 88 -26.49 27.09 -30.41
CA ALA B 88 -27.90 27.00 -30.74
C ALA B 88 -28.51 25.73 -30.14
N GLU B 89 -29.71 25.86 -29.60
CA GLU B 89 -30.44 24.73 -29.04
C GLU B 89 -31.91 24.84 -29.41
N ARG B 90 -32.65 23.76 -29.17
CA ARG B 90 -34.08 23.71 -29.44
C ARG B 90 -34.84 23.83 -28.12
N VAL B 91 -35.84 24.71 -28.12
CA VAL B 91 -36.66 24.97 -26.94
C VAL B 91 -38.12 24.65 -27.27
N LYS B 92 -38.80 23.98 -26.34
CA LYS B 92 -40.20 23.63 -26.57
C LYS B 92 -41.07 24.87 -26.71
N GLY B 93 -40.83 25.88 -25.89
CA GLY B 93 -41.61 27.11 -25.96
C GLY B 93 -40.99 28.20 -25.11
N GLU B 94 -41.42 29.42 -25.38
CA GLU B 94 -40.92 30.60 -24.67
C GLU B 94 -41.46 30.57 -23.24
N THR B 95 -40.64 30.09 -22.30
CA THR B 95 -41.05 29.98 -20.91
C THR B 95 -39.88 30.39 -20.03
N GLY B 96 -40.20 30.97 -18.87
CA GLY B 96 -39.16 31.39 -17.94
C GLY B 96 -38.35 30.22 -17.41
N GLN B 97 -39.01 29.11 -17.08
CA GLN B 97 -38.31 27.95 -16.56
C GLN B 97 -37.34 27.38 -17.60
N GLU B 98 -37.80 27.24 -18.84
CA GLU B 98 -36.94 26.73 -19.90
C GLU B 98 -35.77 27.66 -20.16
N PHE B 99 -36.02 28.97 -20.16
CA PHE B 99 -34.94 29.92 -20.37
C PHE B 99 -33.92 29.87 -19.24
N ARG B 100 -34.39 29.72 -18.00
CA ARG B 100 -33.47 29.63 -16.87
C ARG B 100 -32.62 28.37 -16.96
N VAL B 101 -33.24 27.24 -17.32
CA VAL B 101 -32.47 26.01 -17.47
C VAL B 101 -31.43 26.16 -18.58
N GLN B 102 -31.85 26.74 -19.72
CA GLN B 102 -30.93 26.91 -20.84
C GLN B 102 -29.78 27.83 -20.49
N THR B 103 -30.07 28.94 -19.79
CA THR B 103 -29.01 29.88 -19.45
C THR B 103 -28.07 29.31 -18.40
N MET B 104 -28.58 28.47 -17.48
CA MET B 104 -27.70 27.82 -16.53
C MET B 104 -26.81 26.80 -17.22
N LYS B 105 -27.34 26.06 -18.18
CA LYS B 105 -26.50 25.16 -18.98
C LYS B 105 -25.45 25.95 -19.76
N TRP B 106 -25.85 27.08 -20.33
CA TRP B 106 -24.91 27.91 -21.09
C TRP B 106 -23.79 28.44 -20.21
N TYR B 107 -24.13 28.89 -19.00
CA TYR B 107 -23.08 29.29 -18.07
C TYR B 107 -22.24 28.09 -17.61
N ALA B 108 -22.84 26.90 -17.62
CA ALA B 108 -22.09 25.69 -17.26
C ALA B 108 -21.05 25.37 -18.33
N MET B 109 -21.38 25.60 -19.60
CA MET B 109 -20.47 25.19 -20.67
C MET B 109 -19.39 26.22 -20.95
N PHE B 110 -19.68 27.50 -20.73
CA PHE B 110 -18.74 28.57 -21.01
C PHE B 110 -18.38 29.31 -19.72
N ALA B 111 -17.61 30.38 -19.86
CA ALA B 111 -17.25 31.24 -18.74
C ALA B 111 -17.53 32.69 -19.11
N PRO B 112 -18.81 33.07 -19.21
CA PRO B 112 -19.16 34.42 -19.63
C PRO B 112 -18.98 35.42 -18.49
N LYS B 113 -19.03 36.70 -18.86
CA LYS B 113 -18.94 37.80 -17.91
C LYS B 113 -20.00 38.87 -18.09
N SER B 114 -20.66 38.93 -19.24
CA SER B 114 -21.70 39.92 -19.48
C SER B 114 -22.69 39.36 -20.49
N LEU B 115 -23.89 39.94 -20.52
CA LEU B 115 -24.93 39.50 -21.42
C LEU B 115 -25.77 40.69 -21.85
N GLN B 116 -26.22 40.65 -23.11
CA GLN B 116 -27.09 41.67 -23.68
C GLN B 116 -28.26 40.98 -24.37
N SER B 117 -29.46 41.53 -24.18
CA SER B 117 -30.66 40.97 -24.79
C SER B 117 -31.71 42.07 -24.88
N ASP B 118 -32.82 41.74 -25.53
CA ASP B 118 -33.93 42.66 -25.71
C ASP B 118 -34.90 42.54 -24.54
N ASN B 119 -35.98 43.33 -24.60
CA ASN B 119 -37.01 43.30 -23.58
C ASN B 119 -38.04 42.23 -23.95
N GLY B 120 -38.10 41.17 -23.16
CA GLY B 120 -39.01 40.08 -23.42
C GLY B 120 -39.69 39.59 -22.15
N PRO B 121 -40.76 38.80 -22.31
CA PRO B 121 -41.45 38.28 -21.13
C PRO B 121 -40.57 37.37 -20.28
N ALA B 122 -39.99 36.34 -20.89
CA ALA B 122 -39.12 35.45 -20.13
C ALA B 122 -37.78 36.10 -19.82
N PHE B 123 -37.31 37.02 -20.67
CA PHE B 123 -36.04 37.68 -20.43
C PHE B 123 -36.08 38.55 -19.18
N VAL B 124 -37.17 39.28 -18.98
CA VAL B 124 -37.30 40.21 -17.86
C VAL B 124 -38.28 39.60 -16.86
N ALA B 125 -37.75 39.15 -15.74
CA ALA B 125 -38.57 38.63 -14.65
C ALA B 125 -37.75 38.67 -13.37
N GLU B 126 -38.45 38.68 -12.24
CA GLU B 126 -37.75 38.70 -10.95
C GLU B 126 -36.96 37.42 -10.73
N SER B 127 -37.52 36.28 -11.13
CA SER B 127 -36.83 35.01 -10.93
C SER B 127 -35.55 34.92 -11.74
N THR B 128 -35.64 35.25 -13.04
CA THR B 128 -34.46 35.16 -13.89
C THR B 128 -33.42 36.23 -13.53
N GLN B 129 -33.87 37.42 -13.14
CA GLN B 129 -32.92 38.44 -12.69
C GLN B 129 -32.20 38.02 -11.41
N LEU B 130 -32.95 37.43 -10.47
CA LEU B 130 -32.32 36.92 -9.26
C LEU B 130 -31.34 35.80 -9.58
N LEU B 131 -31.70 34.93 -10.52
CA LEU B 131 -30.80 33.83 -10.89
C LEU B 131 -29.53 34.35 -11.54
N MET B 132 -29.66 35.37 -12.40
CA MET B 132 -28.48 35.91 -13.05
C MET B 132 -27.59 36.69 -12.08
N LYS B 133 -28.19 37.35 -11.10
CA LYS B 133 -27.39 37.95 -10.03
C LYS B 133 -26.71 36.86 -9.20
N TYR B 134 -27.41 35.73 -9.00
CA TYR B 134 -26.83 34.58 -8.32
C TYR B 134 -25.60 34.06 -9.05
N LEU B 135 -25.69 33.96 -10.37
CA LEU B 135 -24.53 33.54 -11.16
C LEU B 135 -23.42 34.58 -11.10
N GLY B 136 -23.78 35.86 -11.14
CA GLY B 136 -22.80 36.93 -11.08
C GLY B 136 -22.37 37.43 -12.44
N ILE B 137 -23.33 37.74 -13.30
CA ILE B 137 -23.07 38.23 -14.65
C ILE B 137 -23.87 39.51 -14.87
N GLU B 138 -23.20 40.51 -15.44
CA GLU B 138 -23.87 41.77 -15.74
C GLU B 138 -24.88 41.56 -16.88
N HIS B 139 -26.05 42.17 -16.73
CA HIS B 139 -27.12 42.05 -17.70
C HIS B 139 -27.57 43.43 -18.15
N THR B 140 -27.79 43.59 -19.45
CA THR B 140 -28.25 44.84 -20.05
C THR B 140 -29.43 44.54 -20.96
N THR B 141 -30.60 45.06 -20.60
CA THR B 141 -31.83 44.86 -21.36
C THR B 141 -32.31 46.19 -21.92
N GLY B 142 -32.52 46.24 -23.22
CA GLY B 142 -32.99 47.45 -23.85
C GLY B 142 -32.71 47.43 -25.34
N ILE B 143 -33.06 48.54 -25.98
CA ILE B 143 -32.84 48.67 -27.42
C ILE B 143 -31.35 48.88 -27.68
N PRO B 144 -30.72 48.09 -28.54
CA PRO B 144 -29.28 48.27 -28.79
C PRO B 144 -29.00 49.63 -29.43
N TRP B 145 -27.87 50.21 -29.04
CA TRP B 145 -27.43 51.50 -29.56
C TRP B 145 -26.24 51.41 -30.51
N ASN B 146 -25.34 50.46 -30.27
CA ASN B 146 -24.21 50.28 -31.16
C ASN B 146 -24.68 49.61 -32.45
N PRO B 147 -24.46 50.23 -33.62
CA PRO B 147 -24.91 49.65 -34.89
C PRO B 147 -24.04 48.51 -35.40
N GLN B 148 -23.70 47.59 -34.51
CA GLN B 148 -22.91 46.41 -34.84
C GLN B 148 -23.56 45.12 -34.36
N SER B 149 -24.20 45.14 -33.19
CA SER B 149 -24.80 43.92 -32.65
C SER B 149 -25.97 43.45 -33.51
N GLN B 150 -26.81 44.38 -33.96
CA GLN B 150 -27.99 44.02 -34.75
C GLN B 150 -27.57 43.38 -36.07
N ALA B 151 -26.61 43.99 -36.78
CA ALA B 151 -26.15 43.42 -38.04
C ALA B 151 -25.47 42.08 -37.83
N LEU B 152 -24.66 41.96 -36.76
CA LEU B 152 -23.98 40.70 -36.49
C LEU B 152 -24.97 39.58 -36.20
N VAL B 153 -25.99 39.86 -35.39
CA VAL B 153 -26.96 38.82 -35.07
C VAL B 153 -27.83 38.50 -36.28
N GLU B 154 -28.11 39.49 -37.14
CA GLU B 154 -28.83 39.21 -38.37
C GLU B 154 -28.03 38.28 -39.27
N ARG B 155 -26.72 38.53 -39.40
CA ARG B 155 -25.87 37.65 -40.18
C ARG B 155 -25.83 36.25 -39.57
N THR B 156 -25.74 36.17 -38.25
CA THR B 156 -25.75 34.86 -37.59
C THR B 156 -27.03 34.11 -37.89
N HIS B 157 -28.18 34.78 -37.78
CA HIS B 157 -29.46 34.13 -38.06
C HIS B 157 -29.53 33.67 -39.51
N GLN B 158 -29.11 34.52 -40.45
CA GLN B 158 -29.17 34.17 -41.86
C GLN B 158 -28.29 32.97 -42.18
N THR B 159 -27.05 33.00 -41.70
CA THR B 159 -26.13 31.88 -41.95
C THR B 159 -26.64 30.60 -41.28
N LEU B 160 -27.18 30.72 -40.07
CA LEU B 160 -27.66 29.55 -39.36
C LEU B 160 -28.83 28.91 -40.10
N LYS B 161 -29.80 29.72 -40.55
CA LYS B 161 -30.92 29.15 -41.28
C LYS B 161 -30.50 28.61 -42.64
N ASN B 162 -29.54 29.26 -43.32
CA ASN B 162 -29.07 28.74 -44.59
C ASN B 162 -28.41 27.38 -44.42
N THR B 163 -27.52 27.26 -43.42
CA THR B 163 -26.86 25.99 -43.17
C THR B 163 -27.84 24.92 -42.72
N LEU B 164 -28.85 25.31 -41.93
CA LEU B 164 -29.86 24.35 -41.50
C LEU B 164 -30.68 23.84 -42.68
N GLU B 165 -31.02 24.72 -43.62
CA GLU B 165 -31.69 24.28 -44.83
C GLU B 165 -30.80 23.36 -45.66
N LYS B 166 -29.50 23.67 -45.72
CA LYS B 166 -28.59 22.85 -46.51
C LYS B 166 -28.42 21.45 -45.92
N LEU B 167 -28.27 21.36 -44.60
CA LEU B 167 -27.85 20.12 -43.95
C LEU B 167 -29.01 19.30 -43.40
N ILE B 168 -30.25 19.77 -43.50
CA ILE B 168 -31.37 19.03 -42.91
C ILE B 168 -31.58 17.64 -43.53
N PRO B 169 -31.55 17.45 -44.86
CA PRO B 169 -31.89 16.13 -45.39
C PRO B 169 -30.84 15.07 -45.12
N MET B 170 -29.61 15.46 -44.82
CA MET B 170 -28.54 14.48 -44.63
C MET B 170 -28.76 13.65 -43.37
N PHE B 171 -29.22 14.29 -42.29
CA PHE B 171 -29.44 13.61 -41.02
C PHE B 171 -30.92 13.40 -40.79
N ASN B 172 -31.24 12.65 -39.73
CA ASN B 172 -32.62 12.31 -39.41
C ASN B 172 -33.22 13.30 -38.40
N ALA B 173 -32.60 13.41 -37.22
CA ALA B 173 -33.13 14.27 -36.18
C ALA B 173 -32.86 15.74 -36.49
N PHE B 174 -33.79 16.60 -36.08
CA PHE B 174 -33.58 18.03 -36.24
C PHE B 174 -32.43 18.53 -35.38
N GLU B 175 -32.32 18.01 -34.16
CA GLU B 175 -31.18 18.35 -33.30
C GLU B 175 -29.87 17.92 -33.95
N SER B 176 -29.90 16.81 -34.70
CA SER B 176 -28.72 16.39 -35.44
C SER B 176 -28.30 17.43 -36.47
N ALA B 177 -29.27 17.97 -37.22
CA ALA B 177 -28.96 19.01 -38.19
C ALA B 177 -28.45 20.26 -37.50
N LEU B 178 -29.03 20.61 -36.35
CA LEU B 178 -28.55 21.77 -35.60
C LEU B 178 -27.10 21.58 -35.15
N ALA B 179 -26.78 20.39 -34.66
CA ALA B 179 -25.40 20.11 -34.26
C ALA B 179 -24.46 20.18 -35.45
N GLY B 180 -24.88 19.65 -36.61
CA GLY B 180 -24.05 19.74 -37.79
C GLY B 180 -23.81 21.17 -38.23
N THR B 181 -24.85 22.01 -38.17
CA THR B 181 -24.70 23.42 -38.50
C THR B 181 -23.74 24.11 -37.53
N LEU B 182 -23.84 23.78 -36.25
CA LEU B 182 -22.91 24.34 -35.27
C LEU B 182 -21.48 23.91 -35.58
N ILE B 183 -21.29 22.66 -35.98
CA ILE B 183 -19.96 22.18 -36.35
C ILE B 183 -19.44 22.99 -37.54
N THR B 184 -20.28 23.18 -38.56
CA THR B 184 -19.84 23.88 -39.75
C THR B 184 -19.49 25.34 -39.45
N LEU B 185 -20.31 26.00 -38.64
CA LEU B 185 -20.15 27.44 -38.40
C LEU B 185 -19.21 27.78 -37.25
N ASN B 186 -18.78 26.79 -36.47
CA ASN B 186 -17.90 27.07 -35.33
C ASN B 186 -16.50 26.51 -35.48
N ILE B 187 -16.32 25.39 -36.18
CA ILE B 187 -15.01 24.74 -36.25
C ILE B 187 -14.53 24.68 -37.69
N LYS B 188 -15.36 24.13 -38.57
CA LYS B 188 -14.94 23.89 -39.95
C LYS B 188 -14.70 25.19 -40.70
N ARG B 189 -15.54 26.20 -40.47
CA ARG B 189 -15.33 27.49 -41.11
C ARG B 189 -14.07 28.14 -40.58
N LYS B 190 -13.32 28.80 -41.48
CA LYS B 190 -12.08 29.46 -41.11
C LYS B 190 -12.00 30.80 -41.81
N GLY B 191 -11.19 31.69 -41.24
CA GLY B 191 -10.98 33.01 -41.80
C GLY B 191 -9.73 33.63 -41.23
N GLY B 192 -9.43 34.84 -41.71
CA GLY B 192 -8.24 35.54 -41.27
C GLY B 192 -6.99 34.76 -41.61
N LEU B 193 -6.11 34.60 -40.62
CA LEU B 193 -4.87 33.84 -40.80
C LEU B 193 -5.09 32.35 -40.55
N GLY B 194 -6.08 31.79 -41.23
CA GLY B 194 -6.38 30.37 -41.07
C GLY B 194 -6.79 29.99 -39.66
N THR B 195 -7.62 30.80 -39.02
CA THR B 195 -8.08 30.54 -37.67
C THR B 195 -9.58 30.32 -37.67
N SER B 196 -10.04 29.49 -36.73
CA SER B 196 -11.44 29.15 -36.59
C SER B 196 -12.11 30.04 -35.55
N PRO B 197 -13.42 30.25 -35.67
CA PRO B 197 -14.15 31.01 -34.64
C PRO B 197 -14.14 30.37 -33.27
N MET B 198 -13.69 29.12 -33.14
CA MET B 198 -13.60 28.45 -31.85
C MET B 198 -12.20 28.52 -31.25
N ASP B 199 -11.15 28.53 -32.08
CA ASP B 199 -9.80 28.67 -31.57
C ASP B 199 -9.54 30.08 -31.03
N ILE B 200 -10.17 31.09 -31.63
CA ILE B 200 -10.05 32.46 -31.15
C ILE B 200 -10.59 32.58 -29.72
N PHE B 201 -11.71 31.91 -29.43
CA PHE B 201 -12.28 31.97 -28.09
C PHE B 201 -11.35 31.31 -27.07
N ILE B 202 -10.75 30.18 -27.44
CA ILE B 202 -9.81 29.51 -26.55
C ILE B 202 -8.59 30.38 -26.29
N PHE B 203 -8.07 31.03 -27.35
CA PHE B 203 -6.94 31.91 -27.16
C PHE B 203 -7.27 33.08 -26.23
N ASN B 204 -8.46 33.67 -26.40
CA ASN B 204 -8.86 34.77 -25.54
C ASN B 204 -9.01 34.30 -24.09
N LYS B 205 -9.60 33.11 -23.89
CA LYS B 205 -9.75 32.59 -22.54
C LYS B 205 -8.39 32.33 -21.89
N GLU B 206 -7.45 31.78 -22.65
CA GLU B 206 -6.12 31.53 -22.11
C GLU B 206 -5.42 32.84 -21.76
N GLN B 207 -5.56 33.86 -22.61
CA GLN B 207 -4.97 35.16 -22.30
C GLN B 207 -5.57 35.75 -21.03
N GLN B 208 -6.89 35.65 -20.88
CA GLN B 208 -7.52 36.14 -19.65
C GLN B 208 -7.02 35.38 -18.43
N ARG B 209 -6.88 34.06 -18.55
CA ARG B 209 -6.41 33.26 -17.42
C ARG B 209 -4.99 33.65 -17.03
N ILE B 210 -4.09 33.80 -18.01
CA ILE B 210 -2.71 34.12 -17.69
C ILE B 210 -2.60 35.53 -17.12
N GLN B 211 -3.40 36.47 -17.64
CA GLN B 211 -3.38 37.83 -17.09
C GLN B 211 -3.89 37.84 -15.64
N GLN B 212 -4.97 37.10 -15.37
CA GLN B 212 -5.49 37.04 -14.01
C GLN B 212 -4.49 36.39 -13.06
N GLN B 213 -3.81 35.33 -13.52
CA GLN B 213 -2.81 34.68 -12.68
C GLN B 213 -1.63 35.61 -12.42
N SER B 214 -1.19 36.35 -13.43
CA SER B 214 -0.07 37.27 -13.25
C SER B 214 -0.44 38.40 -12.29
N LYS B 215 -1.65 38.95 -12.41
CA LYS B 215 -2.06 40.06 -11.56
C LYS B 215 -2.37 39.58 -10.15
N SER B 216 -3.30 38.65 -10.01
CA SER B 216 -3.68 38.13 -8.70
C SER B 216 -4.31 36.75 -8.82
N TRP C 1 -0.87 19.33 -51.77
CA TRP C 1 -1.29 19.81 -53.08
C TRP C 1 -2.11 18.75 -53.80
N ILE C 2 -1.44 17.88 -54.53
CA ILE C 2 -2.13 16.83 -55.27
C ILE C 2 -2.73 15.80 -54.32
N GLU C 3 -1.99 15.45 -53.26
CA GLU C 3 -2.39 14.32 -52.41
C GLU C 3 -3.68 14.57 -51.65
N ASN C 4 -3.89 15.80 -51.16
CA ASN C 4 -4.99 16.08 -50.25
C ASN C 4 -6.26 16.58 -50.94
N ILE C 5 -6.30 16.54 -52.28
CA ILE C 5 -7.51 16.94 -52.98
C ILE C 5 -8.72 16.09 -52.62
N PRO C 6 -8.65 14.75 -52.65
CA PRO C 6 -9.83 13.97 -52.25
C PRO C 6 -10.25 14.21 -50.81
N LEU C 7 -9.30 14.46 -49.91
CA LEU C 7 -9.65 14.78 -48.53
C LEU C 7 -10.48 16.04 -48.45
N ALA C 8 -10.06 17.09 -49.16
CA ALA C 8 -10.82 18.33 -49.19
C ALA C 8 -12.20 18.11 -49.82
N GLU C 9 -12.25 17.32 -50.90
CA GLU C 9 -13.53 17.08 -51.56
C GLU C 9 -14.50 16.37 -50.62
N GLU C 10 -14.04 15.33 -49.92
CA GLU C 10 -14.93 14.60 -49.03
C GLU C 10 -15.30 15.42 -47.81
N GLU C 11 -14.38 16.25 -47.30
CA GLU C 11 -14.73 17.12 -46.20
C GLU C 11 -15.79 18.13 -46.60
N HIS C 12 -15.68 18.70 -47.80
CA HIS C 12 -16.70 19.62 -48.28
C HIS C 12 -18.03 18.89 -48.51
N ASN C 13 -17.98 17.66 -49.01
CA ASN C 13 -19.20 16.89 -49.15
C ASN C 13 -19.87 16.64 -47.80
N LYS C 14 -19.06 16.41 -46.75
CA LYS C 14 -19.60 16.19 -45.43
C LYS C 14 -20.22 17.47 -44.86
N TRP C 15 -19.51 18.60 -44.99
CA TRP C 15 -19.88 19.80 -44.25
C TRP C 15 -20.27 21.00 -45.11
N HIS C 16 -19.96 21.00 -46.41
CA HIS C 16 -20.26 22.10 -47.31
C HIS C 16 -19.63 23.40 -46.82
N GLN C 17 -18.30 23.41 -46.83
CA GLN C 17 -17.51 24.58 -46.49
C GLN C 17 -17.48 25.53 -47.69
N ASP C 18 -16.62 26.53 -47.62
CA ASP C 18 -16.42 27.47 -48.73
C ASP C 18 -15.00 27.34 -49.26
N ALA C 19 -14.78 27.91 -50.44
CA ALA C 19 -13.50 27.77 -51.11
C ALA C 19 -12.36 28.38 -50.29
N VAL C 20 -12.61 29.54 -49.68
CA VAL C 20 -11.58 30.19 -48.87
C VAL C 20 -11.23 29.34 -47.66
N SER C 21 -12.25 28.77 -47.00
CA SER C 21 -11.99 27.91 -45.85
C SER C 21 -11.21 26.67 -46.25
N LEU C 22 -11.58 26.06 -47.37
CA LEU C 22 -10.85 24.88 -47.85
C LEU C 22 -9.40 25.23 -48.17
N HIS C 23 -9.18 26.36 -48.82
CA HIS C 23 -7.82 26.79 -49.15
C HIS C 23 -7.00 27.03 -47.88
N LEU C 24 -7.60 27.68 -46.88
CA LEU C 24 -6.87 27.97 -45.66
C LEU C 24 -6.62 26.71 -44.82
N GLU C 25 -7.50 25.72 -44.93
CA GLU C 25 -7.38 24.51 -44.12
C GLU C 25 -6.44 23.48 -44.75
N PHE C 26 -6.78 23.02 -45.96
CA PHE C 26 -6.05 21.92 -46.59
C PHE C 26 -4.88 22.38 -47.43
N GLY C 27 -4.71 23.69 -47.64
CA GLY C 27 -3.59 24.19 -48.41
C GLY C 27 -3.68 23.99 -49.91
N ILE C 28 -4.83 23.53 -50.41
CA ILE C 28 -5.02 23.31 -51.84
C ILE C 28 -5.06 24.66 -52.55
N PRO C 29 -4.74 24.74 -53.83
CA PRO C 29 -4.79 26.03 -54.54
C PRO C 29 -6.20 26.59 -54.55
N ARG C 30 -6.28 27.92 -54.56
CA ARG C 30 -7.58 28.58 -54.58
C ARG C 30 -8.39 28.20 -55.80
N THR C 31 -7.73 28.01 -56.95
CA THR C 31 -8.45 27.58 -58.14
C THR C 31 -9.08 26.21 -57.93
N ALA C 32 -8.35 25.28 -57.30
CA ALA C 32 -8.90 23.96 -57.03
C ALA C 32 -10.07 24.04 -56.06
N ALA C 33 -9.96 24.86 -55.01
CA ALA C 33 -11.07 25.01 -54.07
C ALA C 33 -12.29 25.61 -54.74
N GLU C 34 -12.09 26.61 -55.59
CA GLU C 34 -13.21 27.22 -56.31
C GLU C 34 -13.86 26.20 -57.25
N ASP C 35 -13.05 25.38 -57.92
CA ASP C 35 -13.60 24.35 -58.78
C ASP C 35 -14.42 23.34 -57.99
N ILE C 36 -13.91 22.93 -56.83
CA ILE C 36 -14.62 21.96 -55.99
C ILE C 36 -15.94 22.54 -55.52
N VAL C 37 -15.93 23.79 -55.05
CA VAL C 37 -17.15 24.42 -54.55
C VAL C 37 -18.16 24.60 -55.67
N GLN C 38 -17.70 25.05 -56.83
CA GLN C 38 -18.61 25.30 -57.96
C GLN C 38 -19.26 24.03 -58.48
N GLN C 39 -18.56 22.90 -58.44
CA GLN C 39 -19.08 21.65 -58.95
C GLN C 39 -20.05 20.97 -57.98
N CYS C 40 -20.23 21.50 -56.78
CA CYS C 40 -21.16 20.91 -55.83
C CYS C 40 -22.59 21.14 -56.28
N ASP C 41 -23.35 20.04 -56.44
CA ASP C 41 -24.74 20.15 -56.85
C ASP C 41 -25.59 20.85 -55.80
N VAL C 42 -25.36 20.54 -54.53
CA VAL C 42 -26.13 21.16 -53.45
C VAL C 42 -25.84 22.65 -53.39
N CYS C 43 -24.56 23.03 -53.48
CA CYS C 43 -24.20 24.45 -53.46
C CYS C 43 -24.77 25.17 -54.69
N GLN C 44 -24.73 24.51 -55.85
CA GLN C 44 -25.33 25.10 -57.05
C GLN C 44 -26.83 25.28 -56.87
N GLU C 45 -27.50 24.30 -56.28
CA GLU C 45 -28.94 24.36 -56.07
C GLU C 45 -29.31 25.39 -55.01
N ARG C 58 -18.65 36.07 -51.42
CA ARG C 58 -17.74 35.95 -50.29
C ARG C 58 -16.43 35.28 -50.72
N GLY C 59 -15.45 36.12 -51.08
CA GLY C 59 -14.15 35.63 -51.47
C GLY C 59 -13.18 36.79 -51.61
N ILE C 60 -11.89 36.44 -51.71
CA ILE C 60 -10.86 37.45 -51.84
C ILE C 60 -10.92 38.09 -53.23
N ASP C 61 -10.40 39.31 -53.32
CA ASP C 61 -10.37 40.07 -54.58
C ASP C 61 -11.78 40.26 -55.14
N HIS C 62 -12.76 40.36 -54.25
CA HIS C 62 -14.15 40.60 -54.61
C HIS C 62 -14.62 41.83 -53.84
N TRP C 63 -14.99 42.89 -54.56
CA TRP C 63 -15.32 44.16 -53.96
C TRP C 63 -16.70 44.63 -54.40
N GLN C 64 -17.25 45.56 -53.62
CA GLN C 64 -18.54 46.17 -53.90
C GLN C 64 -18.40 47.68 -53.79
N VAL C 65 -19.13 48.38 -54.65
CA VAL C 65 -19.07 49.84 -54.76
C VAL C 65 -20.47 50.40 -54.50
N ASP C 66 -20.54 51.39 -53.62
CA ASP C 66 -21.80 52.06 -53.32
C ASP C 66 -21.57 53.56 -53.29
N TYR C 67 -22.65 54.30 -53.52
CA TYR C 67 -22.62 55.76 -53.56
C TYR C 67 -23.19 56.34 -52.28
N THR C 68 -22.49 57.32 -51.72
CA THR C 68 -22.93 58.01 -50.51
C THR C 68 -22.39 59.43 -50.54
N HIS C 69 -23.00 60.29 -49.74
CA HIS C 69 -22.62 61.70 -49.69
C HIS C 69 -22.63 62.18 -48.25
N TYR C 70 -21.83 63.21 -47.98
CA TYR C 70 -21.76 63.81 -46.65
C TYR C 70 -21.35 65.26 -46.81
N GLU C 71 -22.15 66.17 -46.25
CA GLU C 71 -21.90 67.61 -46.32
C GLU C 71 -21.77 68.08 -47.78
N ASP C 72 -22.64 67.54 -48.64
CA ASP C 72 -22.70 67.92 -50.05
C ASP C 72 -21.35 67.73 -50.75
N LYS C 73 -20.74 66.58 -50.52
CA LYS C 73 -19.49 66.22 -51.17
C LYS C 73 -19.57 64.79 -51.68
N ILE C 74 -18.87 64.54 -52.77
CA ILE C 74 -18.92 63.24 -53.46
C ILE C 74 -17.82 62.35 -52.90
N ILE C 75 -18.20 61.15 -52.46
CA ILE C 75 -17.27 60.17 -51.90
C ILE C 75 -17.67 58.79 -52.38
N LEU C 76 -16.68 57.97 -52.70
CA LEU C 76 -16.90 56.60 -53.16
C LEU C 76 -16.54 55.61 -52.05
N VAL C 77 -17.24 54.48 -52.04
CA VAL C 77 -17.07 53.45 -51.03
C VAL C 77 -16.69 52.15 -51.73
N TRP C 78 -15.61 51.53 -51.26
CA TRP C 78 -15.13 50.26 -51.80
C TRP C 78 -15.01 49.27 -50.65
N VAL C 79 -15.93 48.30 -50.59
CA VAL C 79 -15.98 47.33 -49.49
C VAL C 79 -15.55 45.98 -50.03
N GLU C 80 -14.52 45.40 -49.42
CA GLU C 80 -14.06 44.06 -49.78
C GLU C 80 -14.87 43.01 -49.03
N THR C 81 -15.32 41.98 -49.74
CA THR C 81 -16.20 40.99 -49.15
C THR C 81 -15.51 40.19 -48.05
N ASN C 82 -14.25 39.78 -48.27
CA ASN C 82 -13.56 38.92 -47.33
C ASN C 82 -12.68 39.69 -46.35
N SER C 83 -11.70 40.44 -46.85
CA SER C 83 -10.73 41.10 -45.97
C SER C 83 -11.32 42.25 -45.19
N GLY C 84 -12.53 42.69 -45.52
CA GLY C 84 -13.12 43.83 -44.83
C GLY C 84 -12.32 45.10 -45.00
N LEU C 85 -11.78 45.33 -46.19
CA LEU C 85 -10.95 46.48 -46.47
C LEU C 85 -11.80 47.58 -47.10
N ILE C 86 -11.71 48.79 -46.54
CA ILE C 86 -12.48 49.93 -47.00
C ILE C 86 -11.53 50.97 -47.56
N TYR C 87 -11.86 51.50 -48.73
CA TYR C 87 -11.07 52.53 -49.38
C TYR C 87 -12.00 53.64 -49.86
N ALA C 88 -11.48 54.87 -49.86
CA ALA C 88 -12.27 56.01 -50.30
C ALA C 88 -11.33 57.09 -50.82
N GLU C 89 -11.88 57.98 -51.64
CA GLU C 89 -11.12 59.10 -52.18
C GLU C 89 -12.10 60.14 -52.71
N ARG C 90 -11.69 61.40 -52.64
CA ARG C 90 -12.54 62.50 -53.09
C ARG C 90 -12.74 62.43 -54.60
N VAL C 91 -13.98 62.69 -55.02
CA VAL C 91 -14.35 62.65 -56.42
C VAL C 91 -14.94 64.00 -56.81
N LYS C 92 -14.43 64.58 -57.91
CA LYS C 92 -14.89 65.90 -58.32
C LYS C 92 -16.33 65.86 -58.82
N GLY C 93 -16.65 64.89 -59.68
CA GLY C 93 -18.00 64.82 -60.23
C GLY C 93 -18.40 63.38 -60.50
N GLU C 94 -19.71 63.20 -60.69
CA GLU C 94 -20.29 61.89 -60.94
C GLU C 94 -20.33 61.54 -62.42
N THR C 95 -19.65 62.31 -63.27
CA THR C 95 -19.66 62.04 -64.70
C THR C 95 -18.91 60.74 -65.01
N GLY C 96 -19.08 60.29 -66.25
CA GLY C 96 -18.45 59.04 -66.66
C GLY C 96 -16.94 59.09 -66.65
N GLN C 97 -16.37 60.21 -67.12
CA GLN C 97 -14.91 60.33 -67.19
C GLN C 97 -14.30 60.30 -65.79
N GLU C 98 -14.83 61.11 -64.87
CA GLU C 98 -14.32 61.11 -63.50
C GLU C 98 -14.55 59.77 -62.82
N PHE C 99 -15.67 59.11 -63.11
CA PHE C 99 -15.91 57.79 -62.57
C PHE C 99 -14.87 56.78 -63.04
N ARG C 100 -14.55 56.80 -64.34
CA ARG C 100 -13.52 55.92 -64.87
C ARG C 100 -12.17 56.22 -64.24
N VAL C 101 -11.86 57.51 -64.04
CA VAL C 101 -10.60 57.89 -63.40
C VAL C 101 -10.47 57.22 -62.05
N GLN C 102 -11.51 57.32 -61.22
CA GLN C 102 -11.47 56.72 -59.90
C GLN C 102 -11.43 55.20 -59.95
N THR C 103 -12.21 54.59 -60.86
CA THR C 103 -12.25 53.14 -60.92
C THR C 103 -10.89 52.55 -61.27
N MET C 104 -10.19 53.15 -62.24
CA MET C 104 -8.91 52.58 -62.65
C MET C 104 -7.77 53.05 -61.75
N LYS C 105 -7.92 54.21 -61.10
CA LYS C 105 -6.99 54.58 -60.04
C LYS C 105 -7.12 53.64 -58.85
N TRP C 106 -8.30 53.05 -58.65
CA TRP C 106 -8.46 52.03 -57.63
C TRP C 106 -7.67 50.77 -57.98
N TYR C 107 -7.63 50.39 -59.25
CA TYR C 107 -6.79 49.29 -59.70
C TYR C 107 -5.31 49.65 -59.72
N ALA C 108 -4.98 50.95 -59.69
CA ALA C 108 -3.59 51.36 -59.69
C ALA C 108 -2.80 50.69 -58.56
N MET C 109 -3.39 50.57 -57.37
CA MET C 109 -2.69 49.97 -56.24
C MET C 109 -3.27 48.62 -55.82
N PHE C 110 -4.36 48.17 -56.43
CA PHE C 110 -4.98 46.90 -56.08
C PHE C 110 -5.09 46.01 -57.31
N ALA C 111 -5.14 44.70 -57.08
CA ALA C 111 -5.22 43.71 -58.15
C ALA C 111 -6.40 42.78 -57.88
N PRO C 112 -7.63 43.26 -58.12
CA PRO C 112 -8.81 42.40 -57.89
C PRO C 112 -9.14 41.54 -59.10
N LYS C 113 -10.17 40.71 -58.97
CA LYS C 113 -10.63 39.87 -60.07
C LYS C 113 -12.13 39.94 -60.31
N SER C 114 -12.93 40.39 -59.34
CA SER C 114 -14.37 40.50 -59.50
C SER C 114 -14.86 41.78 -58.86
N LEU C 115 -16.00 42.28 -59.35
CA LEU C 115 -16.57 43.51 -58.86
C LEU C 115 -18.07 43.50 -59.14
N GLN C 116 -18.85 44.05 -58.21
CA GLN C 116 -20.30 44.13 -58.35
C GLN C 116 -20.76 45.55 -58.06
N SER C 117 -21.78 45.98 -58.78
CA SER C 117 -22.31 47.34 -58.63
C SER C 117 -23.75 47.37 -59.12
N ASP C 118 -24.44 48.44 -58.75
CA ASP C 118 -25.83 48.64 -59.16
C ASP C 118 -25.87 49.45 -60.46
N ASN C 119 -27.06 49.90 -60.85
CA ASN C 119 -27.25 50.67 -62.07
C ASN C 119 -27.15 52.15 -61.78
N GLY C 120 -26.32 52.85 -62.56
CA GLY C 120 -26.14 54.28 -62.39
C GLY C 120 -25.86 54.97 -63.71
N PRO C 121 -26.05 56.30 -63.74
CA PRO C 121 -25.80 57.04 -64.98
C PRO C 121 -24.38 56.91 -65.48
N ALA C 122 -23.40 56.87 -64.59
CA ALA C 122 -22.00 56.72 -64.98
C ALA C 122 -21.56 55.26 -65.06
N PHE C 123 -22.38 54.33 -64.62
CA PHE C 123 -22.01 52.91 -64.68
C PHE C 123 -22.06 52.38 -66.10
N VAL C 124 -23.04 52.82 -66.89
CA VAL C 124 -23.23 52.36 -68.25
C VAL C 124 -22.93 53.49 -69.22
N ALA C 125 -22.03 53.22 -70.18
CA ALA C 125 -21.71 54.17 -71.23
C ALA C 125 -21.02 53.40 -72.34
N GLU C 126 -21.01 54.00 -73.54
CA GLU C 126 -20.43 53.34 -74.70
C GLU C 126 -18.94 53.08 -74.55
N SER C 127 -18.24 53.86 -73.73
CA SER C 127 -16.81 53.69 -73.53
C SER C 127 -16.47 53.02 -72.21
N THR C 128 -17.44 52.85 -71.32
CA THR C 128 -17.16 52.28 -70.00
C THR C 128 -16.83 50.79 -70.11
N GLN C 129 -17.63 50.03 -70.86
CA GLN C 129 -17.39 48.60 -70.96
C GLN C 129 -16.11 48.28 -71.74
N LEU C 130 -15.85 49.02 -72.82
CA LEU C 130 -14.63 48.77 -73.58
C LEU C 130 -13.39 49.10 -72.76
N LEU C 131 -13.48 50.08 -71.87
CA LEU C 131 -12.33 50.43 -71.03
C LEU C 131 -12.01 49.31 -70.04
N MET C 132 -13.04 48.76 -69.39
CA MET C 132 -12.79 47.65 -68.48
C MET C 132 -12.43 46.37 -69.21
N LYS C 133 -12.80 46.24 -70.49
CA LYS C 133 -12.40 45.07 -71.27
C LYS C 133 -10.89 45.00 -71.38
N TYR C 134 -10.22 46.14 -71.57
CA TYR C 134 -8.76 46.15 -71.63
C TYR C 134 -8.15 45.72 -70.30
N LEU C 135 -8.74 46.15 -69.18
CA LEU C 135 -8.25 45.73 -67.88
C LEU C 135 -8.39 44.23 -67.68
N GLY C 136 -9.50 43.66 -68.16
CA GLY C 136 -9.72 42.23 -68.08
C GLY C 136 -10.35 41.73 -66.81
N ILE C 137 -10.58 42.60 -65.83
CA ILE C 137 -11.21 42.18 -64.58
C ILE C 137 -12.71 42.08 -64.80
N GLU C 138 -13.27 40.90 -64.50
CA GLU C 138 -14.69 40.64 -64.71
C GLU C 138 -15.51 41.48 -63.75
N HIS C 139 -16.57 42.11 -64.26
CA HIS C 139 -17.47 42.93 -63.47
C HIS C 139 -18.90 42.56 -63.81
N THR C 140 -19.75 42.44 -62.78
CA THR C 140 -21.15 42.11 -62.94
C THR C 140 -22.01 43.22 -62.37
N THR C 141 -23.02 43.62 -63.13
CA THR C 141 -23.96 44.67 -62.72
C THR C 141 -25.33 44.06 -62.50
N GLY C 142 -25.92 44.32 -61.34
CA GLY C 142 -27.23 43.79 -61.04
C GLY C 142 -27.85 44.51 -59.87
N ILE C 143 -29.04 44.05 -59.50
CA ILE C 143 -29.82 44.61 -58.39
C ILE C 143 -29.55 43.77 -57.16
N PRO C 144 -29.01 44.35 -56.08
CA PRO C 144 -28.73 43.56 -54.86
C PRO C 144 -29.99 43.35 -54.01
N TRP C 145 -30.78 42.36 -54.42
CA TRP C 145 -32.02 42.03 -53.73
C TRP C 145 -31.79 41.09 -52.55
N ASN C 146 -30.57 40.64 -52.32
CA ASN C 146 -30.29 39.77 -51.19
C ASN C 146 -30.42 40.56 -49.89
N PRO C 147 -31.21 40.08 -48.92
CA PRO C 147 -31.27 40.77 -47.62
C PRO C 147 -29.92 40.85 -46.93
N GLN C 148 -29.07 39.83 -47.11
CA GLN C 148 -27.73 39.88 -46.54
C GLN C 148 -26.92 41.04 -47.10
N SER C 149 -26.99 41.27 -48.41
CA SER C 149 -26.30 42.42 -49.00
C SER C 149 -26.87 43.73 -48.49
N GLN C 150 -28.20 43.82 -48.38
CA GLN C 150 -28.83 45.03 -47.89
C GLN C 150 -28.39 45.37 -46.47
N ALA C 151 -28.34 44.38 -45.58
CA ALA C 151 -27.93 44.63 -44.21
C ALA C 151 -26.42 44.82 -44.07
N LEU C 152 -25.63 44.19 -44.96
CA LEU C 152 -24.17 44.35 -44.90
C LEU C 152 -23.76 45.73 -45.39
N VAL C 153 -24.39 46.22 -46.45
CA VAL C 153 -24.06 47.54 -46.97
C VAL C 153 -24.39 48.62 -45.96
N GLU C 154 -25.49 48.44 -45.22
CA GLU C 154 -25.94 49.47 -44.28
C GLU C 154 -24.90 49.73 -43.19
N ARG C 155 -24.32 48.66 -42.63
CA ARG C 155 -23.41 48.84 -41.50
C ARG C 155 -22.11 49.50 -41.90
N THR C 156 -21.64 49.26 -43.12
CA THR C 156 -20.35 49.81 -43.55
C THR C 156 -20.39 51.33 -43.62
N HIS C 157 -21.47 51.88 -44.19
CA HIS C 157 -21.60 53.33 -44.29
C HIS C 157 -21.67 53.98 -42.93
N GLN C 158 -22.43 53.40 -42.00
CA GLN C 158 -22.50 53.94 -40.65
C GLN C 158 -21.13 53.87 -39.97
N THR C 159 -20.42 52.75 -40.12
CA THR C 159 -19.11 52.61 -39.50
C THR C 159 -18.12 53.63 -40.04
N LEU C 160 -18.13 53.87 -41.35
CA LEU C 160 -17.18 54.82 -41.91
C LEU C 160 -17.57 56.26 -41.59
N LYS C 161 -18.87 56.56 -41.53
CA LYS C 161 -19.29 57.93 -41.27
C LYS C 161 -19.25 58.31 -39.80
N ASN C 162 -19.31 57.34 -38.89
CA ASN C 162 -19.24 57.67 -37.47
C ASN C 162 -17.87 58.21 -37.08
N THR C 163 -16.81 57.66 -37.67
CA THR C 163 -15.46 58.09 -37.36
C THR C 163 -15.13 59.48 -37.93
N LEU C 164 -15.99 60.02 -38.79
CA LEU C 164 -15.70 61.32 -39.39
C LEU C 164 -15.66 62.43 -38.36
N GLU C 165 -16.68 62.52 -37.50
CA GLU C 165 -16.77 63.61 -36.55
C GLU C 165 -15.81 63.47 -35.37
N LYS C 166 -15.19 62.30 -35.20
CA LYS C 166 -14.26 62.12 -34.08
C LYS C 166 -12.97 62.88 -34.26
N LEU C 167 -12.68 63.37 -35.47
CA LEU C 167 -11.42 64.04 -35.77
C LEU C 167 -11.59 65.28 -36.64
N ILE C 168 -12.81 65.78 -36.79
CA ILE C 168 -13.01 67.01 -37.57
C ILE C 168 -12.35 68.24 -36.96
N PRO C 169 -12.43 68.50 -35.64
CA PRO C 169 -12.09 69.86 -35.17
C PRO C 169 -10.67 70.29 -35.45
N MET C 170 -9.68 69.37 -35.42
CA MET C 170 -8.31 69.78 -35.64
C MET C 170 -7.81 69.50 -37.05
N PHE C 171 -8.59 68.80 -37.86
CA PHE C 171 -8.33 68.71 -39.30
C PHE C 171 -9.02 69.87 -40.02
N ASN C 172 -8.38 70.37 -41.08
CA ASN C 172 -8.85 71.59 -41.72
C ASN C 172 -10.10 71.35 -42.57
N ALA C 173 -10.12 70.26 -43.34
CA ALA C 173 -11.15 70.05 -44.34
C ALA C 173 -11.72 68.65 -44.25
N PHE C 174 -12.70 68.37 -45.12
CA PHE C 174 -13.32 67.04 -45.16
C PHE C 174 -12.41 66.02 -45.83
N GLU C 175 -11.69 66.42 -46.89
CA GLU C 175 -10.73 65.51 -47.50
C GLU C 175 -9.63 65.14 -46.53
N SER C 176 -9.40 65.96 -45.51
CA SER C 176 -8.46 65.60 -44.46
C SER C 176 -9.03 64.49 -43.58
N ALA C 177 -10.32 64.55 -43.27
CA ALA C 177 -10.99 63.47 -42.54
C ALA C 177 -11.16 62.21 -43.38
N LEU C 178 -11.05 62.34 -44.71
CA LEU C 178 -11.11 61.16 -45.58
C LEU C 178 -10.02 60.16 -45.22
N ALA C 179 -8.79 60.64 -45.03
CA ALA C 179 -7.71 59.75 -44.64
C ALA C 179 -7.83 59.32 -43.17
N GLY C 180 -8.38 60.20 -42.33
CA GLY C 180 -8.57 59.84 -40.93
C GLY C 180 -9.51 58.67 -40.74
N THR C 181 -10.58 58.62 -41.54
CA THR C 181 -11.50 57.49 -41.47
C THR C 181 -10.78 56.18 -41.82
N LEU C 182 -9.97 56.19 -42.87
CA LEU C 182 -9.21 55.00 -43.24
C LEU C 182 -8.20 54.62 -42.16
N ILE C 183 -7.58 55.62 -41.53
CA ILE C 183 -6.66 55.33 -40.43
C ILE C 183 -7.40 54.66 -39.28
N THR C 184 -8.59 55.17 -38.94
CA THR C 184 -9.36 54.58 -37.85
C THR C 184 -9.80 53.16 -38.17
N LEU C 185 -10.21 52.90 -39.41
CA LEU C 185 -10.78 51.60 -39.76
C LEU C 185 -9.73 50.55 -40.11
N ASN C 186 -8.87 50.83 -41.09
CA ASN C 186 -7.98 49.82 -41.64
C ASN C 186 -6.71 49.61 -40.84
N ILE C 187 -6.38 50.51 -39.91
CA ILE C 187 -5.11 50.45 -39.17
C ILE C 187 -5.31 49.95 -37.75
N LYS C 188 -6.27 50.53 -37.03
CA LYS C 188 -6.44 50.25 -35.60
C LYS C 188 -7.46 49.15 -35.32
N ARG C 189 -8.57 49.09 -36.07
CA ARG C 189 -9.55 48.04 -35.88
C ARG C 189 -8.93 46.68 -36.19
N LYS C 190 -8.74 45.86 -35.17
CA LYS C 190 -8.08 44.57 -35.33
C LYS C 190 -8.85 43.48 -34.60
N GLY C 191 -8.90 42.31 -35.22
CA GLY C 191 -9.47 41.13 -34.60
C GLY C 191 -8.51 39.96 -34.68
N GLY C 192 -8.96 38.82 -34.17
CA GLY C 192 -8.10 37.65 -34.13
C GLY C 192 -6.90 37.90 -33.25
N LEU C 193 -5.71 37.62 -33.77
CA LEU C 193 -4.46 37.82 -33.03
C LEU C 193 -3.87 39.20 -33.33
N GLY C 194 -4.67 40.24 -33.17
CA GLY C 194 -4.24 41.59 -33.48
C GLY C 194 -3.95 41.80 -34.94
N THR C 195 -4.84 41.33 -35.81
CA THR C 195 -4.66 41.39 -37.26
C THR C 195 -5.54 42.50 -37.82
N SER C 196 -4.91 43.43 -38.54
CA SER C 196 -5.62 44.49 -39.23
C SER C 196 -6.12 44.01 -40.59
N PRO C 197 -7.17 44.63 -41.12
CA PRO C 197 -7.67 44.22 -42.45
C PRO C 197 -6.62 44.31 -43.55
N MET C 198 -5.78 45.34 -43.51
CA MET C 198 -4.70 45.43 -44.48
C MET C 198 -3.69 44.31 -44.30
N ASP C 199 -3.47 43.88 -43.05
CA ASP C 199 -2.63 42.70 -42.82
C ASP C 199 -3.27 41.46 -43.45
N ILE C 200 -4.59 41.33 -43.34
CA ILE C 200 -5.28 40.20 -43.97
C ILE C 200 -5.08 40.23 -45.48
N PHE C 201 -5.24 41.41 -46.09
CA PHE C 201 -5.07 41.53 -47.53
C PHE C 201 -3.64 41.19 -47.96
N ILE C 202 -2.65 41.71 -47.24
CA ILE C 202 -1.25 41.48 -47.60
C ILE C 202 -0.91 40.00 -47.44
N PHE C 203 -1.37 39.37 -46.37
CA PHE C 203 -1.14 37.94 -46.20
C PHE C 203 -1.85 37.13 -47.27
N ASN C 204 -3.05 37.53 -47.67
CA ASN C 204 -3.76 36.82 -48.74
C ASN C 204 -2.99 36.88 -50.04
N LYS C 205 -2.41 38.04 -50.37
CA LYS C 205 -1.59 38.15 -51.57
C LYS C 205 -0.43 37.15 -51.56
N GLU C 206 0.09 36.82 -50.37
CA GLU C 206 1.23 35.92 -50.29
C GLU C 206 0.89 34.54 -50.85
N GLN C 207 -0.20 33.93 -50.37
CA GLN C 207 -0.58 32.64 -50.91
C GLN C 207 -1.23 32.76 -52.29
N GLN C 208 -1.76 33.95 -52.63
CA GLN C 208 -2.29 34.14 -53.97
C GLN C 208 -1.20 34.11 -55.03
N ARG C 209 -0.01 34.63 -54.71
CA ARG C 209 1.10 34.65 -55.66
C ARG C 209 1.70 33.28 -55.93
N ILE C 210 1.49 32.31 -55.04
CA ILE C 210 2.17 31.02 -55.15
C ILE C 210 1.74 30.29 -56.41
N GLN C 211 0.44 30.29 -56.71
CA GLN C 211 -0.07 29.48 -57.80
C GLN C 211 0.41 29.95 -59.18
N GLN C 212 0.93 31.17 -59.29
CA GLN C 212 1.49 31.63 -60.55
C GLN C 212 2.69 30.79 -60.96
N GLN C 213 3.54 30.40 -60.00
CA GLN C 213 4.70 29.59 -60.31
C GLN C 213 4.31 28.23 -60.88
N SER C 214 3.16 27.70 -60.51
CA SER C 214 2.70 26.41 -61.03
C SER C 214 1.95 26.57 -62.35
N LYS C 215 1.09 27.60 -62.46
CA LYS C 215 0.31 27.79 -63.66
C LYS C 215 1.13 28.35 -64.81
N SER C 216 2.34 28.87 -64.52
CA SER C 216 3.17 29.41 -65.59
C SER C 216 3.60 28.31 -66.56
N LYS C 217 3.96 27.14 -66.05
CA LYS C 217 4.37 26.02 -66.89
C LYS C 217 3.22 25.07 -67.22
N GLN C 218 2.02 25.33 -66.70
CA GLN C 218 0.86 24.47 -66.90
C GLN C 218 -0.10 25.01 -67.94
N GLU C 219 0.28 26.04 -68.69
CA GLU C 219 -0.61 26.63 -69.67
C GLU C 219 -0.52 25.92 -71.02
N LYS C 220 -0.60 24.59 -71.03
CA LYS C 220 -0.52 23.84 -72.28
C LYS C 220 -1.11 22.45 -72.04
N ILE C 221 -2.26 22.18 -72.63
CA ILE C 221 -3.05 21.01 -72.26
C ILE C 221 -2.36 19.73 -72.74
N ARG C 222 -2.37 18.70 -71.88
CA ARG C 222 -1.79 17.41 -72.20
C ARG C 222 -2.74 16.29 -71.82
N PHE C 223 -2.70 15.21 -72.61
CA PHE C 223 -3.44 13.99 -72.31
C PHE C 223 -2.46 12.88 -71.94
N CYS C 224 -2.78 12.14 -70.89
CA CYS C 224 -1.88 11.11 -70.39
C CYS C 224 -2.67 9.92 -69.90
N TYR C 225 -2.02 8.76 -69.87
CA TYR C 225 -2.61 7.53 -69.38
C TYR C 225 -2.28 7.35 -67.89
N TYR C 226 -3.19 6.68 -67.19
CA TYR C 226 -3.04 6.42 -65.77
C TYR C 226 -3.24 4.93 -65.51
N ARG C 227 -2.54 4.43 -64.49
CA ARG C 227 -2.61 3.03 -64.10
C ARG C 227 -2.95 2.94 -62.62
N THR C 228 -3.93 2.10 -62.29
CA THR C 228 -4.41 1.97 -60.92
C THR C 228 -3.70 0.80 -60.24
N ARG C 229 -3.15 1.05 -59.06
CA ARG C 229 -2.47 0.03 -58.29
C ARG C 229 -3.44 -0.60 -57.30
N LYS C 230 -3.49 -1.94 -57.28
CA LYS C 230 -4.40 -2.67 -56.40
C LYS C 230 -3.62 -3.81 -55.75
N ARG C 231 -3.29 -3.63 -54.47
CA ARG C 231 -2.56 -4.64 -53.69
C ARG C 231 -1.23 -5.00 -54.36
N GLY C 232 -0.55 -3.99 -54.91
CA GLY C 232 0.72 -4.19 -55.57
C GLY C 232 0.64 -4.70 -56.99
N HIS C 233 -0.57 -4.89 -57.52
CA HIS C 233 -0.74 -5.42 -58.87
C HIS C 233 -1.04 -4.27 -59.83
N PRO C 234 -0.16 -4.00 -60.81
CA PRO C 234 -0.41 -2.86 -61.70
C PRO C 234 -1.72 -2.95 -62.48
N GLY C 235 -2.12 -4.17 -62.87
CA GLY C 235 -3.37 -4.37 -63.57
C GLY C 235 -3.30 -4.14 -65.05
N GLU C 236 -3.31 -2.86 -65.47
CA GLU C 236 -3.32 -2.50 -66.88
C GLU C 236 -3.25 -0.98 -66.98
N TRP C 237 -3.12 -0.49 -68.22
CA TRP C 237 -3.15 0.94 -68.49
C TRP C 237 -4.58 1.37 -68.80
N GLN C 238 -4.95 2.54 -68.28
CA GLN C 238 -6.29 3.08 -68.47
C GLN C 238 -6.19 4.54 -68.89
N GLY C 239 -7.21 5.00 -69.61
CA GLY C 239 -7.26 6.37 -70.06
C GLY C 239 -7.99 6.52 -71.39
N PRO C 240 -7.80 7.66 -72.06
CA PRO C 240 -6.99 8.79 -71.59
C PRO C 240 -7.72 9.65 -70.57
N THR C 241 -6.96 10.28 -69.68
CA THR C 241 -7.51 11.15 -68.64
C THR C 241 -6.80 12.49 -68.67
N GLN C 242 -7.56 13.57 -68.53
CA GLN C 242 -6.99 14.90 -68.51
C GLN C 242 -6.21 15.12 -67.22
N VAL C 243 -5.02 15.71 -67.36
CA VAL C 243 -4.20 16.04 -66.20
C VAL C 243 -4.74 17.32 -65.56
N LEU C 244 -5.13 17.23 -64.29
CA LEU C 244 -5.73 18.37 -63.61
C LEU C 244 -4.67 19.35 -63.13
N TRP C 245 -3.79 18.91 -62.24
CA TRP C 245 -2.72 19.76 -61.73
C TRP C 245 -1.45 18.94 -61.58
N GLY C 246 -0.31 19.64 -61.60
CA GLY C 246 0.97 19.01 -61.46
C GLY C 246 1.51 19.10 -60.05
N GLY C 247 2.45 18.20 -59.74
CA GLY C 247 3.07 18.16 -58.43
C GLY C 247 4.44 17.51 -58.50
N ASP C 248 5.09 17.46 -57.35
CA ASP C 248 6.43 16.87 -57.24
C ASP C 248 6.29 15.35 -57.24
N GLY C 249 6.14 14.79 -58.44
CA GLY C 249 6.00 13.37 -58.60
C GLY C 249 4.62 12.82 -58.39
N ALA C 250 3.61 13.67 -58.23
CA ALA C 250 2.23 13.24 -58.02
C ALA C 250 1.32 13.92 -59.04
N ILE C 251 0.39 13.15 -59.60
CA ILE C 251 -0.56 13.65 -60.59
C ILE C 251 -1.95 13.20 -60.17
N VAL C 252 -2.91 14.13 -60.19
CA VAL C 252 -4.29 13.85 -59.83
C VAL C 252 -5.10 13.71 -61.13
N VAL C 253 -5.98 12.71 -61.15
CA VAL C 253 -6.81 12.41 -62.32
C VAL C 253 -8.24 12.16 -61.84
N LYS C 254 -9.18 12.27 -62.78
CA LYS C 254 -10.58 11.99 -62.53
C LYS C 254 -10.92 10.59 -63.03
N ASP C 255 -11.59 9.82 -62.18
CA ASP C 255 -12.01 8.46 -62.50
C ASP C 255 -13.38 8.49 -63.16
N ARG C 256 -13.48 7.88 -64.34
CA ARG C 256 -14.76 7.82 -65.03
C ARG C 256 -15.74 6.88 -64.34
N GLY C 257 -15.25 5.78 -63.77
CA GLY C 257 -16.12 4.80 -63.14
C GLY C 257 -16.61 5.21 -61.76
N THR C 258 -15.69 5.42 -60.82
CA THR C 258 -16.04 5.74 -59.44
C THR C 258 -16.32 7.21 -59.22
N ASP C 259 -16.03 8.07 -60.21
CA ASP C 259 -16.27 9.51 -60.12
C ASP C 259 -15.58 10.11 -58.89
N ARG C 260 -14.32 9.71 -58.69
CA ARG C 260 -13.52 10.21 -57.58
C ARG C 260 -12.14 10.60 -58.09
N TYR C 261 -11.50 11.53 -57.38
CA TYR C 261 -10.17 11.98 -57.75
C TYR C 261 -9.12 11.03 -57.20
N LEU C 262 -8.20 10.62 -58.07
CA LEU C 262 -7.16 9.67 -57.71
C LEU C 262 -5.78 10.31 -57.89
N VAL C 263 -4.83 9.85 -57.08
CA VAL C 263 -3.47 10.36 -57.09
C VAL C 263 -2.54 9.22 -57.52
N ILE C 264 -1.68 9.50 -58.49
CA ILE C 264 -0.76 8.51 -59.04
C ILE C 264 0.64 9.09 -59.08
N ALA C 265 1.64 8.24 -58.83
CA ALA C 265 3.03 8.67 -58.90
C ALA C 265 3.44 8.92 -60.34
N ASN C 266 4.57 9.61 -60.50
CA ASN C 266 5.08 9.96 -61.82
C ASN C 266 5.64 8.78 -62.60
N LYS C 267 5.79 7.62 -61.96
CA LYS C 267 6.37 6.46 -62.61
C LYS C 267 5.33 5.57 -63.29
N ASP C 268 4.06 5.97 -63.28
CA ASP C 268 2.98 5.20 -63.89
C ASP C 268 2.18 6.08 -64.84
N VAL C 269 2.86 6.86 -65.66
CA VAL C 269 2.22 7.79 -66.58
C VAL C 269 3.12 7.96 -67.80
N LYS C 270 2.49 8.07 -68.97
CA LYS C 270 3.19 8.28 -70.23
C LYS C 270 2.66 9.57 -70.88
N PHE C 271 3.33 9.97 -71.97
CA PHE C 271 2.97 11.18 -72.70
C PHE C 271 2.32 10.79 -74.02
N ILE C 272 1.16 11.38 -74.29
CA ILE C 272 0.41 11.14 -75.52
C ILE C 272 0.56 12.37 -76.41
N PRO C 273 1.13 12.24 -77.61
CA PRO C 273 1.27 13.40 -78.49
C PRO C 273 -0.09 13.94 -78.92
N PRO C 274 -0.20 15.25 -79.14
CA PRO C 274 -1.46 15.88 -79.54
C PRO C 274 -1.80 15.61 -81.02
N ILE D 60 15.68 50.59 -43.63
CA ILE D 60 14.40 49.94 -43.35
C ILE D 60 13.27 50.96 -43.32
N ASP D 61 12.38 50.88 -44.30
CA ASP D 61 11.19 51.73 -44.40
C ASP D 61 11.57 53.21 -44.43
N HIS D 62 12.29 53.56 -45.50
CA HIS D 62 12.72 54.93 -45.76
C HIS D 62 11.96 55.48 -46.97
N TRP D 63 11.48 56.70 -46.86
CA TRP D 63 10.69 57.33 -47.90
C TRP D 63 11.25 58.70 -48.26
N GLN D 64 10.94 59.16 -49.46
CA GLN D 64 11.44 60.43 -49.97
C GLN D 64 10.39 61.04 -50.88
N VAL D 65 10.45 62.37 -51.02
CA VAL D 65 9.50 63.14 -51.81
C VAL D 65 10.26 63.97 -52.82
N ASP D 66 9.75 64.02 -54.05
CA ASP D 66 10.36 64.91 -55.03
C ASP D 66 9.31 65.38 -56.02
N TYR D 67 9.40 66.65 -56.42
CA TYR D 67 8.44 67.23 -57.35
C TYR D 67 9.09 67.42 -58.71
N THR D 68 8.25 67.34 -59.75
CA THR D 68 8.70 67.57 -61.12
C THR D 68 7.70 68.48 -61.82
N HIS D 69 8.20 69.22 -62.81
CA HIS D 69 7.40 70.17 -63.57
C HIS D 69 7.33 69.72 -65.02
N TYR D 70 6.12 69.61 -65.55
CA TYR D 70 5.90 69.20 -66.93
C TYR D 70 4.63 69.84 -67.44
N GLU D 71 4.74 70.49 -68.61
CA GLU D 71 3.59 71.12 -69.28
C GLU D 71 2.85 72.07 -68.34
N ASP D 72 3.62 72.89 -67.62
CA ASP D 72 3.07 73.86 -66.67
C ASP D 72 2.21 73.18 -65.61
N LYS D 73 2.62 71.99 -65.18
CA LYS D 73 1.92 71.26 -64.14
C LYS D 73 2.95 70.60 -63.22
N ILE D 74 2.56 70.39 -61.97
CA ILE D 74 3.44 69.88 -60.94
C ILE D 74 3.00 68.48 -60.55
N ILE D 75 3.94 67.54 -60.55
CA ILE D 75 3.68 66.16 -60.15
C ILE D 75 4.59 65.81 -59.00
N LEU D 76 3.99 65.34 -57.89
CA LEU D 76 4.73 64.91 -56.72
C LEU D 76 4.93 63.41 -56.78
N VAL D 77 6.12 62.96 -56.38
CA VAL D 77 6.54 61.57 -56.47
C VAL D 77 7.00 61.12 -55.10
N TRP D 78 6.41 60.02 -54.63
CA TRP D 78 6.83 59.32 -53.42
C TRP D 78 7.77 58.18 -53.84
N VAL D 79 8.94 58.11 -53.21
CA VAL D 79 9.97 57.16 -53.58
C VAL D 79 10.40 56.38 -52.34
N GLU D 80 10.65 55.09 -52.51
CA GLU D 80 11.18 54.24 -51.45
C GLU D 80 12.60 53.83 -51.81
N THR D 81 13.46 53.73 -50.79
CA THR D 81 14.88 53.46 -51.01
C THR D 81 15.19 51.97 -51.03
N ASN D 82 14.85 51.27 -49.94
CA ASN D 82 15.21 49.85 -49.83
C ASN D 82 14.51 49.01 -50.89
N SER D 83 13.23 49.25 -51.12
CA SER D 83 12.44 48.47 -52.05
C SER D 83 12.32 49.13 -53.42
N GLY D 84 11.88 50.39 -53.47
CA GLY D 84 11.77 51.09 -54.73
C GLY D 84 10.34 51.43 -55.11
N LEU D 85 9.48 51.61 -54.12
CA LEU D 85 8.11 52.01 -54.39
C LEU D 85 8.06 53.41 -54.99
N ILE D 86 7.25 53.58 -56.03
CA ILE D 86 7.09 54.86 -56.70
C ILE D 86 5.61 55.19 -56.80
N TYR D 87 5.25 56.39 -56.40
CA TYR D 87 3.88 56.88 -56.45
C TYR D 87 3.86 58.28 -57.03
N ALA D 88 2.82 58.60 -57.80
CA ALA D 88 2.73 59.89 -58.47
C ALA D 88 1.37 60.52 -58.21
N GLU D 89 1.36 61.84 -58.12
CA GLU D 89 0.11 62.58 -57.93
C GLU D 89 0.24 63.97 -58.53
N ARG D 90 -0.88 64.53 -58.97
CA ARG D 90 -0.90 65.86 -59.57
C ARG D 90 -1.20 66.90 -58.50
N VAL D 91 -0.25 67.80 -58.26
CA VAL D 91 -0.38 68.85 -57.26
C VAL D 91 -0.91 70.10 -57.96
N LYS D 92 -2.08 70.57 -57.53
CA LYS D 92 -2.72 71.70 -58.19
C LYS D 92 -2.01 73.01 -57.83
N GLY D 93 -2.01 73.36 -56.54
CA GLY D 93 -1.36 74.56 -56.07
C GLY D 93 -0.29 74.25 -55.03
N GLU D 94 0.46 75.30 -54.68
CA GLU D 94 1.57 75.19 -53.75
C GLU D 94 1.16 75.39 -52.31
N THR D 95 -0.15 75.50 -52.04
CA THR D 95 -0.64 75.65 -50.68
C THR D 95 -0.34 74.39 -49.86
N GLY D 96 -0.09 74.60 -48.56
CA GLY D 96 0.26 73.50 -47.68
C GLY D 96 -0.88 72.53 -47.42
N GLN D 97 -2.12 72.94 -47.70
CA GLN D 97 -3.26 72.05 -47.49
C GLN D 97 -3.16 70.83 -48.40
N GLU D 98 -2.77 71.04 -49.67
CA GLU D 98 -2.62 69.92 -50.59
C GLU D 98 -1.53 68.96 -50.12
N PHE D 99 -0.40 69.50 -49.66
CA PHE D 99 0.66 68.64 -49.16
C PHE D 99 0.21 67.86 -47.94
N ARG D 100 -0.53 68.51 -47.03
CA ARG D 100 -1.00 67.83 -45.83
C ARG D 100 -1.95 66.70 -46.18
N VAL D 101 -2.92 66.97 -47.06
CA VAL D 101 -3.89 65.93 -47.41
C VAL D 101 -3.21 64.80 -48.17
N GLN D 102 -2.23 65.11 -49.01
CA GLN D 102 -1.48 64.05 -49.69
C GLN D 102 -0.70 63.20 -48.70
N THR D 103 -0.06 63.84 -47.72
CA THR D 103 0.71 63.08 -46.72
C THR D 103 -0.20 62.16 -45.91
N MET D 104 -1.38 62.66 -45.52
CA MET D 104 -2.26 61.82 -44.71
C MET D 104 -2.91 60.73 -45.55
N LYS D 105 -3.18 61.00 -46.83
CA LYS D 105 -3.64 59.93 -47.72
C LYS D 105 -2.57 58.85 -47.87
N TRP D 106 -1.31 59.27 -48.01
CA TRP D 106 -0.22 58.31 -48.08
C TRP D 106 -0.11 57.49 -46.79
N TYR D 107 -0.27 58.14 -45.65
CA TYR D 107 -0.29 57.42 -44.37
C TYR D 107 -1.48 56.48 -44.28
N ALA D 108 -2.58 56.80 -44.97
CA ALA D 108 -3.73 55.90 -45.00
C ALA D 108 -3.43 54.68 -45.85
N MET D 109 -2.81 54.87 -47.01
CA MET D 109 -2.55 53.77 -47.92
C MET D 109 -1.19 53.11 -47.71
N PHE D 110 -0.34 53.65 -46.85
CA PHE D 110 0.97 53.07 -46.58
C PHE D 110 1.28 53.19 -45.09
N ALA D 111 2.18 52.33 -44.62
CA ALA D 111 2.60 52.27 -43.22
C ALA D 111 4.10 52.54 -43.16
N PRO D 112 4.52 53.79 -43.10
CA PRO D 112 5.95 54.11 -43.05
C PRO D 112 6.49 54.10 -41.63
N LYS D 113 7.82 54.17 -41.54
CA LYS D 113 8.49 54.24 -40.25
C LYS D 113 9.49 55.40 -40.23
N SER D 114 10.06 55.72 -41.38
CA SER D 114 11.04 56.80 -41.49
C SER D 114 10.85 57.52 -42.82
N LEU D 115 10.88 58.85 -42.79
CA LEU D 115 10.71 59.66 -43.97
C LEU D 115 11.76 60.77 -43.97
N GLN D 116 12.43 60.96 -45.11
CA GLN D 116 13.41 62.01 -45.29
C GLN D 116 13.05 62.83 -46.52
N SER D 117 13.18 64.15 -46.40
CA SER D 117 12.83 65.04 -47.50
C SER D 117 13.61 66.33 -47.37
N ASP D 118 13.66 67.09 -48.46
CA ASP D 118 14.37 68.36 -48.50
C ASP D 118 13.47 69.46 -47.92
N ASN D 119 13.90 70.71 -48.05
CA ASN D 119 13.15 71.85 -47.54
C ASN D 119 12.13 72.32 -48.54
N GLY D 120 11.05 72.92 -48.04
CA GLY D 120 9.99 73.43 -48.86
C GLY D 120 9.36 74.68 -48.28
N PRO D 121 8.73 75.49 -49.14
CA PRO D 121 8.08 76.72 -48.63
C PRO D 121 6.99 76.44 -47.61
N ALA D 122 6.25 75.36 -47.75
CA ALA D 122 5.18 75.01 -46.82
C ALA D 122 5.61 73.95 -45.80
N PHE D 123 6.73 73.27 -46.02
CA PHE D 123 7.18 72.25 -45.08
C PHE D 123 7.54 72.86 -43.74
N VAL D 124 8.19 74.03 -43.74
CA VAL D 124 8.62 74.69 -42.51
C VAL D 124 7.42 75.50 -42.02
N ALA D 125 6.57 74.85 -41.24
CA ALA D 125 5.39 75.50 -40.66
C ALA D 125 5.04 74.79 -39.37
N GLU D 126 4.73 75.58 -38.34
CA GLU D 126 4.46 75.00 -37.02
C GLU D 126 3.29 74.03 -37.07
N SER D 127 2.25 74.37 -37.84
CA SER D 127 1.12 73.46 -38.00
C SER D 127 1.55 72.15 -38.66
N THR D 128 2.44 72.23 -39.65
CA THR D 128 2.90 71.02 -40.32
C THR D 128 3.66 70.10 -39.35
N GLN D 129 4.56 70.66 -38.55
CA GLN D 129 5.28 69.84 -37.58
C GLN D 129 4.33 69.29 -36.52
N LEU D 130 3.36 70.10 -36.09
CA LEU D 130 2.39 69.60 -35.12
C LEU D 130 1.60 68.43 -35.69
N LEU D 131 1.18 68.52 -36.95
CA LEU D 131 0.42 67.43 -37.56
C LEU D 131 1.29 66.18 -37.73
N MET D 132 2.54 66.36 -38.18
CA MET D 132 3.39 65.19 -38.38
C MET D 132 3.77 64.53 -37.06
N LYS D 133 3.83 65.30 -35.97
CA LYS D 133 4.01 64.72 -34.65
C LYS D 133 2.73 64.08 -34.14
N TYR D 134 1.57 64.62 -34.52
CA TYR D 134 0.30 63.97 -34.23
C TYR D 134 0.24 62.59 -34.86
N LEU D 135 0.69 62.47 -36.11
CA LEU D 135 0.78 61.17 -36.75
C LEU D 135 1.88 60.30 -36.16
N GLY D 136 2.82 60.88 -35.41
CA GLY D 136 3.88 60.13 -34.78
C GLY D 136 5.06 59.80 -35.67
N ILE D 137 5.04 60.21 -36.93
CA ILE D 137 6.15 59.93 -37.83
C ILE D 137 7.30 60.88 -37.55
N GLU D 138 8.51 60.45 -37.92
CA GLU D 138 9.72 61.23 -37.75
C GLU D 138 10.14 61.85 -39.08
N HIS D 139 10.82 62.99 -39.01
CA HIS D 139 11.29 63.68 -40.20
C HIS D 139 12.52 64.50 -39.83
N THR D 140 13.44 64.61 -40.78
CA THR D 140 14.68 65.36 -40.59
C THR D 140 14.85 66.37 -41.71
N THR D 141 15.46 67.49 -41.38
CA THR D 141 15.70 68.58 -42.32
C THR D 141 17.15 68.52 -42.83
N GLY D 142 17.40 69.25 -43.89
CA GLY D 142 18.71 69.30 -44.50
C GLY D 142 18.76 68.51 -45.80
N ILE D 143 19.56 69.02 -46.73
CA ILE D 143 19.68 68.35 -48.04
C ILE D 143 20.40 67.02 -47.86
N PRO D 144 19.91 65.94 -48.46
CA PRO D 144 20.61 64.65 -48.35
C PRO D 144 21.99 64.71 -49.01
N TRP D 145 22.95 64.03 -48.41
CA TRP D 145 24.30 63.95 -48.93
C TRP D 145 24.66 62.55 -49.42
N ASN D 146 23.69 61.64 -49.46
CA ASN D 146 23.95 60.28 -49.91
C ASN D 146 23.86 60.21 -51.42
N PRO D 147 24.94 59.86 -52.12
CA PRO D 147 24.86 59.73 -53.59
C PRO D 147 23.87 58.67 -54.05
N GLN D 148 23.68 57.61 -53.27
CA GLN D 148 22.76 56.55 -53.67
C GLN D 148 21.33 57.07 -53.77
N SER D 149 20.89 57.87 -52.80
CA SER D 149 19.54 58.41 -52.84
C SER D 149 19.35 59.31 -54.05
N GLN D 150 20.33 60.18 -54.33
CA GLN D 150 20.23 61.06 -55.48
C GLN D 150 20.18 60.28 -56.78
N ALA D 151 21.02 59.25 -56.90
CA ALA D 151 21.03 58.43 -58.12
C ALA D 151 19.70 57.71 -58.30
N LEU D 152 19.16 57.14 -57.22
CA LEU D 152 17.88 56.44 -57.31
C LEU D 152 16.76 57.40 -57.70
N VAL D 153 16.74 58.60 -57.10
CA VAL D 153 15.70 59.57 -57.40
C VAL D 153 15.79 60.01 -58.85
N GLU D 154 17.00 60.30 -59.33
CA GLU D 154 17.18 60.74 -60.71
C GLU D 154 16.79 59.65 -61.69
N ARG D 155 17.19 58.41 -61.42
CA ARG D 155 16.84 57.31 -62.32
C ARG D 155 15.34 57.08 -62.36
N THR D 156 14.68 57.10 -61.19
CA THR D 156 13.24 56.91 -61.16
C THR D 156 12.53 58.04 -61.91
N HIS D 157 12.98 59.28 -61.72
CA HIS D 157 12.34 60.41 -62.39
C HIS D 157 12.51 60.34 -63.90
N GLN D 158 13.73 60.04 -64.37
CA GLN D 158 13.95 59.95 -65.81
C GLN D 158 13.16 58.78 -66.40
N THR D 159 13.09 57.66 -65.69
CA THR D 159 12.32 56.51 -66.20
C THR D 159 10.84 56.84 -66.29
N LEU D 160 10.29 57.48 -65.25
CA LEU D 160 8.86 57.82 -65.29
C LEU D 160 8.58 58.85 -66.37
N LYS D 161 9.46 59.83 -66.55
CA LYS D 161 9.27 60.80 -67.61
C LYS D 161 9.30 60.15 -68.99
N ASN D 162 10.26 59.24 -69.21
CA ASN D 162 10.34 58.54 -70.49
C ASN D 162 9.09 57.70 -70.72
N THR D 163 8.62 56.99 -69.70
CA THR D 163 7.43 56.17 -69.87
C THR D 163 6.19 57.02 -70.16
N LEU D 164 6.04 58.15 -69.45
CA LEU D 164 4.85 58.97 -69.67
C LEU D 164 4.88 59.65 -71.03
N GLU D 165 6.08 60.08 -71.48
CA GLU D 165 6.15 60.68 -72.81
C GLU D 165 6.01 59.64 -73.92
N LYS D 166 6.36 58.38 -73.65
CA LYS D 166 6.12 57.33 -74.62
C LYS D 166 4.65 56.94 -74.70
N LEU D 167 3.92 57.08 -73.61
CA LEU D 167 2.54 56.62 -73.51
C LEU D 167 1.53 57.68 -73.91
N ILE D 168 1.98 58.81 -74.48
CA ILE D 168 1.07 59.93 -74.75
C ILE D 168 -0.07 59.55 -75.68
N PRO D 169 0.16 58.93 -76.85
CA PRO D 169 -0.96 58.72 -77.78
C PRO D 169 -2.04 57.78 -77.27
N MET D 170 -1.74 56.90 -76.31
CA MET D 170 -2.69 55.87 -75.92
C MET D 170 -3.89 56.44 -75.16
N PHE D 171 -3.69 57.51 -74.39
CA PHE D 171 -4.76 58.06 -73.57
C PHE D 171 -5.33 59.32 -74.23
N ASN D 172 -6.43 59.80 -73.67
CA ASN D 172 -7.09 61.03 -74.09
C ASN D 172 -7.30 62.01 -72.96
N ALA D 173 -7.59 61.53 -71.75
CA ALA D 173 -7.79 62.37 -70.58
C ALA D 173 -6.44 62.68 -69.93
N PHE D 174 -6.47 63.27 -68.74
CA PHE D 174 -5.25 63.57 -68.00
C PHE D 174 -5.13 62.77 -66.71
N GLU D 175 -6.13 62.84 -65.83
CA GLU D 175 -6.07 62.06 -64.59
C GLU D 175 -6.02 60.57 -64.90
N SER D 176 -6.81 60.12 -65.88
CA SER D 176 -6.67 58.76 -66.37
C SER D 176 -5.25 58.49 -66.84
N ALA D 177 -4.62 59.46 -67.50
CA ALA D 177 -3.26 59.28 -67.99
C ALA D 177 -2.28 59.10 -66.84
N LEU D 178 -2.38 59.95 -65.80
CA LEU D 178 -1.49 59.81 -64.66
C LEU D 178 -1.67 58.47 -63.96
N ALA D 179 -2.92 58.07 -63.74
CA ALA D 179 -3.15 56.82 -63.04
C ALA D 179 -2.74 55.62 -63.88
N GLY D 180 -2.90 55.70 -65.20
CA GLY D 180 -2.43 54.64 -66.07
C GLY D 180 -0.91 54.54 -66.09
N THR D 181 -0.22 55.68 -66.10
CA THR D 181 1.23 55.67 -65.98
C THR D 181 1.65 55.06 -64.64
N LEU D 182 0.92 55.39 -63.58
CA LEU D 182 1.21 54.77 -62.28
C LEU D 182 1.05 53.26 -62.35
N ILE D 183 -0.02 52.79 -63.00
CA ILE D 183 -0.23 51.35 -63.16
C ILE D 183 0.94 50.72 -63.90
N THR D 184 1.32 51.31 -65.03
CA THR D 184 2.39 50.73 -65.84
C THR D 184 3.71 50.71 -65.10
N LEU D 185 4.04 51.79 -64.40
CA LEU D 185 5.30 51.85 -63.67
C LEU D 185 5.31 50.88 -62.49
N ASN D 186 4.18 50.74 -61.79
CA ASN D 186 4.13 49.89 -60.62
C ASN D 186 3.95 48.42 -60.95
N ILE D 187 3.55 48.08 -62.17
CA ILE D 187 3.29 46.70 -62.58
C ILE D 187 4.40 46.18 -63.48
N LYS D 188 4.74 46.92 -64.54
CA LYS D 188 5.71 46.44 -65.51
C LYS D 188 7.14 46.41 -64.98
N ARG D 189 7.40 47.04 -63.83
CA ARG D 189 8.74 47.06 -63.26
C ARG D 189 9.01 45.70 -62.60
N LYS D 190 9.82 44.87 -63.26
CA LYS D 190 10.18 43.55 -62.76
C LYS D 190 11.62 43.58 -62.29
N GLY D 191 11.81 43.47 -60.98
CA GLY D 191 13.13 43.48 -60.38
C GLY D 191 13.43 42.15 -59.73
N GLY D 192 14.71 41.75 -59.80
CA GLY D 192 15.12 40.48 -59.26
C GLY D 192 14.47 39.31 -59.97
N LEU D 193 13.74 38.48 -59.22
CA LEU D 193 13.02 37.35 -59.80
C LEU D 193 11.64 37.76 -60.28
N GLY D 194 11.58 38.80 -61.10
CA GLY D 194 10.33 39.30 -61.63
C GLY D 194 9.39 39.81 -60.55
N THR D 195 9.91 40.58 -59.61
CA THR D 195 9.14 41.06 -58.46
C THR D 195 8.80 42.53 -58.65
N SER D 196 7.52 42.86 -58.56
CA SER D 196 7.08 44.25 -58.60
C SER D 196 7.49 44.96 -57.32
N PRO D 197 7.65 46.29 -57.37
CA PRO D 197 7.94 47.03 -56.12
C PRO D 197 6.90 46.81 -55.04
N MET D 198 5.62 46.75 -55.41
CA MET D 198 4.61 46.40 -54.41
C MET D 198 4.78 44.96 -53.95
N ASP D 199 5.20 44.07 -54.84
CA ASP D 199 5.44 42.68 -54.45
C ASP D 199 6.56 42.59 -53.42
N ILE D 200 7.68 43.27 -53.66
CA ILE D 200 8.77 43.22 -52.69
C ILE D 200 8.38 43.94 -51.41
N PHE D 201 7.54 44.98 -51.50
CA PHE D 201 7.07 45.65 -50.29
C PHE D 201 6.24 44.71 -49.42
N ILE D 202 5.31 43.99 -50.04
CA ILE D 202 4.50 43.05 -49.26
C ILE D 202 5.34 41.89 -48.77
N PHE D 203 6.37 41.49 -49.54
CA PHE D 203 7.31 40.48 -49.05
C PHE D 203 7.99 40.94 -47.78
N ASN D 204 8.48 42.19 -47.78
CA ASN D 204 9.14 42.73 -46.59
C ASN D 204 8.18 42.81 -45.41
N LYS D 205 6.95 43.23 -45.68
CA LYS D 205 5.96 43.34 -44.60
C LYS D 205 5.65 41.97 -44.00
N GLU D 206 5.41 40.97 -44.84
CA GLU D 206 5.11 39.65 -44.30
C GLU D 206 6.32 39.03 -43.62
N GLN D 207 7.53 39.31 -44.11
CA GLN D 207 8.74 38.79 -43.47
C GLN D 207 8.91 39.39 -42.08
N GLN D 208 8.74 40.71 -41.96
CA GLN D 208 8.87 41.33 -40.65
C GLN D 208 7.76 40.88 -39.71
N ARG D 209 6.55 40.70 -40.24
CA ARG D 209 5.44 40.21 -39.40
C ARG D 209 5.72 38.81 -38.88
N ILE D 210 6.20 37.92 -39.75
CA ILE D 210 6.43 36.53 -39.32
C ILE D 210 7.64 36.45 -38.39
N GLN D 211 8.65 37.31 -38.60
CA GLN D 211 9.79 37.30 -37.69
C GLN D 211 9.45 37.93 -36.34
N GLN D 212 8.49 38.85 -36.29
CA GLN D 212 8.01 39.39 -35.03
C GLN D 212 7.09 38.44 -34.29
N GLN D 213 6.29 37.66 -35.03
CA GLN D 213 5.34 36.74 -34.42
C GLN D 213 5.90 35.34 -34.22
N SER D 214 7.15 35.08 -34.64
CA SER D 214 7.73 33.76 -34.48
C SER D 214 8.03 33.41 -33.03
N LYS D 215 8.10 34.41 -32.15
CA LYS D 215 8.40 34.16 -30.74
C LYS D 215 7.27 33.41 -30.03
N SER D 216 6.05 33.45 -30.58
CA SER D 216 4.93 32.78 -29.93
C SER D 216 5.13 31.27 -29.87
N LYS D 217 5.62 30.67 -30.96
CA LYS D 217 5.82 29.23 -30.99
C LYS D 217 6.96 28.77 -30.11
N GLN D 218 7.85 29.68 -29.71
CA GLN D 218 8.99 29.33 -28.87
C GLN D 218 8.68 29.39 -27.38
N GLU D 219 7.72 30.21 -26.96
CA GLU D 219 7.40 30.38 -25.55
C GLU D 219 6.24 29.45 -25.15
N LYS D 220 6.53 28.15 -25.11
CA LYS D 220 5.51 27.20 -24.68
C LYS D 220 5.90 26.57 -23.34
N ILE D 221 7.05 25.90 -23.31
CA ILE D 221 7.64 25.31 -22.11
C ILE D 221 6.54 24.65 -21.26
N ARG D 222 5.79 23.74 -21.87
CA ARG D 222 4.70 23.08 -21.14
C ARG D 222 5.25 22.05 -20.16
N PHE D 223 4.48 21.78 -19.12
CA PHE D 223 4.86 20.83 -18.09
C PHE D 223 4.11 19.52 -18.27
N CYS D 224 4.67 18.45 -17.72
CA CYS D 224 4.05 17.13 -17.87
C CYS D 224 4.33 16.29 -16.65
N TYR D 225 3.45 15.30 -16.44
CA TYR D 225 3.63 14.24 -15.47
C TYR D 225 4.09 12.98 -16.18
N TYR D 226 4.53 12.00 -15.37
CA TYR D 226 4.97 10.73 -15.94
C TYR D 226 4.86 9.65 -14.88
N ARG D 227 4.87 8.40 -15.35
CA ARG D 227 4.84 7.24 -14.47
C ARG D 227 5.53 6.09 -15.18
N THR D 228 6.02 5.14 -14.38
CA THR D 228 6.76 3.99 -14.89
C THR D 228 6.07 2.71 -14.42
N ARG D 229 6.43 1.61 -15.07
CA ARG D 229 5.91 0.29 -14.73
C ARG D 229 6.97 -0.44 -13.91
N LYS D 230 6.60 -0.82 -12.69
CA LYS D 230 7.49 -1.53 -11.77
C LYS D 230 6.82 -2.82 -11.33
N ARG D 231 7.52 -3.94 -11.52
CA ARG D 231 7.04 -5.26 -11.10
C ARG D 231 5.68 -5.59 -11.70
N GLY D 232 5.47 -5.17 -12.95
CA GLY D 232 4.25 -5.46 -13.65
C GLY D 232 3.06 -4.60 -13.30
N HIS D 233 3.25 -3.56 -12.49
CA HIS D 233 2.16 -2.68 -12.10
C HIS D 233 2.58 -1.23 -12.28
N PRO D 234 1.63 -0.34 -12.59
CA PRO D 234 1.97 1.07 -12.73
C PRO D 234 2.39 1.69 -11.42
N GLY D 235 3.27 2.70 -11.52
CA GLY D 235 3.75 3.41 -10.36
C GLY D 235 2.95 4.67 -10.08
N GLU D 236 3.42 5.41 -9.08
CA GLU D 236 2.76 6.66 -8.69
C GLU D 236 3.07 7.75 -9.72
N TRP D 237 2.22 8.77 -9.73
CA TRP D 237 2.35 9.89 -10.66
C TRP D 237 3.46 10.80 -10.17
N GLN D 238 4.67 10.58 -10.66
CA GLN D 238 5.81 11.43 -10.30
C GLN D 238 5.73 12.76 -11.05
N GLY D 239 6.15 13.82 -10.36
CA GLY D 239 6.13 15.16 -10.92
C GLY D 239 5.73 16.19 -9.90
N PRO D 240 5.41 17.41 -10.36
CA PRO D 240 5.42 17.84 -11.76
C PRO D 240 6.82 18.15 -12.28
N THR D 241 6.97 18.22 -13.60
CA THR D 241 8.27 18.46 -14.21
C THR D 241 8.05 19.03 -15.60
N GLN D 242 9.14 19.57 -16.15
CA GLN D 242 9.11 20.22 -17.47
C GLN D 242 9.57 19.23 -18.53
N VAL D 243 8.79 19.10 -19.60
CA VAL D 243 9.16 18.23 -20.70
C VAL D 243 10.31 18.86 -21.48
N LEU D 244 11.18 18.01 -22.04
CA LEU D 244 12.33 18.47 -22.80
C LEU D 244 12.07 18.44 -24.31
N TRP D 245 11.71 17.27 -24.84
CA TRP D 245 11.37 17.15 -26.25
C TRP D 245 10.20 16.18 -26.39
N GLY D 246 9.16 16.62 -27.10
CA GLY D 246 7.99 15.80 -27.31
C GLY D 246 7.70 15.52 -28.77
N GLY D 247 7.86 14.26 -29.18
CA GLY D 247 7.55 13.83 -30.51
C GLY D 247 6.35 12.89 -30.55
N ASP D 248 6.13 12.32 -31.73
CA ASP D 248 5.03 11.37 -31.89
C ASP D 248 5.34 10.09 -31.12
N GLY D 249 4.35 9.61 -30.38
CA GLY D 249 4.46 8.36 -29.64
C GLY D 249 4.99 8.48 -28.22
N ALA D 250 6.00 9.32 -28.01
CA ALA D 250 6.63 9.42 -26.69
C ALA D 250 7.30 10.77 -26.55
N ILE D 251 7.61 11.11 -25.29
CA ILE D 251 8.32 12.33 -24.94
C ILE D 251 9.48 11.97 -24.03
N VAL D 252 10.51 12.82 -24.03
CA VAL D 252 11.70 12.61 -23.20
C VAL D 252 11.66 13.63 -22.07
N VAL D 253 12.00 13.17 -20.86
CA VAL D 253 11.90 13.98 -19.66
C VAL D 253 13.13 13.75 -18.78
N LYS D 254 13.42 14.72 -17.94
CA LYS D 254 14.49 14.63 -16.95
C LYS D 254 13.93 14.13 -15.62
N ASP D 255 14.56 13.11 -15.06
CA ASP D 255 14.16 12.54 -13.78
C ASP D 255 15.03 13.12 -12.67
N ARG D 256 14.41 13.32 -11.50
CA ARG D 256 15.13 13.84 -10.35
C ARG D 256 15.66 12.74 -9.44
N GLY D 257 15.00 11.57 -9.42
CA GLY D 257 15.44 10.50 -8.54
C GLY D 257 16.82 9.96 -8.89
N THR D 258 17.08 9.77 -10.19
CA THR D 258 18.36 9.23 -10.64
C THR D 258 19.12 10.18 -11.55
N ASP D 259 18.60 11.38 -11.82
CA ASP D 259 19.24 12.34 -12.70
C ASP D 259 19.56 11.75 -14.07
N ARG D 260 18.60 10.98 -14.61
CA ARG D 260 18.75 10.31 -15.89
C ARG D 260 17.60 10.69 -16.81
N TYR D 261 17.88 10.72 -18.11
CA TYR D 261 16.85 10.98 -19.10
C TYR D 261 15.97 9.74 -19.28
N LEU D 262 14.66 9.95 -19.35
CA LEU D 262 13.72 8.85 -19.53
C LEU D 262 12.73 9.19 -20.63
N VAL D 263 12.50 8.23 -21.52
CA VAL D 263 11.52 8.37 -22.59
C VAL D 263 10.26 7.61 -22.20
N ILE D 264 9.11 8.29 -22.27
CA ILE D 264 7.84 7.73 -21.82
C ILE D 264 6.80 7.98 -22.90
N ALA D 265 6.02 6.94 -23.20
CA ALA D 265 4.99 7.04 -24.23
C ALA D 265 3.86 7.97 -23.78
N ASN D 266 2.97 8.28 -24.72
CA ASN D 266 1.85 9.18 -24.45
C ASN D 266 0.72 8.51 -23.68
N LYS D 267 0.76 7.20 -23.49
CA LYS D 267 -0.33 6.48 -22.84
C LYS D 267 -0.23 6.49 -21.31
N ASP D 268 0.82 7.09 -20.75
CA ASP D 268 0.95 7.18 -19.30
C ASP D 268 1.51 8.55 -18.89
N VAL D 269 1.00 9.62 -19.51
CA VAL D 269 1.43 10.97 -19.18
C VAL D 269 0.22 11.88 -19.07
N LYS D 270 0.42 13.01 -18.40
CA LYS D 270 -0.58 14.07 -18.30
C LYS D 270 0.10 15.40 -18.59
N PHE D 271 -0.66 16.35 -19.11
CA PHE D 271 -0.11 17.63 -19.55
C PHE D 271 -0.65 18.75 -18.67
N ILE D 272 0.24 19.55 -18.12
CA ILE D 272 -0.11 20.60 -17.16
C ILE D 272 0.60 21.89 -17.56
N PRO D 273 -0.08 23.04 -17.52
CA PRO D 273 0.60 24.30 -17.77
C PRO D 273 1.63 24.59 -16.68
N PRO D 274 2.67 25.34 -16.99
CA PRO D 274 3.73 25.61 -16.00
C PRO D 274 3.17 26.37 -14.81
N PRO D 275 3.66 26.07 -13.60
CA PRO D 275 3.16 26.76 -12.40
C PRO D 275 3.68 28.19 -12.31
N LYS D 276 3.36 28.88 -11.22
CA LYS D 276 3.80 30.25 -11.01
C LYS D 276 5.31 30.31 -10.78
N TRP E 1 13.76 -29.32 -15.22
CA TRP E 1 15.06 -29.93 -15.49
C TRP E 1 15.38 -31.01 -14.48
N ILE E 2 14.35 -31.49 -13.78
CA ILE E 2 14.56 -32.52 -12.77
C ILE E 2 14.44 -33.91 -13.38
N GLU E 3 13.62 -34.06 -14.41
CA GLU E 3 13.32 -35.38 -14.96
C GLU E 3 14.54 -36.01 -15.62
N ASN E 4 15.45 -35.20 -16.16
CA ASN E 4 16.63 -35.72 -16.86
C ASN E 4 17.85 -35.84 -15.95
N ILE E 5 17.71 -35.53 -14.66
CA ILE E 5 18.86 -35.62 -13.75
C ILE E 5 19.37 -37.05 -13.61
N PRO E 6 18.54 -38.08 -13.37
CA PRO E 6 19.07 -39.45 -13.31
C PRO E 6 19.68 -39.91 -14.63
N LEU E 7 19.07 -39.50 -15.74
CA LEU E 7 19.61 -39.84 -17.05
C LEU E 7 20.97 -39.19 -17.25
N ALA E 8 21.10 -37.92 -16.84
CA ALA E 8 22.40 -37.25 -16.94
C ALA E 8 23.43 -37.92 -16.04
N GLU E 9 23.00 -38.38 -14.86
CA GLU E 9 23.92 -39.05 -13.94
C GLU E 9 24.42 -40.36 -14.53
N GLU E 10 23.52 -41.15 -15.14
CA GLU E 10 23.96 -42.40 -15.74
C GLU E 10 24.81 -42.15 -16.98
N GLU E 11 24.53 -41.08 -17.73
CA GLU E 11 25.41 -40.70 -18.83
C GLU E 11 26.79 -40.33 -18.32
N HIS E 12 26.86 -39.60 -17.20
CA HIS E 12 28.15 -39.27 -16.59
C HIS E 12 28.88 -40.54 -16.17
N ASN E 13 28.15 -41.50 -15.58
CA ASN E 13 28.76 -42.77 -15.24
C ASN E 13 29.30 -43.49 -16.47
N LYS E 14 28.57 -43.45 -17.59
CA LYS E 14 29.02 -44.06 -18.84
C LYS E 14 30.23 -43.38 -19.44
N TRP E 15 30.31 -42.05 -19.37
CA TRP E 15 31.35 -41.29 -20.06
C TRP E 15 32.37 -40.63 -19.12
N HIS E 16 31.95 -40.14 -17.96
CA HIS E 16 32.81 -39.38 -17.05
C HIS E 16 33.38 -38.15 -17.73
N GLN E 17 32.49 -37.24 -18.11
CA GLN E 17 32.86 -35.98 -18.71
C GLN E 17 32.99 -34.92 -17.61
N ASP E 18 33.13 -33.66 -18.00
CA ASP E 18 33.23 -32.57 -17.05
C ASP E 18 31.89 -31.85 -16.88
N ALA E 19 31.81 -31.04 -15.82
CA ALA E 19 30.54 -30.44 -15.44
C ALA E 19 30.05 -29.45 -16.48
N VAL E 20 30.96 -28.68 -17.07
CA VAL E 20 30.55 -27.62 -18.00
C VAL E 20 29.85 -28.21 -19.22
N SER E 21 30.36 -29.32 -19.76
CA SER E 21 29.72 -29.96 -20.90
C SER E 21 28.34 -30.47 -20.54
N LEU E 22 28.20 -31.07 -19.36
CA LEU E 22 26.89 -31.56 -18.92
C LEU E 22 25.89 -30.42 -18.80
N HIS E 23 26.31 -29.31 -18.20
CA HIS E 23 25.43 -28.15 -18.07
C HIS E 23 25.06 -27.58 -19.43
N LEU E 24 26.03 -27.51 -20.34
CA LEU E 24 25.82 -26.83 -21.61
C LEU E 24 25.07 -27.70 -22.62
N GLU E 25 25.05 -29.02 -22.42
CA GLU E 25 24.37 -29.91 -23.35
C GLU E 25 23.07 -30.47 -22.79
N PHE E 26 22.86 -30.41 -21.47
CA PHE E 26 21.63 -30.94 -20.87
C PHE E 26 20.73 -29.86 -20.30
N GLY E 27 21.19 -28.62 -20.16
CA GLY E 27 20.41 -27.57 -19.54
C GLY E 27 20.41 -27.59 -18.02
N ILE E 28 21.16 -28.49 -17.40
CA ILE E 28 21.24 -28.56 -15.93
C ILE E 28 21.91 -27.31 -15.41
N PRO E 29 21.47 -26.76 -14.27
CA PRO E 29 22.17 -25.62 -13.68
C PRO E 29 23.61 -25.97 -13.33
N ARG E 30 24.47 -24.94 -13.37
CA ARG E 30 25.90 -25.16 -13.19
C ARG E 30 26.21 -25.74 -11.81
N THR E 31 25.53 -25.27 -10.77
CA THR E 31 25.80 -25.76 -9.42
C THR E 31 25.52 -27.24 -9.31
N ALA E 32 24.43 -27.71 -9.92
CA ALA E 32 24.10 -29.14 -9.88
C ALA E 32 25.18 -29.97 -10.57
N ALA E 33 25.68 -29.51 -11.71
CA ALA E 33 26.74 -30.24 -12.40
C ALA E 33 28.04 -30.24 -11.59
N GLU E 34 28.35 -29.12 -10.95
CA GLU E 34 29.54 -29.06 -10.10
C GLU E 34 29.43 -30.03 -8.94
N ASP E 35 28.26 -30.11 -8.31
CA ASP E 35 28.07 -31.06 -7.21
C ASP E 35 28.09 -32.50 -7.72
N ILE E 36 27.58 -32.75 -8.92
CA ILE E 36 27.60 -34.10 -9.48
C ILE E 36 29.05 -34.55 -9.70
N VAL E 37 29.87 -33.68 -10.31
CA VAL E 37 31.26 -34.05 -10.54
C VAL E 37 32.05 -34.06 -9.25
N GLN E 38 31.63 -33.31 -8.23
CA GLN E 38 32.24 -33.43 -6.91
C GLN E 38 31.95 -34.78 -6.28
N GLN E 39 30.72 -35.28 -6.44
CA GLN E 39 30.37 -36.59 -5.89
C GLN E 39 31.11 -37.71 -6.61
N CYS E 40 31.53 -37.48 -7.85
CA CYS E 40 32.29 -38.48 -8.60
C CYS E 40 33.67 -38.66 -7.98
N ASP E 41 33.93 -39.83 -7.39
CA ASP E 41 35.21 -40.07 -6.74
C ASP E 41 36.36 -40.03 -7.73
N VAL E 42 36.17 -40.62 -8.92
CA VAL E 42 37.23 -40.62 -9.92
C VAL E 42 37.53 -39.21 -10.38
N CYS E 43 36.49 -38.41 -10.64
CA CYS E 43 36.69 -37.04 -11.07
C CYS E 43 37.26 -36.17 -9.96
N GLN E 44 36.95 -36.48 -8.71
CA GLN E 44 37.45 -35.69 -7.59
C GLN E 44 38.91 -35.99 -7.29
N GLU E 45 39.30 -37.27 -7.36
CA GLU E 45 40.64 -37.67 -6.91
C GLU E 45 41.75 -37.29 -7.88
N ASN E 46 41.43 -37.04 -9.15
CA ASN E 46 42.45 -36.74 -10.14
C ASN E 46 42.65 -35.25 -10.36
N LYS E 47 41.98 -34.40 -9.58
CA LYS E 47 42.13 -32.96 -9.71
C LYS E 47 43.47 -32.51 -9.13
N ILE E 60 45.76 -22.62 -39.79
CA ILE E 60 44.55 -23.15 -40.41
C ILE E 60 44.85 -24.47 -41.12
N ASP E 61 44.19 -25.54 -40.67
CA ASP E 61 44.34 -26.88 -41.25
C ASP E 61 45.79 -27.34 -41.17
N HIS E 62 46.29 -27.43 -39.95
CA HIS E 62 47.65 -27.88 -39.68
C HIS E 62 47.62 -28.99 -38.64
N TRP E 63 48.55 -29.94 -38.79
CA TRP E 63 48.64 -31.10 -37.93
C TRP E 63 50.03 -31.21 -37.34
N GLN E 64 50.12 -31.92 -36.21
CA GLN E 64 51.41 -32.18 -35.59
C GLN E 64 51.55 -33.67 -35.32
N VAL E 65 52.72 -34.22 -35.67
CA VAL E 65 53.02 -35.63 -35.49
C VAL E 65 54.25 -35.74 -34.61
N ASP E 66 54.11 -36.43 -33.47
CA ASP E 66 55.20 -36.62 -32.52
C ASP E 66 55.17 -38.06 -32.03
N TYR E 67 56.32 -38.53 -31.56
CA TYR E 67 56.46 -39.87 -31.02
C TYR E 67 56.19 -39.88 -29.51
N THR E 68 55.69 -41.01 -29.02
CA THR E 68 55.47 -41.18 -27.59
C THR E 68 55.59 -42.65 -27.24
N HIS E 69 55.85 -42.92 -25.97
CA HIS E 69 56.06 -44.27 -25.45
C HIS E 69 55.24 -44.45 -24.19
N TYR E 70 54.62 -45.63 -24.06
CA TYR E 70 53.75 -45.89 -22.91
C TYR E 70 53.75 -47.37 -22.60
N GLU E 71 54.14 -47.71 -21.37
CA GLU E 71 54.17 -49.09 -20.85
C GLU E 71 54.71 -50.08 -21.89
N ASP E 72 55.94 -49.83 -22.32
CA ASP E 72 56.64 -50.70 -23.27
C ASP E 72 55.85 -50.89 -24.55
N LYS E 73 55.18 -49.83 -25.00
CA LYS E 73 54.37 -49.86 -26.21
C LYS E 73 54.48 -48.53 -26.93
N ILE E 74 54.25 -48.58 -28.24
CA ILE E 74 54.30 -47.41 -29.12
C ILE E 74 52.87 -46.94 -29.35
N ILE E 75 52.65 -45.64 -29.15
CA ILE E 75 51.34 -45.03 -29.35
C ILE E 75 51.47 -44.02 -30.47
N LEU E 76 50.65 -44.17 -31.51
CA LEU E 76 50.63 -43.25 -32.64
C LEU E 76 49.43 -42.34 -32.49
N VAL E 77 49.68 -41.07 -32.18
CA VAL E 77 48.63 -40.09 -31.92
C VAL E 77 48.84 -38.90 -32.86
N TRP E 78 47.74 -38.40 -33.41
CA TRP E 78 47.74 -37.26 -34.31
C TRP E 78 46.76 -36.20 -33.82
N VAL E 79 47.22 -34.95 -33.89
CA VAL E 79 46.47 -33.79 -33.41
C VAL E 79 46.46 -32.73 -34.50
N GLU E 80 45.32 -32.04 -34.62
CA GLU E 80 45.17 -30.91 -35.52
C GLU E 80 45.23 -29.62 -34.71
N THR E 81 45.95 -28.63 -35.23
CA THR E 81 46.19 -27.41 -34.46
C THR E 81 44.92 -26.58 -34.29
N ASN E 82 44.17 -26.39 -35.39
CA ASN E 82 43.03 -25.48 -35.34
C ASN E 82 41.87 -26.06 -34.55
N SER E 83 41.54 -27.33 -34.77
CA SER E 83 40.37 -27.96 -34.17
C SER E 83 40.69 -28.71 -32.88
N GLY E 84 41.80 -29.44 -32.86
CA GLY E 84 42.17 -30.22 -31.69
C GLY E 84 41.71 -31.66 -31.70
N LEU E 85 41.24 -32.17 -32.84
CA LEU E 85 40.79 -33.55 -32.92
C LEU E 85 41.96 -34.49 -32.70
N ILE E 86 41.70 -35.60 -32.01
CA ILE E 86 42.72 -36.56 -31.62
C ILE E 86 42.44 -37.88 -32.30
N TYR E 87 43.44 -38.45 -32.97
CA TYR E 87 43.33 -39.78 -33.53
C TYR E 87 44.47 -40.64 -33.01
N ALA E 88 44.13 -41.74 -32.33
CA ALA E 88 45.13 -42.60 -31.72
C ALA E 88 44.94 -44.02 -32.22
N GLU E 89 46.04 -44.64 -32.65
CA GLU E 89 46.02 -46.00 -33.17
C GLU E 89 47.15 -46.81 -32.56
N ARG E 90 46.95 -48.12 -32.51
CA ARG E 90 47.95 -49.04 -31.97
C ARG E 90 48.91 -49.47 -33.07
N VAL E 91 50.21 -49.48 -32.73
CA VAL E 91 51.26 -49.87 -33.66
C VAL E 91 52.12 -50.93 -32.99
N LYS E 92 52.33 -52.06 -33.68
CA LYS E 92 53.14 -53.13 -33.11
C LYS E 92 54.60 -52.74 -33.03
N GLY E 93 55.15 -52.19 -34.12
CA GLY E 93 56.56 -51.82 -34.13
C GLY E 93 56.79 -50.66 -35.08
N GLU E 94 57.86 -49.92 -34.79
CA GLU E 94 58.21 -48.72 -35.56
C GLU E 94 59.11 -49.13 -36.72
N THR E 95 58.48 -49.47 -37.85
CA THR E 95 59.18 -49.80 -39.08
C THR E 95 58.52 -49.05 -40.23
N GLY E 96 59.31 -48.81 -41.28
CA GLY E 96 58.81 -48.04 -42.41
C GLY E 96 57.59 -48.66 -43.05
N GLN E 97 57.58 -49.99 -43.20
CA GLN E 97 56.41 -50.68 -43.73
C GLN E 97 55.20 -50.46 -42.83
N GLU E 98 55.40 -50.58 -41.51
CA GLU E 98 54.32 -50.31 -40.57
C GLU E 98 54.00 -48.82 -40.47
N PHE E 99 55.00 -47.96 -40.61
CA PHE E 99 54.76 -46.52 -40.56
C PHE E 99 53.85 -46.08 -41.71
N ARG E 100 54.07 -46.63 -42.91
CA ARG E 100 53.28 -46.21 -44.06
C ARG E 100 51.83 -46.68 -43.98
N VAL E 101 51.51 -47.61 -43.08
CA VAL E 101 50.16 -48.15 -43.02
C VAL E 101 49.16 -47.08 -42.62
N GLN E 102 49.51 -46.25 -41.65
CA GLN E 102 48.59 -45.24 -41.16
C GLN E 102 48.67 -43.92 -41.93
N THR E 103 49.66 -43.78 -42.81
CA THR E 103 49.86 -42.51 -43.51
C THR E 103 48.66 -42.15 -44.37
N MET E 104 48.22 -43.07 -45.23
CA MET E 104 47.04 -42.80 -46.06
C MET E 104 45.74 -42.94 -45.28
N LYS E 105 45.72 -43.68 -44.17
CA LYS E 105 44.53 -43.70 -43.35
C LYS E 105 44.30 -42.36 -42.66
N TRP E 106 45.37 -41.60 -42.43
CA TRP E 106 45.21 -40.22 -41.97
C TRP E 106 44.49 -39.37 -43.01
N TYR E 107 44.86 -39.52 -44.29
CA TYR E 107 44.23 -38.79 -45.37
C TYR E 107 42.88 -39.35 -45.76
N ALA E 108 42.51 -40.53 -45.24
CA ALA E 108 41.23 -41.15 -45.57
C ALA E 108 40.06 -40.21 -45.29
N MET E 109 39.86 -39.84 -44.03
CA MET E 109 38.73 -39.01 -43.63
C MET E 109 39.11 -37.55 -43.41
N PHE E 110 40.33 -37.14 -43.77
CA PHE E 110 40.74 -35.75 -43.70
C PHE E 110 41.28 -35.30 -45.05
N ALA E 111 41.27 -33.99 -45.25
CA ALA E 111 41.81 -33.35 -46.46
C ALA E 111 42.79 -32.27 -46.05
N PRO E 112 43.97 -32.66 -45.57
CA PRO E 112 44.94 -31.67 -45.07
C PRO E 112 45.67 -30.98 -46.21
N LYS E 113 46.35 -29.90 -45.86
CA LYS E 113 47.16 -29.14 -46.81
C LYS E 113 48.58 -28.88 -46.33
N SER E 114 48.86 -28.91 -45.03
CA SER E 114 50.20 -28.72 -44.50
C SER E 114 50.44 -29.73 -43.39
N LEU E 115 51.71 -30.07 -43.19
CA LEU E 115 52.10 -31.03 -42.17
C LEU E 115 53.52 -30.75 -41.73
N GLN E 116 53.77 -30.88 -40.43
CA GLN E 116 55.09 -30.69 -39.85
C GLN E 116 55.45 -31.89 -38.98
N SER E 117 56.68 -32.36 -39.11
CA SER E 117 57.13 -33.51 -38.33
C SER E 117 58.64 -33.45 -38.19
N ASP E 118 59.16 -34.18 -37.20
CA ASP E 118 60.58 -34.24 -36.93
C ASP E 118 61.25 -35.22 -37.89
N ASN E 119 62.58 -35.25 -37.86
CA ASN E 119 63.36 -36.12 -38.73
C ASN E 119 63.31 -37.54 -38.18
N GLY E 120 62.34 -38.32 -38.66
CA GLY E 120 62.20 -39.70 -38.26
C GLY E 120 63.10 -40.63 -39.04
N PRO E 121 63.36 -41.82 -38.50
CA PRO E 121 64.19 -42.78 -39.24
C PRO E 121 63.63 -43.15 -40.59
N ALA E 122 62.31 -43.27 -40.71
CA ALA E 122 61.67 -43.59 -41.98
C ALA E 122 61.18 -42.36 -42.74
N PHE E 123 61.18 -41.19 -42.10
CA PHE E 123 60.74 -39.97 -42.76
C PHE E 123 61.80 -39.35 -43.64
N VAL E 124 63.07 -39.78 -43.52
CA VAL E 124 64.13 -39.24 -44.36
C VAL E 124 64.41 -40.11 -45.57
N ALA E 125 63.88 -41.34 -45.61
CA ALA E 125 64.07 -42.21 -46.76
C ALA E 125 63.27 -41.72 -47.95
N GLU E 126 63.84 -41.86 -49.15
CA GLU E 126 63.17 -41.41 -50.36
C GLU E 126 61.96 -42.28 -50.71
N SER E 127 61.95 -43.55 -50.26
CA SER E 127 60.81 -44.41 -50.53
C SER E 127 59.53 -43.86 -49.92
N THR E 128 59.60 -43.40 -48.67
CA THR E 128 58.46 -42.75 -48.05
C THR E 128 58.29 -41.32 -48.55
N GLN E 129 59.39 -40.62 -48.83
CA GLN E 129 59.30 -39.23 -49.27
C GLN E 129 58.60 -39.10 -50.60
N LEU E 130 58.69 -40.12 -51.46
CA LEU E 130 58.00 -40.08 -52.74
C LEU E 130 56.48 -40.13 -52.58
N LEU E 131 55.97 -40.75 -51.51
CA LEU E 131 54.54 -40.94 -51.36
C LEU E 131 53.79 -39.63 -51.11
N MET E 132 54.36 -38.71 -50.33
CA MET E 132 53.66 -37.46 -50.05
C MET E 132 53.47 -36.63 -51.32
N LYS E 133 54.51 -36.55 -52.17
CA LYS E 133 54.34 -35.86 -53.44
C LYS E 133 53.54 -36.70 -54.44
N TYR E 134 53.48 -38.02 -54.23
CA TYR E 134 52.61 -38.87 -55.02
C TYR E 134 51.15 -38.55 -54.76
N LEU E 135 50.79 -38.29 -53.51
CA LEU E 135 49.42 -37.99 -53.13
C LEU E 135 49.12 -36.49 -53.05
N GLY E 136 50.07 -35.68 -52.59
CA GLY E 136 49.89 -34.25 -52.68
C GLY E 136 50.35 -33.39 -51.51
N ILE E 137 50.58 -34.00 -50.35
CA ILE E 137 50.98 -33.22 -49.17
C ILE E 137 52.44 -32.81 -49.31
N GLU E 138 52.70 -31.52 -49.12
CA GLU E 138 54.06 -30.98 -49.17
C GLU E 138 54.66 -30.89 -47.77
N HIS E 139 54.78 -32.05 -47.13
CA HIS E 139 55.32 -32.11 -45.79
C HIS E 139 56.82 -31.81 -45.79
N THR E 140 57.27 -31.09 -44.77
CA THR E 140 58.67 -30.73 -44.62
C THR E 140 59.22 -31.28 -43.31
N THR E 141 60.52 -31.57 -43.30
CA THR E 141 61.19 -32.13 -42.14
C THR E 141 62.01 -31.06 -41.45
N GLY E 142 61.85 -30.93 -40.14
CA GLY E 142 62.60 -29.96 -39.37
C GLY E 142 62.06 -29.74 -37.98
N ILE E 143 62.87 -29.13 -37.12
CA ILE E 143 62.43 -28.83 -35.75
C ILE E 143 61.45 -27.66 -35.78
N PRO E 144 60.26 -27.79 -35.20
CA PRO E 144 59.28 -26.69 -35.25
C PRO E 144 59.74 -25.50 -34.42
N TRP E 145 59.87 -24.34 -35.07
CA TRP E 145 60.27 -23.13 -34.37
C TRP E 145 59.13 -22.57 -33.54
N ASN E 146 57.90 -22.69 -34.03
CA ASN E 146 56.75 -22.15 -33.34
C ASN E 146 56.44 -23.01 -32.11
N PRO E 147 56.44 -22.45 -30.90
CA PRO E 147 56.15 -23.24 -29.70
C PRO E 147 54.67 -23.44 -29.44
N GLN E 148 53.79 -22.81 -30.22
CA GLN E 148 52.34 -23.00 -30.01
C GLN E 148 51.94 -24.44 -30.28
N SER E 149 52.48 -25.04 -31.34
CA SER E 149 52.14 -26.43 -31.67
C SER E 149 52.53 -27.37 -30.55
N GLN E 150 53.74 -27.21 -29.99
CA GLN E 150 54.17 -28.05 -28.88
C GLN E 150 53.33 -27.81 -27.64
N ALA E 151 52.92 -26.56 -27.40
CA ALA E 151 52.04 -26.28 -26.26
C ALA E 151 50.71 -27.01 -26.42
N LEU E 152 50.12 -26.97 -27.61
CA LEU E 152 48.88 -27.70 -27.84
C LEU E 152 49.09 -29.20 -27.71
N VAL E 153 50.21 -29.72 -28.19
CA VAL E 153 50.46 -31.16 -28.09
C VAL E 153 50.59 -31.59 -26.64
N GLU E 154 51.32 -30.82 -25.82
CA GLU E 154 51.45 -31.18 -24.42
C GLU E 154 50.14 -30.98 -23.66
N ARG E 155 49.31 -30.03 -24.10
CA ARG E 155 47.97 -29.90 -23.52
C ARG E 155 47.13 -31.13 -23.83
N THR E 156 47.20 -31.62 -25.07
CA THR E 156 46.36 -32.75 -25.47
C THR E 156 46.87 -34.09 -24.95
N HIS E 157 48.19 -34.22 -24.71
CA HIS E 157 48.73 -35.51 -24.27
C HIS E 157 48.15 -35.92 -22.92
N GLN E 158 48.13 -35.02 -21.95
CA GLN E 158 47.73 -35.37 -20.60
C GLN E 158 46.25 -35.72 -20.49
N THR E 159 45.46 -35.45 -21.52
CA THR E 159 44.02 -35.66 -21.49
C THR E 159 43.62 -37.10 -21.81
N LEU E 160 44.55 -37.92 -22.33
CA LEU E 160 44.19 -39.26 -22.77
C LEU E 160 44.73 -40.39 -21.90
N LYS E 161 45.92 -40.27 -21.30
CA LYS E 161 46.38 -41.31 -20.37
C LYS E 161 45.43 -41.45 -19.19
N ASN E 162 44.97 -40.33 -18.61
CA ASN E 162 44.06 -40.42 -17.48
C ASN E 162 42.75 -41.08 -17.88
N THR E 163 42.23 -40.76 -19.07
CA THR E 163 41.00 -41.38 -19.53
C THR E 163 41.19 -42.85 -19.88
N LEU E 164 42.43 -43.26 -20.17
CA LEU E 164 42.69 -44.67 -20.46
C LEU E 164 42.36 -45.54 -19.26
N GLU E 165 42.75 -45.11 -18.05
CA GLU E 165 42.51 -45.92 -16.87
C GLU E 165 41.07 -45.81 -16.38
N LYS E 166 40.29 -44.85 -16.89
CA LYS E 166 38.92 -44.67 -16.43
C LYS E 166 37.94 -45.67 -17.04
N LEU E 167 38.39 -46.49 -18.00
CA LEU E 167 37.55 -47.51 -18.60
C LEU E 167 38.10 -48.92 -18.46
N ILE E 168 39.34 -49.08 -18.01
CA ILE E 168 39.92 -50.42 -17.89
C ILE E 168 39.18 -51.29 -16.88
N PRO E 169 38.87 -50.82 -15.65
CA PRO E 169 38.25 -51.74 -14.68
C PRO E 169 36.91 -52.31 -15.14
N MET E 170 36.09 -51.54 -15.86
CA MET E 170 34.76 -51.98 -16.23
C MET E 170 34.64 -52.35 -17.72
N PHE E 171 35.75 -52.34 -18.45
CA PHE E 171 35.89 -53.03 -19.73
C PHE E 171 36.97 -54.09 -19.60
N ASN E 172 36.57 -55.36 -19.59
CA ASN E 172 37.50 -56.47 -19.53
C ASN E 172 37.92 -56.98 -20.90
N ALA E 173 37.34 -56.45 -21.97
CA ALA E 173 37.67 -56.91 -23.31
C ALA E 173 39.05 -56.39 -23.72
N PHE E 174 39.64 -57.05 -24.72
CA PHE E 174 41.00 -56.72 -25.14
C PHE E 174 41.06 -55.34 -25.80
N GLU E 175 40.14 -55.05 -26.72
CA GLU E 175 40.20 -53.83 -27.52
C GLU E 175 39.02 -52.90 -27.27
N SER E 176 38.14 -53.20 -26.31
CA SER E 176 37.01 -52.32 -26.05
C SER E 176 37.46 -51.00 -25.43
N ALA E 177 38.48 -51.03 -24.58
CA ALA E 177 38.95 -49.83 -23.90
C ALA E 177 40.06 -49.11 -24.65
N LEU E 178 40.65 -49.73 -25.67
CA LEU E 178 41.72 -49.07 -26.42
C LEU E 178 41.20 -47.84 -27.15
N ALA E 179 40.12 -47.98 -27.90
CA ALA E 179 39.51 -46.86 -28.59
C ALA E 179 38.36 -46.24 -27.82
N GLY E 180 38.07 -46.72 -26.60
CA GLY E 180 37.00 -46.16 -25.81
C GLY E 180 37.24 -44.72 -25.40
N THR E 181 38.50 -44.30 -25.33
CA THR E 181 38.82 -42.92 -25.02
C THR E 181 38.60 -41.99 -26.21
N LEU E 182 38.51 -42.53 -27.42
CA LEU E 182 38.31 -41.69 -28.59
C LEU E 182 36.91 -41.09 -28.62
N ILE E 183 35.90 -41.90 -28.30
CA ILE E 183 34.52 -41.41 -28.35
C ILE E 183 34.27 -40.36 -27.28
N THR E 184 34.90 -40.51 -26.11
CA THR E 184 34.69 -39.56 -25.02
C THR E 184 35.23 -38.17 -25.38
N LEU E 185 36.38 -38.12 -26.04
CA LEU E 185 37.10 -36.88 -26.28
C LEU E 185 36.70 -36.18 -27.57
N ASN E 186 35.78 -36.74 -28.35
CA ASN E 186 35.45 -36.18 -29.65
C ASN E 186 34.00 -35.76 -29.81
N ILE E 187 33.08 -36.33 -29.03
CA ILE E 187 31.65 -36.08 -29.17
C ILE E 187 31.07 -35.43 -27.91
N LYS E 188 31.21 -36.10 -26.76
CA LYS E 188 30.56 -35.63 -25.55
C LYS E 188 31.13 -34.29 -25.08
N ARG E 189 32.45 -34.11 -25.16
CA ARG E 189 33.07 -32.88 -24.71
C ARG E 189 32.68 -31.74 -25.64
N LYS E 190 32.03 -30.72 -25.10
CA LYS E 190 31.54 -29.58 -25.88
C LYS E 190 31.85 -28.30 -25.11
N GLY E 191 33.02 -27.72 -25.37
CA GLY E 191 33.38 -26.44 -24.79
C GLY E 191 32.88 -25.27 -25.60
N GLY E 192 33.08 -24.07 -25.05
CA GLY E 192 32.69 -22.86 -25.73
C GLY E 192 31.19 -22.68 -25.81
N LEU E 193 30.64 -22.80 -27.02
CA LEU E 193 29.21 -22.63 -27.27
C LEU E 193 28.56 -23.96 -27.66
N GLY E 194 28.87 -25.01 -26.91
CA GLY E 194 28.33 -26.32 -27.18
C GLY E 194 28.82 -26.92 -28.47
N THR E 195 30.11 -26.79 -28.77
CA THR E 195 30.69 -27.28 -30.01
C THR E 195 31.69 -28.39 -29.68
N SER E 196 31.44 -29.58 -30.22
CA SER E 196 32.38 -30.67 -30.09
C SER E 196 33.55 -30.47 -31.04
N PRO E 197 34.69 -31.12 -30.76
CA PRO E 197 35.81 -31.03 -31.71
C PRO E 197 35.45 -31.49 -33.10
N MET E 198 34.61 -32.53 -33.21
CA MET E 198 34.13 -32.97 -34.52
C MET E 198 33.30 -31.88 -35.19
N ASP E 199 32.41 -31.23 -34.44
CA ASP E 199 31.59 -30.15 -34.99
C ASP E 199 32.41 -28.91 -35.34
N ILE E 200 33.54 -28.70 -34.68
CA ILE E 200 34.45 -27.62 -35.06
C ILE E 200 35.21 -27.97 -36.34
N PHE E 201 35.68 -29.21 -36.45
CA PHE E 201 36.39 -29.64 -37.64
C PHE E 201 35.49 -29.59 -38.87
N ILE E 202 34.25 -30.10 -38.75
CA ILE E 202 33.33 -30.05 -39.87
C ILE E 202 32.93 -28.61 -40.18
N PHE E 203 32.80 -27.77 -39.15
CA PHE E 203 32.48 -26.37 -39.36
C PHE E 203 33.57 -25.67 -40.17
N ASN E 204 34.83 -25.91 -39.81
CA ASN E 204 35.95 -25.34 -40.55
C ASN E 204 36.03 -25.88 -41.97
N LYS E 205 35.76 -27.18 -42.15
CA LYS E 205 35.78 -27.76 -43.48
C LYS E 205 34.67 -27.21 -44.37
N GLU E 206 33.54 -26.82 -43.78
CA GLU E 206 32.49 -26.17 -44.56
C GLU E 206 32.98 -24.83 -45.13
N GLN E 207 33.65 -24.04 -44.30
CA GLN E 207 34.18 -22.76 -44.77
C GLN E 207 35.29 -22.95 -45.79
N GLN E 208 36.15 -23.95 -45.59
CA GLN E 208 37.21 -24.18 -46.57
C GLN E 208 36.67 -24.77 -47.87
N ARG E 209 35.39 -25.15 -47.92
CA ARG E 209 34.75 -25.58 -49.15
C ARG E 209 33.91 -24.49 -49.79
N ILE E 210 33.43 -23.51 -49.01
CA ILE E 210 32.57 -22.48 -49.57
C ILE E 210 33.27 -21.69 -50.68
N GLN E 211 34.54 -21.33 -50.48
CA GLN E 211 35.18 -20.40 -51.41
C GLN E 211 35.34 -21.00 -52.80
N GLN E 212 35.41 -22.33 -52.91
CA GLN E 212 35.57 -22.96 -54.21
C GLN E 212 34.40 -22.62 -55.13
N GLN E 213 33.17 -22.67 -54.61
CA GLN E 213 32.00 -22.27 -55.36
C GLN E 213 31.76 -20.76 -55.31
N SER E 214 32.29 -20.06 -54.31
CA SER E 214 32.12 -18.62 -54.22
C SER E 214 32.93 -17.85 -55.25
N LYS E 215 34.18 -18.25 -55.49
CA LYS E 215 35.05 -17.50 -56.40
C LYS E 215 34.70 -17.74 -57.86
N SER E 216 33.92 -18.77 -58.17
CA SER E 216 33.52 -19.02 -59.56
C SER E 216 32.60 -17.94 -60.10
N LYS E 217 31.96 -17.16 -59.23
CA LYS E 217 31.07 -16.09 -59.66
C LYS E 217 31.80 -14.84 -60.11
N GLN E 218 33.13 -14.79 -59.94
CA GLN E 218 33.89 -13.61 -60.36
C GLN E 218 33.82 -13.41 -61.86
N GLU E 219 33.88 -14.50 -62.63
CA GLU E 219 33.86 -14.42 -64.10
C GLU E 219 32.43 -14.11 -64.55
N LYS E 220 32.03 -12.86 -64.35
CA LYS E 220 30.70 -12.43 -64.76
C LYS E 220 30.55 -12.46 -66.28
N ILE E 221 31.58 -12.00 -66.99
CA ILE E 221 31.65 -11.93 -68.45
C ILE E 221 30.31 -11.51 -69.05
N ARG E 222 29.67 -10.52 -68.42
CA ARG E 222 28.38 -10.05 -68.87
C ARG E 222 28.52 -9.21 -70.13
N PHE E 223 27.57 -9.37 -71.05
CA PHE E 223 27.54 -8.64 -72.30
C PHE E 223 26.38 -7.66 -72.31
N CYS E 224 26.63 -6.44 -72.76
CA CYS E 224 25.64 -5.36 -72.74
C CYS E 224 25.05 -5.18 -74.12
N TYR E 225 23.72 -5.02 -74.17
CA TYR E 225 23.01 -4.78 -75.43
C TYR E 225 21.77 -3.98 -75.07
N TYR E 226 21.84 -2.67 -75.25
CA TYR E 226 20.82 -1.74 -74.77
C TYR E 226 20.40 -0.81 -75.90
N ARG E 227 19.31 -0.07 -75.67
CA ARG E 227 18.72 0.82 -76.64
C ARG E 227 19.07 2.28 -76.31
N THR E 228 18.48 3.19 -77.07
CA THR E 228 18.58 4.62 -76.83
C THR E 228 17.18 5.20 -76.62
N ARG E 229 17.12 6.50 -76.40
CA ARG E 229 15.84 7.19 -76.19
C ARG E 229 15.89 8.52 -76.93
N LYS E 230 15.05 8.66 -77.96
CA LYS E 230 14.95 9.89 -78.74
C LYS E 230 13.46 10.23 -78.83
N ARG E 231 12.98 11.00 -77.86
CA ARG E 231 11.58 11.44 -77.81
C ARG E 231 10.63 10.24 -77.84
N GLY E 232 10.99 9.19 -77.11
CA GLY E 232 10.17 7.99 -77.00
C GLY E 232 10.38 6.95 -78.09
N HIS E 233 10.58 7.40 -79.33
CA HIS E 233 10.78 6.48 -80.43
C HIS E 233 12.11 5.75 -80.26
N PRO E 234 12.13 4.42 -80.31
CA PRO E 234 13.40 3.69 -80.16
C PRO E 234 14.35 3.98 -81.30
N GLY E 235 15.64 3.94 -80.98
CA GLY E 235 16.67 4.16 -81.98
C GLY E 235 17.20 2.87 -82.57
N GLU E 236 18.52 2.76 -82.68
CA GLU E 236 19.18 1.57 -83.21
C GLU E 236 19.98 0.89 -82.11
N TRP E 237 20.62 -0.22 -82.49
CA TRP E 237 21.39 -1.00 -81.53
C TRP E 237 22.83 -0.51 -81.47
N GLN E 238 23.41 -0.61 -80.27
CA GLN E 238 24.80 -0.21 -80.04
C GLN E 238 25.47 -1.21 -79.12
N GLY E 239 26.79 -1.34 -79.25
CA GLY E 239 27.55 -2.28 -78.48
C GLY E 239 28.16 -3.36 -79.36
N PRO E 240 28.51 -4.51 -78.76
CA PRO E 240 28.39 -4.79 -77.33
C PRO E 240 29.60 -4.29 -76.53
N THR E 241 29.47 -4.29 -75.20
CA THR E 241 30.54 -3.85 -74.32
C THR E 241 30.33 -4.47 -72.95
N GLN E 242 31.36 -4.36 -72.11
CA GLN E 242 31.29 -4.88 -70.76
C GLN E 242 30.54 -3.89 -69.86
N VAL E 243 29.52 -4.36 -69.17
CA VAL E 243 28.73 -3.51 -68.30
C VAL E 243 29.49 -3.27 -67.00
N LEU E 244 29.53 -2.01 -66.57
CA LEU E 244 30.24 -1.67 -65.34
C LEU E 244 29.50 -2.17 -64.11
N TRP E 245 28.19 -1.94 -64.06
CA TRP E 245 27.39 -2.35 -62.91
C TRP E 245 25.94 -2.50 -63.36
N GLY E 246 25.20 -3.30 -62.60
CA GLY E 246 23.78 -3.49 -62.86
C GLY E 246 22.99 -3.43 -61.56
N GLY E 247 21.79 -2.86 -61.67
CA GLY E 247 20.92 -2.72 -60.52
C GLY E 247 19.65 -3.54 -60.63
N ASP E 248 18.71 -3.30 -59.72
CA ASP E 248 17.43 -4.04 -59.71
C ASP E 248 16.44 -3.33 -60.63
N GLY E 249 16.75 -3.35 -61.92
CA GLY E 249 15.88 -2.77 -62.91
C GLY E 249 16.56 -1.79 -63.86
N ALA E 250 17.84 -1.52 -63.61
CA ALA E 250 18.59 -0.60 -64.45
C ALA E 250 20.06 -0.98 -64.42
N ILE E 251 20.79 -0.55 -65.45
CA ILE E 251 22.21 -0.81 -65.57
C ILE E 251 22.94 0.49 -65.93
N VAL E 252 24.24 0.49 -65.72
CA VAL E 252 25.10 1.63 -66.03
C VAL E 252 26.09 1.18 -67.09
N VAL E 253 26.16 1.92 -68.19
CA VAL E 253 27.04 1.58 -69.31
C VAL E 253 27.71 2.84 -69.82
N LYS E 254 29.00 2.75 -70.14
CA LYS E 254 29.76 3.88 -70.66
C LYS E 254 29.69 3.89 -72.18
N ASP E 255 29.32 5.04 -72.74
CA ASP E 255 29.22 5.19 -74.18
C ASP E 255 30.53 5.78 -74.72
N ARG E 256 31.19 5.03 -75.60
CA ARG E 256 32.46 5.49 -76.15
C ARG E 256 32.31 6.73 -77.02
N GLY E 257 31.15 6.91 -77.66
CA GLY E 257 30.93 8.11 -78.46
C GLY E 257 30.91 9.38 -77.64
N THR E 258 30.52 9.30 -76.37
CA THR E 258 30.50 10.46 -75.49
C THR E 258 31.45 10.34 -74.30
N ASP E 259 32.05 9.16 -74.08
CA ASP E 259 32.94 8.93 -72.95
C ASP E 259 32.27 9.27 -71.62
N ARG E 260 30.98 8.93 -71.51
CA ARG E 260 30.20 9.23 -70.33
C ARG E 260 29.33 8.03 -69.96
N TYR E 261 28.96 7.97 -68.68
CA TYR E 261 28.10 6.90 -68.19
C TYR E 261 26.64 7.25 -68.41
N LEU E 262 25.86 6.24 -68.81
CA LEU E 262 24.42 6.37 -69.01
C LEU E 262 23.73 5.24 -68.25
N VAL E 263 22.58 5.58 -67.69
CA VAL E 263 21.74 4.62 -66.97
C VAL E 263 20.52 4.32 -67.81
N ILE E 264 20.22 3.03 -67.99
CA ILE E 264 19.10 2.59 -68.80
C ILE E 264 18.39 1.45 -68.08
N ALA E 265 17.06 1.47 -68.11
CA ALA E 265 16.27 0.44 -67.46
C ALA E 265 16.39 -0.88 -68.20
N ASN E 266 16.17 -1.98 -67.47
CA ASN E 266 16.30 -3.31 -68.02
C ASN E 266 15.24 -3.65 -69.06
N LYS E 267 14.17 -2.85 -69.15
CA LYS E 267 13.15 -3.10 -70.16
C LYS E 267 13.70 -2.94 -71.57
N ASP E 268 14.68 -2.06 -71.75
CA ASP E 268 15.33 -1.85 -73.04
C ASP E 268 16.73 -2.47 -73.09
N VAL E 269 17.04 -3.37 -72.16
CA VAL E 269 18.35 -4.01 -72.06
C VAL E 269 18.18 -5.50 -72.30
N LYS E 270 18.99 -6.03 -73.21
CA LYS E 270 18.99 -7.46 -73.53
C LYS E 270 20.38 -8.02 -73.29
N PHE E 271 20.44 -9.27 -72.86
CA PHE E 271 21.68 -9.95 -72.57
C PHE E 271 22.09 -10.85 -73.73
N ILE E 272 23.32 -11.35 -73.68
CA ILE E 272 23.83 -12.26 -74.69
C ILE E 272 24.33 -13.54 -74.01
N ASN F 4 7.57 -17.32 -43.02
CA ASN F 4 7.16 -17.89 -44.31
C ASN F 4 6.43 -19.21 -44.11
N ILE F 5 6.00 -19.47 -42.86
CA ILE F 5 5.27 -20.71 -42.57
C ILE F 5 3.93 -20.77 -43.31
N PRO F 6 3.08 -19.73 -43.29
CA PRO F 6 1.81 -19.86 -44.03
C PRO F 6 1.98 -20.06 -45.52
N LEU F 7 2.94 -19.35 -46.14
CA LEU F 7 3.14 -19.52 -47.58
C LEU F 7 3.73 -20.89 -47.90
N ALA F 8 4.60 -21.40 -47.03
CA ALA F 8 5.12 -22.76 -47.22
C ALA F 8 4.01 -23.79 -47.10
N GLU F 9 3.11 -23.63 -46.13
CA GLU F 9 1.99 -24.55 -45.99
C GLU F 9 1.07 -24.48 -47.20
N GLU F 10 0.81 -23.26 -47.70
CA GLU F 10 0.00 -23.12 -48.90
C GLU F 10 0.65 -23.78 -50.10
N GLU F 11 1.97 -23.61 -50.25
CA GLU F 11 2.68 -24.25 -51.35
C GLU F 11 2.62 -25.78 -51.25
N HIS F 12 2.76 -26.31 -50.03
CA HIS F 12 2.66 -27.75 -49.85
C HIS F 12 1.26 -28.26 -50.18
N ASN F 13 0.22 -27.55 -49.74
CA ASN F 13 -1.14 -27.94 -50.09
C ASN F 13 -1.44 -27.76 -51.57
N LYS F 14 -0.70 -26.89 -52.24
CA LYS F 14 -0.91 -26.59 -53.66
C LYS F 14 -0.16 -27.53 -54.59
N TRP F 15 0.97 -28.08 -54.14
CA TRP F 15 1.81 -28.91 -54.99
C TRP F 15 2.16 -30.26 -54.39
N HIS F 16 2.14 -30.39 -53.07
CA HIS F 16 2.48 -31.64 -52.37
C HIS F 16 3.88 -32.12 -52.74
N GLN F 17 4.86 -31.31 -52.36
CA GLN F 17 6.26 -31.64 -52.57
C GLN F 17 6.73 -32.61 -51.50
N ASP F 18 8.02 -32.90 -51.47
CA ASP F 18 8.61 -33.78 -50.47
C ASP F 18 9.18 -32.97 -49.32
N ALA F 19 9.32 -33.63 -48.17
CA ALA F 19 9.88 -32.97 -46.99
C ALA F 19 11.31 -32.52 -47.25
N VAL F 20 12.12 -33.37 -47.86
CA VAL F 20 13.51 -32.99 -48.15
C VAL F 20 13.57 -31.87 -49.19
N SER F 21 12.69 -31.93 -50.19
CA SER F 21 12.65 -30.86 -51.18
C SER F 21 12.29 -29.53 -50.55
N LEU F 22 11.29 -29.53 -49.67
CA LEU F 22 10.92 -28.30 -48.96
C LEU F 22 12.06 -27.81 -48.07
N HIS F 23 12.75 -28.74 -47.39
CA HIS F 23 13.85 -28.35 -46.52
C HIS F 23 14.99 -27.70 -47.30
N LEU F 24 15.33 -28.26 -48.47
CA LEU F 24 16.40 -27.68 -49.28
C LEU F 24 15.96 -26.38 -49.96
N GLU F 25 14.69 -26.25 -50.33
CA GLU F 25 14.25 -25.07 -51.06
C GLU F 25 13.86 -23.89 -50.18
N PHE F 26 13.51 -24.14 -48.91
CA PHE F 26 13.07 -23.08 -48.01
C PHE F 26 13.93 -22.93 -46.77
N GLY F 27 14.80 -23.89 -46.45
CA GLY F 27 15.59 -23.83 -45.25
C GLY F 27 14.84 -24.15 -43.98
N ILE F 28 13.61 -24.65 -44.08
CA ILE F 28 12.80 -25.00 -42.92
C ILE F 28 13.44 -26.19 -42.22
N PRO F 29 13.24 -26.36 -40.91
CA PRO F 29 13.83 -27.52 -40.23
C PRO F 29 13.29 -28.83 -40.77
N ARG F 30 14.16 -29.85 -40.71
CA ARG F 30 13.77 -31.18 -41.20
C ARG F 30 12.61 -31.74 -40.39
N THR F 31 12.62 -31.54 -39.07
CA THR F 31 11.52 -32.00 -38.23
C THR F 31 10.23 -31.30 -38.60
N ALA F 32 10.29 -29.99 -38.87
CA ALA F 32 9.08 -29.26 -39.26
C ALA F 32 8.53 -29.79 -40.58
N ALA F 33 9.41 -30.06 -41.55
CA ALA F 33 8.95 -30.59 -42.84
C ALA F 33 8.34 -31.98 -42.67
N GLU F 34 8.96 -32.82 -41.83
CA GLU F 34 8.41 -34.15 -41.59
C GLU F 34 7.05 -34.06 -40.91
N ASP F 35 6.89 -33.14 -39.96
CA ASP F 35 5.60 -32.97 -39.29
C ASP F 35 4.54 -32.46 -40.27
N ILE F 36 4.93 -31.54 -41.17
CA ILE F 36 3.99 -31.04 -42.17
C ILE F 36 3.56 -32.17 -43.09
N VAL F 37 4.51 -33.00 -43.53
CA VAL F 37 4.18 -34.13 -44.41
C VAL F 37 3.25 -35.10 -43.69
N GLN F 38 3.54 -35.41 -42.43
CA GLN F 38 2.69 -36.33 -41.67
C GLN F 38 1.29 -35.76 -41.50
N GLN F 39 1.18 -34.46 -41.21
CA GLN F 39 -0.13 -33.83 -41.07
C GLN F 39 -0.88 -33.75 -42.39
N CYS F 40 -0.16 -33.75 -43.51
CA CYS F 40 -0.81 -33.73 -44.83
C CYS F 40 -1.53 -35.06 -45.05
N ASP F 41 -2.87 -35.02 -45.01
CA ASP F 41 -3.64 -36.25 -45.16
C ASP F 41 -3.44 -36.88 -46.54
N VAL F 42 -3.39 -36.05 -47.58
CA VAL F 42 -3.24 -36.57 -48.94
C VAL F 42 -1.93 -37.32 -49.09
N CYS F 43 -0.85 -36.77 -48.54
CA CYS F 43 0.46 -37.39 -48.64
C CYS F 43 0.66 -38.55 -47.66
N GLN F 44 -0.28 -38.76 -46.73
CA GLN F 44 -0.13 -39.78 -45.70
C GLN F 44 -1.03 -40.99 -45.93
N GLU F 45 -2.34 -40.78 -46.11
CA GLU F 45 -3.26 -41.91 -46.22
C GLU F 45 -3.04 -42.73 -47.49
N ASN F 46 -2.47 -42.12 -48.54
CA ASN F 46 -2.23 -42.87 -49.76
C ASN F 46 -1.21 -43.98 -49.55
N LYS F 47 -0.17 -43.72 -48.78
CA LYS F 47 0.86 -44.71 -48.50
C LYS F 47 0.86 -45.12 -47.04
N ILE F 60 19.90 -37.77 -41.70
CA ILE F 60 19.58 -38.83 -40.76
C ILE F 60 20.82 -39.69 -40.55
N ASP F 61 21.64 -39.78 -41.60
CA ASP F 61 22.91 -40.51 -41.57
C ASP F 61 22.68 -42.00 -41.28
N HIS F 62 21.99 -42.65 -42.19
CA HIS F 62 21.79 -44.09 -42.13
C HIS F 62 23.10 -44.82 -42.40
N TRP F 63 23.18 -46.07 -41.95
CA TRP F 63 24.39 -46.86 -42.12
C TRP F 63 24.03 -48.33 -42.31
N GLN F 64 25.04 -49.10 -42.72
CA GLN F 64 24.86 -50.51 -43.10
C GLN F 64 26.20 -51.22 -42.98
N VAL F 65 26.15 -52.47 -42.53
CA VAL F 65 27.33 -53.28 -42.28
C VAL F 65 27.33 -54.46 -43.25
N ASP F 66 28.45 -54.67 -43.94
CA ASP F 66 28.60 -55.74 -44.90
C ASP F 66 29.93 -56.46 -44.66
N TYR F 67 30.06 -57.63 -45.29
CA TYR F 67 31.28 -58.42 -45.20
C TYR F 67 31.72 -58.80 -46.61
N THR F 68 33.02 -59.03 -46.78
CA THR F 68 33.51 -59.49 -48.06
C THR F 68 34.80 -60.27 -47.86
N HIS F 69 35.15 -61.05 -48.88
CA HIS F 69 36.35 -61.88 -48.85
C HIS F 69 37.11 -61.70 -50.15
N TYR F 70 38.42 -61.46 -50.02
CA TYR F 70 39.29 -61.27 -51.18
C TYR F 70 40.63 -61.93 -50.90
N GLU F 71 41.03 -62.82 -51.82
CA GLU F 71 42.29 -63.56 -51.69
C GLU F 71 42.36 -64.30 -50.35
N ASP F 72 41.25 -64.92 -49.96
CA ASP F 72 41.14 -65.62 -48.69
C ASP F 72 41.44 -64.70 -47.51
N LYS F 73 41.01 -63.44 -47.63
CA LYS F 73 41.20 -62.44 -46.59
C LYS F 73 39.86 -61.77 -46.30
N ILE F 74 39.57 -61.59 -45.02
CA ILE F 74 38.26 -61.10 -44.57
C ILE F 74 38.31 -59.59 -44.42
N ILE F 75 37.35 -58.90 -45.02
CA ILE F 75 37.26 -57.44 -44.96
C ILE F 75 35.86 -57.06 -44.51
N LEU F 76 35.79 -56.14 -43.54
CA LEU F 76 34.54 -55.53 -43.12
C LEU F 76 34.23 -54.32 -44.00
N VAL F 77 32.94 -54.05 -44.18
CA VAL F 77 32.48 -53.00 -45.09
C VAL F 77 31.46 -52.14 -44.37
N TRP F 78 31.61 -50.82 -44.48
CA TRP F 78 30.67 -49.88 -43.89
C TRP F 78 30.09 -49.02 -45.02
N VAL F 79 28.80 -49.19 -45.30
CA VAL F 79 28.15 -48.53 -46.42
C VAL F 79 27.02 -47.65 -45.87
N GLU F 80 27.07 -46.36 -46.20
CA GLU F 80 26.02 -45.42 -45.81
C GLU F 80 25.32 -44.91 -47.06
N THR F 81 23.99 -44.80 -46.97
CA THR F 81 23.13 -44.56 -48.13
C THR F 81 23.20 -43.12 -48.63
N ASN F 82 23.20 -42.14 -47.72
CA ASN F 82 23.02 -40.75 -48.11
C ASN F 82 24.13 -40.26 -49.02
N SER F 83 25.36 -40.19 -48.50
CA SER F 83 26.48 -39.65 -49.26
C SER F 83 27.32 -40.72 -49.95
N GLY F 84 27.04 -42.00 -49.70
CA GLY F 84 27.78 -43.08 -50.35
C GLY F 84 29.24 -43.20 -49.96
N LEU F 85 29.55 -42.98 -48.68
CA LEU F 85 30.91 -43.22 -48.19
C LEU F 85 31.12 -44.71 -47.96
N ILE F 86 32.39 -45.12 -48.03
CA ILE F 86 32.78 -46.50 -47.80
C ILE F 86 33.91 -46.51 -46.79
N TYR F 87 33.98 -47.58 -45.99
CA TYR F 87 35.07 -47.75 -45.05
C TYR F 87 35.34 -49.24 -44.88
N ALA F 88 36.62 -49.62 -44.89
CA ALA F 88 37.00 -51.02 -44.78
C ALA F 88 38.39 -51.11 -44.18
N GLU F 89 38.67 -52.27 -43.58
CA GLU F 89 39.97 -52.56 -43.00
C GLU F 89 40.10 -54.07 -42.85
N ARG F 90 41.34 -54.56 -42.96
CA ARG F 90 41.57 -56.00 -42.86
C ARG F 90 41.29 -56.48 -41.45
N VAL F 91 40.49 -57.55 -41.35
CA VAL F 91 40.11 -58.14 -40.08
C VAL F 91 40.49 -59.62 -40.10
N LYS F 92 41.10 -60.08 -39.00
CA LYS F 92 41.58 -61.47 -38.96
C LYS F 92 40.43 -62.46 -39.09
N GLY F 93 39.31 -62.20 -38.41
CA GLY F 93 38.18 -63.11 -38.46
C GLY F 93 36.91 -62.43 -38.02
N GLU F 94 35.79 -63.06 -38.38
CA GLU F 94 34.46 -62.55 -38.06
C GLU F 94 33.88 -63.38 -36.91
N THR F 95 33.78 -62.76 -35.74
CA THR F 95 33.17 -63.39 -34.57
C THR F 95 32.29 -62.36 -33.88
N GLY F 96 31.53 -62.82 -32.89
CA GLY F 96 30.65 -61.92 -32.16
C GLY F 96 31.41 -60.86 -31.38
N GLN F 97 32.50 -61.26 -30.72
CA GLN F 97 33.28 -60.33 -29.92
C GLN F 97 34.10 -59.39 -30.79
N GLU F 98 34.63 -59.88 -31.91
CA GLU F 98 35.46 -59.04 -32.77
C GLU F 98 34.64 -57.98 -33.48
N PHE F 99 33.39 -58.29 -33.83
CA PHE F 99 32.53 -57.30 -34.48
C PHE F 99 32.20 -56.14 -33.55
N ARG F 100 32.12 -56.41 -32.24
CA ARG F 100 31.87 -55.34 -31.28
C ARG F 100 33.02 -54.35 -31.21
N VAL F 101 34.24 -54.81 -31.53
CA VAL F 101 35.37 -53.90 -31.59
C VAL F 101 35.21 -52.92 -32.74
N GLN F 102 34.76 -53.42 -33.90
CA GLN F 102 34.62 -52.56 -35.07
C GLN F 102 33.40 -51.65 -34.96
N THR F 103 32.31 -52.13 -34.36
CA THR F 103 31.08 -51.34 -34.31
C THR F 103 31.21 -50.11 -33.42
N MET F 104 32.17 -50.09 -32.50
CA MET F 104 32.34 -48.91 -31.64
C MET F 104 33.31 -47.91 -32.28
N LYS F 105 34.36 -48.39 -32.94
CA LYS F 105 35.22 -47.48 -33.69
C LYS F 105 34.48 -46.89 -34.90
N TRP F 106 33.46 -47.58 -35.41
CA TRP F 106 32.60 -46.97 -36.40
C TRP F 106 31.90 -45.74 -35.85
N TYR F 107 31.39 -45.83 -34.61
CA TYR F 107 30.79 -44.67 -33.96
C TYR F 107 31.83 -43.65 -33.53
N ALA F 108 33.10 -44.05 -33.44
CA ALA F 108 34.14 -43.13 -32.99
C ALA F 108 34.32 -41.97 -33.98
N MET F 109 34.38 -42.26 -35.27
CA MET F 109 34.63 -41.24 -36.28
C MET F 109 33.36 -40.70 -36.94
N PHE F 110 32.18 -41.13 -36.49
CA PHE F 110 30.92 -40.67 -37.06
C PHE F 110 29.94 -40.33 -35.95
N ALA F 111 28.80 -39.78 -36.34
CA ALA F 111 27.70 -39.47 -35.42
C ALA F 111 26.41 -40.03 -36.01
N PRO F 112 26.25 -41.34 -36.03
CA PRO F 112 25.04 -41.94 -36.61
C PRO F 112 23.81 -41.72 -35.74
N LYS F 113 22.65 -41.81 -36.39
CA LYS F 113 21.36 -41.73 -35.71
C LYS F 113 20.51 -42.98 -35.86
N SER F 114 20.74 -43.78 -36.90
CA SER F 114 20.00 -45.03 -37.08
C SER F 114 20.90 -46.03 -37.79
N LEU F 115 20.57 -47.31 -37.63
CA LEU F 115 21.35 -48.38 -38.24
C LEU F 115 20.41 -49.50 -38.67
N GLN F 116 20.67 -50.05 -39.86
CA GLN F 116 19.92 -51.17 -40.39
C GLN F 116 20.89 -52.32 -40.69
N SER F 117 20.45 -53.54 -40.40
CA SER F 117 21.27 -54.71 -40.66
C SER F 117 20.37 -55.91 -40.92
N ASP F 118 20.96 -56.93 -41.55
CA ASP F 118 20.24 -58.17 -41.85
C ASP F 118 20.27 -59.08 -40.62
N ASN F 119 19.81 -60.31 -40.79
CA ASN F 119 19.79 -61.29 -39.70
C ASN F 119 21.06 -62.14 -39.71
N GLY F 120 22.19 -61.46 -39.52
CA GLY F 120 23.48 -62.12 -39.47
C GLY F 120 23.70 -62.83 -38.16
N PRO F 121 24.61 -63.81 -38.14
CA PRO F 121 24.90 -64.53 -36.88
C PRO F 121 25.38 -63.62 -35.76
N ALA F 122 26.19 -62.62 -36.09
CA ALA F 122 26.68 -61.70 -35.06
C ALA F 122 25.64 -60.67 -34.66
N PHE F 123 24.78 -60.27 -35.60
CA PHE F 123 23.79 -59.22 -35.32
C PHE F 123 22.78 -59.68 -34.27
N VAL F 124 22.33 -60.93 -34.35
CA VAL F 124 21.22 -61.42 -33.53
C VAL F 124 21.71 -61.86 -32.17
N ALA F 125 23.00 -61.67 -31.89
CA ALA F 125 23.53 -62.05 -30.58
C ALA F 125 22.98 -61.14 -29.49
N GLU F 126 22.58 -61.76 -28.37
CA GLU F 126 21.99 -61.00 -27.27
C GLU F 126 23.01 -60.03 -26.67
N SER F 127 24.24 -60.50 -26.47
CA SER F 127 25.28 -59.61 -25.94
C SER F 127 25.61 -58.50 -26.93
N THR F 128 25.62 -58.82 -28.23
CA THR F 128 25.84 -57.79 -29.24
C THR F 128 24.70 -56.77 -29.23
N GLN F 129 23.47 -57.23 -29.05
CA GLN F 129 22.34 -56.32 -28.96
C GLN F 129 22.44 -55.42 -27.73
N LEU F 130 22.88 -56.00 -26.60
CA LEU F 130 23.05 -55.21 -25.38
C LEU F 130 24.14 -54.16 -25.55
N LEU F 131 25.27 -54.53 -26.16
CA LEU F 131 26.32 -53.55 -26.44
C LEU F 131 25.85 -52.52 -27.45
N MET F 132 24.96 -52.91 -28.36
CA MET F 132 24.36 -51.99 -29.31
C MET F 132 23.52 -50.93 -28.61
N LYS F 133 22.62 -51.35 -27.73
CA LYS F 133 21.78 -50.40 -27.01
C LYS F 133 22.54 -49.70 -25.89
N TYR F 134 23.75 -50.17 -25.56
CA TYR F 134 24.57 -49.49 -24.56
C TYR F 134 25.01 -48.12 -25.05
N LEU F 135 25.31 -48.00 -26.35
CA LEU F 135 25.77 -46.75 -26.94
C LEU F 135 24.62 -45.81 -27.30
N GLY F 136 23.38 -46.25 -27.15
CA GLY F 136 22.23 -45.39 -27.43
C GLY F 136 22.00 -45.02 -28.88
N ILE F 137 22.11 -46.00 -29.79
CA ILE F 137 21.77 -45.81 -31.19
C ILE F 137 20.70 -46.82 -31.56
N GLU F 138 19.61 -46.34 -32.16
CA GLU F 138 18.51 -47.21 -32.55
C GLU F 138 18.94 -48.15 -33.67
N HIS F 139 18.43 -49.38 -33.62
CA HIS F 139 18.75 -50.41 -34.60
C HIS F 139 17.47 -51.09 -35.06
N THR F 140 17.41 -51.43 -36.34
CA THR F 140 16.30 -52.17 -36.92
C THR F 140 16.81 -53.44 -37.57
N THR F 141 16.15 -54.56 -37.30
CA THR F 141 16.55 -55.86 -37.83
C THR F 141 15.62 -56.25 -38.97
N GLY F 142 16.21 -56.67 -40.08
CA GLY F 142 15.45 -57.05 -41.26
C GLY F 142 16.19 -56.67 -42.52
N ILE F 143 15.94 -57.43 -43.57
CA ILE F 143 16.59 -57.20 -44.86
C ILE F 143 16.01 -55.93 -45.48
N PRO F 144 16.84 -55.01 -45.99
CA PRO F 144 16.30 -53.84 -46.68
C PRO F 144 15.52 -54.25 -47.92
N TRP F 145 14.45 -53.51 -48.20
CA TRP F 145 13.57 -53.80 -49.32
C TRP F 145 13.66 -52.77 -50.44
N ASN F 146 14.45 -51.72 -50.28
CA ASN F 146 14.55 -50.70 -51.30
C ASN F 146 15.42 -51.21 -52.46
N PRO F 147 14.88 -51.29 -53.68
CA PRO F 147 15.72 -51.75 -54.81
C PRO F 147 16.90 -50.85 -55.08
N GLN F 148 16.76 -49.54 -54.89
CA GLN F 148 17.86 -48.62 -55.17
C GLN F 148 19.04 -48.88 -54.24
N SER F 149 18.78 -49.10 -52.95
CA SER F 149 19.86 -49.40 -52.02
C SER F 149 20.54 -50.71 -52.37
N GLN F 150 19.76 -51.72 -52.75
CA GLN F 150 20.34 -53.00 -53.15
C GLN F 150 21.23 -52.84 -54.37
N ALA F 151 20.78 -52.10 -55.37
CA ALA F 151 21.59 -51.87 -56.56
C ALA F 151 22.87 -51.11 -56.22
N LEU F 152 22.75 -50.09 -55.35
CA LEU F 152 23.92 -49.30 -54.98
C LEU F 152 24.95 -50.15 -54.25
N VAL F 153 24.51 -50.98 -53.31
CA VAL F 153 25.46 -51.81 -52.57
C VAL F 153 26.02 -52.92 -53.46
N GLU F 154 25.23 -53.40 -54.43
CA GLU F 154 25.74 -54.43 -55.34
C GLU F 154 26.81 -53.86 -56.26
N ARG F 155 26.62 -52.62 -56.73
CA ARG F 155 27.57 -52.03 -57.68
C ARG F 155 28.93 -51.77 -57.06
N THR F 156 29.01 -51.67 -55.73
CA THR F 156 30.29 -51.38 -55.09
C THR F 156 31.19 -52.60 -54.99
N HIS F 157 30.61 -53.81 -55.01
CA HIS F 157 31.38 -55.01 -54.74
C HIS F 157 32.41 -55.28 -55.82
N GLN F 158 32.00 -55.22 -57.09
CA GLN F 158 32.93 -55.49 -58.18
C GLN F 158 34.05 -54.45 -58.23
N THR F 159 33.71 -53.17 -58.02
CA THR F 159 34.72 -52.13 -57.99
C THR F 159 35.70 -52.31 -56.84
N LEU F 160 35.21 -52.69 -55.66
CA LEU F 160 36.09 -52.91 -54.51
C LEU F 160 37.20 -53.91 -54.82
N LYS F 161 36.88 -54.94 -55.61
CA LYS F 161 37.86 -55.96 -55.94
C LYS F 161 38.70 -55.59 -57.15
N ASN F 162 38.12 -54.94 -58.17
CA ASN F 162 38.89 -54.65 -59.37
C ASN F 162 39.84 -53.47 -59.18
N THR F 163 39.53 -52.54 -58.27
CA THR F 163 40.43 -51.40 -58.07
C THR F 163 41.71 -51.81 -57.36
N LEU F 164 41.73 -52.98 -56.71
CA LEU F 164 42.92 -53.42 -55.99
C LEU F 164 44.02 -53.92 -56.92
N GLU F 165 43.69 -54.23 -58.18
CA GLU F 165 44.66 -54.83 -59.08
C GLU F 165 45.72 -53.84 -59.55
N LYS F 166 45.42 -52.55 -59.51
CA LYS F 166 46.37 -51.53 -59.98
C LYS F 166 47.35 -51.10 -58.90
N LEU F 167 47.22 -51.60 -57.68
CA LEU F 167 48.03 -51.15 -56.56
C LEU F 167 49.04 -52.18 -56.07
N ILE F 168 48.87 -53.45 -56.41
CA ILE F 168 49.79 -54.50 -55.96
C ILE F 168 51.13 -54.49 -56.70
N PRO F 169 51.24 -54.12 -58.01
CA PRO F 169 52.53 -54.32 -58.68
C PRO F 169 53.62 -53.35 -58.24
N MET F 170 53.26 -52.08 -58.03
CA MET F 170 54.29 -51.06 -57.81
C MET F 170 54.92 -51.19 -56.43
N PHE F 171 54.14 -51.60 -55.42
CA PHE F 171 54.64 -51.67 -54.06
C PHE F 171 54.33 -53.04 -53.47
N ASN F 172 55.27 -53.55 -52.67
CA ASN F 172 55.18 -54.92 -52.19
C ASN F 172 54.07 -55.11 -51.17
N ALA F 173 53.90 -54.15 -50.26
CA ALA F 173 52.94 -54.30 -49.18
C ALA F 173 51.51 -54.28 -49.70
N PHE F 174 50.67 -55.13 -49.12
CA PHE F 174 49.28 -55.25 -49.52
C PHE F 174 48.32 -54.49 -48.61
N GLU F 175 48.66 -54.36 -47.33
CA GLU F 175 47.76 -53.70 -46.38
C GLU F 175 47.61 -52.21 -46.69
N SER F 176 48.70 -51.55 -47.10
CA SER F 176 48.64 -50.12 -47.39
C SER F 176 47.87 -49.84 -48.68
N ALA F 177 48.08 -50.68 -49.70
CA ALA F 177 47.42 -50.47 -50.98
C ALA F 177 45.91 -50.64 -50.87
N LEU F 178 45.45 -51.56 -50.02
CA LEU F 178 44.03 -51.76 -49.83
C LEU F 178 43.36 -50.48 -49.32
N ALA F 179 43.98 -49.84 -48.32
CA ALA F 179 43.45 -48.58 -47.83
C ALA F 179 43.59 -47.47 -48.86
N GLY F 180 44.69 -47.47 -49.61
CA GLY F 180 44.90 -46.44 -50.61
C GLY F 180 43.82 -46.43 -51.69
N THR F 181 43.44 -47.61 -52.17
CA THR F 181 42.36 -47.68 -53.16
C THR F 181 41.09 -47.05 -52.62
N LEU F 182 40.70 -47.41 -51.39
CA LEU F 182 39.45 -46.89 -50.83
C LEU F 182 39.50 -45.39 -50.63
N ILE F 183 40.64 -44.87 -50.15
CA ILE F 183 40.72 -43.43 -49.92
C ILE F 183 40.71 -42.67 -51.24
N THR F 184 41.35 -43.23 -52.27
CA THR F 184 41.40 -42.53 -53.55
C THR F 184 40.10 -42.64 -54.33
N LEU F 185 39.27 -43.65 -54.03
CA LEU F 185 38.00 -43.76 -54.73
C LEU F 185 37.05 -42.62 -54.39
N ASN F 186 37.09 -42.12 -53.15
CA ASN F 186 36.06 -41.22 -52.64
C ASN F 186 36.55 -39.78 -52.50
N ILE F 187 37.53 -39.36 -53.31
CA ILE F 187 38.07 -38.01 -53.18
C ILE F 187 38.01 -37.28 -54.52
N LYS F 188 37.77 -38.02 -55.60
CA LYS F 188 37.86 -37.40 -56.92
C LYS F 188 36.61 -37.65 -57.76
N ARG F 189 35.88 -38.73 -57.50
CA ARG F 189 34.67 -39.01 -58.27
C ARG F 189 33.59 -38.00 -57.91
N LYS F 190 33.05 -37.33 -58.92
CA LYS F 190 32.09 -36.25 -58.73
C LYS F 190 30.85 -36.52 -59.55
N GLY F 191 29.68 -36.27 -58.95
CA GLY F 191 28.41 -36.43 -59.63
C GLY F 191 27.65 -35.12 -59.69
N GLY F 192 27.19 -34.77 -60.89
CA GLY F 192 26.45 -33.53 -61.08
C GLY F 192 27.29 -32.29 -60.88
N LEU F 193 26.89 -31.45 -59.93
CA LEU F 193 27.58 -30.18 -59.68
C LEU F 193 28.75 -30.42 -58.72
N GLY F 194 29.73 -31.19 -59.19
CA GLY F 194 30.82 -31.58 -58.34
C GLY F 194 30.38 -32.58 -57.29
N THR F 195 30.25 -32.11 -56.04
CA THR F 195 29.71 -32.91 -54.94
C THR F 195 30.54 -34.17 -54.70
N SER F 196 31.78 -33.96 -54.23
CA SER F 196 32.64 -35.05 -53.84
C SER F 196 31.99 -35.83 -52.69
N PRO F 197 32.34 -37.11 -52.53
CA PRO F 197 31.59 -37.96 -51.57
C PRO F 197 31.51 -37.39 -50.17
N MET F 198 32.57 -36.76 -49.65
CA MET F 198 32.48 -36.18 -48.32
C MET F 198 31.66 -34.89 -48.32
N ASP F 199 31.52 -34.24 -49.47
CA ASP F 199 30.82 -32.96 -49.51
C ASP F 199 29.35 -33.12 -49.16
N ILE F 200 28.71 -34.18 -49.67
CA ILE F 200 27.32 -34.43 -49.34
C ILE F 200 27.17 -34.71 -47.85
N PHE F 201 28.11 -35.46 -47.27
CA PHE F 201 28.07 -35.73 -45.83
C PHE F 201 28.19 -34.44 -45.03
N ILE F 202 29.11 -33.56 -45.42
CA ILE F 202 29.26 -32.29 -44.70
C ILE F 202 27.99 -31.45 -44.83
N PHE F 203 27.42 -31.39 -46.04
CA PHE F 203 26.21 -30.59 -46.26
C PHE F 203 25.05 -31.12 -45.43
N ASN F 204 24.92 -32.45 -45.34
CA ASN F 204 23.86 -33.04 -44.54
C ASN F 204 24.10 -32.79 -43.05
N LYS F 205 25.35 -32.88 -42.60
CA LYS F 205 25.66 -32.76 -41.18
C LYS F 205 25.61 -31.33 -40.67
N GLU F 206 25.87 -30.34 -41.51
CA GLU F 206 25.94 -28.96 -41.03
C GLU F 206 24.58 -28.36 -40.69
N GLN F 207 23.50 -28.86 -41.30
CA GLN F 207 22.18 -28.27 -41.06
C GLN F 207 21.72 -28.47 -39.62
N GLN F 208 22.13 -29.57 -38.98
CA GLN F 208 21.71 -29.84 -37.61
C GLN F 208 22.18 -28.75 -36.66
N ARG F 209 23.34 -28.14 -36.92
CA ARG F 209 23.78 -27.04 -36.08
C ARG F 209 22.80 -25.87 -36.13
N ILE F 210 22.47 -25.41 -37.35
CA ILE F 210 21.54 -24.29 -37.50
C ILE F 210 20.20 -24.64 -36.88
N GLN F 211 19.76 -25.90 -37.02
CA GLN F 211 18.57 -26.32 -36.31
C GLN F 211 18.74 -26.25 -34.79
N GLN F 212 19.95 -26.51 -34.28
CA GLN F 212 20.17 -26.46 -32.84
C GLN F 212 20.06 -25.05 -32.28
N GLN F 213 20.75 -24.08 -32.89
CA GLN F 213 20.62 -22.72 -32.37
C GLN F 213 19.45 -21.95 -32.96
N SER F 214 18.63 -22.57 -33.83
CA SER F 214 17.41 -21.92 -34.29
C SER F 214 16.43 -21.70 -33.14
N LYS F 215 16.28 -22.70 -32.28
CA LYS F 215 15.34 -22.60 -31.17
C LYS F 215 15.93 -21.93 -29.94
N SER F 216 17.24 -21.66 -29.92
CA SER F 216 17.83 -21.00 -28.77
C SER F 216 17.27 -19.59 -28.58
N LYS F 217 17.11 -18.85 -29.68
CA LYS F 217 16.52 -17.51 -29.58
C LYS F 217 15.01 -17.56 -29.37
N GLN F 218 14.37 -18.68 -29.71
CA GLN F 218 12.92 -18.82 -29.54
C GLN F 218 12.64 -19.49 -28.19
N GLU F 219 12.82 -18.69 -27.13
CA GLU F 219 12.67 -19.18 -25.77
C GLU F 219 11.62 -18.41 -24.97
N LYS F 220 11.20 -17.24 -25.43
CA LYS F 220 10.25 -16.38 -24.68
C LYS F 220 8.83 -16.93 -24.67
N ILE F 221 8.57 -18.14 -25.17
CA ILE F 221 7.21 -18.66 -25.19
C ILE F 221 6.76 -19.00 -23.78
N ARG F 222 5.48 -18.75 -23.48
CA ARG F 222 4.91 -19.04 -22.18
C ARG F 222 3.54 -19.68 -22.36
N PHE F 223 3.13 -20.45 -21.35
CA PHE F 223 1.87 -21.18 -21.39
C PHE F 223 1.01 -20.81 -20.19
N CYS F 224 -0.31 -20.86 -20.37
CA CYS F 224 -1.22 -20.49 -19.29
C CYS F 224 -2.58 -21.10 -19.56
N TYR F 225 -3.29 -21.38 -18.47
CA TYR F 225 -4.70 -21.75 -18.50
C TYR F 225 -5.57 -20.50 -18.55
N TYR F 226 -6.72 -20.63 -19.19
CA TYR F 226 -7.64 -19.51 -19.35
C TYR F 226 -9.06 -20.00 -19.14
N ARG F 227 -9.95 -19.06 -18.81
CA ARG F 227 -11.36 -19.36 -18.65
C ARG F 227 -12.18 -18.23 -19.25
N THR F 228 -13.39 -18.57 -19.72
CA THR F 228 -14.28 -17.61 -20.34
C THR F 228 -15.48 -17.37 -19.43
N ARG F 229 -15.87 -16.10 -19.32
CA ARG F 229 -17.00 -15.70 -18.47
C ARG F 229 -18.26 -15.58 -19.32
N LYS F 230 -19.32 -16.26 -18.89
CA LYS F 230 -20.62 -16.19 -19.54
C LYS F 230 -21.63 -15.67 -18.53
N ARG F 231 -22.28 -14.56 -18.86
CA ARG F 231 -23.26 -13.91 -17.99
C ARG F 231 -22.66 -13.60 -16.62
N GLY F 232 -21.40 -13.17 -16.63
CA GLY F 232 -20.69 -12.83 -15.41
C GLY F 232 -20.04 -14.01 -14.70
N HIS F 233 -20.72 -15.15 -14.67
CA HIS F 233 -20.19 -16.32 -13.99
C HIS F 233 -19.01 -16.89 -14.76
N PRO F 234 -17.83 -17.03 -14.14
CA PRO F 234 -16.69 -17.62 -14.86
C PRO F 234 -16.93 -19.09 -15.17
N GLY F 235 -16.36 -19.53 -16.28
CA GLY F 235 -16.48 -20.91 -16.70
C GLY F 235 -15.34 -21.77 -16.18
N GLU F 236 -15.37 -23.04 -16.58
CA GLU F 236 -14.33 -23.98 -16.18
C GLU F 236 -13.00 -23.64 -16.86
N TRP F 237 -11.91 -23.96 -16.18
CA TRP F 237 -10.59 -23.71 -16.73
C TRP F 237 -10.35 -24.55 -17.97
N GLN F 238 -9.67 -23.96 -18.95
CA GLN F 238 -9.38 -24.64 -20.21
C GLN F 238 -7.92 -24.44 -20.57
N GLY F 239 -7.34 -25.43 -21.24
CA GLY F 239 -5.96 -25.38 -21.65
C GLY F 239 -5.25 -26.70 -21.43
N PRO F 240 -3.92 -26.65 -21.30
CA PRO F 240 -3.11 -25.44 -21.40
C PRO F 240 -2.88 -25.00 -22.85
N THR F 241 -2.63 -23.70 -23.04
CA THR F 241 -2.39 -23.14 -24.36
C THR F 241 -1.19 -22.20 -24.30
N GLN F 242 -0.75 -21.76 -25.47
CA GLN F 242 0.41 -20.89 -25.60
C GLN F 242 -0.04 -19.43 -25.64
N VAL F 243 0.74 -18.56 -25.01
CA VAL F 243 0.46 -17.13 -25.00
C VAL F 243 0.93 -16.57 -26.36
N LEU F 244 -0.02 -16.37 -27.27
CA LEU F 244 0.34 -15.85 -28.59
C LEU F 244 0.88 -14.43 -28.50
N TRP F 245 0.25 -13.58 -27.71
CA TRP F 245 0.69 -12.20 -27.52
C TRP F 245 0.52 -11.82 -26.06
N GLY F 246 1.63 -11.46 -25.41
CA GLY F 246 1.60 -11.07 -24.02
C GLY F 246 1.41 -9.57 -23.87
N GLY F 247 0.34 -9.18 -23.17
CA GLY F 247 0.07 -7.79 -22.91
C GLY F 247 -0.13 -7.57 -21.43
N ASP F 248 0.14 -6.33 -20.99
CA ASP F 248 0.08 -6.02 -19.57
C ASP F 248 -1.35 -6.14 -19.05
N GLY F 249 -2.31 -5.54 -19.75
CA GLY F 249 -3.70 -5.61 -19.31
C GLY F 249 -4.33 -6.97 -19.55
N ALA F 250 -4.06 -7.57 -20.70
CA ALA F 250 -4.70 -8.84 -21.07
C ALA F 250 -3.80 -9.55 -22.07
N ILE F 251 -4.21 -10.76 -22.45
CA ILE F 251 -3.46 -11.55 -23.41
C ILE F 251 -4.40 -12.09 -24.47
N VAL F 252 -3.81 -12.58 -25.56
CA VAL F 252 -4.55 -13.14 -26.68
C VAL F 252 -4.19 -14.63 -26.79
N VAL F 253 -5.20 -15.48 -26.82
CA VAL F 253 -5.01 -16.93 -26.86
C VAL F 253 -5.75 -17.51 -28.05
N LYS F 254 -5.33 -18.70 -28.46
CA LYS F 254 -5.91 -19.41 -29.59
C LYS F 254 -6.75 -20.57 -29.08
N ASP F 255 -7.99 -20.65 -29.54
CA ASP F 255 -8.91 -21.68 -29.12
C ASP F 255 -8.94 -22.82 -30.13
N ARG F 256 -9.01 -24.05 -29.63
CA ARG F 256 -9.08 -25.23 -30.49
C ARG F 256 -10.50 -25.61 -30.86
N GLY F 257 -11.45 -25.42 -29.95
CA GLY F 257 -12.83 -25.82 -30.23
C GLY F 257 -13.47 -25.01 -31.33
N THR F 258 -13.29 -23.69 -31.30
CA THR F 258 -13.90 -22.79 -32.26
C THR F 258 -12.94 -22.26 -33.31
N ASP F 259 -11.64 -22.50 -33.16
CA ASP F 259 -10.62 -22.03 -34.10
C ASP F 259 -10.71 -20.52 -34.27
N ARG F 260 -10.88 -19.81 -33.16
CA ARG F 260 -11.02 -18.37 -33.17
C ARG F 260 -10.13 -17.76 -32.09
N TYR F 261 -9.71 -16.52 -32.32
CA TYR F 261 -8.87 -15.80 -31.37
C TYR F 261 -9.71 -15.15 -30.28
N LEU F 262 -9.20 -15.17 -29.06
CA LEU F 262 -9.90 -14.57 -27.93
C LEU F 262 -8.92 -13.75 -27.11
N VAL F 263 -9.45 -12.73 -26.45
CA VAL F 263 -8.69 -11.87 -25.54
C VAL F 263 -9.19 -12.14 -24.13
N ILE F 264 -8.27 -12.49 -23.24
CA ILE F 264 -8.58 -12.84 -21.86
C ILE F 264 -7.83 -11.89 -20.94
N ALA F 265 -8.55 -11.30 -19.99
CA ALA F 265 -7.95 -10.39 -19.03
C ALA F 265 -7.05 -11.17 -18.06
N ASN F 266 -6.17 -10.42 -17.40
CA ASN F 266 -5.20 -11.01 -16.49
C ASN F 266 -5.84 -11.65 -15.27
N LYS F 267 -7.10 -11.34 -14.97
CA LYS F 267 -7.77 -11.91 -13.81
C LYS F 267 -8.38 -13.28 -14.07
N ASP F 268 -8.27 -13.79 -15.29
CA ASP F 268 -8.82 -15.10 -15.65
C ASP F 268 -7.76 -15.99 -16.29
N VAL F 269 -6.50 -15.83 -15.89
CA VAL F 269 -5.40 -16.59 -16.46
C VAL F 269 -4.58 -17.22 -15.34
N LYS F 270 -3.88 -18.30 -15.70
CA LYS F 270 -3.04 -19.04 -14.75
C LYS F 270 -1.75 -19.40 -15.47
N PHE F 271 -0.68 -18.68 -15.20
CA PHE F 271 0.59 -18.92 -15.87
C PHE F 271 1.23 -20.20 -15.33
N ILE F 272 1.68 -21.06 -16.24
CA ILE F 272 2.32 -22.32 -15.86
C ILE F 272 3.57 -22.52 -16.71
N PRO F 273 4.57 -23.27 -16.21
CA PRO F 273 5.71 -23.58 -17.06
C PRO F 273 5.30 -24.47 -18.21
N PRO F 274 6.00 -24.41 -19.34
CA PRO F 274 5.62 -25.24 -20.50
C PRO F 274 5.78 -26.71 -20.21
N PRO F 275 4.82 -27.53 -20.59
CA PRO F 275 4.92 -28.98 -20.36
C PRO F 275 5.89 -29.63 -21.35
N LYS F 276 6.32 -30.83 -20.98
CA LYS F 276 7.21 -31.62 -21.83
C LYS F 276 6.81 -33.09 -21.83
N TRP G 1 43.53 -24.84 -67.33
CA TRP G 1 42.72 -25.17 -68.49
C TRP G 1 43.45 -26.16 -69.39
N ILE G 2 44.70 -25.86 -69.72
CA ILE G 2 45.53 -26.72 -70.54
C ILE G 2 46.69 -27.33 -69.75
N GLU G 3 47.26 -26.58 -68.81
CA GLU G 3 48.37 -27.07 -68.01
C GLU G 3 47.98 -28.20 -67.08
N ASN G 4 46.68 -28.39 -66.82
CA ASN G 4 46.22 -29.46 -65.93
C ASN G 4 46.10 -30.81 -66.63
N ILE G 5 46.29 -30.86 -67.95
CA ILE G 5 46.20 -32.13 -68.67
C ILE G 5 47.23 -33.15 -68.18
N PRO G 6 48.52 -32.81 -68.05
CA PRO G 6 49.45 -33.80 -67.48
C PRO G 6 49.08 -34.24 -66.08
N LEU G 7 48.58 -33.33 -65.25
CA LEU G 7 48.16 -33.70 -63.90
C LEU G 7 46.99 -34.66 -63.94
N ALA G 8 46.02 -34.41 -64.82
CA ALA G 8 44.88 -35.32 -64.96
C ALA G 8 45.33 -36.69 -65.46
N GLU G 9 46.25 -36.72 -66.43
CA GLU G 9 46.75 -38.00 -66.91
C GLU G 9 47.48 -38.77 -65.82
N GLU G 10 48.30 -38.06 -65.03
CA GLU G 10 48.99 -38.71 -63.92
C GLU G 10 48.00 -39.26 -62.90
N GLU G 11 46.96 -38.48 -62.58
CA GLU G 11 45.96 -38.94 -61.61
C GLU G 11 45.22 -40.17 -62.13
N HIS G 12 44.86 -40.18 -63.42
CA HIS G 12 44.19 -41.34 -63.98
C HIS G 12 45.11 -42.55 -63.98
N ASN G 13 46.39 -42.37 -64.32
CA ASN G 13 47.33 -43.48 -64.23
C ASN G 13 47.47 -43.97 -62.80
N LYS G 14 47.34 -43.08 -61.82
CA LYS G 14 47.45 -43.47 -60.42
C LYS G 14 46.25 -44.29 -59.97
N TRP G 15 45.03 -43.84 -60.29
CA TRP G 15 43.83 -44.45 -59.73
C TRP G 15 42.86 -45.02 -60.76
N HIS G 16 42.84 -44.50 -61.99
CA HIS G 16 41.97 -44.99 -63.05
C HIS G 16 40.49 -44.89 -62.65
N GLN G 17 40.04 -43.66 -62.44
CA GLN G 17 38.65 -43.41 -62.11
C GLN G 17 37.88 -43.04 -63.39
N ASP G 18 36.60 -42.74 -63.24
CA ASP G 18 35.75 -42.47 -64.39
C ASP G 18 36.08 -41.09 -65.00
N ALA G 19 35.73 -40.94 -66.28
CA ALA G 19 36.09 -39.75 -67.03
C ALA G 19 35.29 -38.53 -66.61
N VAL G 20 34.04 -38.73 -66.17
CA VAL G 20 33.20 -37.61 -65.78
C VAL G 20 33.80 -36.86 -64.60
N SER G 21 34.43 -37.59 -63.67
CA SER G 21 35.10 -36.94 -62.56
C SER G 21 36.24 -36.06 -63.04
N LEU G 22 37.03 -36.54 -64.01
CA LEU G 22 38.11 -35.74 -64.57
C LEU G 22 37.56 -34.49 -65.25
N HIS G 23 36.47 -34.64 -66.01
CA HIS G 23 35.89 -33.49 -66.69
C HIS G 23 35.38 -32.46 -65.69
N LEU G 24 34.75 -32.92 -64.61
CA LEU G 24 34.18 -32.00 -63.62
C LEU G 24 35.26 -31.36 -62.76
N GLU G 25 36.39 -32.03 -62.54
CA GLU G 25 37.43 -31.52 -61.66
C GLU G 25 38.43 -30.63 -62.38
N PHE G 26 38.91 -31.05 -63.55
CA PHE G 26 39.96 -30.31 -64.24
C PHE G 26 39.44 -29.38 -65.33
N GLY G 27 38.20 -29.55 -65.78
CA GLY G 27 37.66 -28.77 -66.86
C GLY G 27 38.05 -29.23 -68.24
N ILE G 28 38.81 -30.33 -68.35
CA ILE G 28 39.17 -30.89 -69.65
C ILE G 28 37.90 -31.35 -70.37
N PRO G 29 37.78 -31.19 -71.68
CA PRO G 29 36.60 -31.70 -72.39
C PRO G 29 36.43 -33.20 -72.17
N ARG G 30 35.18 -33.61 -71.98
CA ARG G 30 34.89 -35.00 -71.66
C ARG G 30 35.16 -35.94 -72.82
N THR G 31 35.24 -35.43 -74.06
CA THR G 31 35.59 -36.28 -75.19
C THR G 31 37.02 -36.81 -75.04
N ALA G 32 37.96 -35.94 -74.67
CA ALA G 32 39.34 -36.38 -74.48
C ALA G 32 39.44 -37.37 -73.32
N ALA G 33 38.72 -37.11 -72.23
CA ALA G 33 38.75 -38.02 -71.10
C ALA G 33 38.15 -39.38 -71.47
N GLU G 34 37.07 -39.38 -72.23
CA GLU G 34 36.48 -40.64 -72.70
C GLU G 34 37.44 -41.39 -73.61
N ASP G 35 38.15 -40.67 -74.49
CA ASP G 35 39.13 -41.31 -75.34
C ASP G 35 40.27 -41.91 -74.51
N ILE G 36 40.71 -41.21 -73.48
CA ILE G 36 41.76 -41.72 -72.60
C ILE G 36 41.27 -42.98 -71.89
N VAL G 37 40.03 -42.97 -71.41
CA VAL G 37 39.48 -44.13 -70.72
C VAL G 37 39.39 -45.32 -71.67
N GLN G 38 38.92 -45.08 -72.89
CA GLN G 38 38.81 -46.17 -73.87
C GLN G 38 40.18 -46.73 -74.24
N GLN G 39 41.17 -45.85 -74.43
CA GLN G 39 42.52 -46.30 -74.75
C GLN G 39 43.26 -46.85 -73.54
N CYS G 40 42.72 -46.67 -72.33
CA CYS G 40 43.33 -47.22 -71.14
C CYS G 40 43.08 -48.73 -71.08
N ASP G 41 44.01 -49.51 -71.62
CA ASP G 41 43.83 -50.95 -71.72
C ASP G 41 43.71 -51.62 -70.36
N VAL G 42 44.26 -51.01 -69.30
CA VAL G 42 44.12 -51.58 -67.97
C VAL G 42 42.67 -51.61 -67.54
N CYS G 43 41.95 -50.50 -67.75
CA CYS G 43 40.54 -50.44 -67.37
C CYS G 43 39.72 -51.45 -68.17
N GLN G 44 40.01 -51.58 -69.47
CA GLN G 44 39.27 -52.53 -70.29
C GLN G 44 39.58 -53.98 -69.91
N GLU G 45 40.81 -54.27 -69.52
CA GLU G 45 41.17 -55.62 -69.10
C GLU G 45 40.76 -55.93 -67.67
N ASN G 46 40.36 -54.92 -66.89
CA ASN G 46 39.89 -55.13 -65.54
C ASN G 46 38.44 -55.61 -65.46
N LYS G 47 37.71 -55.55 -66.57
CA LYS G 47 36.32 -56.00 -66.58
C LYS G 47 36.21 -57.44 -67.07
N GLY G 59 27.71 -42.30 -69.84
CA GLY G 59 28.38 -41.10 -70.29
C GLY G 59 27.56 -39.84 -70.05
N ILE G 60 27.35 -39.06 -71.12
CA ILE G 60 26.55 -37.85 -71.06
C ILE G 60 25.58 -37.84 -72.23
N ASP G 61 24.53 -37.02 -72.09
CA ASP G 61 23.50 -36.87 -73.12
C ASP G 61 22.82 -38.20 -73.45
N HIS G 62 22.67 -39.06 -72.44
CA HIS G 62 22.06 -40.37 -72.63
C HIS G 62 20.57 -40.28 -72.31
N TRP G 63 19.75 -40.94 -73.14
CA TRP G 63 18.30 -40.88 -73.01
C TRP G 63 17.73 -42.30 -72.87
N GLN G 64 16.56 -42.38 -72.26
CA GLN G 64 15.86 -43.64 -72.06
C GLN G 64 14.40 -43.46 -72.44
N VAL G 65 13.87 -44.42 -73.19
CA VAL G 65 12.50 -44.37 -73.70
C VAL G 65 11.74 -45.59 -73.21
N ASP G 66 10.48 -45.40 -72.85
CA ASP G 66 9.63 -46.49 -72.41
C ASP G 66 8.18 -46.12 -72.68
N TYR G 67 7.31 -47.13 -72.61
CA TYR G 67 5.88 -46.92 -72.80
C TYR G 67 5.12 -47.36 -71.55
N THR G 68 3.99 -46.69 -71.30
CA THR G 68 3.19 -47.02 -70.14
C THR G 68 1.71 -46.86 -70.48
N HIS G 69 0.87 -47.58 -69.75
CA HIS G 69 -0.58 -47.61 -69.96
C HIS G 69 -1.25 -47.39 -68.60
N TYR G 70 -1.56 -46.13 -68.31
CA TYR G 70 -2.23 -45.76 -67.07
C TYR G 70 -3.64 -45.28 -67.41
N GLU G 71 -4.65 -45.91 -66.78
CA GLU G 71 -6.05 -45.62 -67.05
C GLU G 71 -6.36 -45.75 -68.54
N ASP G 72 -5.80 -46.79 -69.16
CA ASP G 72 -5.97 -47.06 -70.59
C ASP G 72 -5.51 -45.87 -71.44
N LYS G 73 -4.45 -45.21 -71.01
CA LYS G 73 -3.86 -44.10 -71.74
C LYS G 73 -2.40 -44.42 -72.07
N ILE G 74 -2.05 -44.29 -73.34
CA ILE G 74 -0.70 -44.60 -73.81
C ILE G 74 0.16 -43.36 -73.58
N ILE G 75 1.14 -43.48 -72.69
CA ILE G 75 2.06 -42.38 -72.38
C ILE G 75 3.48 -42.85 -72.65
N LEU G 76 4.22 -42.08 -73.44
CA LEU G 76 5.60 -42.42 -73.79
C LEU G 76 6.52 -41.72 -72.80
N VAL G 77 7.01 -42.48 -71.82
CA VAL G 77 7.85 -41.94 -70.76
C VAL G 77 9.27 -41.78 -71.30
N TRP G 78 9.85 -40.61 -71.06
CA TRP G 78 11.20 -40.29 -71.49
C TRP G 78 12.00 -39.85 -70.26
N VAL G 79 13.18 -40.43 -70.07
CA VAL G 79 13.99 -40.20 -68.88
C VAL G 79 15.42 -39.88 -69.31
N GLU G 80 16.11 -39.11 -68.49
CA GLU G 80 17.54 -38.87 -68.65
C GLU G 80 18.29 -39.65 -67.59
N THR G 81 19.26 -40.45 -68.01
CA THR G 81 19.96 -41.33 -67.07
C THR G 81 20.85 -40.56 -66.12
N ASN G 82 21.51 -39.51 -66.61
CA ASN G 82 22.52 -38.82 -65.79
C ASN G 82 21.89 -37.88 -64.79
N SER G 83 21.18 -36.86 -65.26
CA SER G 83 20.62 -35.82 -64.40
C SER G 83 19.16 -36.06 -64.03
N GLY G 84 18.56 -37.13 -64.53
CA GLY G 84 17.17 -37.43 -64.20
C GLY G 84 16.15 -36.46 -64.75
N LEU G 85 16.33 -36.01 -66.00
CA LEU G 85 15.34 -35.17 -66.65
C LEU G 85 14.27 -36.04 -67.30
N ILE G 86 13.01 -35.63 -67.15
CA ILE G 86 11.88 -36.39 -67.68
C ILE G 86 11.01 -35.47 -68.53
N TYR G 87 10.28 -36.07 -69.46
CA TYR G 87 9.35 -35.34 -70.32
C TYR G 87 8.26 -36.29 -70.78
N ALA G 88 7.01 -35.86 -70.67
CA ALA G 88 5.87 -36.68 -71.06
C ALA G 88 4.89 -35.84 -71.87
N GLU G 89 4.20 -36.49 -72.81
CA GLU G 89 3.21 -35.83 -73.64
C GLU G 89 2.13 -36.84 -74.00
N ARG G 90 0.94 -36.32 -74.29
CA ARG G 90 -0.18 -37.18 -74.63
C ARG G 90 0.04 -37.82 -75.99
N VAL G 91 -0.15 -39.14 -76.06
CA VAL G 91 0.02 -39.92 -77.28
C VAL G 91 -1.29 -40.64 -77.58
N LYS G 92 -1.80 -40.46 -78.80
CA LYS G 92 -3.04 -41.11 -79.19
C LYS G 92 -2.89 -42.63 -79.21
N GLY G 93 -1.77 -43.12 -79.73
CA GLY G 93 -1.54 -44.56 -79.81
C GLY G 93 -0.11 -44.85 -80.18
N GLU G 94 0.26 -46.12 -80.02
CA GLU G 94 1.61 -46.58 -80.31
C GLU G 94 1.80 -46.81 -81.81
N THR G 95 1.65 -45.72 -82.56
CA THR G 95 1.82 -45.73 -84.00
C THR G 95 3.16 -45.08 -84.36
N GLY G 96 3.83 -45.65 -85.36
CA GLY G 96 5.12 -45.11 -85.77
C GLY G 96 5.02 -43.71 -86.33
N GLN G 97 3.93 -43.42 -87.04
CA GLN G 97 3.75 -42.10 -87.64
C GLN G 97 3.70 -41.01 -86.57
N GLU G 98 2.93 -41.25 -85.50
CA GLU G 98 2.88 -40.29 -84.39
C GLU G 98 4.18 -40.29 -83.58
N PHE G 99 4.81 -41.45 -83.42
CA PHE G 99 6.04 -41.53 -82.65
C PHE G 99 7.15 -40.70 -83.31
N ARG G 100 7.24 -40.75 -84.63
CA ARG G 100 8.25 -39.95 -85.33
C ARG G 100 8.02 -38.46 -85.12
N VAL G 101 6.76 -38.01 -85.23
CA VAL G 101 6.45 -36.60 -85.01
C VAL G 101 6.79 -36.20 -83.58
N GLN G 102 6.51 -37.08 -82.63
CA GLN G 102 6.90 -36.81 -81.24
C GLN G 102 8.41 -36.70 -81.11
N THR G 103 9.17 -37.51 -81.85
CA THR G 103 10.63 -37.43 -81.77
C THR G 103 11.15 -36.11 -82.35
N MET G 104 10.62 -35.68 -83.51
CA MET G 104 11.04 -34.38 -84.02
C MET G 104 10.63 -33.24 -83.09
N LYS G 105 9.46 -33.34 -82.47
CA LYS G 105 9.06 -32.31 -81.51
C LYS G 105 9.97 -32.31 -80.29
N TRP G 106 10.41 -33.48 -79.84
CA TRP G 106 11.33 -33.56 -78.72
C TRP G 106 12.69 -32.99 -79.07
N TYR G 107 13.12 -33.16 -80.32
CA TYR G 107 14.42 -32.63 -80.73
C TYR G 107 14.44 -31.10 -80.79
N ALA G 108 13.29 -30.45 -80.66
CA ALA G 108 13.23 -28.99 -80.79
C ALA G 108 14.07 -28.26 -79.75
N MET G 109 14.02 -28.68 -78.48
CA MET G 109 14.78 -28.01 -77.43
C MET G 109 15.95 -28.83 -76.89
N PHE G 110 16.10 -30.07 -77.32
CA PHE G 110 17.20 -30.93 -76.88
C PHE G 110 18.06 -31.32 -78.07
N ALA G 111 19.38 -31.23 -77.90
CA ALA G 111 20.35 -31.60 -78.92
C ALA G 111 21.38 -32.53 -78.30
N PRO G 112 21.02 -33.80 -78.10
CA PRO G 112 21.96 -34.74 -77.47
C PRO G 112 22.99 -35.28 -78.45
N LYS G 113 23.93 -36.09 -77.93
CA LYS G 113 24.95 -36.71 -78.77
C LYS G 113 24.84 -38.22 -78.85
N SER G 114 24.11 -38.87 -77.94
CA SER G 114 23.92 -40.31 -77.96
C SER G 114 22.48 -40.64 -77.63
N LEU G 115 21.95 -41.67 -78.28
CA LEU G 115 20.60 -42.15 -78.00
C LEU G 115 20.61 -43.67 -77.94
N GLN G 116 19.83 -44.21 -77.00
CA GLN G 116 19.63 -45.65 -76.86
C GLN G 116 18.14 -45.95 -76.87
N SER G 117 17.78 -47.06 -77.51
CA SER G 117 16.39 -47.45 -77.63
C SER G 117 16.26 -48.93 -77.35
N ASP G 118 15.07 -49.31 -76.86
CA ASP G 118 14.77 -50.71 -76.57
C ASP G 118 14.16 -51.37 -77.78
N ASN G 119 13.62 -52.58 -77.61
CA ASN G 119 13.00 -53.34 -78.68
C ASN G 119 11.49 -53.08 -78.65
N GLY G 120 10.95 -52.60 -79.77
CA GLY G 120 9.53 -52.33 -79.87
C GLY G 120 9.10 -52.08 -81.30
N PRO G 121 7.80 -52.17 -81.55
CA PRO G 121 7.30 -51.94 -82.93
C PRO G 121 7.52 -50.51 -83.40
N ALA G 122 7.08 -49.53 -82.61
CA ALA G 122 7.25 -48.13 -83.00
C ALA G 122 8.69 -47.65 -82.80
N PHE G 123 9.41 -48.24 -81.85
CA PHE G 123 10.78 -47.81 -81.58
C PHE G 123 11.69 -48.08 -82.77
N VAL G 124 11.59 -49.28 -83.35
CA VAL G 124 12.38 -49.66 -84.51
C VAL G 124 11.42 -50.03 -85.63
N ALA G 125 11.50 -49.30 -86.74
CA ALA G 125 10.63 -49.53 -87.89
C ALA G 125 11.47 -49.45 -89.16
N GLU G 126 10.79 -49.41 -90.31
CA GLU G 126 11.47 -49.37 -91.60
C GLU G 126 12.07 -48.02 -91.92
N SER G 127 11.68 -46.95 -91.20
CA SER G 127 12.20 -45.63 -91.48
C SER G 127 12.61 -44.87 -90.22
N THR G 128 12.52 -45.49 -89.04
CA THR G 128 12.91 -44.80 -87.81
C THR G 128 14.41 -44.48 -87.80
N GLN G 129 15.24 -45.42 -88.26
CA GLN G 129 16.68 -45.20 -88.27
C GLN G 129 17.10 -44.19 -89.33
N LEU G 130 16.33 -44.04 -90.40
CA LEU G 130 16.68 -43.07 -91.45
C LEU G 130 16.55 -41.64 -90.93
N LEU G 131 15.53 -41.36 -90.13
CA LEU G 131 15.31 -40.01 -89.62
C LEU G 131 16.39 -39.59 -88.62
N MET G 132 17.15 -40.56 -88.08
CA MET G 132 18.22 -40.27 -87.13
C MET G 132 19.57 -40.16 -87.81
N LYS G 133 19.69 -40.62 -89.06
CA LYS G 133 20.97 -40.60 -89.75
C LYS G 133 21.48 -39.18 -89.99
N TYR G 134 20.58 -38.24 -90.31
CA TYR G 134 20.99 -36.86 -90.58
C TYR G 134 21.13 -36.03 -89.31
N LEU G 135 20.79 -36.58 -88.14
CA LEU G 135 20.94 -35.86 -86.89
C LEU G 135 22.34 -35.99 -86.29
N GLY G 136 23.18 -36.87 -86.82
CA GLY G 136 24.52 -37.02 -86.32
C GLY G 136 24.61 -37.50 -84.88
N ILE G 137 23.74 -38.44 -84.49
CA ILE G 137 23.68 -38.94 -83.12
C ILE G 137 23.94 -40.44 -83.15
N GLU G 138 24.88 -40.89 -82.33
CA GLU G 138 25.19 -42.31 -82.25
C GLU G 138 24.02 -43.08 -81.63
N HIS G 139 23.73 -44.25 -82.19
CA HIS G 139 22.63 -45.09 -81.72
C HIS G 139 23.16 -46.50 -81.49
N THR G 140 22.75 -47.10 -80.37
CA THR G 140 23.13 -48.47 -80.02
C THR G 140 21.87 -49.20 -79.57
N THR G 141 21.41 -50.16 -80.37
CA THR G 141 20.22 -50.91 -80.05
C THR G 141 20.57 -52.11 -79.17
N GLY G 142 19.56 -52.88 -78.81
CA GLY G 142 19.73 -54.06 -77.98
C GLY G 142 19.44 -53.76 -76.51
N ILE G 143 19.34 -54.84 -75.75
CA ILE G 143 19.05 -54.71 -74.31
C ILE G 143 20.26 -54.11 -73.61
N PRO G 144 20.07 -53.14 -72.72
CA PRO G 144 21.21 -52.59 -71.97
C PRO G 144 21.79 -53.60 -71.01
N TRP G 145 23.08 -53.42 -70.72
CA TRP G 145 23.80 -54.28 -69.79
C TRP G 145 24.11 -53.61 -68.46
N ASN G 146 24.00 -52.29 -68.38
CA ASN G 146 24.29 -51.58 -67.13
C ASN G 146 23.12 -51.73 -66.17
N PRO G 147 23.32 -52.30 -64.98
CA PRO G 147 22.21 -52.41 -64.02
C PRO G 147 21.62 -51.08 -63.61
N GLN G 148 22.43 -50.02 -63.53
CA GLN G 148 21.92 -48.72 -63.12
C GLN G 148 20.93 -48.17 -64.13
N SER G 149 21.19 -48.38 -65.42
CA SER G 149 20.29 -47.88 -66.45
C SER G 149 18.90 -48.49 -66.31
N GLN G 150 18.84 -49.79 -66.04
CA GLN G 150 17.56 -50.43 -65.77
C GLN G 150 16.97 -50.00 -64.43
N ALA G 151 17.81 -49.71 -63.44
CA ALA G 151 17.31 -49.33 -62.12
C ALA G 151 16.60 -47.98 -62.14
N LEU G 152 17.14 -47.01 -62.89
CA LEU G 152 16.47 -45.71 -62.98
C LEU G 152 15.08 -45.82 -63.59
N VAL G 153 14.90 -46.75 -64.54
CA VAL G 153 13.61 -46.88 -65.23
C VAL G 153 12.49 -47.29 -64.28
N GLU G 154 12.83 -48.04 -63.23
CA GLU G 154 11.80 -48.69 -62.42
C GLU G 154 10.97 -47.67 -61.64
N ARG G 155 11.60 -46.92 -60.73
CA ARG G 155 10.85 -46.11 -59.78
C ARG G 155 10.29 -44.83 -60.39
N THR G 156 10.77 -44.42 -61.57
CA THR G 156 10.25 -43.21 -62.19
C THR G 156 8.78 -43.35 -62.55
N HIS G 157 8.38 -44.51 -63.07
CA HIS G 157 6.98 -44.72 -63.40
C HIS G 157 6.11 -44.69 -62.14
N GLN G 158 6.57 -45.32 -61.06
CA GLN G 158 5.81 -45.30 -59.82
C GLN G 158 5.64 -43.88 -59.29
N THR G 159 6.72 -43.09 -59.31
CA THR G 159 6.63 -41.71 -58.86
C THR G 159 5.69 -40.90 -59.75
N LEU G 160 5.75 -41.11 -61.06
CA LEU G 160 4.87 -40.39 -61.98
C LEU G 160 3.41 -40.72 -61.73
N LYS G 161 3.10 -42.01 -61.52
CA LYS G 161 1.72 -42.39 -61.23
C LYS G 161 1.25 -41.82 -59.89
N ASN G 162 2.14 -41.83 -58.89
CA ASN G 162 1.77 -41.27 -57.59
C ASN G 162 1.47 -39.79 -57.70
N THR G 163 2.30 -39.05 -58.45
CA THR G 163 2.04 -37.62 -58.64
C THR G 163 0.77 -37.37 -59.45
N LEU G 164 0.52 -38.18 -60.48
CA LEU G 164 -0.68 -38.03 -61.28
C LEU G 164 -1.93 -38.25 -60.43
N GLU G 165 -1.92 -39.27 -59.59
CA GLU G 165 -3.09 -39.55 -58.75
C GLU G 165 -3.40 -38.39 -57.81
N LYS G 166 -2.37 -37.70 -57.32
CA LYS G 166 -2.61 -36.53 -56.48
C LYS G 166 -3.04 -35.30 -57.29
N LEU G 167 -2.52 -35.13 -58.51
CA LEU G 167 -2.75 -33.90 -59.25
C LEU G 167 -3.99 -33.93 -60.14
N ILE G 168 -4.58 -35.10 -60.39
CA ILE G 168 -5.77 -35.16 -61.26
C ILE G 168 -6.96 -34.37 -60.72
N PRO G 169 -7.34 -34.45 -59.44
CA PRO G 169 -8.63 -33.85 -59.05
C PRO G 169 -8.70 -32.33 -59.17
N MET G 170 -7.59 -31.62 -58.98
CA MET G 170 -7.66 -30.16 -59.01
C MET G 170 -7.91 -29.64 -60.42
N PHE G 171 -7.28 -30.24 -61.43
CA PHE G 171 -7.37 -29.77 -62.80
C PHE G 171 -8.29 -30.69 -63.60
N ASN G 172 -9.32 -30.10 -64.20
CA ASN G 172 -10.28 -30.89 -64.97
C ASN G 172 -9.64 -31.51 -66.20
N ALA G 173 -8.80 -30.74 -66.91
CA ALA G 173 -8.18 -31.25 -68.13
C ALA G 173 -7.10 -32.26 -67.81
N PHE G 174 -7.09 -33.35 -68.58
CA PHE G 174 -6.05 -34.37 -68.41
C PHE G 174 -4.68 -33.82 -68.75
N GLU G 175 -4.57 -33.06 -69.84
CA GLU G 175 -3.28 -32.51 -70.24
C GLU G 175 -2.74 -31.51 -69.22
N SER G 176 -3.62 -30.73 -68.59
CA SER G 176 -3.17 -29.77 -67.60
C SER G 176 -2.47 -30.46 -66.43
N ALA G 177 -3.12 -31.48 -65.84
CA ALA G 177 -2.52 -32.22 -64.74
C ALA G 177 -1.28 -32.99 -65.20
N LEU G 178 -1.33 -33.56 -66.41
CA LEU G 178 -0.18 -34.31 -66.91
C LEU G 178 1.04 -33.40 -67.04
N ALA G 179 0.85 -32.19 -67.56
CA ALA G 179 1.96 -31.24 -67.66
C ALA G 179 2.40 -30.74 -66.30
N GLY G 180 1.44 -30.52 -65.38
CA GLY G 180 1.80 -30.05 -64.05
C GLY G 180 2.63 -31.04 -63.28
N THR G 181 2.39 -32.34 -63.49
CA THR G 181 3.20 -33.36 -62.82
C THR G 181 4.66 -33.30 -63.22
N LEU G 182 4.97 -32.79 -64.41
CA LEU G 182 6.37 -32.71 -64.86
C LEU G 182 7.17 -31.75 -63.99
N ILE G 183 6.57 -30.62 -63.60
CA ILE G 183 7.27 -29.62 -62.80
C ILE G 183 7.63 -30.18 -61.43
N THR G 184 6.78 -31.05 -60.88
CA THR G 184 7.02 -31.59 -59.53
C THR G 184 8.35 -32.32 -59.45
N LEU G 185 8.84 -32.87 -60.55
CA LEU G 185 10.12 -33.58 -60.57
C LEU G 185 11.23 -32.80 -61.25
N ASN G 186 10.92 -32.11 -62.35
CA ASN G 186 11.98 -31.41 -63.09
C ASN G 186 12.41 -30.13 -62.37
N ILE G 187 11.46 -29.38 -61.82
CA ILE G 187 11.72 -28.08 -61.22
C ILE G 187 11.51 -28.10 -59.71
N LYS G 188 10.36 -28.61 -59.26
CA LYS G 188 10.04 -28.58 -57.84
C LYS G 188 10.96 -29.48 -57.03
N ARG G 189 11.50 -30.52 -57.66
CA ARG G 189 12.42 -31.41 -56.95
C ARG G 189 13.84 -30.88 -57.03
N LYS G 190 14.49 -30.78 -55.87
CA LYS G 190 15.86 -30.30 -55.77
C LYS G 190 16.71 -31.32 -55.02
N GLY G 191 17.94 -31.52 -55.50
CA GLY G 191 18.85 -32.45 -54.86
C GLY G 191 20.24 -31.86 -54.74
N GLY G 192 21.10 -32.60 -54.05
CA GLY G 192 22.46 -32.12 -53.83
C GLY G 192 22.45 -30.85 -52.99
N LEU G 193 23.12 -29.81 -53.50
CA LEU G 193 23.16 -28.53 -52.80
C LEU G 193 21.94 -27.68 -53.13
N GLY G 194 20.76 -28.24 -52.97
CA GLY G 194 19.53 -27.51 -53.25
C GLY G 194 19.39 -27.08 -54.70
N THR G 195 19.73 -27.96 -55.63
CA THR G 195 19.71 -27.66 -57.06
C THR G 195 18.84 -28.67 -57.80
N SER G 196 17.97 -28.16 -58.66
CA SER G 196 17.09 -29.02 -59.44
C SER G 196 17.86 -29.71 -60.56
N PRO G 197 17.34 -30.83 -61.08
CA PRO G 197 17.98 -31.47 -62.23
C PRO G 197 18.09 -30.56 -63.44
N MET G 198 17.12 -29.66 -63.64
CA MET G 198 17.21 -28.72 -64.75
C MET G 198 18.44 -27.84 -64.61
N ASP G 199 18.75 -27.40 -63.39
CA ASP G 199 19.97 -26.62 -63.17
C ASP G 199 21.21 -27.44 -63.53
N ILE G 200 21.23 -28.72 -63.15
CA ILE G 200 22.39 -29.56 -63.46
C ILE G 200 22.57 -29.71 -64.97
N PHE G 201 21.47 -29.96 -65.69
CA PHE G 201 21.56 -30.10 -67.14
C PHE G 201 21.99 -28.80 -67.80
N ILE G 202 21.46 -27.67 -67.32
CA ILE G 202 21.85 -26.37 -67.87
C ILE G 202 23.33 -26.11 -67.63
N PHE G 203 23.83 -26.44 -66.44
CA PHE G 203 25.26 -26.27 -66.16
C PHE G 203 26.10 -27.17 -67.03
N ASN G 204 25.64 -28.41 -67.26
CA ASN G 204 26.39 -29.32 -68.12
C ASN G 204 26.51 -28.77 -69.54
N LYS G 205 25.39 -28.27 -70.10
CA LYS G 205 25.46 -27.67 -71.42
C LYS G 205 26.32 -26.41 -71.43
N GLU G 206 26.22 -25.60 -70.37
CA GLU G 206 27.00 -24.37 -70.28
C GLU G 206 28.50 -24.68 -70.26
N GLN G 207 28.91 -25.71 -69.52
CA GLN G 207 30.30 -26.12 -69.51
C GLN G 207 30.73 -26.77 -70.82
N GLN G 208 29.83 -27.49 -71.48
CA GLN G 208 30.16 -28.13 -72.75
C GLN G 208 30.32 -27.14 -73.89
N ARG G 209 29.66 -25.98 -73.82
CA ARG G 209 29.67 -25.05 -74.97
C ARG G 209 31.06 -24.49 -75.25
N ILE G 210 31.93 -24.38 -74.24
CA ILE G 210 33.19 -23.67 -74.42
C ILE G 210 34.08 -24.38 -75.44
N GLN G 211 34.21 -25.71 -75.32
CA GLN G 211 35.21 -26.43 -76.09
C GLN G 211 34.98 -26.34 -77.59
N GLN G 212 33.73 -26.16 -78.02
CA GLN G 212 33.47 -25.99 -79.44
C GLN G 212 34.07 -24.69 -79.96
N GLN G 213 33.94 -23.60 -79.21
CA GLN G 213 34.50 -22.33 -79.65
C GLN G 213 36.02 -22.30 -79.47
N SER G 214 36.52 -22.88 -78.38
CA SER G 214 37.95 -22.86 -78.12
C SER G 214 38.74 -23.63 -79.18
N LYS G 215 38.22 -24.77 -79.62
CA LYS G 215 38.89 -25.56 -80.64
C LYS G 215 38.50 -25.11 -82.04
N ILE H 60 14.51 -8.81 -68.41
CA ILE H 60 15.05 -10.17 -68.43
C ILE H 60 13.90 -11.17 -68.48
N ASP H 61 14.01 -12.13 -69.40
CA ASP H 61 13.01 -13.18 -69.59
C ASP H 61 11.62 -12.60 -69.86
N HIS H 62 11.56 -11.79 -70.92
CA HIS H 62 10.33 -11.16 -71.36
C HIS H 62 9.69 -11.99 -72.47
N TRP H 63 8.42 -12.30 -72.32
CA TRP H 63 7.70 -13.15 -73.25
C TRP H 63 6.44 -12.46 -73.73
N GLN H 64 6.03 -12.78 -74.95
CA GLN H 64 4.78 -12.31 -75.52
C GLN H 64 4.09 -13.47 -76.24
N VAL H 65 2.78 -13.57 -76.06
CA VAL H 65 1.98 -14.64 -76.65
C VAL H 65 1.05 -14.03 -77.70
N ASP H 66 0.93 -14.71 -78.83
CA ASP H 66 0.10 -14.20 -79.92
C ASP H 66 -0.45 -15.36 -80.73
N TYR H 67 -1.48 -15.06 -81.52
CA TYR H 67 -2.12 -16.02 -82.41
C TYR H 67 -1.83 -15.65 -83.85
N THR H 68 -1.79 -16.67 -84.71
CA THR H 68 -1.64 -16.45 -86.15
C THR H 68 -2.43 -17.50 -86.90
N HIS H 69 -2.78 -17.18 -88.14
CA HIS H 69 -3.58 -18.04 -88.99
C HIS H 69 -2.82 -18.37 -90.27
N TYR H 70 -2.92 -19.63 -90.70
CA TYR H 70 -2.27 -20.08 -91.92
C TYR H 70 -3.00 -21.31 -92.43
N GLU H 71 -3.59 -21.20 -93.62
CA GLU H 71 -4.37 -22.29 -94.22
C GLU H 71 -5.48 -22.76 -93.29
N ASP H 72 -6.17 -21.79 -92.68
CA ASP H 72 -7.26 -22.04 -91.73
C ASP H 72 -6.76 -22.93 -90.58
N LYS H 73 -5.59 -22.60 -90.05
CA LYS H 73 -5.03 -23.27 -88.89
C LYS H 73 -4.55 -22.23 -87.90
N ILE H 74 -4.88 -22.43 -86.63
CA ILE H 74 -4.55 -21.49 -85.57
C ILE H 74 -3.24 -21.94 -84.94
N ILE H 75 -2.25 -21.04 -84.91
CA ILE H 75 -0.93 -21.32 -84.34
C ILE H 75 -0.68 -20.32 -83.23
N LEU H 76 -0.31 -20.83 -82.06
CA LEU H 76 0.05 -20.00 -80.92
C LEU H 76 1.57 -19.84 -80.90
N VAL H 77 2.02 -18.59 -80.80
CA VAL H 77 3.43 -18.25 -80.91
C VAL H 77 3.87 -17.47 -79.68
N TRP H 78 5.00 -17.86 -79.11
CA TRP H 78 5.66 -17.15 -78.03
C TRP H 78 6.93 -16.52 -78.56
N VAL H 79 7.05 -15.20 -78.38
CA VAL H 79 8.20 -14.41 -78.79
C VAL H 79 8.94 -13.95 -77.56
N GLU H 80 10.25 -14.15 -77.54
CA GLU H 80 11.09 -13.76 -76.42
C GLU H 80 12.02 -12.63 -76.84
N THR H 81 12.31 -11.73 -75.91
CA THR H 81 13.12 -10.55 -76.22
C THR H 81 14.61 -10.78 -75.98
N ASN H 82 14.97 -11.35 -74.83
CA ASN H 82 16.38 -11.54 -74.50
C ASN H 82 17.01 -12.62 -75.38
N SER H 83 16.48 -13.84 -75.31
CA SER H 83 17.01 -14.93 -76.13
C SER H 83 16.60 -14.81 -77.59
N GLY H 84 15.46 -14.20 -77.86
CA GLY H 84 14.97 -14.08 -79.22
C GLY H 84 14.35 -15.33 -79.79
N LEU H 85 14.14 -16.35 -78.97
CA LEU H 85 13.62 -17.63 -79.48
C LEU H 85 12.12 -17.54 -79.72
N ILE H 86 11.69 -18.13 -80.83
CA ILE H 86 10.28 -18.25 -81.20
C ILE H 86 9.82 -19.68 -80.90
N TYR H 87 8.66 -19.81 -80.27
CA TYR H 87 8.07 -21.12 -80.02
C TYR H 87 6.65 -21.14 -80.58
N ALA H 88 6.43 -21.95 -81.60
CA ALA H 88 5.15 -22.01 -82.28
C ALA H 88 4.55 -23.41 -82.13
N GLU H 89 3.26 -23.47 -81.81
CA GLU H 89 2.56 -24.74 -81.68
C GLU H 89 1.17 -24.61 -82.28
N ARG H 90 0.53 -25.75 -82.51
CA ARG H 90 -0.79 -25.80 -83.11
C ARG H 90 -1.86 -25.93 -82.04
N VAL H 91 -2.90 -25.10 -82.16
CA VAL H 91 -4.03 -25.10 -81.24
C VAL H 91 -5.30 -25.34 -82.04
N LYS H 92 -6.12 -26.30 -81.56
CA LYS H 92 -7.35 -26.62 -82.26
C LYS H 92 -8.32 -25.45 -82.28
N GLY H 93 -8.46 -24.77 -81.14
CA GLY H 93 -9.38 -23.65 -81.04
C GLY H 93 -8.96 -22.70 -79.95
N GLU H 94 -9.31 -21.43 -80.13
CA GLU H 94 -8.93 -20.39 -79.17
C GLU H 94 -9.90 -20.34 -78.00
N THR H 95 -10.12 -21.47 -77.34
CA THR H 95 -11.00 -21.53 -76.18
C THR H 95 -10.19 -21.35 -74.90
N GLY H 96 -10.90 -20.99 -73.82
CA GLY H 96 -10.24 -20.75 -72.56
C GLY H 96 -9.57 -21.99 -72.00
N GLN H 97 -10.26 -23.13 -72.04
CA GLN H 97 -9.68 -24.37 -71.51
C GLN H 97 -8.47 -24.79 -72.31
N GLU H 98 -8.56 -24.72 -73.65
CA GLU H 98 -7.41 -25.07 -74.48
C GLU H 98 -6.27 -24.07 -74.31
N PHE H 99 -6.60 -22.79 -74.13
CA PHE H 99 -5.55 -21.80 -73.86
C PHE H 99 -4.83 -22.11 -72.56
N ARG H 100 -5.57 -22.49 -71.51
CA ARG H 100 -4.95 -22.88 -70.25
C ARG H 100 -4.09 -24.12 -70.43
N VAL H 101 -4.57 -25.08 -71.21
CA VAL H 101 -3.80 -26.31 -71.46
C VAL H 101 -2.48 -25.97 -72.16
N GLN H 102 -2.55 -25.09 -73.16
CA GLN H 102 -1.34 -24.70 -73.89
C GLN H 102 -0.38 -23.93 -72.98
N THR H 103 -0.90 -23.07 -72.12
CA THR H 103 -0.04 -22.35 -71.19
C THR H 103 0.64 -23.30 -70.21
N MET H 104 -0.10 -24.32 -69.75
CA MET H 104 0.50 -25.35 -68.90
C MET H 104 1.57 -26.15 -69.62
N LYS H 105 1.34 -26.50 -70.89
CA LYS H 105 2.35 -27.21 -71.67
C LYS H 105 3.60 -26.35 -71.85
N TRP H 106 3.41 -25.05 -72.10
CA TRP H 106 4.54 -24.14 -72.22
C TRP H 106 5.29 -24.01 -70.91
N TYR H 107 4.57 -24.00 -69.79
CA TYR H 107 5.19 -23.90 -68.47
C TYR H 107 5.88 -25.20 -68.06
N ALA H 108 5.61 -26.31 -68.75
CA ALA H 108 6.20 -27.59 -68.38
C ALA H 108 7.71 -27.59 -68.48
N MET H 109 8.27 -27.01 -69.54
CA MET H 109 9.72 -26.99 -69.74
C MET H 109 10.34 -25.62 -69.52
N PHE H 110 9.54 -24.56 -69.51
CA PHE H 110 10.04 -23.21 -69.32
C PHE H 110 9.53 -22.63 -68.01
N ALA H 111 10.22 -21.59 -67.54
CA ALA H 111 9.88 -20.89 -66.30
C ALA H 111 9.79 -19.40 -66.61
N PRO H 112 8.70 -18.95 -67.22
CA PRO H 112 8.58 -17.54 -67.59
C PRO H 112 8.36 -16.66 -66.37
N LYS H 113 8.76 -15.40 -66.52
CA LYS H 113 8.61 -14.40 -65.46
C LYS H 113 7.78 -13.21 -65.87
N SER H 114 7.93 -12.71 -67.09
CA SER H 114 7.16 -11.60 -67.61
C SER H 114 6.50 -12.00 -68.91
N LEU H 115 5.19 -11.80 -69.00
CA LEU H 115 4.43 -12.17 -70.19
C LEU H 115 3.47 -11.04 -70.54
N GLN H 116 3.38 -10.73 -71.84
CA GLN H 116 2.48 -9.71 -72.34
C GLN H 116 1.52 -10.32 -73.35
N SER H 117 0.25 -9.92 -73.27
CA SER H 117 -0.78 -10.45 -74.14
C SER H 117 -1.60 -9.31 -74.73
N ASP H 118 -2.14 -9.54 -75.91
CA ASP H 118 -2.97 -8.57 -76.60
C ASP H 118 -4.43 -8.81 -76.23
N ASN H 119 -5.35 -8.15 -76.94
CA ASN H 119 -6.78 -8.32 -76.69
C ASN H 119 -7.24 -9.69 -77.17
N GLY H 120 -8.18 -10.27 -76.43
CA GLY H 120 -8.73 -11.56 -76.77
C GLY H 120 -9.74 -12.05 -75.75
N PRO H 121 -10.86 -12.58 -76.23
CA PRO H 121 -11.88 -13.10 -75.29
C PRO H 121 -11.38 -14.22 -74.40
N ALA H 122 -10.49 -15.07 -74.90
CA ALA H 122 -9.99 -16.18 -74.10
C ALA H 122 -9.02 -15.70 -73.02
N PHE H 123 -8.33 -14.58 -73.26
CA PHE H 123 -7.38 -14.07 -72.28
C PHE H 123 -8.09 -13.66 -70.99
N VAL H 124 -9.23 -12.99 -71.11
CA VAL H 124 -9.97 -12.48 -69.95
C VAL H 124 -11.05 -13.49 -69.58
N ALA H 125 -11.01 -13.95 -68.33
CA ALA H 125 -11.97 -14.88 -67.76
C ALA H 125 -11.67 -15.04 -66.28
N GLU H 126 -12.72 -15.28 -65.49
CA GLU H 126 -12.52 -15.50 -64.06
C GLU H 126 -11.68 -16.74 -63.80
N SER H 127 -12.00 -17.84 -64.50
CA SER H 127 -11.22 -19.06 -64.36
C SER H 127 -9.80 -18.88 -64.88
N THR H 128 -9.65 -18.17 -65.99
CA THR H 128 -8.31 -17.91 -66.53
C THR H 128 -7.48 -17.09 -65.55
N GLN H 129 -8.07 -16.06 -64.95
CA GLN H 129 -7.33 -15.25 -63.98
C GLN H 129 -7.02 -16.03 -62.72
N LEU H 130 -7.94 -16.89 -62.27
CA LEU H 130 -7.65 -17.75 -61.12
C LEU H 130 -6.49 -18.69 -61.41
N LEU H 131 -6.47 -19.29 -62.61
CA LEU H 131 -5.37 -20.15 -63.00
C LEU H 131 -4.06 -19.37 -63.10
N MET H 132 -4.12 -18.12 -63.57
CA MET H 132 -2.89 -17.35 -63.71
C MET H 132 -2.33 -16.98 -62.35
N LYS H 133 -3.21 -16.64 -61.40
CA LYS H 133 -2.77 -16.45 -60.01
C LYS H 133 -2.26 -17.75 -59.41
N TYR H 134 -2.81 -18.89 -59.86
CA TYR H 134 -2.24 -20.19 -59.50
C TYR H 134 -0.80 -20.30 -59.98
N LEU H 135 -0.52 -19.80 -61.19
CA LEU H 135 0.86 -19.77 -61.69
C LEU H 135 1.73 -18.83 -60.85
N GLY H 136 1.20 -17.69 -60.43
CA GLY H 136 2.00 -16.73 -59.69
C GLY H 136 3.12 -16.10 -60.49
N ILE H 137 2.83 -15.69 -61.72
CA ILE H 137 3.82 -15.10 -62.61
C ILE H 137 3.36 -13.70 -62.98
N GLU H 138 4.30 -12.76 -63.06
CA GLU H 138 3.99 -11.38 -63.44
C GLU H 138 3.56 -11.30 -64.89
N HIS H 139 2.26 -11.07 -65.14
CA HIS H 139 1.72 -10.98 -66.48
C HIS H 139 0.66 -9.89 -66.52
N THR H 140 0.57 -9.20 -67.66
CA THR H 140 -0.43 -8.16 -67.87
C THR H 140 -1.19 -8.45 -69.15
N THR H 141 -2.49 -8.18 -69.13
CA THR H 141 -3.37 -8.43 -70.28
C THR H 141 -4.11 -7.14 -70.61
N GLY H 142 -4.09 -6.77 -71.89
CA GLY H 142 -4.76 -5.56 -72.34
C GLY H 142 -4.51 -5.27 -73.80
N ILE H 143 -4.32 -4.00 -74.14
CA ILE H 143 -4.08 -3.57 -75.49
C ILE H 143 -2.68 -2.94 -75.55
N PRO H 144 -1.66 -3.69 -75.95
CA PRO H 144 -0.30 -3.15 -76.02
C PRO H 144 -0.12 -2.25 -77.23
N TRP H 145 -0.05 -0.95 -77.00
CA TRP H 145 0.17 0.03 -78.05
C TRP H 145 1.64 0.40 -78.20
N ASN H 146 2.51 -0.21 -77.40
CA ASN H 146 3.93 0.08 -77.49
C ASN H 146 4.47 -0.30 -78.87
N PRO H 147 5.10 0.62 -79.60
CA PRO H 147 5.61 0.26 -80.93
C PRO H 147 6.65 -0.85 -80.91
N GLN H 148 7.42 -0.97 -79.83
CA GLN H 148 8.47 -1.99 -79.78
C GLN H 148 7.89 -3.39 -79.87
N SER H 149 6.91 -3.69 -79.01
CA SER H 149 6.34 -5.03 -78.98
C SER H 149 5.60 -5.35 -80.27
N GLN H 150 4.84 -4.38 -80.80
CA GLN H 150 4.11 -4.61 -82.04
C GLN H 150 5.06 -4.85 -83.20
N ALA H 151 6.12 -4.04 -83.29
CA ALA H 151 7.10 -4.24 -84.35
C ALA H 151 7.79 -5.58 -84.24
N LEU H 152 8.17 -5.97 -83.01
CA LEU H 152 8.82 -7.26 -82.82
C LEU H 152 7.92 -8.41 -83.21
N VAL H 153 6.64 -8.35 -82.80
CA VAL H 153 5.74 -9.46 -83.08
C VAL H 153 5.41 -9.53 -84.57
N GLU H 154 5.27 -8.39 -85.24
CA GLU H 154 4.97 -8.43 -86.67
C GLU H 154 6.19 -8.89 -87.47
N ARG H 155 7.40 -8.49 -87.06
CA ARG H 155 8.60 -8.97 -87.71
C ARG H 155 8.77 -10.47 -87.52
N THR H 156 8.49 -10.96 -86.32
CA THR H 156 8.58 -12.40 -86.06
C THR H 156 7.55 -13.16 -86.88
N HIS H 157 6.32 -12.63 -87.00
CA HIS H 157 5.30 -13.27 -87.81
C HIS H 157 5.72 -13.32 -89.28
N GLN H 158 6.27 -12.22 -89.79
CA GLN H 158 6.73 -12.21 -91.18
C GLN H 158 7.86 -13.20 -91.38
N THR H 159 8.81 -13.26 -90.45
CA THR H 159 9.92 -14.19 -90.57
C THR H 159 9.44 -15.64 -90.56
N LEU H 160 8.54 -15.99 -89.64
CA LEU H 160 8.05 -17.36 -89.57
C LEU H 160 7.24 -17.72 -90.80
N LYS H 161 6.44 -16.77 -91.30
CA LYS H 161 5.67 -17.03 -92.51
C LYS H 161 6.59 -17.25 -93.71
N ASN H 162 7.66 -16.47 -93.81
CA ASN H 162 8.62 -16.66 -94.89
C ASN H 162 9.34 -18.01 -94.76
N THR H 163 9.69 -18.39 -93.54
CA THR H 163 10.50 -19.61 -93.36
C THR H 163 9.67 -20.88 -93.50
N LEU H 164 8.40 -20.87 -93.09
CA LEU H 164 7.62 -22.11 -93.08
C LEU H 164 7.41 -22.65 -94.49
N GLU H 165 7.19 -21.78 -95.47
CA GLU H 165 6.90 -22.23 -96.83
C GLU H 165 8.09 -22.90 -97.51
N LYS H 166 9.28 -22.79 -96.94
CA LYS H 166 10.45 -23.41 -97.56
C LYS H 166 10.48 -24.91 -97.32
N LEU H 167 9.96 -25.36 -96.17
CA LEU H 167 10.04 -26.77 -95.78
C LEU H 167 8.67 -27.42 -95.68
N ILE H 168 7.66 -26.92 -96.40
CA ILE H 168 6.35 -27.55 -96.44
C ILE H 168 6.31 -28.80 -97.32
N PRO H 169 7.00 -28.88 -98.47
CA PRO H 169 6.72 -30.00 -99.38
C PRO H 169 7.24 -31.34 -98.89
N MET H 170 8.47 -31.42 -98.40
CA MET H 170 9.06 -32.72 -98.08
C MET H 170 8.49 -33.28 -96.78
N PHE H 171 7.95 -32.41 -95.92
CA PHE H 171 7.33 -32.84 -94.67
C PHE H 171 5.81 -32.86 -94.84
N ASN H 172 5.22 -34.05 -94.76
CA ASN H 172 3.79 -34.18 -95.00
C ASN H 172 2.98 -33.61 -93.83
N ALA H 173 3.36 -33.93 -92.61
CA ALA H 173 2.60 -33.48 -91.44
C ALA H 173 2.90 -32.01 -91.15
N PHE H 174 1.83 -31.25 -90.90
CA PHE H 174 1.98 -29.83 -90.60
C PHE H 174 2.77 -29.61 -89.31
N GLU H 175 2.46 -30.40 -88.28
CA GLU H 175 3.21 -30.29 -87.03
C GLU H 175 4.67 -30.65 -87.22
N SER H 176 4.94 -31.73 -87.96
CA SER H 176 6.32 -32.10 -88.26
C SER H 176 7.00 -31.03 -89.09
N ALA H 177 6.28 -30.45 -90.05
CA ALA H 177 6.86 -29.41 -90.89
C ALA H 177 7.27 -28.19 -90.07
N LEU H 178 6.37 -27.73 -89.19
CA LEU H 178 6.70 -26.56 -88.37
C LEU H 178 7.82 -26.87 -87.39
N ALA H 179 7.82 -28.07 -86.82
CA ALA H 179 8.91 -28.46 -85.92
C ALA H 179 10.23 -28.47 -86.64
N GLY H 180 10.26 -29.03 -87.85
CA GLY H 180 11.50 -29.03 -88.63
C GLY H 180 11.95 -27.63 -89.00
N THR H 181 11.01 -26.76 -89.37
CA THR H 181 11.39 -25.39 -89.72
C THR H 181 12.00 -24.67 -88.52
N LEU H 182 11.35 -24.77 -87.36
CA LEU H 182 11.88 -24.08 -86.18
C LEU H 182 13.20 -24.67 -85.74
N ILE H 183 13.35 -25.99 -85.85
CA ILE H 183 14.63 -26.63 -85.50
C ILE H 183 15.74 -26.12 -86.41
N THR H 184 15.47 -26.07 -87.72
CA THR H 184 16.47 -25.57 -88.66
C THR H 184 16.82 -24.11 -88.38
N LEU H 185 15.81 -23.29 -88.07
CA LEU H 185 16.08 -21.89 -87.77
C LEU H 185 16.93 -21.73 -86.53
N ASN H 186 16.65 -22.49 -85.47
CA ASN H 186 17.40 -22.30 -84.24
C ASN H 186 18.76 -23.00 -84.25
N ILE H 187 19.00 -23.96 -85.14
CA ILE H 187 20.31 -24.58 -85.23
C ILE H 187 21.19 -23.98 -86.33
N LYS H 188 20.61 -23.26 -87.29
CA LYS H 188 21.39 -22.69 -88.39
C LYS H 188 21.65 -21.20 -88.23
N ARG H 189 20.63 -20.43 -87.86
CA ARG H 189 20.79 -18.99 -87.73
C ARG H 189 21.65 -18.67 -86.50
N LYS H 190 22.68 -17.85 -86.70
CA LYS H 190 23.56 -17.43 -85.62
C LYS H 190 23.95 -15.98 -85.84
N GLY H 191 24.22 -15.27 -84.74
CA GLY H 191 24.57 -13.88 -84.80
C GLY H 191 25.85 -13.59 -84.03
N GLY H 192 26.49 -12.50 -84.41
CA GLY H 192 27.75 -12.12 -83.77
C GLY H 192 28.81 -13.16 -84.02
N LEU H 193 29.38 -13.70 -82.93
CA LEU H 193 30.38 -14.75 -83.02
C LEU H 193 29.78 -16.14 -83.13
N GLY H 194 28.50 -16.24 -83.51
CA GLY H 194 27.84 -17.53 -83.61
C GLY H 194 27.03 -17.87 -82.38
N THR H 195 26.22 -16.92 -81.92
CA THR H 195 25.40 -17.09 -80.72
C THR H 195 23.98 -17.47 -81.15
N SER H 196 23.63 -18.73 -80.95
CA SER H 196 22.30 -19.21 -81.27
C SER H 196 21.32 -18.88 -80.13
N PRO H 197 20.02 -18.81 -80.42
CA PRO H 197 19.06 -18.35 -79.40
C PRO H 197 19.05 -19.18 -78.12
N MET H 198 19.20 -20.51 -78.21
CA MET H 198 19.13 -21.30 -76.99
C MET H 198 20.34 -21.05 -76.09
N ASP H 199 21.47 -20.62 -76.65
CA ASP H 199 22.58 -20.20 -75.80
C ASP H 199 22.20 -19.00 -74.96
N ILE H 200 21.55 -18.01 -75.55
CA ILE H 200 21.10 -16.85 -74.79
C ILE H 200 20.05 -17.27 -73.77
N PHE H 201 19.17 -18.20 -74.15
CA PHE H 201 18.14 -18.68 -73.22
C PHE H 201 18.74 -19.36 -72.00
N ILE H 202 19.74 -20.23 -72.23
CA ILE H 202 20.36 -20.92 -71.10
C ILE H 202 21.21 -19.94 -70.28
N PHE H 203 21.78 -18.91 -70.92
CA PHE H 203 22.45 -17.87 -70.15
C PHE H 203 21.48 -17.16 -69.22
N ASN H 204 20.29 -16.81 -69.73
CA ASN H 204 19.29 -16.17 -68.89
C ASN H 204 18.83 -17.09 -67.77
N LYS H 205 18.67 -18.38 -68.08
CA LYS H 205 18.25 -19.34 -67.06
C LYS H 205 19.31 -19.49 -65.97
N GLU H 206 20.59 -19.58 -66.34
CA GLU H 206 21.64 -19.73 -65.34
C GLU H 206 21.93 -18.44 -64.60
N GLN H 207 21.51 -17.29 -65.13
CA GLN H 207 21.59 -16.06 -64.36
C GLN H 207 20.58 -15.99 -63.23
N GLN H 208 19.63 -16.94 -63.16
CA GLN H 208 18.55 -16.92 -62.19
C GLN H 208 18.76 -17.94 -61.08
N ARG H 209 20.01 -18.13 -60.65
CA ARG H 209 20.29 -19.04 -59.55
C ARG H 209 19.89 -18.43 -58.22
N ILE H 210 19.31 -19.24 -57.34
CA ILE H 210 18.87 -18.74 -56.04
C ILE H 210 20.06 -18.38 -55.17
N GLN H 211 21.13 -19.15 -55.25
CA GLN H 211 22.32 -18.89 -54.45
C GLN H 211 23.00 -17.58 -54.83
N GLN H 212 22.69 -17.03 -56.01
CA GLN H 212 23.32 -15.79 -56.46
C GLN H 212 22.87 -14.57 -55.65
N GLN H 213 21.61 -14.53 -55.22
CA GLN H 213 21.11 -13.35 -54.52
C GLN H 213 21.82 -13.12 -53.20
N SER H 214 22.12 -14.21 -52.47
CA SER H 214 22.77 -14.09 -51.18
C SER H 214 24.22 -13.60 -51.27
N LYS H 215 24.82 -13.66 -52.45
CA LYS H 215 26.21 -13.22 -52.62
C LYS H 215 26.24 -11.79 -53.14
N SER H 216 25.91 -10.86 -52.24
CA SER H 216 25.84 -9.45 -52.62
C SER H 216 26.46 -8.51 -51.61
N LYS H 217 26.94 -8.98 -50.46
CA LYS H 217 27.53 -8.11 -49.45
C LYS H 217 28.58 -8.89 -48.69
N GLN H 218 29.84 -8.79 -49.13
CA GLN H 218 30.92 -9.48 -48.42
C GLN H 218 31.42 -8.65 -47.25
N GLU H 219 31.99 -7.48 -47.51
CA GLU H 219 32.47 -6.61 -46.45
C GLU H 219 32.19 -5.13 -46.66
N LYS H 220 31.96 -4.66 -47.88
CA LYS H 220 32.02 -3.24 -48.20
C LYS H 220 30.63 -2.60 -48.15
N ILE H 221 30.56 -1.44 -47.50
CA ILE H 221 29.38 -0.59 -47.50
C ILE H 221 29.82 0.83 -47.16
N ARG H 222 29.35 1.81 -47.93
CA ARG H 222 29.82 3.18 -47.79
C ARG H 222 28.65 4.15 -47.89
N PHE H 223 28.93 5.42 -47.63
CA PHE H 223 27.94 6.49 -47.74
C PHE H 223 28.64 7.75 -48.21
N CYS H 224 27.88 8.64 -48.83
CA CYS H 224 28.42 9.89 -49.35
C CYS H 224 27.27 10.83 -49.68
N TYR H 225 27.63 12.06 -50.03
CA TYR H 225 26.69 13.07 -50.46
C TYR H 225 26.71 13.19 -51.98
N TYR H 226 25.86 14.08 -52.51
CA TYR H 226 25.81 14.33 -53.94
C TYR H 226 25.09 15.64 -54.20
N ARG H 227 25.59 16.40 -55.18
CA ARG H 227 24.98 17.66 -55.58
C ARG H 227 24.75 17.65 -57.08
N THR H 228 23.60 18.18 -57.50
CA THR H 228 23.24 18.24 -58.90
C THR H 228 23.76 19.52 -59.53
N ARG H 229 24.09 19.44 -60.81
CA ARG H 229 24.62 20.57 -61.57
C ARG H 229 23.72 20.85 -62.77
N LYS H 230 23.46 22.13 -62.99
CA LYS H 230 22.63 22.59 -64.11
C LYS H 230 23.39 23.69 -64.85
N ARG H 231 23.98 23.33 -65.99
CA ARG H 231 24.75 24.26 -66.81
C ARG H 231 25.87 24.91 -66.00
N GLY H 232 26.56 24.12 -65.19
CA GLY H 232 27.67 24.60 -64.40
C GLY H 232 27.31 25.18 -63.04
N HIS H 233 26.02 25.23 -62.70
CA HIS H 233 25.60 25.76 -61.41
C HIS H 233 25.26 24.61 -60.48
N PRO H 234 26.06 24.34 -59.46
CA PRO H 234 25.75 23.21 -58.56
C PRO H 234 24.57 23.52 -57.65
N GLY H 235 23.94 22.45 -57.19
CA GLY H 235 22.84 22.50 -56.25
C GLY H 235 23.28 22.32 -54.82
N GLU H 236 22.42 21.69 -54.03
CA GLU H 236 22.71 21.41 -52.63
C GLU H 236 22.94 19.92 -52.42
N TRP H 237 23.44 19.57 -51.23
CA TRP H 237 23.92 18.22 -50.96
C TRP H 237 22.81 17.18 -50.95
N GLN H 238 21.54 17.59 -50.88
CA GLN H 238 20.37 16.71 -50.93
C GLN H 238 20.34 15.69 -49.79
N GLY H 239 21.19 15.85 -48.78
CA GLY H 239 21.22 14.93 -47.66
C GLY H 239 21.99 13.66 -47.98
N PRO H 240 22.23 12.84 -46.96
CA PRO H 240 22.95 11.58 -47.19
C PRO H 240 22.11 10.60 -47.99
N THR H 241 22.79 9.73 -48.72
CA THR H 241 22.13 8.72 -49.53
C THR H 241 23.01 7.48 -49.61
N GLN H 242 22.38 6.35 -49.88
CA GLN H 242 23.09 5.08 -49.98
C GLN H 242 23.81 4.97 -51.32
N VAL H 243 25.03 4.48 -51.29
CA VAL H 243 25.81 4.29 -52.50
C VAL H 243 25.35 3.01 -53.20
N LEU H 244 25.61 2.94 -54.50
CA LEU H 244 25.28 1.77 -55.31
C LEU H 244 26.52 1.05 -55.82
N TRP H 245 27.41 1.76 -56.50
CA TRP H 245 28.65 1.18 -56.98
C TRP H 245 29.65 2.30 -57.21
N GLY H 246 30.92 1.99 -56.98
CA GLY H 246 31.98 2.98 -57.15
C GLY H 246 32.71 2.84 -58.46
N GLY H 247 32.41 3.73 -59.40
CA GLY H 247 33.07 3.75 -60.69
C GLY H 247 34.31 4.62 -60.71
N ASP H 248 34.84 4.83 -61.90
CA ASP H 248 36.02 5.67 -62.12
C ASP H 248 35.57 6.99 -62.72
N GLY H 249 35.68 8.07 -61.94
CA GLY H 249 35.29 9.39 -62.38
C GLY H 249 33.87 9.78 -62.05
N ALA H 250 33.00 8.82 -61.75
CA ALA H 250 31.61 9.11 -61.41
C ALA H 250 31.04 7.92 -60.64
N ILE H 251 29.93 8.17 -59.95
CA ILE H 251 29.23 7.14 -59.20
C ILE H 251 27.75 7.21 -59.54
N VAL H 252 27.04 6.13 -59.20
CA VAL H 252 25.61 6.01 -59.46
C VAL H 252 24.87 6.03 -58.12
N VAL H 253 23.81 6.83 -58.03
CA VAL H 253 23.02 6.97 -56.82
C VAL H 253 21.55 6.83 -57.16
N LYS H 254 20.75 6.59 -56.14
CA LYS H 254 19.31 6.45 -56.28
C LYS H 254 18.61 7.62 -55.60
N ASP H 255 17.73 8.29 -56.33
CA ASP H 255 16.97 9.41 -55.79
C ASP H 255 15.74 8.89 -55.04
N ARG H 256 15.41 9.57 -53.94
CA ARG H 256 14.27 9.17 -53.13
C ARG H 256 12.98 9.86 -53.58
N GLY H 257 13.06 11.11 -54.05
CA GLY H 257 11.86 11.81 -54.46
C GLY H 257 11.22 11.23 -55.70
N THR H 258 12.02 10.87 -56.70
CA THR H 258 11.51 10.38 -57.98
C THR H 258 11.80 8.91 -58.23
N ASP H 259 12.55 8.24 -57.34
CA ASP H 259 12.93 6.83 -57.50
C ASP H 259 13.62 6.61 -58.84
N ARG H 260 14.52 7.52 -59.19
CA ARG H 260 15.24 7.48 -60.45
C ARG H 260 16.74 7.41 -60.18
N TYR H 261 17.43 6.55 -60.93
CA TYR H 261 18.87 6.41 -60.78
C TYR H 261 19.58 7.54 -61.54
N LEU H 262 20.52 8.20 -60.86
CA LEU H 262 21.28 9.29 -61.43
C LEU H 262 22.76 8.99 -61.32
N VAL H 263 23.57 9.74 -62.07
CA VAL H 263 25.02 9.62 -62.04
C VAL H 263 25.60 10.97 -61.64
N ILE H 264 26.53 10.94 -60.69
CA ILE H 264 27.15 12.15 -60.14
C ILE H 264 28.66 12.03 -60.25
N ALA H 265 29.30 13.10 -60.70
CA ALA H 265 30.75 13.11 -60.83
C ALA H 265 31.42 13.06 -59.46
N ASN H 266 32.65 12.57 -59.45
CA ASN H 266 33.38 12.42 -58.18
C ASN H 266 33.64 13.77 -57.53
N LYS H 267 33.96 14.80 -58.33
CA LYS H 267 34.25 16.11 -57.77
C LYS H 267 33.03 16.74 -57.09
N ASP H 268 31.83 16.28 -57.41
CA ASP H 268 30.61 16.79 -56.82
C ASP H 268 30.09 15.90 -55.68
N VAL H 269 30.90 14.96 -55.22
CA VAL H 269 30.49 14.00 -54.18
C VAL H 269 31.42 14.16 -53.00
N LYS H 270 30.83 14.31 -51.81
CA LYS H 270 31.59 14.40 -50.56
C LYS H 270 31.53 13.04 -49.86
N PHE H 271 32.69 12.45 -49.62
CA PHE H 271 32.75 11.12 -49.02
C PHE H 271 32.55 11.19 -47.52
N ILE H 272 31.76 10.26 -46.98
CA ILE H 272 31.57 10.12 -45.55
C ILE H 272 32.65 9.20 -45.00
N PRO H 273 33.46 9.65 -44.03
CA PRO H 273 34.52 8.79 -43.52
C PRO H 273 33.95 7.61 -42.76
N PRO H 274 34.63 6.47 -42.77
CA PRO H 274 34.14 5.30 -42.02
C PRO H 274 34.25 5.54 -40.52
N PRO H 275 33.46 4.82 -39.73
CA PRO H 275 33.55 4.98 -38.27
C PRO H 275 34.96 4.66 -37.76
N LYS H 276 35.40 5.45 -36.79
CA LYS H 276 36.74 5.28 -36.22
C LYS H 276 36.69 4.51 -34.90
N TRP K 1 -8.62 39.55 4.12
CA TRP K 1 -8.57 38.60 5.23
C TRP K 1 -9.94 38.46 5.88
N ILE K 2 -10.19 39.29 6.89
CA ILE K 2 -11.50 39.28 7.54
C ILE K 2 -12.59 39.77 6.57
N GLU K 3 -12.25 40.74 5.72
CA GLU K 3 -13.24 41.35 4.85
C GLU K 3 -13.84 40.34 3.87
N ASN K 4 -13.01 39.48 3.30
CA ASN K 4 -13.47 38.53 2.30
C ASN K 4 -13.98 37.22 2.89
N ILE K 5 -13.93 37.07 4.22
CA ILE K 5 -14.47 35.86 4.86
C ILE K 5 -15.96 35.69 4.57
N PRO K 6 -16.83 36.69 4.71
CA PRO K 6 -18.23 36.50 4.31
C PRO K 6 -18.39 36.14 2.84
N LEU K 7 -17.55 36.69 1.96
CA LEU K 7 -17.62 36.35 0.55
C LEU K 7 -17.32 34.87 0.33
N ALA K 8 -16.27 34.35 0.97
CA ALA K 8 -15.96 32.94 0.84
C ALA K 8 -17.06 32.07 1.43
N GLU K 9 -17.61 32.48 2.58
CA GLU K 9 -18.68 31.72 3.20
C GLU K 9 -19.90 31.64 2.29
N GLU K 10 -20.31 32.77 1.72
CA GLU K 10 -21.48 32.74 0.83
C GLU K 10 -21.18 32.00 -0.46
N GLU K 11 -19.95 32.09 -0.98
CA GLU K 11 -19.61 31.31 -2.16
C GLU K 11 -19.71 29.81 -1.90
N HIS K 12 -19.21 29.37 -0.74
CA HIS K 12 -19.31 27.96 -0.40
C HIS K 12 -20.76 27.55 -0.14
N ASN K 13 -21.56 28.46 0.41
CA ASN K 13 -22.98 28.18 0.58
C ASN K 13 -23.66 27.99 -0.78
N LYS K 14 -23.28 28.81 -1.76
CA LYS K 14 -23.94 28.76 -3.07
C LYS K 14 -23.49 27.54 -3.86
N TRP K 15 -22.19 27.21 -3.83
CA TRP K 15 -21.64 26.18 -4.71
C TRP K 15 -21.11 24.95 -4.00
N HIS K 16 -20.84 25.03 -2.70
CA HIS K 16 -20.29 23.90 -1.93
C HIS K 16 -18.96 23.43 -2.54
N GLN K 17 -17.99 24.33 -2.52
CA GLN K 17 -16.67 24.04 -3.06
C GLN K 17 -15.85 23.27 -2.01
N ASP K 18 -14.55 23.14 -2.25
CA ASP K 18 -13.64 22.49 -1.33
C ASP K 18 -12.79 23.52 -0.60
N ALA K 19 -12.21 23.10 0.52
CA ALA K 19 -11.39 24.01 1.32
C ALA K 19 -10.17 24.48 0.54
N VAL K 20 -9.53 23.57 -0.20
CA VAL K 20 -8.37 23.95 -1.00
C VAL K 20 -8.77 24.96 -2.06
N SER K 21 -9.94 24.77 -2.68
CA SER K 21 -10.41 25.72 -3.68
C SER K 21 -10.62 27.10 -3.09
N LEU K 22 -11.25 27.17 -1.91
CA LEU K 22 -11.46 28.46 -1.26
C LEU K 22 -10.14 29.12 -0.90
N HIS K 23 -9.19 28.35 -0.37
CA HIS K 23 -7.89 28.90 0.00
C HIS K 23 -7.15 29.43 -1.23
N LEU K 24 -7.19 28.69 -2.33
CA LEU K 24 -6.50 29.13 -3.55
C LEU K 24 -7.21 30.29 -4.23
N GLU K 25 -8.52 30.44 -4.03
CA GLU K 25 -9.27 31.49 -4.70
C GLU K 25 -9.25 32.80 -3.91
N PHE K 26 -9.71 32.77 -2.68
CA PHE K 26 -9.86 33.99 -1.89
C PHE K 26 -8.66 34.29 -1.01
N GLY K 27 -7.66 33.41 -0.98
CA GLY K 27 -6.48 33.67 -0.18
C GLY K 27 -6.66 33.50 1.31
N ILE K 28 -7.80 32.97 1.75
CA ILE K 28 -8.06 32.76 3.17
C ILE K 28 -7.16 31.65 3.67
N PRO K 29 -6.85 31.60 4.97
CA PRO K 29 -5.98 30.52 5.48
C PRO K 29 -6.63 29.15 5.30
N ARG K 30 -5.78 28.13 5.19
CA ARG K 30 -6.27 26.76 5.07
C ARG K 30 -7.10 26.36 6.28
N THR K 31 -6.71 26.82 7.47
CA THR K 31 -7.48 26.53 8.67
C THR K 31 -8.87 27.15 8.59
N ALA K 32 -8.97 28.39 8.11
CA ALA K 32 -10.27 29.04 7.98
C ALA K 32 -11.14 28.30 6.97
N ALA K 33 -10.57 27.88 5.84
CA ALA K 33 -11.34 27.13 4.86
C ALA K 33 -11.81 25.80 5.42
N GLU K 34 -10.94 25.12 6.18
CA GLU K 34 -11.33 23.86 6.81
C GLU K 34 -12.47 24.07 7.80
N ASP K 35 -12.40 25.14 8.59
CA ASP K 35 -13.47 25.44 9.53
C ASP K 35 -14.78 25.73 8.80
N ILE K 36 -14.71 26.47 7.69
CA ILE K 36 -15.91 26.80 6.94
C ILE K 36 -16.53 25.55 6.34
N VAL K 37 -15.71 24.70 5.71
CA VAL K 37 -16.26 23.51 5.05
C VAL K 37 -16.78 22.51 6.07
N GLN K 38 -16.11 22.38 7.22
CA GLN K 38 -16.56 21.43 8.23
C GLN K 38 -17.83 21.88 8.94
N GLN K 39 -18.15 23.16 8.92
CA GLN K 39 -19.35 23.68 9.55
C GLN K 39 -20.58 23.63 8.64
N CYS K 40 -20.41 23.24 7.38
CA CYS K 40 -21.53 23.14 6.46
C CYS K 40 -22.37 21.93 6.83
N ASP K 41 -23.64 22.17 7.16
CA ASP K 41 -24.54 21.07 7.53
C ASP K 41 -24.77 20.13 6.35
N VAL K 42 -24.91 20.70 5.15
CA VAL K 42 -25.12 19.87 3.96
C VAL K 42 -23.92 18.97 3.71
N CYS K 43 -22.71 19.53 3.82
CA CYS K 43 -21.51 18.73 3.63
C CYS K 43 -21.37 17.65 4.68
N GLN K 44 -21.68 17.98 5.94
CA GLN K 44 -21.62 16.99 7.01
C GLN K 44 -22.62 15.86 6.78
N GLU K 45 -23.83 16.20 6.32
CA GLU K 45 -24.87 15.19 6.14
C GLU K 45 -24.49 14.17 5.08
N ASN K 46 -23.87 14.62 3.99
CA ASN K 46 -23.56 13.76 2.86
C ASN K 46 -22.11 13.29 2.85
N LYS K 47 -21.37 13.51 3.92
CA LYS K 47 -19.97 13.10 3.96
C LYS K 47 -19.85 11.58 4.09
N MET K 48 -18.76 11.05 3.55
CA MET K 48 -18.53 9.61 3.58
C MET K 48 -18.11 9.16 4.98
N PRO K 49 -18.49 7.95 5.39
CA PRO K 49 -18.17 7.48 6.74
C PRO K 49 -16.68 7.33 6.96
N SER K 50 -16.26 7.52 8.21
CA SER K 50 -14.85 7.49 8.56
C SER K 50 -14.26 6.10 8.35
N THR K 51 -12.98 6.06 7.99
CA THR K 51 -12.26 4.83 7.67
C THR K 51 -11.09 4.68 8.65
N LEU K 52 -11.38 4.11 9.81
CA LEU K 52 -10.36 3.71 10.77
C LEU K 52 -10.54 2.23 11.08
N ARG K 53 -9.44 1.49 11.14
CA ARG K 53 -9.50 0.05 11.34
C ARG K 53 -8.50 -0.36 12.42
N GLY K 54 -8.79 -1.47 13.07
CA GLY K 54 -7.96 -1.95 14.16
C GLY K 54 -7.27 -3.27 13.89
N SER K 55 -7.07 -4.06 14.94
CA SER K 55 -6.41 -5.35 14.81
C SER K 55 -6.91 -6.29 15.89
N ASN K 56 -6.74 -7.58 15.65
CA ASN K 56 -7.26 -8.61 16.54
C ASN K 56 -6.40 -8.72 17.80
N LYS K 57 -6.89 -9.51 18.76
CA LYS K 57 -6.25 -9.58 20.07
C LYS K 57 -4.84 -10.17 19.99
N ARG K 58 -4.66 -11.22 19.19
CA ARG K 58 -3.36 -11.85 18.99
C ARG K 58 -2.70 -12.23 20.32
N GLY K 59 -3.48 -12.90 21.17
CA GLY K 59 -2.97 -13.35 22.45
C GLY K 59 -2.16 -14.64 22.33
N ILE K 60 -1.56 -15.03 23.45
CA ILE K 60 -0.79 -16.27 23.48
C ILE K 60 -1.72 -17.48 23.53
N ASP K 61 -2.54 -17.57 24.57
CA ASP K 61 -3.56 -18.62 24.66
C ASP K 61 -4.93 -18.05 24.24
N HIS K 62 -4.99 -17.60 22.99
CA HIS K 62 -6.19 -17.02 22.41
C HIS K 62 -6.61 -17.84 21.21
N TRP K 63 -7.88 -18.21 21.17
CA TRP K 63 -8.41 -19.07 20.12
C TRP K 63 -9.67 -18.48 19.53
N GLN K 64 -9.79 -18.58 18.21
CA GLN K 64 -10.98 -18.15 17.48
C GLN K 64 -11.65 -19.36 16.85
N VAL K 65 -12.95 -19.48 17.04
CA VAL K 65 -13.71 -20.64 16.58
C VAL K 65 -14.79 -20.18 15.61
N ASP K 66 -15.00 -20.99 14.57
CA ASP K 66 -16.02 -20.65 13.59
C ASP K 66 -16.51 -21.90 12.87
N TYR K 67 -17.68 -21.78 12.25
CA TYR K 67 -18.25 -22.82 11.41
C TYR K 67 -17.99 -22.50 9.93
N THR K 68 -18.01 -23.55 9.12
CA THR K 68 -17.90 -23.37 7.68
C THR K 68 -18.58 -24.54 6.97
N HIS K 69 -18.92 -24.30 5.71
CA HIS K 69 -19.58 -25.29 4.87
C HIS K 69 -18.69 -25.65 3.69
N TYR K 70 -18.65 -26.93 3.34
CA TYR K 70 -17.86 -27.41 2.21
C TYR K 70 -18.57 -28.61 1.61
N GLU K 71 -19.36 -28.37 0.56
CA GLU K 71 -20.04 -29.41 -0.20
C GLU K 71 -20.87 -30.31 0.71
N ASP K 72 -21.89 -29.71 1.33
CA ASP K 72 -22.80 -30.41 2.23
C ASP K 72 -22.07 -31.02 3.42
N LYS K 73 -21.00 -30.36 3.86
CA LYS K 73 -20.26 -30.76 5.05
C LYS K 73 -20.05 -29.54 5.94
N ILE K 74 -20.21 -29.73 7.24
CA ILE K 74 -20.05 -28.67 8.23
C ILE K 74 -18.77 -28.93 9.00
N ILE K 75 -17.88 -27.94 9.02
CA ILE K 75 -16.57 -28.07 9.65
C ILE K 75 -16.43 -26.97 10.69
N LEU K 76 -16.06 -27.36 11.91
CA LEU K 76 -15.76 -26.41 12.99
C LEU K 76 -14.25 -26.24 13.08
N VAL K 77 -13.81 -24.99 13.06
CA VAL K 77 -12.39 -24.65 12.98
C VAL K 77 -12.01 -23.80 14.18
N TRP K 78 -10.94 -24.21 14.87
CA TRP K 78 -10.32 -23.44 15.94
C TRP K 78 -8.94 -23.00 15.49
N VAL K 79 -8.62 -21.72 15.70
CA VAL K 79 -7.36 -21.14 15.26
C VAL K 79 -6.69 -20.48 16.46
N GLU K 80 -5.43 -20.84 16.70
CA GLU K 80 -4.62 -20.22 17.73
C GLU K 80 -4.00 -18.96 17.17
N THR K 81 -4.09 -17.85 17.92
CA THR K 81 -3.66 -16.56 17.40
C THR K 81 -2.14 -16.46 17.30
N ASN K 82 -1.43 -16.90 18.34
CA ASN K 82 0.00 -16.63 18.41
C ASN K 82 0.79 -17.50 17.43
N SER K 83 0.73 -18.82 17.62
CA SER K 83 1.49 -19.73 16.77
C SER K 83 0.88 -19.84 15.37
N GLY K 84 -0.44 -19.96 15.29
CA GLY K 84 -1.11 -20.14 14.02
C GLY K 84 -1.61 -21.55 13.82
N LEU K 85 -1.45 -22.39 14.86
CA LEU K 85 -1.92 -23.76 14.79
C LEU K 85 -3.43 -23.80 14.65
N ILE K 86 -3.92 -24.75 13.85
CA ILE K 86 -5.34 -24.86 13.57
C ILE K 86 -5.81 -26.27 13.92
N TYR K 87 -7.11 -26.39 14.19
CA TYR K 87 -7.71 -27.67 14.54
C TYR K 87 -9.14 -27.68 13.98
N ALA K 88 -9.40 -28.57 13.03
CA ALA K 88 -10.69 -28.64 12.37
C ALA K 88 -11.34 -29.99 12.64
N GLU K 89 -12.67 -29.99 12.73
CA GLU K 89 -13.42 -31.22 12.99
C GLU K 89 -14.73 -31.19 12.24
N ARG K 90 -15.10 -32.33 11.65
CA ARG K 90 -16.39 -32.42 10.99
C ARG K 90 -17.50 -32.60 12.02
N VAL K 91 -18.53 -31.77 11.92
CA VAL K 91 -19.63 -31.76 12.88
C VAL K 91 -20.93 -31.96 12.12
N LYS K 92 -21.80 -32.82 12.65
CA LYS K 92 -23.06 -33.12 11.98
C LYS K 92 -23.94 -31.88 11.87
N GLY K 93 -24.03 -31.09 12.94
CA GLY K 93 -24.86 -29.90 12.93
C GLY K 93 -24.24 -28.73 13.66
N GLU K 94 -25.08 -27.80 14.14
CA GLU K 94 -24.63 -26.64 14.88
C GLU K 94 -25.38 -26.50 16.19
N THR K 95 -25.82 -27.63 16.77
CA THR K 95 -26.54 -27.60 18.02
C THR K 95 -25.61 -27.25 19.18
N GLY K 96 -26.22 -26.81 20.29
CA GLY K 96 -25.43 -26.42 21.45
C GLY K 96 -24.69 -27.58 22.08
N GLN K 97 -25.33 -28.75 22.14
CA GLN K 97 -24.70 -29.91 22.77
C GLN K 97 -23.47 -30.36 22.00
N GLU K 98 -23.56 -30.39 20.66
CA GLU K 98 -22.40 -30.77 19.85
C GLU K 98 -21.26 -29.78 20.04
N PHE K 99 -21.56 -28.48 20.05
CA PHE K 99 -20.53 -27.48 20.26
C PHE K 99 -19.90 -27.62 21.64
N ARG K 100 -20.71 -27.92 22.66
CA ARG K 100 -20.18 -28.10 24.01
C ARG K 100 -19.23 -29.29 24.07
N VAL K 101 -19.63 -30.41 23.45
CA VAL K 101 -18.77 -31.59 23.44
C VAL K 101 -17.46 -31.27 22.71
N GLN K 102 -17.57 -30.62 21.55
CA GLN K 102 -16.37 -30.31 20.77
C GLN K 102 -15.44 -29.36 21.54
N THR K 103 -16.00 -28.34 22.18
CA THR K 103 -15.16 -27.37 22.86
C THR K 103 -14.52 -27.96 24.11
N MET K 104 -15.20 -28.87 24.82
CA MET K 104 -14.56 -29.45 25.98
C MET K 104 -13.54 -30.51 25.57
N LYS K 105 -13.75 -31.18 24.44
CA LYS K 105 -12.68 -32.01 23.88
C LYS K 105 -11.47 -31.16 23.51
N TRP K 106 -11.72 -30.00 22.90
CA TRP K 106 -10.63 -29.08 22.54
C TRP K 106 -9.88 -28.61 23.78
N TYR K 107 -10.60 -28.31 24.86
CA TYR K 107 -9.94 -28.00 26.13
C TYR K 107 -9.14 -29.19 26.66
N ALA K 108 -9.68 -30.40 26.51
CA ALA K 108 -8.99 -31.58 26.99
C ALA K 108 -7.67 -31.78 26.27
N MET K 109 -7.65 -31.53 24.96
CA MET K 109 -6.44 -31.77 24.19
C MET K 109 -5.30 -30.85 24.62
N PHE K 110 -5.62 -29.57 24.84
CA PHE K 110 -4.64 -28.61 25.35
C PHE K 110 -5.40 -27.50 26.05
N ALA K 111 -4.72 -26.85 27.01
CA ALA K 111 -5.37 -25.89 27.89
C ALA K 111 -5.27 -24.49 27.33
N PRO K 112 -6.37 -23.88 26.90
CA PRO K 112 -6.33 -22.46 26.49
C PRO K 112 -6.63 -21.53 27.65
N LYS K 113 -6.71 -20.23 27.37
CA LYS K 113 -7.09 -19.25 28.38
C LYS K 113 -8.16 -18.27 27.92
N SER K 114 -8.34 -18.05 26.62
CA SER K 114 -9.35 -17.12 26.14
C SER K 114 -9.88 -17.59 24.80
N LEU K 115 -11.11 -17.18 24.49
CA LEU K 115 -11.76 -17.54 23.24
C LEU K 115 -12.47 -16.33 22.66
N GLN K 116 -12.46 -16.23 21.33
CA GLN K 116 -13.15 -15.16 20.62
C GLN K 116 -14.09 -15.77 19.60
N SER K 117 -15.33 -15.30 19.57
CA SER K 117 -16.33 -15.81 18.64
C SER K 117 -17.35 -14.72 18.38
N ASP K 118 -18.23 -14.98 17.41
CA ASP K 118 -19.30 -14.07 17.05
C ASP K 118 -20.64 -14.59 17.59
N ASN K 119 -21.69 -13.81 17.36
CA ASN K 119 -23.03 -14.22 17.77
C ASN K 119 -23.48 -15.45 16.99
N GLY K 120 -24.18 -16.34 17.68
CA GLY K 120 -24.68 -17.55 17.06
C GLY K 120 -25.63 -18.31 17.97
N PRO K 121 -26.42 -19.20 17.38
CA PRO K 121 -27.35 -20.00 18.20
C PRO K 121 -26.65 -20.85 19.25
N ALA K 122 -25.43 -21.33 18.97
CA ALA K 122 -24.69 -22.15 19.90
C ALA K 122 -23.53 -21.44 20.58
N PHE K 123 -22.95 -20.42 19.94
CA PHE K 123 -21.86 -19.69 20.56
C PHE K 123 -22.31 -18.98 21.83
N VAL K 124 -23.48 -18.37 21.81
CA VAL K 124 -24.05 -17.69 22.96
C VAL K 124 -25.37 -18.37 23.33
N ALA K 125 -25.47 -18.80 24.58
CA ALA K 125 -26.65 -19.48 25.12
C ALA K 125 -26.46 -19.55 26.63
N GLU K 126 -27.37 -20.27 27.30
CA GLU K 126 -27.29 -20.41 28.75
C GLU K 126 -26.33 -21.52 29.16
N SER K 127 -26.47 -22.71 28.56
CA SER K 127 -25.65 -23.85 28.96
C SER K 127 -24.19 -23.65 28.57
N THR K 128 -23.92 -23.09 27.39
CA THR K 128 -22.54 -22.94 26.94
C THR K 128 -21.78 -21.95 27.80
N GLN K 129 -22.43 -20.85 28.22
CA GLN K 129 -21.76 -19.91 29.11
C GLN K 129 -21.46 -20.54 30.46
N LEU K 130 -22.38 -21.35 30.97
CA LEU K 130 -22.12 -22.08 32.21
C LEU K 130 -20.94 -23.02 32.05
N LEU K 131 -20.87 -23.72 30.91
CA LEU K 131 -19.74 -24.62 30.68
C LEU K 131 -18.43 -23.86 30.62
N MET K 132 -18.41 -22.71 29.94
CA MET K 132 -17.17 -21.94 29.84
C MET K 132 -16.75 -21.38 31.20
N LYS K 133 -17.72 -20.95 32.01
CA LYS K 133 -17.38 -20.55 33.38
C LYS K 133 -16.86 -21.72 34.20
N TYR K 134 -17.45 -22.91 34.00
CA TYR K 134 -16.98 -24.10 34.70
C TYR K 134 -15.53 -24.42 34.32
N LEU K 135 -15.21 -24.31 33.04
CA LEU K 135 -13.83 -24.58 32.60
C LEU K 135 -12.90 -23.44 33.01
N GLY K 136 -13.41 -22.21 33.06
CA GLY K 136 -12.60 -21.07 33.40
C GLY K 136 -11.90 -20.46 32.20
N ILE K 137 -12.68 -20.17 31.16
CA ILE K 137 -12.15 -19.60 29.92
C ILE K 137 -12.83 -18.26 29.67
N GLU K 138 -12.04 -17.22 29.45
CA GLU K 138 -12.58 -15.93 29.10
C GLU K 138 -13.18 -15.96 27.71
N HIS K 139 -14.43 -15.52 27.58
CA HIS K 139 -15.15 -15.53 26.31
C HIS K 139 -15.47 -14.10 25.89
N THR K 140 -15.16 -13.77 24.65
CA THR K 140 -15.45 -12.46 24.09
C THR K 140 -16.27 -12.63 22.83
N THR K 141 -17.30 -11.79 22.69
CA THR K 141 -18.19 -11.82 21.53
C THR K 141 -17.98 -10.57 20.70
N GLY K 142 -17.80 -10.77 19.39
CA GLY K 142 -17.56 -9.65 18.50
C GLY K 142 -18.83 -8.87 18.18
N ILE K 143 -18.63 -7.74 17.51
CA ILE K 143 -19.76 -6.88 17.11
C ILE K 143 -20.60 -7.62 16.08
N PRO K 144 -21.93 -7.64 16.22
CA PRO K 144 -22.76 -8.31 15.22
C PRO K 144 -22.65 -7.64 13.85
N TRP K 145 -22.79 -8.46 12.81
CA TRP K 145 -22.70 -8.00 11.42
C TRP K 145 -21.34 -7.38 11.11
N ASN K 146 -20.31 -7.84 11.81
CA ASN K 146 -18.92 -7.43 11.56
C ASN K 146 -18.07 -8.69 11.45
N PRO K 147 -18.19 -9.42 10.34
CA PRO K 147 -17.39 -10.65 10.18
C PRO K 147 -15.89 -10.39 10.16
N GLN K 148 -15.46 -9.16 9.89
CA GLN K 148 -14.06 -8.80 9.91
C GLN K 148 -13.45 -8.92 11.30
N SER K 149 -14.28 -8.97 12.35
CA SER K 149 -13.77 -9.08 13.71
C SER K 149 -12.94 -10.34 13.90
N GLN K 150 -13.45 -11.47 13.45
CA GLN K 150 -12.71 -12.74 13.51
C GLN K 150 -11.96 -13.00 12.21
N ALA K 151 -11.01 -12.11 11.89
CA ALA K 151 -10.32 -12.17 10.61
C ALA K 151 -9.44 -13.41 10.50
N LEU K 152 -8.78 -13.79 11.60
CA LEU K 152 -7.81 -14.88 11.53
C LEU K 152 -8.47 -16.18 11.10
N VAL K 153 -9.59 -16.54 11.73
CA VAL K 153 -10.26 -17.79 11.39
C VAL K 153 -10.81 -17.73 9.97
N GLU K 154 -11.26 -16.55 9.54
CA GLU K 154 -11.77 -16.41 8.17
C GLU K 154 -10.67 -16.65 7.15
N ARG K 155 -9.46 -16.14 7.43
CA ARG K 155 -8.34 -16.40 6.52
C ARG K 155 -7.92 -17.85 6.55
N THR K 156 -7.92 -18.46 7.75
CA THR K 156 -7.60 -19.88 7.83
C THR K 156 -8.64 -20.72 7.11
N HIS K 157 -9.86 -20.21 6.95
CA HIS K 157 -10.85 -20.92 6.15
C HIS K 157 -10.36 -21.08 4.72
N GLN K 158 -9.85 -20.00 4.13
CA GLN K 158 -9.26 -20.07 2.80
C GLN K 158 -8.06 -21.01 2.79
N THR K 159 -7.15 -20.83 3.74
CA THR K 159 -5.93 -21.65 3.75
C THR K 159 -6.23 -23.13 3.97
N LEU K 160 -7.37 -23.44 4.56
CA LEU K 160 -7.76 -24.83 4.78
C LEU K 160 -8.45 -25.40 3.56
N LYS K 161 -9.41 -24.65 2.98
CA LYS K 161 -10.13 -25.15 1.82
C LYS K 161 -9.19 -25.35 0.63
N ASN K 162 -8.29 -24.40 0.40
CA ASN K 162 -7.38 -24.51 -0.74
C ASN K 162 -6.49 -25.74 -0.63
N THR K 163 -5.99 -26.05 0.56
CA THR K 163 -5.14 -27.21 0.73
C THR K 163 -5.96 -28.50 0.72
N LEU K 164 -7.16 -28.47 1.30
CA LEU K 164 -8.01 -29.66 1.34
C LEU K 164 -8.48 -30.06 -0.04
N GLU K 165 -8.59 -29.09 -0.97
CA GLU K 165 -8.93 -29.43 -2.34
C GLU K 165 -7.93 -30.39 -2.96
N LYS K 166 -6.67 -30.34 -2.52
CA LYS K 166 -5.64 -31.19 -3.12
C LYS K 166 -5.73 -32.64 -2.62
N LEU K 167 -6.12 -32.84 -1.37
CA LEU K 167 -6.02 -34.14 -0.74
C LEU K 167 -7.30 -34.97 -0.81
N ILE K 168 -8.36 -34.44 -1.43
CA ILE K 168 -9.60 -35.21 -1.56
C ILE K 168 -9.41 -36.49 -2.38
N PRO K 169 -8.82 -36.46 -3.57
CA PRO K 169 -8.67 -37.72 -4.32
C PRO K 169 -7.80 -38.75 -3.62
N MET K 170 -6.85 -38.31 -2.80
CA MET K 170 -5.90 -39.25 -2.19
C MET K 170 -6.59 -40.20 -1.23
N PHE K 171 -7.54 -39.71 -0.43
CA PHE K 171 -8.18 -40.49 0.60
C PHE K 171 -9.68 -40.57 0.35
N ASN K 172 -10.24 -41.77 0.55
CA ASN K 172 -11.67 -41.95 0.34
C ASN K 172 -12.50 -41.34 1.45
N ALA K 173 -11.97 -41.33 2.68
CA ALA K 173 -12.69 -40.79 3.83
C ALA K 173 -12.41 -39.31 3.99
N PHE K 174 -13.47 -38.54 4.23
CA PHE K 174 -13.32 -37.10 4.43
C PHE K 174 -12.50 -36.79 5.68
N GLU K 175 -12.71 -37.53 6.77
CA GLU K 175 -11.93 -37.32 7.98
C GLU K 175 -10.44 -37.58 7.73
N SER K 176 -10.13 -38.56 6.87
CA SER K 176 -8.75 -38.79 6.50
C SER K 176 -8.16 -37.57 5.79
N ALA K 177 -8.93 -36.97 4.89
CA ALA K 177 -8.47 -35.76 4.22
C ALA K 177 -8.27 -34.61 5.21
N LEU K 178 -9.16 -34.49 6.19
CA LEU K 178 -9.00 -33.46 7.20
C LEU K 178 -7.72 -33.67 8.02
N ALA K 179 -7.45 -34.92 8.40
CA ALA K 179 -6.23 -35.22 9.13
C ALA K 179 -5.00 -34.94 8.28
N GLY K 180 -5.06 -35.27 6.98
CA GLY K 180 -3.94 -35.00 6.10
C GLY K 180 -3.66 -33.52 5.94
N THR K 181 -4.72 -32.71 5.78
CA THR K 181 -4.52 -31.28 5.66
C THR K 181 -4.04 -30.68 6.98
N LEU K 182 -4.45 -31.26 8.11
CA LEU K 182 -3.89 -30.84 9.39
C LEU K 182 -2.40 -31.14 9.45
N ILE K 183 -1.99 -32.31 8.96
CA ILE K 183 -0.56 -32.63 8.86
C ILE K 183 0.17 -31.59 8.03
N THR K 184 -0.32 -31.33 6.82
CA THR K 184 0.41 -30.47 5.90
C THR K 184 0.34 -29.00 6.28
N LEU K 185 -0.59 -28.60 7.14
CA LEU K 185 -0.69 -27.21 7.56
C LEU K 185 -0.13 -26.96 8.96
N ASN K 186 0.13 -28.00 9.75
CA ASN K 186 0.63 -27.86 11.11
C ASN K 186 2.07 -28.30 11.27
N ILE K 187 2.41 -29.51 10.82
CA ILE K 187 3.73 -30.07 11.02
C ILE K 187 4.65 -29.83 9.84
N LYS K 188 4.13 -29.98 8.62
CA LYS K 188 4.95 -29.92 7.42
C LYS K 188 5.03 -28.52 6.81
N ARG K 189 4.46 -27.51 7.46
CA ARG K 189 4.52 -26.16 6.92
C ARG K 189 5.95 -25.62 6.95
N LYS K 190 6.56 -25.58 8.13
CA LYS K 190 7.96 -25.19 8.30
C LYS K 190 8.25 -23.84 7.66
N GLY K 191 7.26 -22.94 7.72
CA GLY K 191 7.39 -21.65 7.08
C GLY K 191 8.25 -20.67 7.87
N GLY K 192 8.54 -19.54 7.23
CA GLY K 192 9.31 -18.50 7.89
C GLY K 192 10.74 -18.93 8.11
N LEU K 193 11.20 -18.78 9.35
CA LEU K 193 12.58 -19.09 9.70
C LEU K 193 12.89 -20.58 9.66
N GLY K 194 11.88 -21.44 9.56
CA GLY K 194 12.10 -22.87 9.52
C GLY K 194 11.52 -23.59 10.71
N THR K 195 10.46 -23.04 11.29
CA THR K 195 9.79 -23.62 12.45
C THR K 195 8.31 -23.77 12.15
N SER K 196 7.79 -24.99 12.31
CA SER K 196 6.38 -25.23 12.11
C SER K 196 5.56 -24.59 13.23
N PRO K 197 4.29 -24.27 12.97
CA PRO K 197 3.46 -23.69 14.04
C PRO K 197 3.34 -24.58 15.26
N MET K 198 3.34 -25.90 15.08
CA MET K 198 3.31 -26.80 16.22
C MET K 198 4.55 -26.63 17.08
N ASP K 199 5.71 -26.38 16.45
CA ASP K 199 6.93 -26.13 17.22
C ASP K 199 6.79 -24.86 18.05
N ILE K 200 6.21 -23.81 17.48
CA ILE K 200 6.01 -22.56 18.23
C ILE K 200 5.08 -22.80 19.40
N PHE K 201 3.98 -23.53 19.17
CA PHE K 201 3.04 -23.82 20.26
C PHE K 201 3.70 -24.63 21.36
N ILE K 202 4.49 -25.64 20.97
CA ILE K 202 5.17 -26.48 21.96
C ILE K 202 6.16 -25.65 22.78
N PHE K 203 6.93 -24.78 22.12
CA PHE K 203 7.88 -23.94 22.84
C PHE K 203 7.16 -23.00 23.80
N ASN K 204 6.07 -22.38 23.35
CA ASN K 204 5.33 -21.45 24.21
C ASN K 204 4.74 -22.18 25.41
N LYS K 205 4.21 -23.39 25.19
CA LYS K 205 3.68 -24.16 26.30
C LYS K 205 4.77 -24.57 27.27
N GLU K 206 5.95 -24.95 26.75
CA GLU K 206 7.05 -25.36 27.61
C GLU K 206 7.55 -24.21 28.47
N GLN K 207 7.71 -23.01 27.88
CA GLN K 207 8.21 -21.88 28.64
C GLN K 207 7.18 -21.29 29.59
N GLN K 208 5.91 -21.70 29.49
CA GLN K 208 4.86 -21.16 30.33
C GLN K 208 4.88 -21.69 31.76
N ARG K 209 5.76 -22.66 32.05
CA ARG K 209 5.80 -23.26 33.38
C ARG K 209 6.09 -22.20 34.45
N ILE K 210 5.31 -22.22 35.52
CA ILE K 210 5.48 -21.26 36.60
C ILE K 210 6.48 -21.74 37.64
N GLN K 211 6.73 -23.05 37.71
CA GLN K 211 7.69 -23.57 38.68
C GLN K 211 9.09 -23.01 38.40
N GLN K 212 9.41 -22.79 37.12
CA GLN K 212 10.69 -22.16 36.79
C GLN K 212 10.78 -20.76 37.38
N GLN K 213 9.70 -19.98 37.28
CA GLN K 213 9.70 -18.65 37.85
C GLN K 213 9.72 -18.69 39.38
N SER K 214 9.17 -19.74 39.98
CA SER K 214 9.13 -19.89 41.42
C SER K 214 10.40 -20.53 41.99
N LYS K 215 11.37 -20.89 41.14
CA LYS K 215 12.59 -21.51 41.63
C LYS K 215 13.38 -20.55 42.52
N SER K 216 13.48 -19.30 42.14
CA SER K 216 14.25 -18.30 42.88
C SER K 216 13.29 -17.34 43.58
N LYS K 217 13.50 -17.15 44.88
CA LYS K 217 12.70 -16.24 45.68
C LYS K 217 13.53 -15.10 46.26
N GLN K 218 14.82 -15.03 45.95
CA GLN K 218 15.71 -13.99 46.46
C GLN K 218 16.16 -13.12 45.29
N GLU K 219 15.97 -11.80 45.44
CA GLU K 219 16.37 -10.85 44.42
C GLU K 219 16.52 -9.48 45.06
N LYS K 220 17.51 -8.72 44.59
CA LYS K 220 17.74 -7.38 45.12
C LYS K 220 16.57 -6.47 44.77
N ILE K 221 16.17 -5.63 45.72
CA ILE K 221 15.05 -4.71 45.57
C ILE K 221 15.57 -3.29 45.71
N ARG K 222 15.22 -2.44 44.76
CA ARG K 222 15.67 -1.06 44.74
C ARG K 222 14.48 -0.15 44.43
N PHE K 223 14.60 1.11 44.84
CA PHE K 223 13.58 2.11 44.58
C PHE K 223 14.21 3.32 43.89
N CYS K 224 13.35 4.13 43.28
CA CYS K 224 13.80 5.16 42.36
C CYS K 224 12.88 6.37 42.43
N TYR K 225 13.42 7.50 41.96
CA TYR K 225 12.70 8.75 41.80
C TYR K 225 12.72 9.17 40.34
N TYR K 226 11.55 9.54 39.83
CA TYR K 226 11.35 9.91 38.45
C TYR K 226 10.34 11.05 38.37
N ARG K 227 10.35 11.74 37.23
CA ARG K 227 9.36 12.77 36.96
C ARG K 227 8.87 12.65 35.53
N THR K 228 7.70 13.22 35.26
CA THR K 228 7.11 13.18 33.94
C THR K 228 7.84 14.12 32.98
N ARG K 229 7.55 13.96 31.70
CA ARG K 229 8.15 14.78 30.64
C ARG K 229 7.06 15.08 29.62
N LYS K 230 6.55 16.31 29.63
CA LYS K 230 5.49 16.74 28.72
C LYS K 230 6.03 17.83 27.82
N ARG K 231 6.05 17.55 26.51
CA ARG K 231 6.49 18.51 25.49
C ARG K 231 7.91 19.00 25.77
N GLY K 232 8.74 18.15 26.37
CA GLY K 232 10.08 18.53 26.73
C GLY K 232 10.22 19.34 28.01
N HIS K 233 9.10 19.65 28.67
CA HIS K 233 9.13 20.43 29.90
C HIS K 233 9.23 19.49 31.10
N PRO K 234 10.27 19.57 31.91
CA PRO K 234 10.37 18.69 33.09
C PRO K 234 9.28 18.99 34.09
N GLY K 235 8.85 17.95 34.80
CA GLY K 235 7.82 18.08 35.82
C GLY K 235 8.40 18.05 37.23
N GLU K 236 7.76 17.29 38.10
CA GLU K 236 8.20 17.15 39.49
C GLU K 236 8.27 15.67 39.85
N TRP K 237 9.17 15.35 40.78
CA TRP K 237 9.31 13.98 41.25
C TRP K 237 8.00 13.49 41.85
N GLN K 238 7.56 12.30 41.45
CA GLN K 238 6.27 11.74 41.86
C GLN K 238 6.53 10.47 42.66
N GLY K 239 6.75 10.64 43.97
CA GLY K 239 6.87 9.53 44.88
C GLY K 239 8.04 8.61 44.58
N PRO K 240 8.30 7.66 45.49
CA PRO K 240 9.25 6.60 45.19
C PRO K 240 8.57 5.44 44.47
N THR K 241 9.28 4.85 43.51
CA THR K 241 8.73 3.76 42.73
C THR K 241 9.67 2.56 42.76
N GLN K 242 9.10 1.36 42.75
CA GLN K 242 9.90 0.15 42.70
C GLN K 242 10.40 -0.08 41.27
N VAL K 243 11.69 -0.34 41.13
CA VAL K 243 12.27 -0.58 39.82
C VAL K 243 11.78 -1.92 39.29
N LEU K 244 11.29 -1.92 38.05
CA LEU K 244 10.83 -3.15 37.42
C LEU K 244 11.97 -3.89 36.73
N TRP K 245 12.80 -3.17 35.98
CA TRP K 245 13.93 -3.77 35.29
C TRP K 245 14.94 -2.68 34.96
N GLY K 246 16.21 -2.96 35.23
CA GLY K 246 17.26 -1.99 34.99
C GLY K 246 18.18 -2.37 33.85
N GLY K 247 18.17 -1.59 32.78
CA GLY K 247 19.03 -1.85 31.64
C GLY K 247 20.15 -0.83 31.52
N ASP K 248 20.43 -0.38 30.30
CA ASP K 248 21.46 0.60 30.04
C ASP K 248 20.84 1.77 29.27
N GLY K 249 20.94 2.97 29.85
CA GLY K 249 20.43 4.16 29.21
C GLY K 249 18.96 4.43 29.42
N ALA K 250 18.23 3.53 30.07
CA ALA K 250 16.80 3.71 30.28
C ALA K 250 16.35 2.82 31.43
N ILE K 251 15.14 3.09 31.91
CA ILE K 251 14.53 2.31 32.99
C ILE K 251 13.02 2.30 32.77
N VAL K 252 12.35 1.35 33.42
CA VAL K 252 10.91 1.18 33.29
C VAL K 252 10.26 1.43 34.65
N VAL K 253 9.20 2.25 34.63
CA VAL K 253 8.51 2.66 35.85
C VAL K 253 7.01 2.46 35.65
N LYS K 254 6.37 1.86 36.64
CA LYS K 254 4.92 1.66 36.60
C LYS K 254 4.23 2.80 37.35
N ASP K 255 3.57 3.67 36.61
CA ASP K 255 2.82 4.79 37.17
C ASP K 255 1.48 4.28 37.71
N ARG K 256 1.26 4.47 39.01
CA ARG K 256 0.01 4.04 39.62
C ARG K 256 -1.13 5.00 39.29
N GLY K 257 -0.83 6.30 39.15
CA GLY K 257 -1.87 7.25 38.81
C GLY K 257 -2.53 6.94 37.47
N THR K 258 -1.71 6.60 36.47
CA THR K 258 -2.22 6.13 35.19
C THR K 258 -2.23 4.60 35.10
N ASP K 259 -1.62 3.91 36.06
CA ASP K 259 -1.55 2.45 36.07
C ASP K 259 -0.97 1.92 34.76
N ARG K 260 0.11 2.55 34.30
CA ARG K 260 0.70 2.20 33.01
C ARG K 260 2.21 2.17 33.11
N TYR K 261 2.84 1.41 32.22
CA TYR K 261 4.28 1.27 32.18
C TYR K 261 4.89 2.33 31.28
N LEU K 262 5.90 3.03 31.78
CA LEU K 262 6.57 4.08 31.03
C LEU K 262 8.08 3.83 31.06
N VAL K 263 8.76 4.39 30.06
CA VAL K 263 10.21 4.30 29.94
C VAL K 263 10.80 5.68 30.16
N ILE K 264 11.80 5.76 31.04
CA ILE K 264 12.44 7.03 31.39
C ILE K 264 13.94 6.89 31.17
N ALA K 265 14.53 7.87 30.50
CA ALA K 265 15.97 7.89 30.29
C ALA K 265 16.69 8.22 31.59
N ASN K 266 17.98 7.86 31.63
CA ASN K 266 18.76 8.04 32.86
C ASN K 266 18.89 9.50 33.24
N LYS K 267 18.74 10.43 32.29
CA LYS K 267 18.82 11.85 32.60
C LYS K 267 17.67 12.34 33.46
N ASP K 268 16.59 11.57 33.58
CA ASP K 268 15.44 11.94 34.39
C ASP K 268 15.15 10.89 35.46
N VAL K 269 16.17 10.14 35.84
CA VAL K 269 16.05 9.05 36.81
C VAL K 269 17.12 9.24 37.88
N LYS K 270 16.72 9.13 39.15
CA LYS K 270 17.70 9.14 40.23
C LYS K 270 17.37 8.04 41.21
N PHE K 271 18.39 7.59 41.93
CA PHE K 271 18.30 6.44 42.81
C PHE K 271 18.47 6.87 44.26
N ILE K 272 17.62 6.35 45.13
CA ILE K 272 17.71 6.60 46.56
C ILE K 272 18.91 5.82 47.11
N PRO K 273 19.56 6.28 48.17
CA PRO K 273 20.64 5.51 48.75
C PRO K 273 20.11 4.20 49.29
N PRO K 274 20.90 3.13 49.20
CA PRO K 274 20.44 1.83 49.73
C PRO K 274 20.47 1.82 51.24
N PRO K 275 19.65 0.99 51.87
CA PRO K 275 19.65 0.91 53.34
C PRO K 275 21.01 0.49 53.87
N LYS K 276 21.40 1.09 54.99
CA LYS K 276 22.69 0.81 55.60
C LYS K 276 22.56 0.62 57.11
N ILE L 2 30.81 -35.14 23.72
CA ILE L 2 31.58 -36.16 23.01
C ILE L 2 32.00 -37.25 23.96
N GLU L 3 32.64 -36.87 25.07
CA GLU L 3 33.02 -37.82 26.11
C GLU L 3 31.80 -38.46 26.78
N ASN L 4 30.62 -37.86 26.60
CA ASN L 4 29.41 -38.43 27.16
C ASN L 4 29.14 -39.82 26.62
N ILE L 5 29.48 -40.08 25.35
CA ILE L 5 29.25 -41.40 24.75
C ILE L 5 30.12 -42.45 25.43
N PRO L 6 31.45 -42.25 25.58
CA PRO L 6 32.24 -43.22 26.36
C PRO L 6 31.78 -43.34 27.81
N LEU L 7 31.37 -42.22 28.43
CA LEU L 7 30.88 -42.31 29.81
C LEU L 7 29.63 -43.18 29.91
N ALA L 8 28.70 -42.99 28.97
CA ALA L 8 27.49 -43.81 28.95
C ALA L 8 27.80 -45.27 28.67
N GLU L 9 28.73 -45.52 27.75
CA GLU L 9 29.12 -46.90 27.47
C GLU L 9 29.70 -47.57 28.72
N GLU L 10 30.60 -46.87 29.42
CA GLU L 10 31.17 -47.42 30.64
C GLU L 10 30.10 -47.65 31.71
N GLU L 11 29.21 -46.68 31.89
CA GLU L 11 28.17 -46.82 32.91
C GLU L 11 27.22 -47.97 32.59
N HIS L 12 26.87 -48.14 31.32
CA HIS L 12 26.02 -49.27 30.95
C HIS L 12 26.74 -50.59 31.12
N ASN L 13 28.04 -50.63 30.83
CA ASN L 13 28.81 -51.84 31.10
C ASN L 13 28.82 -52.16 32.59
N LYS L 14 28.93 -51.14 33.44
CA LYS L 14 29.02 -51.37 34.87
C LYS L 14 27.67 -51.72 35.49
N TRP L 15 26.58 -51.16 34.97
CA TRP L 15 25.27 -51.26 35.62
C TRP L 15 24.16 -51.77 34.73
N HIS L 16 24.24 -51.58 33.41
CA HIS L 16 23.22 -52.04 32.46
C HIS L 16 21.85 -51.42 32.77
N GLN L 17 21.80 -50.09 32.63
CA GLN L 17 20.58 -49.34 32.81
C GLN L 17 19.80 -49.30 31.50
N ASP L 18 18.74 -48.50 31.45
CA ASP L 18 17.91 -48.35 30.26
C ASP L 18 18.29 -47.10 29.48
N ALA L 19 17.85 -47.05 28.23
CA ALA L 19 18.27 -45.98 27.33
C ALA L 19 17.71 -44.63 27.76
N VAL L 20 16.48 -44.61 28.28
CA VAL L 20 15.84 -43.34 28.64
C VAL L 20 16.62 -42.63 29.74
N SER L 21 17.06 -43.38 30.76
CA SER L 21 17.81 -42.77 31.85
C SER L 21 19.14 -42.21 31.36
N LEU L 22 19.84 -42.95 30.50
CA LEU L 22 21.10 -42.44 29.96
C LEU L 22 20.88 -41.19 29.13
N HIS L 23 19.83 -41.18 28.31
CA HIS L 23 19.52 -40.00 27.50
C HIS L 23 19.22 -38.80 28.38
N LEU L 24 18.45 -39.01 29.46
CA LEU L 24 18.06 -37.91 30.33
C LEU L 24 19.23 -37.40 31.17
N GLU L 25 20.15 -38.27 31.59
CA GLU L 25 21.16 -37.88 32.56
C GLU L 25 22.51 -37.54 31.93
N PHE L 26 22.76 -37.97 30.69
CA PHE L 26 23.94 -37.55 29.94
C PHE L 26 23.64 -36.68 28.73
N GLY L 27 22.38 -36.64 28.27
CA GLY L 27 22.07 -35.87 27.09
C GLY L 27 22.64 -36.42 25.81
N ILE L 28 23.01 -37.70 25.80
CA ILE L 28 23.56 -38.36 24.62
C ILE L 28 22.47 -38.49 23.56
N PRO L 29 22.82 -38.57 22.28
CA PRO L 29 21.78 -38.76 21.26
C PRO L 29 21.04 -40.07 21.46
N ARG L 30 19.75 -40.06 21.09
CA ARG L 30 18.92 -41.25 21.24
C ARG L 30 19.44 -42.40 20.41
N THR L 31 19.93 -42.11 19.20
CA THR L 31 20.48 -43.17 18.36
C THR L 31 21.69 -43.83 19.03
N ALA L 32 22.55 -43.03 19.66
CA ALA L 32 23.70 -43.60 20.37
C ALA L 32 23.26 -44.48 21.53
N ALA L 33 22.24 -44.04 22.27
CA ALA L 33 21.72 -44.85 23.38
C ALA L 33 21.15 -46.16 22.87
N GLU L 34 20.40 -46.13 21.77
CA GLU L 34 19.87 -47.37 21.19
C GLU L 34 20.99 -48.28 20.71
N ASP L 35 22.04 -47.71 20.12
CA ASP L 35 23.18 -48.51 19.69
C ASP L 35 23.86 -49.17 20.88
N ILE L 36 24.02 -48.44 21.98
CA ILE L 36 24.62 -49.01 23.18
C ILE L 36 23.74 -50.13 23.72
N VAL L 37 22.42 -49.93 23.74
CA VAL L 37 21.51 -50.95 24.25
C VAL L 37 21.58 -52.22 23.40
N GLN L 38 21.58 -52.05 22.07
CA GLN L 38 21.63 -53.22 21.19
C GLN L 38 22.95 -53.95 21.31
N GLN L 39 24.03 -53.23 21.60
CA GLN L 39 25.36 -53.83 21.71
C GLN L 39 25.56 -54.62 23.00
N CYS L 40 24.58 -54.69 23.89
CA CYS L 40 24.69 -55.45 25.13
C CYS L 40 24.08 -56.83 24.92
N ASP L 41 24.92 -57.87 25.00
CA ASP L 41 24.45 -59.23 24.77
C ASP L 41 23.54 -59.71 25.90
N VAL L 42 23.84 -59.33 27.14
CA VAL L 42 23.01 -59.73 28.27
C VAL L 42 21.61 -59.16 28.12
N CYS L 43 21.50 -57.87 27.81
CA CYS L 43 20.20 -57.24 27.62
C CYS L 43 19.48 -57.82 26.41
N GLN L 44 20.20 -58.06 25.31
CA GLN L 44 19.58 -58.58 24.10
C GLN L 44 19.01 -59.98 24.31
N GLU L 45 19.76 -60.84 24.99
CA GLU L 45 19.34 -62.23 25.18
C GLU L 45 18.19 -62.38 26.17
N ASN L 46 17.91 -61.36 26.98
CA ASN L 46 16.82 -61.44 27.94
C ASN L 46 15.50 -61.00 27.31
N ARG L 58 10.23 -48.53 27.47
CA ARG L 58 10.35 -47.17 27.99
C ARG L 58 11.10 -46.26 27.02
N GLY L 59 10.57 -46.15 25.80
CA GLY L 59 11.16 -45.31 24.78
C GLY L 59 10.32 -44.07 24.56
N ILE L 60 11.00 -42.97 24.20
CA ILE L 60 10.30 -41.72 23.93
C ILE L 60 9.49 -41.83 22.65
N ASP L 61 8.29 -41.25 22.67
CA ASP L 61 7.37 -41.28 21.53
C ASP L 61 7.04 -42.72 21.11
N HIS L 62 6.96 -43.61 22.11
CA HIS L 62 6.55 -44.99 21.89
C HIS L 62 5.14 -45.16 22.44
N TRP L 63 4.25 -45.70 21.62
CA TRP L 63 2.83 -45.74 21.94
C TRP L 63 2.30 -47.17 21.90
N GLN L 64 1.24 -47.38 22.66
CA GLN L 64 0.53 -48.66 22.71
C GLN L 64 -0.95 -48.40 22.46
N VAL L 65 -1.57 -49.26 21.66
CA VAL L 65 -2.95 -49.10 21.23
C VAL L 65 -3.76 -50.28 21.73
N ASP L 66 -4.93 -50.00 22.30
CA ASP L 66 -5.76 -51.07 22.85
C ASP L 66 -7.23 -50.71 22.77
N TYR L 67 -8.06 -51.73 22.94
CA TYR L 67 -9.51 -51.60 22.94
C TYR L 67 -10.06 -51.87 24.34
N THR L 68 -11.18 -51.24 24.65
CA THR L 68 -11.79 -51.34 25.99
C THR L 68 -13.30 -51.47 25.86
N HIS L 69 -13.87 -52.39 26.63
CA HIS L 69 -15.31 -52.58 26.68
C HIS L 69 -15.86 -51.94 27.95
N TYR L 70 -16.93 -51.16 27.81
CA TYR L 70 -17.54 -50.46 28.95
C TYR L 70 -19.06 -50.56 28.82
N GLU L 71 -19.61 -51.64 29.37
CA GLU L 71 -21.03 -51.96 29.36
C GLU L 71 -21.72 -51.56 28.04
N ASP L 72 -21.13 -52.09 26.95
CA ASP L 72 -21.40 -52.12 25.48
C ASP L 72 -20.71 -50.97 24.74
N LYS L 73 -19.88 -50.18 25.41
CA LYS L 73 -19.22 -49.05 24.77
C LYS L 73 -17.81 -49.47 24.36
N ILE L 74 -17.44 -49.16 23.13
CA ILE L 74 -16.12 -49.48 22.60
C ILE L 74 -15.25 -48.24 22.70
N ILE L 75 -14.11 -48.36 23.37
CA ILE L 75 -13.19 -47.26 23.58
C ILE L 75 -11.82 -47.63 23.02
N LEU L 76 -11.27 -46.75 22.19
CA LEU L 76 -9.91 -46.91 21.71
C LEU L 76 -8.97 -46.08 22.58
N VAL L 77 -7.91 -46.71 23.08
CA VAL L 77 -7.01 -46.11 24.05
C VAL L 77 -5.59 -46.11 23.48
N TRP L 78 -4.94 -44.96 23.54
CA TRP L 78 -3.55 -44.79 23.14
C TRP L 78 -2.76 -44.33 24.37
N VAL L 79 -1.70 -45.07 24.69
CA VAL L 79 -0.90 -44.82 25.89
C VAL L 79 0.54 -44.59 25.48
N GLU L 80 1.13 -43.49 25.95
CA GLU L 80 2.55 -43.22 25.73
C GLU L 80 3.35 -43.88 26.84
N THR L 81 4.39 -44.62 26.45
CA THR L 81 5.14 -45.41 27.44
C THR L 81 5.96 -44.52 28.36
N ASN L 82 6.70 -43.57 27.80
CA ASN L 82 7.58 -42.75 28.61
C ASN L 82 6.80 -41.80 29.52
N SER L 83 5.77 -41.16 28.97
CA SER L 83 4.96 -40.20 29.70
C SER L 83 3.53 -40.71 29.80
N GLY L 84 2.94 -40.59 30.98
CA GLY L 84 1.59 -41.09 31.19
C GLY L 84 0.52 -40.25 30.52
N LEU L 85 0.65 -40.06 29.21
CA LEU L 85 -0.31 -39.30 28.42
C LEU L 85 -1.27 -40.29 27.77
N ILE L 86 -2.55 -40.12 28.03
CA ILE L 86 -3.59 -41.04 27.58
C ILE L 86 -4.50 -40.33 26.60
N TYR L 87 -4.76 -40.96 25.46
CA TYR L 87 -5.68 -40.44 24.45
C TYR L 87 -6.77 -41.47 24.21
N ALA L 88 -7.99 -41.16 24.61
CA ALA L 88 -9.10 -42.09 24.52
C ALA L 88 -10.19 -41.52 23.63
N GLU L 89 -10.77 -42.38 22.79
CA GLU L 89 -11.87 -41.99 21.92
C GLU L 89 -12.89 -43.12 21.87
N ARG L 90 -14.06 -42.82 21.31
CA ARG L 90 -15.13 -43.79 21.16
C ARG L 90 -15.20 -44.25 19.71
N VAL L 91 -15.28 -45.57 19.52
CA VAL L 91 -15.32 -46.17 18.19
C VAL L 91 -16.60 -46.98 18.06
N LYS L 92 -17.26 -46.86 16.91
CA LYS L 92 -18.50 -47.58 16.70
C LYS L 92 -18.29 -49.09 16.72
N GLY L 93 -17.21 -49.56 16.12
CA GLY L 93 -16.92 -50.98 16.11
C GLY L 93 -15.51 -51.24 15.60
N GLU L 94 -15.04 -52.46 15.87
CA GLU L 94 -13.70 -52.87 15.47
C GLU L 94 -13.68 -53.06 13.96
N THR L 95 -13.19 -52.06 13.24
CA THR L 95 -13.14 -52.09 11.79
C THR L 95 -11.84 -51.48 11.32
N GLY L 96 -11.33 -52.00 10.19
CA GLY L 96 -10.09 -51.47 9.65
C GLY L 96 -10.18 -50.02 9.24
N GLN L 97 -11.30 -49.63 8.62
CA GLN L 97 -11.47 -48.25 8.19
C GLN L 97 -11.49 -47.30 9.38
N GLU L 98 -12.25 -47.66 10.42
CA GLU L 98 -12.33 -46.82 11.61
C GLU L 98 -10.96 -46.72 12.29
N PHE L 99 -10.24 -47.84 12.38
CA PHE L 99 -8.92 -47.81 12.99
C PHE L 99 -7.96 -46.95 12.20
N ARG L 100 -8.02 -47.03 10.87
CA ARG L 100 -7.14 -46.20 10.04
C ARG L 100 -7.46 -44.72 10.22
N VAL L 101 -8.75 -44.36 10.25
CA VAL L 101 -9.12 -42.96 10.47
C VAL L 101 -8.63 -42.51 11.84
N GLN L 102 -8.83 -43.32 12.87
CA GLN L 102 -8.42 -42.95 14.22
C GLN L 102 -6.90 -42.80 14.31
N THR L 103 -6.14 -43.70 13.69
CA THR L 103 -4.69 -43.62 13.77
C THR L 103 -4.16 -42.45 12.97
N MET L 104 -4.82 -42.10 11.86
CA MET L 104 -4.40 -40.92 11.12
C MET L 104 -4.68 -39.65 11.92
N LYS L 105 -5.83 -39.58 12.60
CA LYS L 105 -6.09 -38.45 13.49
C LYS L 105 -5.08 -38.40 14.62
N TRP L 106 -4.72 -39.55 15.18
CA TRP L 106 -3.75 -39.61 16.27
C TRP L 106 -2.37 -39.11 15.81
N TYR L 107 -1.95 -39.52 14.61
CA TYR L 107 -0.71 -38.99 14.06
C TYR L 107 -0.84 -37.51 13.73
N ALA L 108 -2.06 -37.05 13.42
CA ALA L 108 -2.26 -35.63 13.17
C ALA L 108 -2.09 -34.81 14.43
N MET L 109 -2.53 -35.34 15.57
CA MET L 109 -2.49 -34.55 16.81
C MET L 109 -1.13 -34.60 17.49
N PHE L 110 -0.39 -35.69 17.35
CA PHE L 110 0.89 -35.84 18.01
C PHE L 110 2.00 -35.98 16.96
N ALA L 111 3.21 -36.25 17.43
CA ALA L 111 4.37 -36.50 16.57
C ALA L 111 5.06 -37.78 17.01
N PRO L 112 4.42 -38.93 16.79
CA PRO L 112 5.00 -40.19 17.25
C PRO L 112 6.11 -40.67 16.32
N LYS L 113 6.86 -41.66 16.82
CA LYS L 113 7.94 -42.28 16.06
C LYS L 113 7.90 -43.79 16.05
N SER L 114 7.18 -44.44 16.97
CA SER L 114 7.07 -45.88 17.01
C SER L 114 5.75 -46.27 17.64
N LEU L 115 5.33 -47.51 17.39
CA LEU L 115 4.07 -48.00 17.91
C LEU L 115 4.20 -49.49 18.22
N GLN L 116 3.52 -49.91 19.29
CA GLN L 116 3.46 -51.30 19.69
C GLN L 116 2.02 -51.69 19.94
N SER L 117 1.64 -52.89 19.50
CA SER L 117 0.26 -53.37 19.67
C SER L 117 0.28 -54.88 19.59
N ASP L 118 -0.88 -55.48 19.86
CA ASP L 118 -1.04 -56.92 19.82
C ASP L 118 -1.46 -57.37 18.42
N ASN L 119 -1.66 -58.67 18.27
CA ASN L 119 -2.09 -59.26 17.00
C ASN L 119 -3.61 -59.23 16.94
N GLY L 120 -4.15 -58.40 16.05
CA GLY L 120 -5.58 -58.27 15.91
C GLY L 120 -6.02 -58.23 14.46
N PRO L 121 -7.32 -58.42 14.23
CA PRO L 121 -7.82 -58.37 12.83
C PRO L 121 -7.61 -57.03 12.17
N ALA L 122 -8.09 -55.95 12.79
CA ALA L 122 -7.89 -54.62 12.21
C ALA L 122 -6.46 -54.14 12.37
N PHE L 123 -5.77 -54.59 13.42
CA PHE L 123 -4.38 -54.16 13.63
C PHE L 123 -3.47 -54.68 12.52
N VAL L 124 -3.63 -55.93 12.12
CA VAL L 124 -2.78 -56.56 11.12
C VAL L 124 -3.57 -56.68 9.82
N ALA L 125 -3.21 -55.85 8.84
CA ALA L 125 -3.81 -55.91 7.52
C ALA L 125 -2.86 -55.23 6.54
N GLU L 126 -3.02 -55.59 5.25
CA GLU L 126 -2.17 -54.99 4.23
C GLU L 126 -2.45 -53.50 4.10
N SER L 127 -3.71 -53.09 4.20
CA SER L 127 -4.07 -51.68 4.04
C SER L 127 -3.49 -50.85 5.17
N THR L 128 -3.69 -51.29 6.42
CA THR L 128 -3.19 -50.52 7.55
C THR L 128 -1.67 -50.54 7.62
N GLN L 129 -1.04 -51.66 7.26
CA GLN L 129 0.42 -51.70 7.22
C GLN L 129 0.97 -50.75 6.15
N LEU L 130 0.34 -50.74 4.98
CA LEU L 130 0.76 -49.80 3.94
C LEU L 130 0.56 -48.35 4.40
N LEU L 131 -0.54 -48.07 5.09
CA LEU L 131 -0.80 -46.72 5.56
C LEU L 131 0.23 -46.30 6.61
N MET L 132 0.61 -47.22 7.50
CA MET L 132 1.59 -46.88 8.53
C MET L 132 2.98 -46.73 7.94
N LYS L 133 3.32 -47.50 6.90
CA LYS L 133 4.56 -47.25 6.18
C LYS L 133 4.51 -45.91 5.46
N TYR L 134 3.32 -45.55 4.95
CA TYR L 134 3.12 -44.25 4.32
C TYR L 134 3.39 -43.12 5.31
N LEU L 135 2.89 -43.26 6.53
CA LEU L 135 3.16 -42.26 7.56
C LEU L 135 4.64 -42.24 7.94
N GLY L 136 5.26 -43.41 8.02
CA GLY L 136 6.66 -43.51 8.36
C GLY L 136 6.91 -43.73 9.83
N ILE L 137 6.23 -44.72 10.41
CA ILE L 137 6.36 -45.04 11.83
C ILE L 137 6.64 -46.53 11.97
N GLU L 138 7.62 -46.87 12.80
CA GLU L 138 7.93 -48.27 13.06
C GLU L 138 6.79 -48.94 13.83
N HIS L 139 6.46 -50.16 13.43
CA HIS L 139 5.38 -50.92 14.03
C HIS L 139 5.91 -52.27 14.50
N THR L 140 5.48 -52.68 15.69
CA THR L 140 5.87 -53.97 16.28
C THR L 140 4.62 -54.67 16.77
N THR L 141 4.28 -55.80 16.16
CA THR L 141 3.10 -56.58 16.52
C THR L 141 3.53 -57.93 17.06
N GLY L 142 3.06 -58.26 18.26
CA GLY L 142 3.39 -59.53 18.86
C GLY L 142 3.14 -59.49 20.35
N ILE L 143 3.48 -60.61 20.99
CA ILE L 143 3.32 -60.72 22.45
C ILE L 143 4.39 -59.88 23.13
N PRO L 144 4.03 -58.97 24.04
CA PRO L 144 5.05 -58.16 24.71
C PRO L 144 5.99 -59.01 25.55
N TRP L 145 7.27 -58.61 25.57
CA TRP L 145 8.29 -59.31 26.33
C TRP L 145 8.76 -58.54 27.55
N ASN L 146 8.80 -57.22 27.48
CA ASN L 146 9.18 -56.40 28.64
C ASN L 146 8.04 -56.39 29.64
N PRO L 147 8.28 -56.83 30.90
CA PRO L 147 7.22 -56.87 31.91
C PRO L 147 6.89 -55.50 32.50
N GLN L 148 6.75 -54.51 31.64
CA GLN L 148 6.37 -53.16 32.05
C GLN L 148 5.19 -52.61 31.27
N SER L 149 5.10 -52.92 29.97
CA SER L 149 4.02 -52.40 29.15
C SER L 149 2.67 -52.97 29.58
N GLN L 150 2.61 -54.26 29.88
CA GLN L 150 1.34 -54.88 30.27
C GLN L 150 0.81 -54.29 31.57
N ALA L 151 1.67 -54.15 32.57
CA ALA L 151 1.25 -53.58 33.84
C ALA L 151 0.85 -52.12 33.68
N LEU L 152 1.61 -51.36 32.89
CA LEU L 152 1.29 -49.96 32.67
C LEU L 152 -0.06 -49.79 31.98
N VAL L 153 -0.32 -50.60 30.95
CA VAL L 153 -1.61 -50.47 30.26
C VAL L 153 -2.75 -50.98 31.13
N GLU L 154 -2.49 -51.98 31.99
CA GLU L 154 -3.53 -52.41 32.92
C GLU L 154 -3.87 -51.29 33.90
N ARG L 155 -2.85 -50.60 34.42
CA ARG L 155 -3.12 -49.47 35.30
C ARG L 155 -3.86 -48.37 34.57
N THR L 156 -3.49 -48.10 33.33
CA THR L 156 -4.19 -47.08 32.55
C THR L 156 -5.67 -47.45 32.38
N HIS L 157 -5.95 -48.71 32.03
CA HIS L 157 -7.33 -49.14 31.87
C HIS L 157 -8.10 -49.02 33.18
N GLN L 158 -7.50 -49.46 34.29
CA GLN L 158 -8.18 -49.41 35.58
C GLN L 158 -8.49 -47.98 35.98
N THR L 159 -7.51 -47.10 35.88
CA THR L 159 -7.72 -45.69 36.24
C THR L 159 -8.75 -45.05 35.33
N LEU L 160 -8.69 -45.35 34.02
CA LEU L 160 -9.63 -44.75 33.08
C LEU L 160 -11.06 -45.18 33.38
N LYS L 161 -11.27 -46.48 33.63
CA LYS L 161 -12.63 -46.92 33.95
C LYS L 161 -13.09 -46.39 35.30
N ASN L 162 -12.20 -46.29 36.29
CA ASN L 162 -12.59 -45.74 37.58
C ASN L 162 -13.03 -44.29 37.45
N THR L 163 -12.23 -43.48 36.74
CA THR L 163 -12.58 -42.07 36.53
C THR L 163 -13.84 -41.94 35.70
N LEU L 164 -14.04 -42.81 34.71
CA LEU L 164 -15.25 -42.76 33.91
C LEU L 164 -16.48 -43.08 34.74
N GLU L 165 -16.38 -44.06 35.64
CA GLU L 165 -17.47 -44.34 36.56
C GLU L 165 -17.72 -43.16 37.49
N LYS L 166 -16.66 -42.50 37.95
CA LYS L 166 -16.83 -41.39 38.87
C LYS L 166 -17.50 -40.20 38.19
N LEU L 167 -17.09 -39.87 36.96
CA LEU L 167 -17.48 -38.62 36.33
C LEU L 167 -18.67 -38.74 35.37
N ILE L 168 -19.21 -39.95 35.18
CA ILE L 168 -20.31 -40.11 34.22
C ILE L 168 -21.55 -39.33 34.59
N PRO L 169 -22.04 -39.32 35.84
CA PRO L 169 -23.34 -38.67 36.10
C PRO L 169 -23.28 -37.14 36.03
N MET L 170 -22.08 -36.55 36.12
CA MET L 170 -21.99 -35.10 36.13
C MET L 170 -22.35 -34.51 34.77
N PHE L 171 -21.91 -35.15 33.69
CA PHE L 171 -22.17 -34.67 32.34
C PHE L 171 -23.25 -35.51 31.67
N ASN L 172 -23.68 -35.05 30.50
CA ASN L 172 -24.74 -35.72 29.75
C ASN L 172 -24.20 -36.72 28.74
N ALA L 173 -23.37 -36.24 27.81
CA ALA L 173 -22.84 -37.11 26.76
C ALA L 173 -21.74 -38.02 27.30
N PHE L 174 -21.67 -39.22 26.75
CA PHE L 174 -20.59 -40.14 27.13
C PHE L 174 -19.24 -39.61 26.69
N GLU L 175 -19.17 -39.02 25.49
CA GLU L 175 -17.93 -38.38 25.04
C GLU L 175 -17.53 -37.25 25.97
N SER L 176 -18.51 -36.57 26.56
CA SER L 176 -18.21 -35.53 27.54
C SER L 176 -17.51 -36.12 28.76
N ALA L 177 -18.01 -37.25 29.26
CA ALA L 177 -17.37 -37.91 30.39
C ALA L 177 -15.97 -38.39 30.03
N LEU L 178 -15.80 -38.90 28.80
CA LEU L 178 -14.48 -39.33 28.36
C LEU L 178 -13.50 -38.15 28.32
N ALA L 179 -13.95 -37.00 27.81
CA ALA L 179 -13.11 -35.82 27.78
C ALA L 179 -12.76 -35.35 29.19
N GLY L 180 -13.73 -35.40 30.11
CA GLY L 180 -13.44 -35.04 31.49
C GLY L 180 -12.42 -35.96 32.14
N THR L 181 -12.54 -37.26 31.87
CA THR L 181 -11.56 -38.21 32.40
C THR L 181 -10.18 -37.95 31.82
N LEU L 182 -10.10 -37.63 30.53
CA LEU L 182 -8.82 -37.28 29.93
C LEU L 182 -8.24 -36.04 30.58
N ILE L 183 -9.08 -35.04 30.87
CA ILE L 183 -8.62 -33.84 31.54
C ILE L 183 -8.05 -34.19 32.92
N THR L 184 -8.76 -35.03 33.67
CA THR L 184 -8.32 -35.38 35.01
C THR L 184 -7.02 -36.16 34.99
N LEU L 185 -6.88 -37.10 34.05
CA LEU L 185 -5.73 -37.99 34.04
C LEU L 185 -4.54 -37.46 33.25
N ASN L 186 -4.70 -36.37 32.51
CA ASN L 186 -3.60 -35.84 31.71
C ASN L 186 -3.08 -34.49 32.18
N ILE L 187 -3.92 -33.64 32.77
CA ILE L 187 -3.51 -32.29 33.13
C ILE L 187 -3.62 -32.09 34.63
N LYS L 188 -4.82 -32.36 35.18
CA LYS L 188 -5.07 -32.05 36.57
C LYS L 188 -4.24 -32.92 37.51
N ARG L 189 -4.05 -34.19 37.17
CA ARG L 189 -3.21 -35.06 37.99
C ARG L 189 -1.76 -34.61 37.91
N LYS L 190 -1.06 -34.67 39.05
CA LYS L 190 0.33 -34.26 39.13
C LYS L 190 1.10 -35.25 39.97
N GLY L 191 2.41 -35.27 39.76
CA GLY L 191 3.30 -36.14 40.51
C GLY L 191 4.74 -35.67 40.39
N GLY L 192 5.62 -36.40 41.07
CA GLY L 192 7.02 -36.03 41.05
C GLY L 192 7.24 -34.65 41.64
N LEU L 193 8.00 -33.83 40.94
CA LEU L 193 8.28 -32.45 41.36
C LEU L 193 7.18 -31.50 40.90
N GLY L 194 5.93 -31.85 41.20
CA GLY L 194 4.80 -31.02 40.79
C GLY L 194 4.66 -30.85 39.30
N THR L 195 4.85 -31.94 38.55
CA THR L 195 4.74 -31.91 37.10
C THR L 195 3.57 -32.77 36.65
N SER L 196 2.95 -32.37 35.54
CA SER L 196 1.82 -33.08 34.98
C SER L 196 2.27 -34.06 33.90
N PRO L 197 1.49 -35.12 33.66
CA PRO L 197 1.83 -36.04 32.57
C PRO L 197 1.77 -35.41 31.19
N MET L 198 1.25 -34.19 31.05
CA MET L 198 1.23 -33.50 29.77
C MET L 198 2.38 -32.53 29.60
N ASP L 199 2.87 -31.91 30.68
CA ASP L 199 4.02 -31.03 30.59
C ASP L 199 5.30 -31.80 30.32
N ILE L 200 5.40 -33.03 30.83
CA ILE L 200 6.55 -33.88 30.55
C ILE L 200 6.68 -34.18 29.06
N PHE L 201 5.55 -34.42 28.39
CA PHE L 201 5.57 -34.71 26.96
C PHE L 201 6.04 -33.48 26.17
N ILE L 202 5.56 -32.29 26.57
CA ILE L 202 5.98 -31.06 25.90
C ILE L 202 7.48 -30.83 26.11
N PHE L 203 7.97 -31.06 27.32
CA PHE L 203 9.40 -30.91 27.58
C PHE L 203 10.23 -31.87 26.73
N ASN L 204 9.78 -33.13 26.63
CA ASN L 204 10.50 -34.09 25.81
C ASN L 204 10.49 -33.69 24.34
N LYS L 205 9.35 -33.21 23.84
CA LYS L 205 9.27 -32.78 22.45
C LYS L 205 10.19 -31.60 22.18
N GLU L 206 10.23 -30.64 23.11
CA GLU L 206 11.12 -29.48 22.95
C GLU L 206 12.58 -29.91 22.96
N GLN L 207 12.94 -30.84 23.85
CA GLN L 207 14.31 -31.34 23.87
C GLN L 207 14.67 -32.04 22.55
N GLN L 208 13.75 -32.85 22.02
CA GLN L 208 14.01 -33.49 20.74
C GLN L 208 14.17 -32.45 19.63
N ARG L 209 13.32 -31.42 19.63
CA ARG L 209 13.42 -30.39 18.59
C ARG L 209 14.75 -29.66 18.67
N ILE L 210 15.18 -29.28 19.87
CA ILE L 210 16.42 -28.53 20.00
C ILE L 210 17.62 -29.40 19.64
N GLN L 211 17.58 -30.68 20.03
CA GLN L 211 18.67 -31.58 19.66
C GLN L 211 18.74 -31.77 18.14
N GLN L 212 17.59 -31.95 17.49
CA GLN L 212 17.57 -32.10 16.03
C GLN L 212 18.07 -30.84 15.34
N GLN L 213 17.67 -29.66 15.84
CA GLN L 213 18.15 -28.42 15.26
C GLN L 213 19.65 -28.25 15.44
N SER L 214 20.17 -28.60 16.62
CA SER L 214 21.60 -28.49 16.86
C SER L 214 22.39 -29.44 15.97
N LYS L 215 21.91 -30.67 15.82
CA LYS L 215 22.64 -31.66 15.01
C LYS L 215 22.51 -31.36 13.52
N SER L 216 21.27 -31.31 13.03
CA SER L 216 21.04 -31.04 11.61
C SER L 216 19.63 -30.49 11.39
N TRP M 1 -2.03 -20.52 51.28
CA TRP M 1 -2.35 -21.30 52.45
C TRP M 1 -3.84 -21.19 52.80
N ILE M 2 -4.18 -20.16 53.58
CA ILE M 2 -5.57 -19.97 53.97
C ILE M 2 -6.41 -19.53 52.78
N GLU M 3 -5.86 -18.66 51.93
CA GLU M 3 -6.66 -18.01 50.88
C GLU M 3 -7.14 -18.99 49.83
N ASN M 4 -6.32 -19.97 49.44
CA ASN M 4 -6.60 -20.81 48.29
C ASN M 4 -7.31 -22.11 48.66
N ILE M 5 -7.74 -22.27 49.92
CA ILE M 5 -8.48 -23.47 50.29
C ILE M 5 -9.78 -23.64 49.50
N PRO M 6 -10.66 -22.63 49.41
CA PRO M 6 -11.87 -22.83 48.60
C PRO M 6 -11.59 -23.12 47.14
N LEU M 7 -10.52 -22.55 46.58
CA LEU M 7 -10.15 -22.85 45.20
C LEU M 7 -9.82 -24.33 45.04
N ALA M 8 -9.03 -24.87 45.96
CA ALA M 8 -8.70 -26.30 45.90
C ALA M 8 -9.95 -27.15 46.09
N GLU M 9 -10.83 -26.74 47.01
CA GLU M 9 -12.05 -27.51 47.26
C GLU M 9 -12.92 -27.56 46.00
N GLU M 10 -13.12 -26.41 45.35
CA GLU M 10 -13.98 -26.38 44.16
C GLU M 10 -13.32 -27.10 42.99
N GLU M 11 -11.99 -27.00 42.87
CA GLU M 11 -11.31 -27.75 41.82
C GLU M 11 -11.46 -29.25 42.01
N HIS M 12 -11.33 -29.72 43.26
CA HIS M 12 -11.53 -31.14 43.53
C HIS M 12 -12.97 -31.54 43.29
N ASN M 13 -13.93 -30.68 43.64
CA ASN M 13 -15.33 -30.97 43.34
C ASN M 13 -15.56 -31.08 41.83
N LYS M 14 -14.88 -30.26 41.05
CA LYS M 14 -15.02 -30.32 39.60
C LYS M 14 -14.40 -31.60 39.03
N TRP M 15 -13.19 -31.94 39.48
CA TRP M 15 -12.40 -32.98 38.81
C TRP M 15 -12.09 -34.21 39.67
N HIS M 16 -12.25 -34.13 40.98
CA HIS M 16 -11.95 -35.25 41.89
C HIS M 16 -10.50 -35.70 41.75
N GLN M 17 -9.61 -34.80 42.14
CA GLN M 17 -8.18 -35.07 42.16
C GLN M 17 -7.85 -35.86 43.43
N ASP M 18 -6.56 -35.99 43.72
CA ASP M 18 -6.10 -36.66 44.93
C ASP M 18 -5.38 -35.66 45.83
N ALA M 19 -5.18 -36.06 47.08
CA ALA M 19 -4.59 -35.14 48.06
C ALA M 19 -3.19 -34.73 47.67
N VAL M 20 -2.38 -35.66 47.15
CA VAL M 20 -1.02 -35.33 46.75
C VAL M 20 -1.03 -34.33 45.60
N SER M 21 -1.91 -34.55 44.62
CA SER M 21 -2.00 -33.62 43.49
C SER M 21 -2.44 -32.24 43.95
N LEU M 22 -3.43 -32.17 44.85
CA LEU M 22 -3.86 -30.89 45.37
C LEU M 22 -2.75 -30.18 46.12
N HIS M 23 -2.00 -30.93 46.94
CA HIS M 23 -0.88 -30.34 47.68
C HIS M 23 0.19 -29.81 46.73
N LEU M 24 0.50 -30.58 45.69
CA LEU M 24 1.54 -30.14 44.76
C LEU M 24 1.08 -28.97 43.89
N GLU M 25 -0.22 -28.87 43.62
CA GLU M 25 -0.73 -27.82 42.75
C GLU M 25 -0.98 -26.51 43.50
N PHE M 26 -1.86 -26.54 44.50
CA PHE M 26 -2.29 -25.33 45.18
C PHE M 26 -1.42 -24.95 46.37
N GLY M 27 -0.49 -25.81 46.77
CA GLY M 27 0.40 -25.49 47.88
C GLY M 27 -0.23 -25.59 49.25
N ILE M 28 -1.45 -26.10 49.35
CA ILE M 28 -2.13 -26.23 50.63
C ILE M 28 -1.44 -27.31 51.45
N PRO M 29 -1.52 -27.29 52.77
CA PRO M 29 -0.88 -28.34 53.58
C PRO M 29 -1.46 -29.71 53.25
N ARG M 30 -0.59 -30.73 53.40
CA ARG M 30 -1.03 -32.10 53.12
C ARG M 30 -2.18 -32.52 54.01
N THR M 31 -2.19 -32.05 55.27
CA THR M 31 -3.30 -32.37 56.15
C THR M 31 -4.60 -31.79 55.62
N ALA M 32 -4.57 -30.55 55.12
CA ALA M 32 -5.76 -29.94 54.55
C ALA M 32 -6.24 -30.70 53.32
N ALA M 33 -5.30 -31.09 52.44
CA ALA M 33 -5.68 -31.84 51.24
C ALA M 33 -6.28 -33.19 51.61
N GLU M 34 -5.70 -33.87 52.59
CA GLU M 34 -6.25 -35.15 53.03
C GLU M 34 -7.64 -34.98 53.63
N ASP M 35 -7.84 -33.91 54.40
CA ASP M 35 -9.17 -33.64 54.96
C ASP M 35 -10.17 -33.37 53.85
N ILE M 36 -9.78 -32.60 52.83
CA ILE M 36 -10.69 -32.29 51.73
C ILE M 36 -11.05 -33.56 50.97
N VAL M 37 -10.06 -34.40 50.68
CA VAL M 37 -10.31 -35.63 49.93
C VAL M 37 -11.19 -36.58 50.73
N GLN M 38 -10.90 -36.73 52.02
CA GLN M 38 -11.65 -37.65 52.86
C GLN M 38 -13.11 -37.24 53.03
N GLN M 39 -13.39 -35.94 53.06
CA GLN M 39 -14.75 -35.45 53.25
C GLN M 39 -15.59 -35.51 51.99
N CYS M 40 -15.01 -35.88 50.85
CA CYS M 40 -15.77 -35.98 49.61
C CYS M 40 -16.72 -37.18 49.67
N ASP M 41 -18.00 -36.92 49.48
CA ASP M 41 -18.99 -38.00 49.50
C ASP M 41 -18.79 -38.96 48.34
N VAL M 42 -18.49 -38.43 47.14
CA VAL M 42 -18.28 -39.28 45.98
C VAL M 42 -17.05 -40.15 46.16
N CYS M 43 -15.96 -39.56 46.66
CA CYS M 43 -14.75 -40.34 46.91
C CYS M 43 -14.98 -41.39 48.00
N GLN M 44 -15.73 -41.02 49.04
CA GLN M 44 -16.06 -41.99 50.07
C GLN M 44 -16.91 -43.13 49.51
N GLU M 45 -17.86 -42.81 48.64
CA GLU M 45 -18.73 -43.81 48.04
C GLU M 45 -17.98 -44.69 47.05
N ARG M 58 -2.49 -44.69 47.86
CA ARG M 58 -1.64 -43.86 47.03
C ARG M 58 -1.33 -42.53 47.73
N GLY M 59 -0.20 -42.51 48.43
CA GLY M 59 0.24 -41.31 49.13
C GLY M 59 1.64 -41.50 49.66
N ILE M 60 2.24 -40.38 50.08
CA ILE M 60 3.59 -40.42 50.61
C ILE M 60 3.59 -41.08 51.99
N ASP M 61 4.75 -41.61 52.37
CA ASP M 61 4.94 -42.29 53.66
C ASP M 61 3.96 -43.45 53.82
N HIS M 62 3.62 -44.09 52.70
CA HIS M 62 2.75 -45.26 52.69
C HIS M 62 3.50 -46.38 51.96
N TRP M 63 3.75 -47.48 52.66
CA TRP M 63 4.58 -48.55 52.15
C TRP M 63 3.84 -49.88 52.22
N GLN M 64 4.32 -50.84 51.44
CA GLN M 64 3.80 -52.19 51.41
C GLN M 64 4.94 -53.17 51.53
N VAL M 65 4.69 -54.28 52.22
CA VAL M 65 5.69 -55.30 52.51
C VAL M 65 5.21 -56.62 51.92
N ASP M 66 6.08 -57.29 51.18
CA ASP M 66 5.78 -58.60 50.62
C ASP M 66 6.97 -59.53 50.83
N TYR M 67 6.67 -60.82 50.83
CA TYR M 67 7.68 -61.86 51.04
C TYR M 67 8.06 -62.51 49.72
N THR M 68 9.36 -62.68 49.50
CA THR M 68 9.88 -63.34 48.32
C THR M 68 11.20 -64.00 48.65
N HIS M 69 11.61 -64.94 47.81
CA HIS M 69 12.84 -65.69 48.04
C HIS M 69 13.56 -65.88 46.71
N TYR M 70 14.88 -66.05 46.80
CA TYR M 70 15.71 -66.28 45.63
C TYR M 70 16.93 -67.07 46.05
N GLU M 71 17.17 -68.20 45.40
CA GLU M 71 18.31 -69.08 45.72
C GLU M 71 18.30 -69.50 47.18
N ASP M 72 17.11 -69.80 47.70
CA ASP M 72 16.93 -70.28 49.07
C ASP M 72 17.52 -69.30 50.09
N LYS M 73 17.20 -68.01 49.91
CA LYS M 73 17.61 -66.98 50.84
C LYS M 73 16.44 -66.07 51.14
N ILE M 74 16.43 -65.53 52.35
CA ILE M 74 15.32 -64.72 52.84
C ILE M 74 15.60 -63.26 52.52
N ILE M 75 14.66 -62.60 51.85
CA ILE M 75 14.77 -61.19 51.47
C ILE M 75 13.42 -60.52 51.65
N LEU M 76 13.44 -59.29 52.14
CA LEU M 76 12.23 -58.51 52.36
C LEU M 76 12.11 -57.42 51.31
N VAL M 77 10.87 -57.09 50.97
CA VAL M 77 10.56 -56.11 49.93
C VAL M 77 9.73 -54.99 50.54
N TRP M 78 10.17 -53.75 50.34
CA TRP M 78 9.48 -52.56 50.84
C TRP M 78 9.20 -51.64 49.67
N VAL M 79 7.94 -51.56 49.23
CA VAL M 79 7.55 -50.77 48.07
C VAL M 79 6.75 -49.56 48.54
N GLU M 80 7.22 -48.37 48.19
CA GLU M 80 6.53 -47.13 48.50
C GLU M 80 5.48 -46.85 47.44
N THR M 81 4.27 -46.50 47.88
CA THR M 81 3.16 -46.32 46.95
C THR M 81 3.40 -45.14 46.01
N ASN M 82 3.90 -44.01 46.52
CA ASN M 82 4.05 -42.80 45.73
C ASN M 82 5.44 -42.65 45.12
N SER M 83 6.48 -42.57 45.97
CA SER M 83 7.82 -42.29 45.48
C SER M 83 8.43 -43.43 44.69
N GLY M 84 7.83 -44.61 44.72
CA GLY M 84 8.40 -45.75 44.02
C GLY M 84 9.76 -46.15 44.56
N LEU M 85 9.93 -46.08 45.87
CA LEU M 85 11.21 -46.37 46.52
C LEU M 85 11.21 -47.81 46.99
N ILE M 86 12.24 -48.56 46.62
CA ILE M 86 12.38 -49.97 46.97
C ILE M 86 13.58 -50.14 47.90
N TYR M 87 13.38 -50.89 48.98
CA TYR M 87 14.45 -51.16 49.94
C TYR M 87 14.44 -52.65 50.27
N ALA M 88 15.63 -53.18 50.56
CA ALA M 88 15.76 -54.59 50.88
C ALA M 88 16.99 -54.79 51.76
N GLU M 89 16.98 -55.90 52.50
CA GLU M 89 18.10 -56.25 53.35
C GLU M 89 18.01 -57.73 53.69
N ARG M 90 19.17 -58.35 53.89
CA ARG M 90 19.22 -59.77 54.21
C ARG M 90 18.61 -60.04 55.57
N VAL M 91 17.84 -61.12 55.67
CA VAL M 91 17.16 -61.51 56.89
C VAL M 91 17.58 -62.93 57.24
N LYS M 92 18.00 -63.12 58.49
CA LYS M 92 18.48 -64.44 58.92
C LYS M 92 17.35 -65.45 58.98
N GLY M 93 16.22 -65.07 59.59
CA GLY M 93 15.11 -65.99 59.75
C GLY M 93 13.78 -65.26 59.71
N GLU M 94 12.73 -66.05 59.50
CA GLU M 94 11.36 -65.54 59.43
C GLU M 94 10.67 -65.48 60.79
N THR M 95 11.43 -65.66 61.87
CA THR M 95 10.84 -65.64 63.20
C THR M 95 10.36 -64.24 63.57
N GLY M 96 9.59 -64.16 64.65
CA GLY M 96 9.04 -62.88 65.07
C GLY M 96 10.10 -61.88 65.49
N GLN M 97 11.12 -62.35 66.23
CA GLN M 97 12.17 -61.45 66.71
C GLN M 97 12.96 -60.85 65.56
N GLU M 98 13.41 -61.69 64.62
CA GLU M 98 14.13 -61.19 63.46
C GLU M 98 13.26 -60.30 62.59
N PHE M 99 11.97 -60.62 62.48
CA PHE M 99 11.06 -59.77 61.74
C PHE M 99 10.94 -58.39 62.38
N ARG M 100 10.80 -58.34 63.70
CA ARG M 100 10.75 -57.06 64.39
C ARG M 100 12.03 -56.27 64.21
N VAL M 101 13.18 -56.97 64.26
CA VAL M 101 14.47 -56.31 64.05
C VAL M 101 14.48 -55.59 62.71
N GLN M 102 14.08 -56.27 61.65
CA GLN M 102 14.07 -55.66 60.33
C GLN M 102 13.04 -54.55 60.22
N THR M 103 11.85 -54.74 60.79
CA THR M 103 10.81 -53.71 60.67
C THR M 103 11.23 -52.41 61.32
N MET M 104 11.83 -52.48 62.51
CA MET M 104 12.20 -51.24 63.20
C MET M 104 13.54 -50.70 62.72
N LYS M 105 14.41 -51.57 62.18
CA LYS M 105 15.58 -51.06 61.48
C LYS M 105 15.20 -50.35 60.21
N TRP M 106 14.06 -50.71 59.61
CA TRP M 106 13.53 -49.96 58.48
C TRP M 106 13.12 -48.55 58.89
N TYR M 107 12.51 -48.40 60.07
CA TYR M 107 12.20 -47.08 60.61
C TYR M 107 13.45 -46.33 61.09
N ALA M 108 14.55 -47.04 61.29
CA ALA M 108 15.78 -46.38 61.73
C ALA M 108 16.17 -45.23 60.81
N MET M 109 16.04 -45.41 59.49
CA MET M 109 16.41 -44.36 58.55
C MET M 109 15.22 -43.74 57.82
N PHE M 110 14.00 -44.23 58.05
CA PHE M 110 12.81 -43.70 57.39
C PHE M 110 11.79 -43.27 58.44
N ALA M 111 10.92 -42.34 58.04
CA ALA M 111 9.88 -41.80 58.93
C ALA M 111 8.54 -41.91 58.23
N PRO M 112 7.96 -43.13 58.16
CA PRO M 112 6.66 -43.28 57.53
C PRO M 112 5.51 -43.02 58.48
N LYS M 113 4.28 -43.12 57.97
CA LYS M 113 3.08 -42.96 58.80
C LYS M 113 2.05 -44.06 58.62
N SER M 114 2.10 -44.82 57.51
CA SER M 114 1.14 -45.89 57.27
C SER M 114 1.87 -47.08 56.67
N LEU M 115 1.31 -48.27 56.88
CA LEU M 115 1.90 -49.50 56.38
C LEU M 115 0.80 -50.54 56.23
N GLN M 116 0.92 -51.37 55.19
CA GLN M 116 -0.04 -52.43 54.92
C GLN M 116 0.71 -53.74 54.68
N SER M 117 0.10 -54.83 55.13
CA SER M 117 0.72 -56.15 54.99
C SER M 117 -0.37 -57.22 55.06
N ASP M 118 0.00 -58.42 54.64
CA ASP M 118 -0.91 -59.55 54.66
C ASP M 118 -0.76 -60.31 55.98
N ASN M 119 -1.37 -61.50 56.05
CA ASN M 119 -1.31 -62.32 57.26
C ASN M 119 -0.14 -63.29 57.18
N GLY M 120 0.67 -63.32 58.23
CA GLY M 120 1.82 -64.20 58.30
C GLY M 120 2.11 -64.67 59.70
N PRO M 121 2.87 -65.76 59.83
CA PRO M 121 3.20 -66.26 61.17
C PRO M 121 3.93 -65.26 62.04
N ALA M 122 4.82 -64.45 61.45
CA ALA M 122 5.54 -63.43 62.20
C ALA M 122 4.83 -62.09 62.24
N PHE M 123 3.75 -61.93 61.47
CA PHE M 123 3.03 -60.66 61.47
C PHE M 123 2.23 -60.48 62.76
N VAL M 124 1.65 -61.56 63.29
CA VAL M 124 0.81 -61.51 64.47
C VAL M 124 1.51 -62.23 65.61
N ALA M 125 1.67 -61.53 66.73
CA ALA M 125 2.25 -62.11 67.94
C ALA M 125 1.87 -61.22 69.12
N GLU M 126 1.94 -61.78 70.32
CA GLU M 126 1.55 -61.05 71.52
C GLU M 126 2.43 -59.82 71.76
N SER M 127 3.66 -59.82 71.27
CA SER M 127 4.57 -58.69 71.46
C SER M 127 4.72 -57.82 70.22
N THR M 128 4.19 -58.26 69.08
CA THR M 128 4.36 -57.51 67.85
C THR M 128 3.54 -56.22 67.86
N GLN M 129 2.26 -56.31 68.28
CA GLN M 129 1.42 -55.12 68.27
C GLN M 129 1.84 -54.10 69.33
N LEU M 130 2.22 -54.59 70.53
CA LEU M 130 2.66 -53.66 71.56
C LEU M 130 3.95 -52.95 71.17
N LEU M 131 4.82 -53.62 70.40
CA LEU M 131 6.06 -52.99 69.97
C LEU M 131 5.79 -51.85 68.98
N MET M 132 4.90 -52.08 68.02
CA MET M 132 4.57 -51.00 67.09
C MET M 132 3.74 -49.91 67.74
N LYS M 133 3.04 -50.23 68.84
CA LYS M 133 2.30 -49.20 69.56
C LYS M 133 3.22 -48.13 70.09
N TYR M 134 4.40 -48.52 70.59
CA TYR M 134 5.38 -47.54 71.05
C TYR M 134 5.87 -46.65 69.91
N LEU M 135 6.08 -47.24 68.72
CA LEU M 135 6.50 -46.45 67.57
C LEU M 135 5.43 -45.44 67.18
N GLY M 136 4.16 -45.84 67.25
CA GLY M 136 3.06 -44.95 66.96
C GLY M 136 2.65 -44.87 65.51
N ILE M 137 3.35 -45.55 64.61
CA ILE M 137 3.00 -45.53 63.20
C ILE M 137 1.85 -46.51 62.97
N GLU M 138 0.76 -46.01 62.38
CA GLU M 138 -0.43 -46.81 62.16
C GLU M 138 -0.15 -47.87 61.10
N HIS M 139 -0.57 -49.10 61.37
CA HIS M 139 -0.40 -50.22 60.46
C HIS M 139 -1.71 -50.97 60.33
N THR M 140 -2.07 -51.34 59.11
CA THR M 140 -3.30 -52.08 58.83
C THR M 140 -2.95 -53.40 58.17
N THR M 141 -3.57 -54.48 58.65
CA THR M 141 -3.37 -55.82 58.12
C THR M 141 -4.66 -56.29 57.46
N GLY M 142 -4.54 -56.76 56.21
CA GLY M 142 -5.69 -57.23 55.49
C GLY M 142 -5.30 -58.04 54.28
N ILE M 143 -6.31 -58.48 53.55
CA ILE M 143 -6.15 -59.29 52.34
C ILE M 143 -6.18 -58.35 51.14
N PRO M 144 -5.13 -58.27 50.33
CA PRO M 144 -5.13 -57.38 49.16
C PRO M 144 -5.88 -57.98 47.98
N TRP M 145 -7.21 -57.86 48.03
CA TRP M 145 -8.08 -58.38 46.98
C TRP M 145 -8.24 -57.43 45.80
N ASN M 146 -7.65 -56.24 45.89
CA ASN M 146 -7.74 -55.29 44.78
C ASN M 146 -6.92 -55.80 43.60
N PRO M 147 -7.50 -55.88 42.40
CA PRO M 147 -6.71 -56.27 41.23
C PRO M 147 -5.55 -55.33 40.96
N GLN M 148 -5.72 -54.04 41.25
CA GLN M 148 -4.63 -53.08 41.09
C GLN M 148 -3.45 -53.44 41.98
N SER M 149 -3.71 -53.80 43.24
CA SER M 149 -2.63 -54.22 44.13
C SER M 149 -1.97 -55.50 43.63
N GLN M 150 -2.78 -56.45 43.16
CA GLN M 150 -2.23 -57.71 42.66
C GLN M 150 -1.31 -57.48 41.47
N ALA M 151 -1.70 -56.64 40.53
CA ALA M 151 -0.85 -56.38 39.36
C ALA M 151 0.33 -55.46 39.68
N LEU M 152 0.18 -54.58 40.67
CA LEU M 152 1.28 -53.69 41.04
C LEU M 152 2.37 -54.45 41.79
N VAL M 153 1.98 -55.37 42.67
CA VAL M 153 2.96 -56.15 43.42
C VAL M 153 3.76 -57.05 42.49
N GLU M 154 3.10 -57.58 41.44
CA GLU M 154 3.77 -58.52 40.54
C GLU M 154 4.95 -57.87 39.83
N ARG M 155 4.78 -56.64 39.34
CA ARG M 155 5.82 -56.02 38.52
C ARG M 155 7.05 -55.65 39.36
N THR M 156 6.85 -55.29 40.64
CA THR M 156 7.97 -54.86 41.46
C THR M 156 8.96 -56.00 41.69
N HIS M 157 8.45 -57.19 42.00
CA HIS M 157 9.32 -58.34 42.22
C HIS M 157 10.11 -58.70 40.97
N GLN M 158 9.45 -58.69 39.81
CA GLN M 158 10.16 -58.96 38.57
C GLN M 158 11.22 -57.91 38.29
N THR M 159 10.90 -56.64 38.51
CA THR M 159 11.86 -55.57 38.27
C THR M 159 13.07 -55.70 39.18
N LEU M 160 12.85 -56.01 40.45
CA LEU M 160 13.99 -56.12 41.37
C LEU M 160 14.80 -57.38 41.12
N LYS M 161 14.15 -58.48 40.72
CA LYS M 161 14.87 -59.73 40.53
C LYS M 161 15.57 -59.82 39.17
N ASN M 162 15.13 -59.04 38.17
CA ASN M 162 15.80 -59.07 36.87
C ASN M 162 17.19 -58.48 36.96
N THR M 163 17.37 -57.42 37.76
CA THR M 163 18.67 -56.79 37.89
C THR M 163 19.67 -57.61 38.69
N LEU M 164 19.23 -58.70 39.32
CA LEU M 164 20.13 -59.51 40.14
C LEU M 164 21.21 -60.17 39.29
N GLU M 165 20.82 -60.82 38.20
CA GLU M 165 21.78 -61.56 37.38
C GLU M 165 22.66 -60.67 36.52
N LYS M 166 22.34 -59.39 36.39
CA LYS M 166 23.14 -58.50 35.56
C LYS M 166 24.49 -58.17 36.19
N LEU M 167 24.67 -58.47 37.48
CA LEU M 167 25.89 -58.13 38.18
C LEU M 167 26.39 -59.24 39.12
N ILE M 168 25.86 -60.46 38.98
CA ILE M 168 26.35 -61.57 39.80
C ILE M 168 27.80 -61.93 39.56
N PRO M 169 28.29 -62.02 38.31
CA PRO M 169 29.59 -62.72 38.10
C PRO M 169 30.76 -62.08 38.83
N MET M 170 30.81 -60.76 38.97
CA MET M 170 31.96 -60.13 39.61
C MET M 170 31.70 -59.75 41.05
N PHE M 171 30.47 -59.87 41.53
CA PHE M 171 30.18 -59.80 42.96
C PHE M 171 30.29 -61.19 43.59
N ASN M 172 30.78 -61.23 44.84
CA ASN M 172 31.11 -62.51 45.46
C ASN M 172 29.86 -63.28 45.88
N ALA M 173 28.89 -62.60 46.49
CA ALA M 173 27.77 -63.28 47.13
C ALA M 173 26.45 -62.64 46.72
N PHE M 174 25.36 -63.20 47.25
CA PHE M 174 24.02 -62.67 46.95
C PHE M 174 23.76 -61.38 47.73
N GLU M 175 24.21 -61.32 48.99
CA GLU M 175 24.07 -60.07 49.74
C GLU M 175 24.83 -58.93 49.08
N SER M 176 25.83 -59.26 48.27
CA SER M 176 26.51 -58.24 47.48
C SER M 176 25.61 -57.72 46.35
N ALA M 177 24.86 -58.62 45.71
CA ALA M 177 23.88 -58.21 44.71
C ALA M 177 22.69 -57.51 45.31
N LEU M 178 22.47 -57.67 46.62
CA LEU M 178 21.38 -56.98 47.29
C LEU M 178 21.53 -55.46 47.15
N ALA M 179 22.74 -54.94 47.37
CA ALA M 179 22.98 -53.52 47.19
C ALA M 179 23.02 -53.13 45.72
N GLY M 180 23.48 -54.04 44.85
CA GLY M 180 23.50 -53.74 43.43
C GLY M 180 22.11 -53.53 42.85
N THR M 181 21.14 -54.31 43.31
CA THR M 181 19.76 -54.11 42.86
C THR M 181 19.26 -52.72 43.23
N LEU M 182 19.52 -52.29 44.47
CA LEU M 182 19.11 -50.96 44.90
C LEU M 182 19.84 -49.88 44.11
N ILE M 183 21.12 -50.09 43.80
CA ILE M 183 21.85 -49.14 42.98
C ILE M 183 21.22 -49.03 41.60
N THR M 184 20.86 -50.16 41.00
CA THR M 184 20.24 -50.14 39.68
C THR M 184 18.88 -49.45 39.69
N LEU M 185 18.07 -49.69 40.72
CA LEU M 185 16.71 -49.17 40.75
C LEU M 185 16.60 -47.74 41.26
N ASN M 186 17.09 -47.47 42.48
CA ASN M 186 16.85 -46.20 43.13
C ASN M 186 17.80 -45.09 42.69
N ILE M 187 18.89 -45.39 42.01
CA ILE M 187 19.91 -44.41 41.65
C ILE M 187 19.83 -44.03 40.18
N LYS M 188 19.79 -45.02 39.30
CA LYS M 188 19.87 -44.77 37.85
C LYS M 188 18.52 -44.63 37.18
N ARG M 189 17.53 -45.44 37.57
CA ARG M 189 16.19 -45.33 36.99
C ARG M 189 15.60 -43.96 37.31
N LYS M 190 15.46 -43.11 36.29
CA LYS M 190 14.98 -41.75 36.49
C LYS M 190 13.93 -41.41 35.45
N GLY M 191 12.90 -40.67 35.89
CA GLY M 191 11.89 -40.15 35.00
C GLY M 191 11.73 -38.66 35.22
N GLY M 192 10.79 -38.08 34.47
CA GLY M 192 10.57 -36.65 34.54
C GLY M 192 11.80 -35.90 34.07
N LEU M 193 12.26 -34.93 34.87
CA LEU M 193 13.45 -34.16 34.54
C LEU M 193 14.70 -34.77 35.16
N GLY M 194 14.92 -36.05 34.88
CA GLY M 194 16.05 -36.78 35.46
C GLY M 194 15.97 -36.89 36.97
N THR M 195 14.81 -37.26 37.47
CA THR M 195 14.57 -37.35 38.91
C THR M 195 14.57 -38.81 39.34
N SER M 196 15.43 -39.14 40.30
CA SER M 196 15.48 -40.46 40.89
C SER M 196 14.42 -40.61 41.98
N PRO M 197 13.99 -41.85 42.27
CA PRO M 197 13.00 -42.03 43.35
C PRO M 197 13.47 -41.52 44.69
N MET M 198 14.75 -41.69 45.02
CA MET M 198 15.27 -41.12 46.26
C MET M 198 15.22 -39.59 46.23
N ASP M 199 15.43 -38.99 45.06
CA ASP M 199 15.25 -37.55 44.93
C ASP M 199 13.81 -37.15 45.22
N ILE M 200 12.86 -37.95 44.72
CA ILE M 200 11.45 -37.68 45.00
C ILE M 200 11.18 -37.75 46.50
N PHE M 201 11.70 -38.77 47.17
CA PHE M 201 11.49 -38.90 48.61
C PHE M 201 12.09 -37.73 49.37
N ILE M 202 13.33 -37.36 49.03
CA ILE M 202 14.01 -36.28 49.74
C ILE M 202 13.28 -34.96 49.52
N PHE M 203 12.83 -34.70 48.29
CA PHE M 203 12.07 -33.49 48.02
C PHE M 203 10.73 -33.50 48.77
N ASN M 204 10.08 -34.67 48.84
CA ASN M 204 8.82 -34.76 49.57
C ASN M 204 9.00 -34.42 51.05
N LYS M 205 10.11 -34.90 51.65
CA LYS M 205 10.39 -34.56 53.04
C LYS M 205 10.49 -33.05 53.25
N GLU M 206 10.95 -32.32 52.23
CA GLU M 206 11.13 -30.88 52.36
C GLU M 206 9.80 -30.18 52.65
N GLN M 207 8.79 -30.43 51.82
CA GLN M 207 7.49 -29.82 52.07
C GLN M 207 6.75 -30.51 53.21
N GLN M 208 7.11 -31.76 53.52
CA GLN M 208 6.51 -32.42 54.68
C GLN M 208 6.93 -31.78 55.99
N ARG M 209 8.16 -31.31 56.08
CA ARG M 209 8.66 -30.67 57.29
C ARG M 209 8.05 -29.30 57.56
N ILE M 210 7.51 -28.64 56.54
CA ILE M 210 7.05 -27.26 56.69
C ILE M 210 5.91 -27.17 57.69
N GLN M 211 4.94 -28.10 57.61
CA GLN M 211 3.73 -27.98 58.42
C GLN M 211 3.99 -28.16 59.91
N GLN M 212 5.15 -28.70 60.31
CA GLN M 212 5.48 -28.79 61.72
C GLN M 212 5.61 -27.40 62.35
N GLN M 213 6.18 -26.44 61.63
CA GLN M 213 6.32 -25.08 62.16
C GLN M 213 4.97 -24.44 62.44
N SER M 214 3.93 -24.81 61.70
CA SER M 214 2.60 -24.26 61.92
C SER M 214 1.83 -25.04 62.98
N LYS M 215 1.92 -26.37 62.96
CA LYS M 215 1.18 -27.18 63.92
C LYS M 215 1.80 -27.15 65.31
N SER M 216 3.05 -26.68 65.43
CA SER M 216 3.69 -26.61 66.74
C SER M 216 2.94 -25.65 67.66
N LYS M 217 2.54 -24.49 67.14
CA LYS M 217 1.81 -23.50 67.93
C LYS M 217 0.30 -23.64 67.81
N GLN M 218 -0.19 -24.58 67.00
CA GLN M 218 -1.61 -24.77 66.77
C GLN M 218 -2.20 -25.94 67.55
N GLU M 219 -1.44 -26.51 68.49
CA GLU M 219 -1.91 -27.66 69.25
C GLU M 219 -2.72 -27.24 70.47
N LYS M 220 -3.68 -26.34 70.31
CA LYS M 220 -4.49 -25.89 71.44
C LYS M 220 -5.76 -25.25 70.88
N ILE M 221 -6.90 -25.92 71.09
CA ILE M 221 -8.12 -25.57 70.37
C ILE M 221 -8.67 -24.23 70.87
N ARG M 222 -9.14 -23.40 69.94
CA ARG M 222 -9.71 -22.10 70.26
C ARG M 222 -11.02 -21.90 69.50
N PHE M 223 -11.94 -21.18 70.13
CA PHE M 223 -13.20 -20.78 69.52
C PHE M 223 -13.19 -19.27 69.31
N CYS M 224 -13.62 -18.83 68.13
CA CYS M 224 -13.56 -17.42 67.78
C CYS M 224 -14.79 -17.05 66.96
N TYR M 225 -15.12 -15.77 66.99
CA TYR M 225 -16.22 -15.22 66.21
C TYR M 225 -15.71 -14.70 64.87
N TYR M 226 -16.58 -14.75 63.87
CA TYR M 226 -16.26 -14.29 62.52
C TYR M 226 -17.33 -13.33 62.04
N ARG M 227 -16.92 -12.37 61.22
CA ARG M 227 -17.81 -11.37 60.66
C ARG M 227 -17.68 -11.36 59.15
N THR M 228 -18.82 -11.38 58.46
CA THR M 228 -18.86 -11.47 57.01
C THR M 228 -18.98 -10.06 56.43
N ARG M 229 -18.11 -9.73 55.48
CA ARG M 229 -18.13 -8.43 54.82
C ARG M 229 -18.93 -8.53 53.53
N LYS M 230 -19.87 -7.60 53.35
CA LYS M 230 -20.75 -7.60 52.17
C LYS M 230 -20.81 -6.16 51.64
N ARG M 231 -20.11 -5.92 50.53
CA ARG M 231 -20.09 -4.60 49.89
C ARG M 231 -19.62 -3.51 50.85
N GLY M 232 -18.63 -3.84 51.69
CA GLY M 232 -18.10 -2.90 52.65
C GLY M 232 -18.91 -2.75 53.91
N HIS M 233 -20.00 -3.50 54.07
CA HIS M 233 -20.85 -3.39 55.24
C HIS M 233 -20.54 -4.53 56.20
N PRO M 234 -20.04 -4.24 57.41
CA PRO M 234 -19.68 -5.34 58.33
C PRO M 234 -20.84 -6.25 58.68
N GLY M 235 -22.04 -5.69 58.80
CA GLY M 235 -23.23 -6.49 59.09
C GLY M 235 -23.44 -6.79 60.56
N GLU M 236 -22.70 -7.76 61.10
CA GLU M 236 -22.85 -8.18 62.48
C GLU M 236 -21.79 -9.24 62.77
N TRP M 237 -21.72 -9.64 64.03
CA TRP M 237 -20.85 -10.73 64.46
C TRP M 237 -21.60 -12.05 64.40
N GLN M 238 -20.91 -13.09 63.93
CA GLN M 238 -21.49 -14.42 63.80
C GLN M 238 -20.55 -15.46 64.39
N GLY M 239 -21.11 -16.56 64.84
CA GLY M 239 -20.34 -17.64 65.42
C GLY M 239 -21.10 -18.39 66.49
N PRO M 240 -20.39 -19.17 67.32
CA PRO M 240 -18.94 -19.38 67.23
C PRO M 240 -18.55 -20.38 66.15
N THR M 241 -17.36 -20.21 65.59
CA THR M 241 -16.85 -21.10 64.54
C THR M 241 -15.45 -21.57 64.92
N GLN M 242 -15.21 -22.86 64.70
CA GLN M 242 -13.90 -23.43 64.99
C GLN M 242 -12.85 -22.90 64.01
N VAL M 243 -11.69 -22.53 64.54
CA VAL M 243 -10.58 -22.08 63.71
C VAL M 243 -9.90 -23.30 63.10
N LEU M 244 -9.86 -23.35 61.76
CA LEU M 244 -9.31 -24.51 61.08
C LEU M 244 -7.78 -24.44 61.03
N TRP M 245 -7.23 -23.41 60.39
CA TRP M 245 -5.80 -23.24 60.29
C TRP M 245 -5.45 -21.76 60.41
N GLY M 246 -4.22 -21.49 60.83
CA GLY M 246 -3.74 -20.14 60.99
C GLY M 246 -2.92 -19.67 59.80
N GLY M 247 -2.81 -18.34 59.68
CA GLY M 247 -2.06 -17.75 58.59
C GLY M 247 -1.60 -16.36 58.98
N ASP M 248 -0.86 -15.73 58.05
CA ASP M 248 -0.34 -14.38 58.26
C ASP M 248 -1.46 -13.39 58.05
N GLY M 249 -2.29 -13.23 59.09
CA GLY M 249 -3.40 -12.31 59.04
C GLY M 249 -4.65 -12.83 58.38
N ALA M 250 -4.70 -14.12 58.05
CA ALA M 250 -5.87 -14.73 57.41
C ALA M 250 -6.30 -15.95 58.20
N ILE M 251 -7.61 -16.10 58.38
CA ILE M 251 -8.19 -17.22 59.11
C ILE M 251 -9.32 -17.80 58.28
N VAL M 252 -9.33 -19.12 58.13
CA VAL M 252 -10.36 -19.83 57.37
C VAL M 252 -11.36 -20.43 58.35
N VAL M 253 -12.65 -20.31 58.02
CA VAL M 253 -13.74 -20.80 58.85
C VAL M 253 -14.73 -21.53 57.98
N LYS M 254 -15.55 -22.36 58.63
CA LYS M 254 -16.62 -23.09 57.95
C LYS M 254 -17.95 -22.37 58.17
N ASP M 255 -18.69 -22.18 57.08
CA ASP M 255 -19.98 -21.52 57.11
C ASP M 255 -21.08 -22.55 57.36
N ARG M 256 -21.89 -22.32 58.39
CA ARG M 256 -22.99 -23.22 58.67
C ARG M 256 -24.11 -23.14 57.63
N GLY M 257 -24.36 -21.95 57.10
CA GLY M 257 -25.43 -21.75 56.14
C GLY M 257 -25.10 -22.24 54.74
N THR M 258 -24.07 -21.64 54.13
CA THR M 258 -23.71 -21.96 52.75
C THR M 258 -22.83 -23.19 52.64
N ASP M 259 -22.33 -23.72 53.76
CA ASP M 259 -21.47 -24.91 53.77
C ASP M 259 -20.25 -24.73 52.87
N ARG M 260 -19.62 -23.57 52.97
CA ARG M 260 -18.42 -23.25 52.20
C ARG M 260 -17.37 -22.65 53.12
N TYR M 261 -16.11 -22.80 52.73
CA TYR M 261 -15.00 -22.25 53.51
C TYR M 261 -14.80 -20.79 53.18
N LEU M 262 -14.69 -19.96 54.22
CA LEU M 262 -14.54 -18.52 54.06
C LEU M 262 -13.24 -18.07 54.69
N VAL M 263 -12.67 -16.99 54.14
CA VAL M 263 -11.41 -16.43 54.59
C VAL M 263 -11.68 -15.03 55.12
N ILE M 264 -11.18 -14.75 56.33
CA ILE M 264 -11.40 -13.47 57.00
C ILE M 264 -10.07 -12.94 57.50
N ALA M 265 -9.91 -11.62 57.45
CA ALA M 265 -8.70 -10.98 57.94
C ALA M 265 -8.66 -11.05 59.47
N ASN M 266 -7.47 -10.79 60.02
CA ASN M 266 -7.26 -10.86 61.45
C ASN M 266 -7.90 -9.71 62.22
N LYS M 267 -8.41 -8.69 61.52
CA LYS M 267 -9.01 -7.53 62.16
C LYS M 267 -10.50 -7.68 62.42
N ASP M 268 -11.08 -8.83 62.10
CA ASP M 268 -12.50 -9.09 62.29
C ASP M 268 -12.72 -10.38 63.06
N VAL M 269 -11.94 -10.57 64.13
CA VAL M 269 -12.01 -11.79 64.93
C VAL M 269 -11.63 -11.44 66.37
N LYS M 270 -12.31 -12.07 67.32
CA LYS M 270 -12.04 -11.90 68.75
C LYS M 270 -11.70 -13.26 69.36
N PHE M 271 -11.28 -13.23 70.62
CA PHE M 271 -10.91 -14.42 71.36
C PHE M 271 -11.98 -14.74 72.39
N ILE M 272 -12.45 -15.98 72.39
CA ILE M 272 -13.45 -16.46 73.33
C ILE M 272 -12.76 -17.35 74.36
N PRO M 273 -12.81 -17.01 75.65
CA PRO M 273 -12.16 -17.85 76.66
C PRO M 273 -12.83 -19.21 76.74
N PRO M 274 -12.07 -20.26 77.07
CA PRO M 274 -12.61 -21.63 77.18
C PRO M 274 -13.44 -21.83 78.45
N ILE N 60 32.75 -30.82 51.77
CA ILE N 60 31.54 -31.19 51.06
C ILE N 60 31.48 -32.71 50.84
N ASP N 61 30.55 -33.37 51.51
CA ASP N 61 30.30 -34.80 51.37
C ASP N 61 31.55 -35.62 51.69
N HIS N 62 31.98 -35.50 52.94
CA HIS N 62 33.13 -36.22 53.47
C HIS N 62 32.65 -37.26 54.47
N TRP N 63 33.20 -38.48 54.37
CA TRP N 63 32.80 -39.59 55.22
C TRP N 63 34.02 -40.23 55.86
N GLN N 64 33.78 -40.92 56.97
CA GLN N 64 34.83 -41.55 57.75
C GLN N 64 34.30 -42.81 58.39
N VAL N 65 35.20 -43.74 58.69
CA VAL N 65 34.87 -45.05 59.26
C VAL N 65 35.67 -45.24 60.53
N ASP N 66 35.01 -45.76 61.57
CA ASP N 66 35.75 -46.09 62.78
C ASP N 66 35.08 -47.27 63.49
N TYR N 67 35.89 -48.16 64.03
CA TYR N 67 35.39 -49.34 64.71
C TYR N 67 35.57 -49.20 66.21
N THR N 68 34.66 -49.84 66.96
CA THR N 68 34.73 -49.85 68.41
C THR N 68 34.49 -51.27 68.90
N HIS N 69 35.05 -51.58 70.07
CA HIS N 69 34.94 -52.90 70.68
C HIS N 69 34.19 -52.78 71.99
N TYR N 70 33.15 -53.59 72.15
CA TYR N 70 32.32 -53.61 73.35
C TYR N 70 31.76 -55.00 73.56
N GLU N 71 31.95 -55.53 74.77
CA GLU N 71 31.42 -56.84 75.16
C GLU N 71 31.83 -57.92 74.17
N ASP N 72 33.11 -57.90 73.78
CA ASP N 72 33.67 -58.87 72.84
C ASP N 72 32.93 -58.85 71.51
N LYS N 73 32.51 -57.66 71.08
CA LYS N 73 31.84 -57.48 69.81
C LYS N 73 32.33 -56.20 69.15
N ILE N 74 32.27 -56.18 67.82
CA ILE N 74 32.82 -55.09 67.03
C ILE N 74 31.67 -54.34 66.37
N ILE N 75 31.66 -53.01 66.52
CA ILE N 75 30.66 -52.15 65.92
C ILE N 75 31.36 -51.14 65.02
N LEU N 76 30.95 -51.09 63.76
CA LEU N 76 31.48 -50.14 62.80
C LEU N 76 30.57 -48.92 62.75
N VAL N 77 31.19 -47.74 62.64
CA VAL N 77 30.48 -46.47 62.69
C VAL N 77 30.87 -45.66 61.46
N TRP N 78 29.86 -45.22 60.72
CA TRP N 78 30.00 -44.28 59.61
C TRP N 78 29.74 -42.88 60.14
N VAL N 79 30.66 -41.96 59.86
CA VAL N 79 30.59 -40.60 60.40
C VAL N 79 30.71 -39.61 59.24
N GLU N 80 29.95 -38.53 59.34
CA GLU N 80 30.03 -37.42 58.37
C GLU N 80 30.60 -36.20 59.07
N THR N 81 31.39 -35.43 58.33
CA THR N 81 32.11 -34.29 58.90
C THR N 81 31.29 -33.01 58.84
N ASN N 82 30.88 -32.60 57.63
CA ASN N 82 30.20 -31.32 57.46
C ASN N 82 28.86 -31.32 58.17
N SER N 83 28.09 -32.39 58.05
CA SER N 83 26.76 -32.48 58.64
C SER N 83 26.75 -33.20 59.99
N GLY N 84 27.29 -34.40 60.05
CA GLY N 84 27.35 -35.13 61.30
C GLY N 84 26.51 -36.40 61.31
N LEU N 85 26.33 -37.00 60.13
CA LEU N 85 25.60 -38.26 60.05
C LEU N 85 26.36 -39.37 60.78
N ILE N 86 25.63 -40.17 61.55
CA ILE N 86 26.21 -41.27 62.29
C ILE N 86 25.41 -42.53 62.01
N TYR N 87 26.10 -43.60 61.66
CA TYR N 87 25.49 -44.90 61.37
C TYR N 87 26.28 -45.99 62.10
N ALA N 88 25.58 -47.01 62.57
CA ALA N 88 26.21 -48.09 63.33
C ALA N 88 25.80 -49.44 62.77
N GLU N 89 26.72 -50.39 62.84
CA GLU N 89 26.43 -51.75 62.38
C GLU N 89 27.31 -52.73 63.16
N ARG N 90 26.81 -53.96 63.31
CA ARG N 90 27.52 -55.00 64.04
C ARG N 90 28.35 -55.83 63.06
N VAL N 91 29.66 -55.80 63.21
CA VAL N 91 30.57 -56.53 62.33
C VAL N 91 30.88 -57.87 62.98
N LYS N 92 30.52 -58.96 62.30
CA LYS N 92 30.69 -60.29 62.88
C LYS N 92 32.16 -60.71 62.89
N GLY N 93 32.77 -60.82 61.70
CA GLY N 93 34.15 -61.19 61.58
C GLY N 93 34.96 -60.11 60.85
N GLU N 94 36.27 -60.32 60.85
CA GLU N 94 37.21 -59.37 60.27
C GLU N 94 37.47 -59.63 58.79
N THR N 95 36.75 -60.57 58.19
CA THR N 95 36.90 -60.85 56.77
C THR N 95 36.48 -59.65 55.93
N GLY N 96 37.16 -59.48 54.79
CA GLY N 96 36.88 -58.35 53.92
C GLY N 96 35.53 -58.40 53.24
N GLN N 97 34.89 -59.57 53.20
CA GLN N 97 33.57 -59.67 52.59
C GLN N 97 32.54 -58.84 53.34
N GLU N 98 32.59 -58.88 54.67
CA GLU N 98 31.67 -58.07 55.47
C GLU N 98 31.88 -56.58 55.22
N PHE N 99 33.14 -56.14 55.16
CA PHE N 99 33.43 -54.74 54.88
C PHE N 99 32.92 -54.35 53.50
N ARG N 100 33.13 -55.21 52.50
CA ARG N 100 32.68 -54.91 51.15
C ARG N 100 31.17 -54.78 51.08
N VAL N 101 30.45 -55.74 51.69
CA VAL N 101 28.99 -55.69 51.62
C VAL N 101 28.46 -54.50 52.40
N GLN N 102 29.11 -54.14 53.51
CA GLN N 102 28.68 -52.96 54.25
C GLN N 102 28.92 -51.69 53.44
N THR N 103 30.05 -51.59 52.75
CA THR N 103 30.34 -50.41 51.93
C THR N 103 29.33 -50.28 50.80
N MET N 104 28.98 -51.40 50.15
CA MET N 104 28.04 -51.31 49.04
C MET N 104 26.62 -51.06 49.53
N LYS N 105 26.26 -51.58 50.70
CA LYS N 105 24.97 -51.23 51.29
C LYS N 105 24.91 -49.74 51.62
N TRP N 106 26.01 -49.19 52.15
CA TRP N 106 26.07 -47.76 52.42
C TRP N 106 25.94 -46.95 51.13
N TYR N 107 26.61 -47.40 50.06
CA TYR N 107 26.46 -46.75 48.77
C TYR N 107 25.03 -46.87 48.24
N ALA N 108 24.32 -47.93 48.61
CA ALA N 108 22.93 -48.07 48.22
C ALA N 108 22.04 -47.08 48.97
N MET N 109 22.27 -46.93 50.27
CA MET N 109 21.44 -46.06 51.10
C MET N 109 21.96 -44.64 51.21
N PHE N 110 23.15 -44.34 50.68
CA PHE N 110 23.71 -43.00 50.72
C PHE N 110 24.42 -42.70 49.40
N ALA N 111 24.57 -41.40 49.12
CA ALA N 111 25.21 -40.93 47.89
C ALA N 111 26.42 -40.08 48.29
N PRO N 112 27.58 -40.69 48.49
CA PRO N 112 28.77 -39.95 48.88
C PRO N 112 29.54 -39.41 47.68
N LYS N 113 30.50 -38.54 47.97
CA LYS N 113 31.36 -37.98 46.94
C LYS N 113 32.84 -38.13 47.33
N SER N 114 33.12 -38.10 48.64
CA SER N 114 34.47 -38.23 49.14
C SER N 114 34.46 -39.02 50.43
N LEU N 115 35.40 -39.96 50.56
CA LEU N 115 35.52 -40.80 51.74
C LEU N 115 36.98 -40.88 52.16
N GLN N 116 37.23 -40.70 53.46
CA GLN N 116 38.57 -40.81 54.01
C GLN N 116 38.54 -41.78 55.18
N SER N 117 39.56 -42.63 55.27
CA SER N 117 39.62 -43.63 56.32
C SER N 117 41.07 -44.02 56.56
N ASP N 118 41.31 -44.66 57.70
CA ASP N 118 42.64 -45.10 58.08
C ASP N 118 42.96 -46.43 57.40
N ASN N 119 44.06 -47.05 57.79
CA ASN N 119 44.48 -48.32 57.22
C ASN N 119 43.82 -49.49 57.95
N GLY N 120 43.65 -50.59 57.22
CA GLY N 120 43.06 -51.78 57.77
C GLY N 120 43.65 -53.04 57.19
N PRO N 121 43.53 -54.16 57.91
CA PRO N 121 44.08 -55.42 57.40
C PRO N 121 43.44 -55.87 56.09
N ALA N 122 42.16 -55.61 55.88
CA ALA N 122 41.47 -55.98 54.66
C ALA N 122 41.32 -54.82 53.69
N PHE N 123 41.55 -53.58 54.14
CA PHE N 123 41.42 -52.43 53.25
C PHE N 123 42.46 -52.47 52.13
N VAL N 124 43.70 -52.85 52.46
CA VAL N 124 44.78 -52.90 51.48
C VAL N 124 44.68 -54.24 50.78
N ALA N 125 43.90 -54.27 49.70
CA ALA N 125 43.73 -55.46 48.90
C ALA N 125 43.37 -55.05 47.48
N GLU N 126 44.01 -55.69 46.50
CA GLU N 126 43.79 -55.32 45.10
C GLU N 126 42.33 -55.45 44.71
N SER N 127 41.67 -56.51 45.20
CA SER N 127 40.24 -56.67 44.93
C SER N 127 39.44 -55.52 45.55
N THR N 128 39.83 -55.07 46.74
CA THR N 128 39.12 -53.97 47.38
C THR N 128 39.25 -52.68 46.58
N GLN N 129 40.47 -52.37 46.12
CA GLN N 129 40.65 -51.17 45.30
C GLN N 129 39.91 -51.27 43.97
N LEU N 130 39.92 -52.46 43.36
CA LEU N 130 39.19 -52.64 42.12
C LEU N 130 37.69 -52.44 42.33
N LEU N 131 37.15 -52.98 43.42
CA LEU N 131 35.73 -52.82 43.71
C LEU N 131 35.38 -51.37 44.00
N MET N 132 36.22 -50.66 44.75
CA MET N 132 35.92 -49.27 45.06
C MET N 132 36.06 -48.37 43.84
N LYS N 133 36.96 -48.71 42.91
CA LYS N 133 37.04 -47.98 41.64
C LYS N 133 35.90 -48.34 40.71
N TYR N 134 35.31 -49.53 40.87
CA TYR N 134 34.14 -49.90 40.09
C TYR N 134 32.98 -48.95 40.38
N LEU N 135 32.79 -48.56 41.64
CA LEU N 135 31.76 -47.61 42.01
C LEU N 135 32.14 -46.17 41.67
N GLY N 136 33.41 -45.91 41.36
CA GLY N 136 33.86 -44.57 41.02
C GLY N 136 34.17 -43.68 42.19
N ILE N 137 34.05 -44.18 43.42
CA ILE N 137 34.34 -43.36 44.59
C ILE N 137 35.86 -43.24 44.78
N GLU N 138 36.27 -42.17 45.46
CA GLU N 138 37.67 -41.90 45.72
C GLU N 138 38.00 -42.21 47.18
N HIS N 139 39.25 -42.56 47.43
CA HIS N 139 39.71 -42.87 48.77
C HIS N 139 41.20 -42.59 48.86
N THR N 140 41.63 -42.15 50.03
CA THR N 140 43.02 -41.81 50.29
C THR N 140 43.52 -42.55 51.52
N THR N 141 44.79 -42.91 51.50
CA THR N 141 45.43 -43.62 52.60
C THR N 141 46.23 -42.66 53.47
N GLY N 142 46.60 -43.14 54.65
CA GLY N 142 47.34 -42.35 55.60
C GLY N 142 46.47 -41.90 56.76
N ILE N 143 47.09 -41.82 57.94
CA ILE N 143 46.36 -41.41 59.13
C ILE N 143 45.97 -39.94 59.02
N PRO N 144 44.74 -39.56 59.32
CA PRO N 144 44.36 -38.14 59.27
C PRO N 144 45.14 -37.33 60.29
N TRP N 145 45.49 -36.10 59.91
CA TRP N 145 46.20 -35.18 60.78
C TRP N 145 45.35 -33.99 61.19
N ASN N 146 44.07 -33.99 60.86
CA ASN N 146 43.18 -32.88 61.19
C ASN N 146 42.65 -33.07 62.60
N PRO N 147 42.94 -32.16 63.53
CA PRO N 147 42.39 -32.30 64.89
C PRO N 147 40.88 -32.26 64.93
N GLN N 148 40.24 -31.53 64.02
CA GLN N 148 38.78 -31.43 64.02
C GLN N 148 38.14 -32.79 63.78
N SER N 149 38.66 -33.56 62.82
CA SER N 149 38.11 -34.88 62.53
C SER N 149 38.27 -35.81 63.73
N GLN N 150 39.44 -35.79 64.37
CA GLN N 150 39.65 -36.64 65.55
C GLN N 150 38.71 -36.25 66.68
N ALA N 151 38.55 -34.95 66.92
CA ALA N 151 37.65 -34.49 67.97
C ALA N 151 36.21 -34.90 67.70
N LEU N 152 35.76 -34.73 66.45
CA LEU N 152 34.39 -35.12 66.09
C LEU N 152 34.19 -36.62 66.27
N VAL N 153 35.15 -37.43 65.81
CA VAL N 153 35.04 -38.88 65.92
C VAL N 153 34.98 -39.30 67.39
N GLU N 154 35.87 -38.72 68.21
CA GLU N 154 35.90 -39.09 69.62
C GLU N 154 34.61 -38.68 70.33
N ARG N 155 34.10 -37.47 70.05
CA ARG N 155 32.88 -37.03 70.68
C ARG N 155 31.69 -37.89 70.26
N THR N 156 31.60 -38.22 68.97
CA THR N 156 30.50 -39.07 68.52
C THR N 156 30.57 -40.45 69.16
N HIS N 157 31.78 -41.01 69.24
CA HIS N 157 31.93 -42.35 69.83
C HIS N 157 31.59 -42.35 71.30
N GLN N 158 32.07 -41.35 72.06
CA GLN N 158 31.74 -41.31 73.49
C GLN N 158 30.24 -41.07 73.70
N THR N 159 29.63 -40.23 72.86
CA THR N 159 28.19 -39.98 73.00
C THR N 159 27.39 -41.25 72.70
N LEU N 160 27.74 -41.97 71.65
CA LEU N 160 27.01 -43.19 71.31
C LEU N 160 27.22 -44.25 72.38
N LYS N 161 28.43 -44.37 72.92
CA LYS N 161 28.67 -45.33 73.99
C LYS N 161 27.86 -44.99 75.23
N ASN N 162 27.82 -43.71 75.61
CA ASN N 162 27.04 -43.29 76.76
C ASN N 162 25.55 -43.57 76.54
N THR N 163 25.03 -43.26 75.35
CA THR N 163 23.62 -43.50 75.08
C THR N 163 23.29 -44.99 75.10
N LEU N 164 24.15 -45.83 74.52
CA LEU N 164 23.86 -47.26 74.49
C LEU N 164 23.97 -47.88 75.87
N GLU N 165 24.92 -47.43 76.69
CA GLU N 165 25.02 -47.96 78.05
C GLU N 165 23.90 -47.45 78.94
N LYS N 166 23.35 -46.26 78.64
CA LYS N 166 22.20 -45.77 79.38
C LYS N 166 20.92 -46.50 78.99
N LEU N 167 20.83 -46.98 77.76
CA LEU N 167 19.61 -47.58 77.23
C LEU N 167 19.55 -49.09 77.45
N ILE N 168 20.46 -49.65 78.25
CA ILE N 168 20.54 -51.11 78.38
C ILE N 168 19.24 -51.73 78.89
N PRO N 169 18.64 -51.26 80.00
CA PRO N 169 17.48 -51.98 80.55
C PRO N 169 16.25 -51.98 79.65
N MET N 170 16.14 -51.03 78.72
CA MET N 170 14.89 -50.90 77.97
C MET N 170 14.69 -52.03 76.97
N PHE N 171 15.77 -52.58 76.41
CA PHE N 171 15.66 -53.63 75.40
C PHE N 171 15.95 -54.99 76.01
N ASN N 172 15.70 -56.02 75.22
CA ASN N 172 15.97 -57.41 75.58
C ASN N 172 16.82 -58.13 74.55
N ALA N 173 16.63 -57.84 73.26
CA ALA N 173 17.41 -58.45 72.20
C ALA N 173 18.70 -57.68 71.98
N PHE N 174 19.43 -57.98 70.91
CA PHE N 174 20.66 -57.29 70.58
C PHE N 174 20.56 -56.48 69.29
N GLU N 175 20.19 -57.10 68.17
CA GLU N 175 20.03 -56.36 66.94
C GLU N 175 18.97 -55.29 67.07
N SER N 176 17.86 -55.61 67.73
CA SER N 176 16.87 -54.60 68.08
C SER N 176 17.52 -53.49 68.90
N ALA N 177 18.42 -53.84 69.81
CA ALA N 177 19.07 -52.83 70.64
C ALA N 177 19.94 -51.90 69.79
N LEU N 178 20.75 -52.45 68.88
CA LEU N 178 21.58 -51.62 68.03
C LEU N 178 20.73 -50.70 67.15
N ALA N 179 19.67 -51.24 66.55
CA ALA N 179 18.86 -50.41 65.66
C ALA N 179 18.09 -49.36 66.45
N GLY N 180 17.67 -49.68 67.68
CA GLY N 180 17.01 -48.69 68.52
C GLY N 180 17.95 -47.59 68.95
N THR N 181 19.20 -47.94 69.28
CA THR N 181 20.20 -46.93 69.57
C THR N 181 20.45 -46.05 68.35
N LEU N 182 20.48 -46.66 67.17
CA LEU N 182 20.61 -45.87 65.95
C LEU N 182 19.46 -44.90 65.79
N ILE N 183 18.23 -45.36 66.06
CA ILE N 183 17.06 -44.49 65.99
C ILE N 183 17.21 -43.32 66.94
N THR N 184 17.55 -43.61 68.20
CA THR N 184 17.64 -42.56 69.21
C THR N 184 18.73 -41.55 68.87
N LEU N 185 19.90 -42.03 68.42
CA LEU N 185 20.99 -41.13 68.08
C LEU N 185 20.66 -40.29 66.85
N ASN N 186 20.00 -40.88 65.85
CA ASN N 186 19.72 -40.16 64.62
C ASN N 186 18.49 -39.27 64.72
N ILE N 187 17.65 -39.44 65.73
CA ILE N 187 16.43 -38.66 65.89
C ILE N 187 16.56 -37.63 67.01
N LYS N 188 17.00 -38.05 68.19
CA LYS N 188 17.05 -37.16 69.34
C LYS N 188 18.14 -36.10 69.22
N ARG N 189 19.07 -36.24 68.28
CA ARG N 189 20.14 -35.26 68.11
C ARG N 189 19.58 -34.04 67.41
N LYS N 190 19.38 -32.96 68.17
CA LYS N 190 18.86 -31.71 67.64
C LYS N 190 19.99 -30.69 67.59
N GLY N 191 20.41 -30.33 66.39
CA GLY N 191 21.47 -29.36 66.20
C GLY N 191 20.95 -28.12 65.51
N GLY N 192 21.52 -26.97 65.88
CA GLY N 192 21.07 -25.71 65.34
C GLY N 192 19.65 -25.39 65.70
N LEU N 193 18.80 -25.20 64.69
CA LEU N 193 17.37 -24.95 64.90
C LEU N 193 16.59 -26.25 65.02
N GLY N 194 17.03 -27.13 65.91
CA GLY N 194 16.38 -28.41 66.11
C GLY N 194 16.39 -29.29 64.88
N THR N 195 17.54 -29.38 64.21
CA THR N 195 17.67 -30.13 62.96
C THR N 195 18.39 -31.44 63.22
N SER N 196 17.77 -32.55 62.80
CA SER N 196 18.41 -33.84 62.88
C SER N 196 19.55 -33.94 61.86
N PRO N 197 20.55 -34.79 62.11
CA PRO N 197 21.59 -34.98 61.09
C PRO N 197 21.05 -35.41 59.74
N MET N 198 20.04 -36.28 59.72
CA MET N 198 19.39 -36.61 58.45
C MET N 198 18.66 -35.40 57.88
N ASP N 199 18.09 -34.57 58.75
CA ASP N 199 17.41 -33.36 58.29
C ASP N 199 18.39 -32.41 57.61
N ILE N 200 19.55 -32.16 58.23
CA ILE N 200 20.51 -31.27 57.61
C ILE N 200 21.12 -31.91 56.36
N PHE N 201 21.23 -33.23 56.33
CA PHE N 201 21.72 -33.91 55.13
C PHE N 201 20.76 -33.69 53.95
N ILE N 202 19.46 -33.89 54.19
CA ILE N 202 18.49 -33.67 53.12
C ILE N 202 18.40 -32.19 52.76
N PHE N 203 18.61 -31.30 53.73
CA PHE N 203 18.69 -29.88 53.41
C PHE N 203 19.83 -29.59 52.45
N ASN N 204 21.01 -30.16 52.73
CA ASN N 204 22.15 -29.95 51.85
C ASN N 204 21.88 -30.53 50.47
N LYS N 205 21.27 -31.72 50.42
CA LYS N 205 20.99 -32.35 49.13
C LYS N 205 20.01 -31.51 48.31
N GLU N 206 18.93 -31.04 48.92
CA GLU N 206 17.97 -30.22 48.19
C GLU N 206 18.57 -28.88 47.80
N GLN N 207 19.42 -28.30 48.64
CA GLN N 207 20.07 -27.04 48.31
C GLN N 207 20.99 -27.19 47.11
N GLN N 208 21.80 -28.25 47.09
CA GLN N 208 22.69 -28.45 45.95
C GLN N 208 21.89 -28.79 44.69
N ARG N 209 20.80 -29.54 44.83
CA ARG N 209 19.97 -29.85 43.67
C ARG N 209 19.34 -28.59 43.09
N ILE N 210 18.81 -27.72 43.95
CA ILE N 210 18.15 -26.51 43.44
C ILE N 210 19.16 -25.52 42.90
N GLN N 211 20.37 -25.48 43.46
CA GLN N 211 21.38 -24.58 42.92
C GLN N 211 21.97 -25.11 41.62
N GLN N 212 21.97 -26.43 41.41
CA GLN N 212 22.37 -27.00 40.14
C GLN N 212 21.30 -26.86 39.06
N GLN N 213 20.02 -26.93 39.45
CA GLN N 213 18.92 -26.84 38.50
C GLN N 213 18.41 -25.42 38.30
N SER N 214 18.96 -24.44 39.02
CA SER N 214 18.48 -23.06 38.89
C SER N 214 18.86 -22.45 37.55
N LYS N 215 19.84 -23.02 36.84
CA LYS N 215 20.26 -22.47 35.56
C LYS N 215 19.19 -22.61 34.48
N SER N 216 18.24 -23.54 34.65
CA SER N 216 17.22 -23.75 33.64
C SER N 216 16.33 -22.51 33.47
N LYS N 217 15.95 -21.87 34.58
CA LYS N 217 15.08 -20.70 34.51
C LYS N 217 15.79 -19.48 33.92
N GLN N 218 17.13 -19.49 33.90
CA GLN N 218 17.89 -18.36 33.38
C GLN N 218 18.14 -18.45 31.89
N GLU N 219 18.17 -19.64 31.31
CA GLU N 219 18.46 -19.82 29.89
C GLU N 219 17.18 -19.90 29.08
N LYS N 220 16.48 -18.77 28.97
CA LYS N 220 15.28 -18.72 28.17
C LYS N 220 15.49 -17.86 26.93
N ILE N 221 15.80 -16.58 27.14
CA ILE N 221 16.14 -15.61 26.10
C ILE N 221 15.19 -15.79 24.91
N ARG N 222 13.89 -15.72 25.17
CA ARG N 222 12.91 -15.90 24.10
C ARG N 222 12.86 -14.66 23.19
N PHE N 223 12.44 -14.89 21.95
CA PHE N 223 12.35 -13.81 20.97
C PHE N 223 10.89 -13.40 20.77
N CYS N 224 10.69 -12.18 20.29
CA CYS N 224 9.35 -11.67 20.11
C CYS N 224 9.29 -10.72 18.92
N TYR N 225 8.09 -10.59 18.38
CA TYR N 225 7.76 -9.60 17.37
C TYR N 225 7.01 -8.44 18.03
N TYR N 226 6.86 -7.35 17.28
CA TYR N 226 6.13 -6.20 17.79
C TYR N 226 5.61 -5.37 16.62
N ARG N 227 4.63 -4.52 16.93
CA ARG N 227 4.07 -3.61 15.95
C ARG N 227 3.54 -2.38 16.68
N THR N 228 3.46 -1.27 15.96
CA THR N 228 3.01 -0.01 16.51
C THR N 228 1.82 0.51 15.74
N ARG N 229 1.12 1.47 16.33
CA ARG N 229 -0.03 2.11 15.71
C ARG N 229 0.40 3.46 15.13
N LYS N 230 0.24 3.62 13.82
CA LYS N 230 0.61 4.83 13.12
C LYS N 230 -0.59 5.36 12.36
N ARG N 231 -0.94 6.63 12.61
CA ARG N 231 -2.04 7.31 11.93
C ARG N 231 -3.35 6.54 12.08
N GLY N 232 -3.56 5.95 13.26
CA GLY N 232 -4.78 5.24 13.55
C GLY N 232 -4.90 3.85 12.97
N HIS N 233 -3.83 3.32 12.38
CA HIS N 233 -3.84 1.99 11.80
C HIS N 233 -2.62 1.21 12.25
N PRO N 234 -2.75 -0.10 12.38
CA PRO N 234 -1.59 -0.91 12.79
C PRO N 234 -0.51 -0.92 11.73
N GLY N 235 0.75 -1.05 12.19
CA GLY N 235 1.88 -1.10 11.30
C GLY N 235 2.28 -2.53 10.94
N GLU N 236 3.38 -2.64 10.21
CA GLU N 236 3.89 -3.94 9.81
C GLU N 236 4.56 -4.63 10.99
N TRP N 237 4.69 -5.96 10.88
CA TRP N 237 5.27 -6.78 11.92
C TRP N 237 6.79 -6.63 11.88
N GLN N 238 7.31 -5.69 12.67
CA GLN N 238 8.75 -5.50 12.74
C GLN N 238 9.40 -6.58 13.58
N GLY N 239 10.61 -6.98 13.17
CA GLY N 239 11.34 -8.02 13.84
C GLY N 239 12.09 -8.92 12.87
N PRO N 240 12.57 -10.07 13.36
CA PRO N 240 12.48 -10.53 14.75
C PRO N 240 13.49 -9.86 15.67
N THR N 241 13.26 -9.97 16.98
CA THR N 241 14.12 -9.33 17.96
C THR N 241 13.98 -10.04 19.30
N GLN N 242 14.92 -9.76 20.19
CA GLN N 242 14.97 -10.40 21.50
C GLN N 242 14.31 -9.48 22.53
N VAL N 243 13.38 -10.06 23.32
CA VAL N 243 12.73 -9.30 24.37
C VAL N 243 13.72 -9.06 25.51
N LEU N 244 13.56 -7.93 26.20
CA LEU N 244 14.44 -7.55 27.30
C LEU N 244 13.81 -7.88 28.66
N TRP N 245 12.62 -7.35 28.92
CA TRP N 245 11.90 -7.65 30.16
C TRP N 245 10.42 -7.78 29.85
N GLY N 246 9.82 -8.89 30.29
CA GLY N 246 8.42 -9.12 30.06
C GLY N 246 7.62 -9.28 31.34
N GLY N 247 6.75 -8.31 31.63
CA GLY N 247 5.87 -8.36 32.76
C GLY N 247 4.41 -8.51 32.37
N ASP N 248 3.54 -8.38 33.36
CA ASP N 248 2.11 -8.46 33.09
C ASP N 248 1.66 -7.25 32.29
N GLY N 249 0.86 -7.48 31.26
CA GLY N 249 0.31 -6.43 30.43
C GLY N 249 1.14 -5.98 29.25
N ALA N 250 2.46 -5.88 29.42
CA ALA N 250 3.32 -5.37 28.37
C ALA N 250 4.73 -5.88 28.56
N ILE N 251 5.53 -5.75 27.49
CA ILE N 251 6.94 -6.11 27.50
C ILE N 251 7.74 -4.96 26.92
N VAL N 252 9.01 -4.86 27.30
CA VAL N 252 9.90 -3.81 26.83
C VAL N 252 10.90 -4.43 25.85
N VAL N 253 11.14 -3.73 24.74
CA VAL N 253 11.98 -4.26 23.66
C VAL N 253 12.87 -3.14 23.16
N LYS N 254 13.98 -3.55 22.54
CA LYS N 254 14.91 -2.62 21.89
C LYS N 254 14.57 -2.51 20.41
N ASP N 255 14.47 -1.27 19.94
CA ASP N 255 14.16 -0.98 18.55
C ASP N 255 15.45 -0.68 17.79
N ARG N 256 15.51 -1.12 16.53
CA ARG N 256 16.67 -0.86 15.70
C ARG N 256 16.52 0.40 14.85
N GLY N 257 15.29 0.79 14.52
CA GLY N 257 15.10 1.96 13.68
C GLY N 257 15.56 3.25 14.34
N THR N 258 15.25 3.43 15.63
CA THR N 258 15.61 4.63 16.35
C THR N 258 16.52 4.37 17.55
N ASP N 259 16.90 3.12 17.79
CA ASP N 259 17.76 2.75 18.92
C ASP N 259 17.17 3.24 20.25
N ARG N 260 15.85 3.08 20.40
CA ARG N 260 15.14 3.51 21.59
C ARG N 260 14.35 2.35 22.18
N TYR N 261 14.20 2.37 23.50
CA TYR N 261 13.41 1.36 24.19
C TYR N 261 11.92 1.64 23.98
N LEU N 262 11.17 0.59 23.68
CA LEU N 262 9.73 0.71 23.47
C LEU N 262 8.98 -0.34 24.27
N VAL N 263 7.92 0.09 24.95
CA VAL N 263 7.05 -0.80 25.71
C VAL N 263 5.78 -1.06 24.90
N ILE N 264 5.46 -2.34 24.71
CA ILE N 264 4.35 -2.75 23.86
C ILE N 264 3.51 -3.77 24.62
N ALA N 265 2.20 -3.60 24.57
CA ALA N 265 1.28 -4.49 25.28
C ALA N 265 1.29 -5.87 24.63
N ASN N 266 0.64 -6.82 25.32
CA ASN N 266 0.57 -8.20 24.84
C ASN N 266 -0.42 -8.40 23.71
N LYS N 267 -1.25 -7.40 23.40
CA LYS N 267 -2.28 -7.55 22.39
C LYS N 267 -1.78 -7.32 20.96
N ASP N 268 -0.51 -6.97 20.78
CA ASP N 268 0.05 -6.78 19.46
C ASP N 268 1.47 -7.33 19.38
N VAL N 269 1.70 -8.52 19.95
CA VAL N 269 3.00 -9.17 19.92
C VAL N 269 2.83 -10.64 19.57
N LYS N 270 3.93 -11.24 19.12
CA LYS N 270 4.01 -12.66 18.85
C LYS N 270 5.30 -13.19 19.47
N PHE N 271 5.29 -14.46 19.88
CA PHE N 271 6.40 -15.05 20.60
C PHE N 271 7.05 -16.14 19.74
N ILE N 272 8.36 -16.04 19.54
CA ILE N 272 9.11 -16.93 18.65
C ILE N 272 10.35 -17.42 19.39
N PRO N 273 10.68 -18.71 19.29
CA PRO N 273 11.93 -19.18 19.87
C PRO N 273 13.12 -18.57 19.15
N PRO N 274 14.26 -18.43 19.84
CA PRO N 274 15.43 -17.80 19.21
C PRO N 274 15.91 -18.58 18.01
N PRO N 275 16.38 -17.90 16.97
CA PRO N 275 16.85 -18.60 15.77
C PRO N 275 18.20 -19.26 15.98
N LYS N 276 18.75 -19.85 14.93
CA LYS N 276 20.06 -20.51 15.02
C LYS N 276 21.18 -19.50 15.22
N TRP O 1 -15.12 28.77 15.00
CA TRP O 1 -14.74 30.06 15.56
C TRP O 1 -14.97 31.18 14.55
N ILE O 2 -15.79 30.91 13.53
CA ILE O 2 -16.08 31.91 12.51
C ILE O 2 -17.27 32.76 12.91
N GLU O 3 -18.23 32.17 13.64
CA GLU O 3 -19.48 32.88 13.93
C GLU O 3 -19.27 34.09 14.82
N ASN O 4 -18.26 34.07 15.70
CA ASN O 4 -18.01 35.16 16.62
C ASN O 4 -17.02 36.18 16.10
N ILE O 5 -16.53 36.01 14.86
CA ILE O 5 -15.57 36.97 14.31
C ILE O 5 -16.17 38.37 14.17
N PRO O 6 -17.37 38.57 13.57
CA PRO O 6 -17.92 39.93 13.50
C PRO O 6 -18.19 40.52 14.88
N LEU O 7 -18.64 39.68 15.81
CA LEU O 7 -18.87 40.14 17.18
C LEU O 7 -17.57 40.58 17.83
N ALA O 8 -16.50 39.81 17.62
CA ALA O 8 -15.20 40.20 18.15
C ALA O 8 -14.71 41.48 17.51
N GLU O 9 -14.98 41.66 16.22
CA GLU O 9 -14.56 42.87 15.52
C GLU O 9 -15.28 44.10 16.06
N GLU O 10 -16.59 43.97 16.30
CA GLU O 10 -17.33 45.11 16.86
C GLU O 10 -16.93 45.37 18.31
N GLU O 11 -16.59 44.32 19.07
CA GLU O 11 -16.06 44.52 20.40
C GLU O 11 -14.72 45.25 20.36
N HIS O 12 -13.87 44.91 19.39
CA HIS O 12 -12.61 45.61 19.21
C HIS O 12 -12.86 47.08 18.87
N ASN O 13 -13.83 47.34 18.00
CA ASN O 13 -14.21 48.72 17.70
C ASN O 13 -14.68 49.47 18.94
N LYS O 14 -15.45 48.80 19.80
CA LYS O 14 -15.93 49.41 21.04
C LYS O 14 -14.81 49.68 22.04
N TRP O 15 -13.83 48.78 22.15
CA TRP O 15 -12.80 48.86 23.19
C TRP O 15 -11.40 49.19 22.66
N HIS O 16 -11.03 48.68 21.49
CA HIS O 16 -9.67 48.83 20.94
C HIS O 16 -8.63 48.26 21.91
N GLN O 17 -8.72 46.95 22.11
CA GLN O 17 -7.77 46.22 22.93
C GLN O 17 -6.65 45.67 22.05
N ASP O 18 -5.81 44.81 22.60
CA ASP O 18 -4.72 44.20 21.85
C ASP O 18 -5.10 42.79 21.39
N ALA O 19 -4.30 42.28 20.45
CA ALA O 19 -4.64 41.01 19.80
C ALA O 19 -4.59 39.84 20.77
N VAL O 20 -3.61 39.85 21.68
CA VAL O 20 -3.43 38.70 22.57
C VAL O 20 -4.65 38.50 23.46
N SER O 21 -5.21 39.59 23.99
CA SER O 21 -6.39 39.49 24.83
C SER O 21 -7.57 38.95 24.04
N LEU O 22 -7.75 39.43 22.81
CA LEU O 22 -8.84 38.93 21.96
C LEU O 22 -8.70 37.44 21.70
N HIS O 23 -7.48 37.00 21.36
CA HIS O 23 -7.25 35.57 21.13
C HIS O 23 -7.50 34.75 22.39
N LEU O 24 -7.06 35.26 23.54
CA LEU O 24 -7.09 34.48 24.77
C LEU O 24 -8.48 34.48 25.41
N GLU O 25 -9.33 35.43 25.07
CA GLU O 25 -10.67 35.51 25.65
C GLU O 25 -11.76 35.09 24.70
N PHE O 26 -11.50 35.06 23.39
CA PHE O 26 -12.50 34.66 22.41
C PHE O 26 -12.22 33.34 21.73
N GLY O 27 -11.02 32.78 21.87
CA GLY O 27 -10.66 31.56 21.18
C GLY O 27 -10.24 31.74 19.74
N ILE O 28 -10.17 32.97 19.26
CA ILE O 28 -9.76 33.24 17.88
C ILE O 28 -8.31 32.86 17.70
N PRO O 29 -7.90 32.29 16.55
CA PRO O 29 -6.49 32.03 16.32
C PRO O 29 -5.65 33.29 16.35
N ARG O 30 -4.39 33.14 16.75
CA ARG O 30 -3.52 34.30 16.95
C ARG O 30 -3.32 35.09 15.67
N THR O 31 -3.16 34.40 14.54
CA THR O 31 -2.94 35.08 13.27
C THR O 31 -4.11 35.99 12.91
N ALA O 32 -5.35 35.51 13.14
CA ALA O 32 -6.52 36.32 12.85
C ALA O 32 -6.56 37.58 13.71
N ALA O 33 -6.23 37.45 14.99
CA ALA O 33 -6.20 38.63 15.86
C ALA O 33 -5.11 39.60 15.44
N GLU O 34 -3.93 39.08 15.06
CA GLU O 34 -2.87 39.95 14.59
C GLU O 34 -3.28 40.71 13.34
N ASP O 35 -3.94 40.03 12.40
CA ASP O 35 -4.41 40.72 11.20
C ASP O 35 -5.52 41.72 11.51
N ILE O 36 -6.37 41.40 12.49
CA ILE O 36 -7.43 42.33 12.88
C ILE O 36 -6.84 43.62 13.44
N VAL O 37 -5.86 43.48 14.35
CA VAL O 37 -5.24 44.68 14.92
C VAL O 37 -4.34 45.38 13.91
N GLN O 38 -3.84 44.66 12.91
CA GLN O 38 -3.13 45.31 11.81
C GLN O 38 -4.07 46.17 10.98
N GLN O 39 -5.29 45.66 10.72
CA GLN O 39 -6.26 46.43 9.96
C GLN O 39 -6.73 47.67 10.71
N CYS O 40 -6.65 47.64 12.05
CA CYS O 40 -7.02 48.79 12.85
C CYS O 40 -6.04 49.93 12.64
N ASP O 41 -6.50 51.03 12.01
CA ASP O 41 -5.62 52.15 11.72
C ASP O 41 -5.09 52.80 12.99
N VAL O 42 -5.96 52.96 14.01
CA VAL O 42 -5.53 53.57 15.26
C VAL O 42 -4.49 52.69 15.94
N CYS O 43 -4.73 51.38 15.98
CA CYS O 43 -3.77 50.48 16.62
C CYS O 43 -2.47 50.38 15.81
N GLN O 44 -2.55 50.52 14.49
CA GLN O 44 -1.35 50.42 13.66
C GLN O 44 -0.49 51.67 13.76
N GLU O 45 -1.12 52.85 13.79
CA GLU O 45 -0.37 54.11 13.69
C GLU O 45 0.37 54.48 14.97
N ASN O 46 -0.03 53.94 16.12
CA ASN O 46 0.58 54.31 17.39
C ASN O 46 1.67 53.33 17.82
N LYS O 47 2.01 52.36 16.98
CA LYS O 47 3.07 51.41 17.32
C LYS O 47 4.44 52.07 17.20
N ILE O 60 4.11 42.97 48.19
CA ILE O 60 2.75 42.46 48.37
C ILE O 60 1.86 43.53 48.98
N ASP O 61 0.80 43.89 48.25
CA ASP O 61 -0.17 44.90 48.68
C ASP O 61 0.52 46.23 48.97
N HIS O 62 1.14 46.79 47.93
CA HIS O 62 1.81 48.07 48.00
C HIS O 62 1.33 48.97 46.88
N TRP O 63 1.27 50.27 47.19
CA TRP O 63 0.77 51.27 46.24
C TRP O 63 1.81 52.37 46.07
N GLN O 64 1.71 53.06 44.93
CA GLN O 64 2.57 54.21 44.67
C GLN O 64 1.72 55.41 44.29
N VAL O 65 2.04 56.55 44.88
CA VAL O 65 1.33 57.81 44.64
C VAL O 65 2.33 58.84 44.13
N ASP O 66 2.09 59.36 42.94
CA ASP O 66 2.94 60.36 42.32
C ASP O 66 2.08 61.43 41.67
N TYR O 67 2.68 62.61 41.48
CA TYR O 67 2.00 63.73 40.85
C TYR O 67 2.25 63.72 39.35
N THR O 68 1.27 64.24 38.61
CA THR O 68 1.41 64.40 37.17
C THR O 68 0.58 65.58 36.70
N HIS O 69 0.94 66.09 35.53
CA HIS O 69 0.30 67.26 34.95
C HIS O 69 -0.03 66.99 33.49
N TYR O 70 -1.20 67.42 33.05
CA TYR O 70 -1.65 67.15 31.69
C TYR O 70 -2.57 68.26 31.21
N GLU O 71 -2.19 68.92 30.12
CA GLU O 71 -2.97 69.99 29.47
C GLU O 71 -3.58 70.95 30.49
N ASP O 72 -2.70 71.56 31.29
CA ASP O 72 -3.08 72.56 32.29
C ASP O 72 -4.11 72.00 33.26
N LYS O 73 -3.96 70.72 33.62
CA LYS O 73 -4.87 70.07 34.55
C LYS O 73 -4.10 69.08 35.41
N ILE O 74 -4.65 68.83 36.60
CA ILE O 74 -4.07 67.91 37.57
C ILE O 74 -4.77 66.57 37.45
N ILE O 75 -3.98 65.50 37.34
CA ILE O 75 -4.50 64.14 37.23
C ILE O 75 -4.04 63.38 38.46
N LEU O 76 -4.98 62.81 39.20
CA LEU O 76 -4.69 62.00 40.38
C LEU O 76 -4.84 60.53 40.00
N VAL O 77 -3.71 59.83 39.92
CA VAL O 77 -3.67 58.44 39.50
C VAL O 77 -2.99 57.62 40.58
N TRP O 78 -3.54 56.43 40.85
CA TRP O 78 -3.01 55.51 41.84
C TRP O 78 -2.81 54.14 41.22
N VAL O 79 -1.68 53.54 41.55
CA VAL O 79 -1.25 52.25 41.02
C VAL O 79 -0.83 51.35 42.17
N GLU O 80 -1.16 50.06 42.06
CA GLU O 80 -0.75 49.04 43.00
C GLU O 80 0.39 48.23 42.39
N THR O 81 1.42 47.95 43.21
CA THR O 81 2.62 47.33 42.69
C THR O 81 2.38 45.89 42.26
N ASN O 82 1.70 45.10 43.10
CA ASN O 82 1.57 43.67 42.85
C ASN O 82 0.61 43.39 41.69
N SER O 83 -0.54 44.06 41.68
CA SER O 83 -1.59 43.79 40.70
C SER O 83 -1.51 44.69 39.48
N GLY O 84 -1.26 45.98 39.67
CA GLY O 84 -1.22 46.93 38.59
C GLY O 84 -2.52 47.65 38.30
N LEU O 85 -3.51 47.56 39.19
CA LEU O 85 -4.77 48.25 38.98
C LEU O 85 -4.57 49.76 39.00
N ILE O 86 -5.31 50.46 38.13
CA ILE O 86 -5.16 51.90 37.95
C ILE O 86 -6.45 52.57 38.37
N TYR O 87 -6.34 53.59 39.22
CA TYR O 87 -7.49 54.41 39.57
C TYR O 87 -7.17 55.87 39.30
N ALA O 88 -7.95 56.50 38.43
CA ALA O 88 -7.69 57.87 38.02
C ALA O 88 -8.93 58.72 38.28
N GLU O 89 -8.73 59.86 38.93
CA GLU O 89 -9.82 60.76 39.26
C GLU O 89 -9.44 62.20 38.92
N ARG O 90 -10.45 63.02 38.65
CA ARG O 90 -10.26 64.41 38.32
C ARG O 90 -10.22 65.27 39.58
N VAL O 91 -9.26 66.19 39.63
CA VAL O 91 -9.08 67.09 40.77
C VAL O 91 -9.03 68.52 40.25
N LYS O 92 -9.86 69.39 40.83
CA LYS O 92 -9.89 70.79 40.39
C LYS O 92 -8.61 71.52 40.78
N GLY O 93 -8.17 71.37 42.02
CA GLY O 93 -6.97 72.05 42.49
C GLY O 93 -6.28 71.27 43.58
N GLU O 94 -4.98 71.51 43.70
CA GLU O 94 -4.14 70.79 44.66
C GLU O 94 -4.15 71.57 45.98
N THR O 95 -5.12 71.25 46.83
CA THR O 95 -5.22 71.82 48.16
C THR O 95 -5.46 70.70 49.16
N GLY O 96 -5.07 70.95 50.42
CA GLY O 96 -5.20 69.92 51.44
C GLY O 96 -6.63 69.45 51.63
N GLN O 97 -7.58 70.39 51.63
CA GLN O 97 -8.99 70.03 51.72
C GLN O 97 -9.41 69.16 50.54
N GLU O 98 -8.97 69.52 49.33
CA GLU O 98 -9.26 68.69 48.16
C GLU O 98 -8.42 67.42 48.14
N PHE O 99 -7.20 67.47 48.67
CA PHE O 99 -6.36 66.26 48.72
C PHE O 99 -7.00 65.19 49.60
N ARG O 100 -7.56 65.60 50.74
CA ARG O 100 -8.15 64.64 51.67
C ARG O 100 -9.42 63.99 51.12
N VAL O 101 -10.01 64.54 50.07
CA VAL O 101 -11.29 64.02 49.56
C VAL O 101 -11.11 62.60 49.04
N GLN O 102 -10.03 62.35 48.29
CA GLN O 102 -9.81 61.05 47.68
C GLN O 102 -9.08 60.08 48.60
N THR O 103 -8.57 60.55 49.73
CA THR O 103 -7.76 59.69 50.60
C THR O 103 -8.57 58.51 51.12
N MET O 104 -9.74 58.77 51.71
CA MET O 104 -10.58 57.68 52.19
C MET O 104 -11.34 56.98 51.07
N LYS O 105 -11.54 57.64 49.93
CA LYS O 105 -12.13 56.92 48.80
C LYS O 105 -11.16 55.88 48.25
N TRP O 106 -9.86 56.09 48.42
CA TRP O 106 -8.89 55.04 48.08
C TRP O 106 -9.09 53.82 48.97
N TYR O 107 -9.31 54.04 50.27
CA TYR O 107 -9.54 52.95 51.22
C TYR O 107 -10.95 52.38 51.13
N ALA O 108 -11.85 53.05 50.41
CA ALA O 108 -13.22 52.58 50.28
C ALA O 108 -13.30 51.14 49.80
N MET O 109 -12.82 50.88 48.58
CA MET O 109 -12.90 49.56 47.98
C MET O 109 -11.59 48.78 48.05
N PHE O 110 -10.60 49.28 48.78
CA PHE O 110 -9.34 48.56 48.99
C PHE O 110 -9.05 48.44 50.47
N ALA O 111 -8.22 47.47 50.82
CA ALA O 111 -7.77 47.25 52.19
C ALA O 111 -6.24 47.18 52.20
N PRO O 112 -5.57 48.33 52.03
CA PRO O 112 -4.12 48.32 51.95
C PRO O 112 -3.48 48.20 53.32
N LYS O 113 -2.17 47.92 53.30
CA LYS O 113 -1.37 47.82 54.51
C LYS O 113 -0.11 48.67 54.50
N SER O 114 0.42 49.01 53.32
CA SER O 114 1.61 49.85 53.21
C SER O 114 1.39 50.89 52.11
N LEU O 115 2.08 52.02 52.24
CA LEU O 115 1.97 53.09 51.27
C LEU O 115 3.24 53.92 51.29
N GLN O 116 3.68 54.33 50.10
CA GLN O 116 4.87 55.17 49.94
C GLN O 116 4.53 56.36 49.08
N SER O 117 5.00 57.54 49.49
CA SER O 117 4.75 58.77 48.75
C SER O 117 5.85 59.77 49.04
N ASP O 118 5.97 60.76 48.16
CA ASP O 118 6.96 61.80 48.30
C ASP O 118 6.48 62.86 49.29
N ASN O 119 7.37 63.79 49.63
CA ASN O 119 7.05 64.86 50.59
C ASN O 119 6.19 65.91 49.89
N GLY O 120 4.87 65.75 49.98
CA GLY O 120 3.95 66.69 49.39
C GLY O 120 3.71 67.88 50.29
N PRO O 121 3.22 68.98 49.71
CA PRO O 121 2.92 70.16 50.53
C PRO O 121 1.89 69.90 51.62
N ALA O 122 0.89 69.06 51.35
CA ALA O 122 -0.11 68.71 52.34
C ALA O 122 0.18 67.41 53.06
N PHE O 123 1.16 66.63 52.59
CA PHE O 123 1.51 65.37 53.24
C PHE O 123 2.40 65.55 54.45
N VAL O 124 3.00 66.73 54.64
CA VAL O 124 3.85 66.99 55.80
C VAL O 124 3.09 67.66 56.94
N ALA O 125 1.89 68.18 56.69
CA ALA O 125 1.11 68.81 57.73
C ALA O 125 0.56 67.76 58.70
N GLU O 126 0.52 68.12 59.98
CA GLU O 126 0.02 67.19 61.00
C GLU O 126 -1.48 66.97 60.88
N SER O 127 -2.22 67.92 60.31
CA SER O 127 -3.66 67.74 60.15
C SER O 127 -3.97 66.53 59.28
N THR O 128 -3.26 66.40 58.16
CA THR O 128 -3.41 65.21 57.32
C THR O 128 -2.69 64.00 57.90
N GLN O 129 -1.55 64.22 58.57
CA GLN O 129 -0.77 63.12 59.12
C GLN O 129 -1.54 62.37 60.21
N LEU O 130 -2.42 63.08 60.93
CA LEU O 130 -3.22 62.43 61.96
C LEU O 130 -4.22 61.44 61.38
N LEU O 131 -4.69 61.68 60.14
CA LEU O 131 -5.75 60.84 59.58
C LEU O 131 -5.28 59.42 59.28
N MET O 132 -4.05 59.24 58.80
CA MET O 132 -3.58 57.89 58.48
C MET O 132 -3.51 57.03 59.73
N LYS O 133 -2.99 57.57 60.84
CA LYS O 133 -3.00 56.82 62.09
C LYS O 133 -4.39 56.76 62.71
N TYR O 134 -5.27 57.69 62.34
CA TYR O 134 -6.67 57.62 62.76
C TYR O 134 -7.36 56.42 62.14
N LEU O 135 -7.06 56.13 60.87
CA LEU O 135 -7.69 55.02 60.15
C LEU O 135 -6.84 53.75 60.16
N GLY O 136 -5.51 53.86 60.09
CA GLY O 136 -4.67 52.69 60.29
C GLY O 136 -3.46 52.52 59.41
N ILE O 137 -3.38 53.25 58.29
CA ILE O 137 -2.26 53.11 57.37
C ILE O 137 -1.03 53.79 57.96
N GLU O 138 0.08 53.06 58.00
CA GLU O 138 1.35 53.58 58.50
C GLU O 138 2.21 54.10 57.34
N HIS O 139 1.68 55.08 56.63
CA HIS O 139 2.39 55.65 55.49
C HIS O 139 3.59 56.46 55.96
N THR O 140 4.68 56.37 55.19
CA THR O 140 5.91 57.08 55.49
C THR O 140 6.27 58.01 54.34
N THR O 141 6.94 59.11 54.66
CA THR O 141 7.35 60.10 53.67
C THR O 141 8.83 59.96 53.38
N GLY O 142 9.17 59.90 52.09
CA GLY O 142 10.56 59.81 51.68
C GLY O 142 10.74 59.45 50.23
N ILE O 143 11.94 59.65 49.70
CA ILE O 143 12.24 59.29 48.31
C ILE O 143 12.37 57.78 48.20
N PRO O 144 11.64 57.12 47.30
CA PRO O 144 11.72 55.66 47.20
C PRO O 144 13.07 55.22 46.68
N TRP O 145 13.77 54.39 47.47
CA TRP O 145 15.06 53.88 47.05
C TRP O 145 14.91 52.77 46.00
N ASN O 146 13.87 51.97 46.11
CA ASN O 146 13.65 50.88 45.18
C ASN O 146 13.21 51.43 43.83
N PRO O 147 13.94 51.16 42.74
CA PRO O 147 13.52 51.67 41.43
C PRO O 147 12.46 50.84 40.73
N GLN O 148 12.08 49.68 41.29
CA GLN O 148 11.04 48.86 40.68
C GLN O 148 9.70 49.60 40.66
N SER O 149 9.37 50.29 41.75
CA SER O 149 8.10 51.01 41.81
C SER O 149 8.03 52.09 40.74
N GLN O 150 9.11 52.85 40.57
CA GLN O 150 9.13 53.89 39.54
C GLN O 150 9.08 53.28 38.14
N ALA O 151 9.73 52.13 37.94
CA ALA O 151 9.64 51.46 36.65
C ALA O 151 8.21 51.05 36.33
N LEU O 152 7.51 50.49 37.31
CA LEU O 152 6.11 50.13 37.09
C LEU O 152 5.25 51.37 36.86
N VAL O 153 5.52 52.47 37.57
CA VAL O 153 4.74 53.68 37.39
C VAL O 153 4.94 54.25 35.99
N GLU O 154 6.18 54.28 35.51
CA GLU O 154 6.41 54.80 34.16
C GLU O 154 5.89 53.85 33.09
N ARG O 155 5.86 52.54 33.38
CA ARG O 155 5.21 51.61 32.47
C ARG O 155 3.71 51.87 32.38
N THR O 156 3.07 52.14 33.53
CA THR O 156 1.62 52.33 33.55
C THR O 156 1.20 53.71 33.04
N HIS O 157 2.07 54.72 33.17
CA HIS O 157 1.68 56.07 32.76
C HIS O 157 1.38 56.14 31.26
N GLN O 158 2.27 55.58 30.44
CA GLN O 158 2.12 55.72 28.99
C GLN O 158 0.93 54.97 28.43
N THR O 159 0.29 54.12 29.22
CA THR O 159 -0.81 53.30 28.76
C THR O 159 -2.16 54.02 28.79
N LEU O 160 -2.24 55.18 29.45
CA LEU O 160 -3.53 55.86 29.62
C LEU O 160 -3.68 57.15 28.81
N LYS O 161 -2.62 57.93 28.59
CA LYS O 161 -2.77 59.10 27.71
C LYS O 161 -3.18 58.69 26.30
N ASN O 162 -2.56 57.64 25.75
CA ASN O 162 -2.91 57.21 24.40
C ASN O 162 -4.36 56.75 24.34
N THR O 163 -4.82 56.03 25.37
CA THR O 163 -6.21 55.57 25.39
C THR O 163 -7.18 56.74 25.60
N LEU O 164 -6.72 57.84 26.19
CA LEU O 164 -7.58 59.00 26.38
C LEU O 164 -8.05 59.55 25.04
N GLU O 165 -7.16 59.63 24.05
CA GLU O 165 -7.55 60.19 22.76
C GLU O 165 -8.31 59.18 21.90
N LYS O 166 -8.31 57.91 22.27
CA LYS O 166 -8.98 56.89 21.47
C LYS O 166 -10.50 56.88 21.66
N LEU O 167 -11.02 57.66 22.61
CA LEU O 167 -12.46 57.75 22.84
C LEU O 167 -13.02 59.15 22.69
N ILE O 168 -12.17 60.18 22.60
CA ILE O 168 -12.66 61.56 22.48
C ILE O 168 -13.46 61.79 21.21
N PRO O 169 -13.00 61.38 20.02
CA PRO O 169 -13.77 61.72 18.81
C PRO O 169 -15.20 61.17 18.79
N MET O 170 -15.42 59.98 19.35
CA MET O 170 -16.73 59.33 19.27
C MET O 170 -17.48 59.36 20.61
N PHE O 171 -16.93 60.03 21.63
CA PHE O 171 -17.68 60.47 22.80
C PHE O 171 -17.63 61.99 22.86
N ASN O 172 -18.76 62.63 22.59
CA ASN O 172 -18.88 64.08 22.67
C ASN O 172 -19.33 64.58 24.04
N ALA O 173 -19.66 63.67 24.95
CA ALA O 173 -20.12 64.08 26.27
C ALA O 173 -18.95 64.58 27.11
N PHE O 174 -19.28 65.35 28.15
CA PHE O 174 -18.26 65.99 28.98
C PHE O 174 -17.47 64.97 29.78
N GLU O 175 -18.16 64.03 30.43
CA GLU O 175 -17.50 63.09 31.35
C GLU O 175 -17.59 61.64 30.88
N SER O 176 -18.12 61.38 29.69
CA SER O 176 -18.21 60.00 29.22
C SER O 176 -16.84 59.42 28.91
N ALA O 177 -15.93 60.24 28.39
CA ALA O 177 -14.60 59.76 28.01
C ALA O 177 -13.56 59.92 29.11
N LEU O 178 -13.88 60.66 30.19
CA LEU O 178 -12.91 60.82 31.27
C LEU O 178 -12.62 59.50 31.96
N ALA O 179 -13.67 58.77 32.36
CA ALA O 179 -13.52 57.47 32.97
C ALA O 179 -13.65 56.32 31.98
N GLY O 180 -13.82 56.62 30.69
CA GLY O 180 -13.94 55.57 29.70
C GLY O 180 -12.68 54.75 29.54
N THR O 181 -11.52 55.32 29.87
CA THR O 181 -10.27 54.58 29.83
C THR O 181 -10.12 53.61 31.01
N LEU O 182 -10.90 53.80 32.08
CA LEU O 182 -10.77 52.92 33.23
C LEU O 182 -11.33 51.53 32.94
N ILE O 183 -12.47 51.46 32.26
CA ILE O 183 -13.09 50.17 31.97
C ILE O 183 -12.23 49.36 30.99
N THR O 184 -11.58 50.03 30.04
CA THR O 184 -10.76 49.32 29.06
C THR O 184 -9.55 48.66 29.70
N LEU O 185 -8.93 49.33 30.67
CA LEU O 185 -7.67 48.89 31.24
C LEU O 185 -7.82 47.96 32.43
N ASN O 186 -9.04 47.65 32.85
CA ASN O 186 -9.25 46.88 34.07
C ASN O 186 -9.99 45.56 33.85
N ILE O 187 -10.77 45.44 32.78
CA ILE O 187 -11.60 44.26 32.55
C ILE O 187 -11.20 43.55 31.27
N LYS O 188 -11.24 44.25 30.13
CA LYS O 188 -11.01 43.60 28.85
C LYS O 188 -9.58 43.08 28.71
N ARG O 189 -8.61 43.85 29.18
CA ARG O 189 -7.21 43.43 29.07
C ARG O 189 -6.95 42.25 29.98
N LYS O 190 -6.53 41.12 29.39
CA LYS O 190 -6.32 39.88 30.13
C LYS O 190 -5.02 39.26 29.63
N GLY O 191 -3.90 39.60 30.28
CA GLY O 191 -2.62 39.00 29.97
C GLY O 191 -2.39 37.71 30.74
N GLY O 192 -1.28 37.06 30.41
CA GLY O 192 -0.90 35.82 31.07
C GLY O 192 -1.81 34.66 30.76
N LEU O 193 -2.61 34.24 31.74
CA LEU O 193 -3.52 33.11 31.60
C LEU O 193 -4.97 33.58 31.63
N GLY O 194 -5.27 34.64 30.88
CA GLY O 194 -6.61 35.19 30.83
C GLY O 194 -7.06 35.81 32.14
N THR O 195 -6.18 36.56 32.80
CA THR O 195 -6.47 37.17 34.09
C THR O 195 -6.46 38.68 33.94
N SER O 196 -7.60 39.31 34.23
CA SER O 196 -7.69 40.76 34.24
C SER O 196 -7.02 41.31 35.50
N PRO O 197 -6.61 42.58 35.49
CA PRO O 197 -6.07 43.17 36.72
C PRO O 197 -7.02 43.10 37.89
N MET O 198 -8.32 43.26 37.64
CA MET O 198 -9.32 43.09 38.70
C MET O 198 -9.33 41.66 39.23
N ASP O 199 -9.26 40.67 38.35
CA ASP O 199 -9.24 39.28 38.76
C ASP O 199 -7.94 38.91 39.46
N ILE O 200 -6.84 39.60 39.18
CA ILE O 200 -5.59 39.41 39.92
C ILE O 200 -5.69 40.02 41.31
N PHE O 201 -6.25 41.23 41.40
CA PHE O 201 -6.39 41.88 42.69
C PHE O 201 -7.32 41.08 43.62
N ILE O 202 -8.46 40.62 43.09
CA ILE O 202 -9.37 39.83 43.91
C ILE O 202 -8.75 38.48 44.25
N PHE O 203 -7.97 37.91 43.34
CA PHE O 203 -7.28 36.65 43.61
C PHE O 203 -6.29 36.80 44.76
N ASN O 204 -5.51 37.89 44.75
CA ASN O 204 -4.57 38.14 45.83
C ASN O 204 -5.30 38.42 47.15
N LYS O 205 -6.41 39.16 47.08
CA LYS O 205 -7.16 39.43 48.30
C LYS O 205 -7.79 38.17 48.89
N GLU O 206 -8.12 37.19 48.06
CA GLU O 206 -8.60 35.92 48.59
C GLU O 206 -7.52 35.23 49.42
N GLN O 207 -6.29 35.19 48.90
CA GLN O 207 -5.19 34.58 49.66
C GLN O 207 -4.86 35.36 50.91
N GLN O 208 -4.91 36.70 50.84
CA GLN O 208 -4.64 37.48 52.04
C GLN O 208 -5.75 37.38 53.07
N ARG O 209 -6.89 36.77 52.71
CA ARG O 209 -7.97 36.52 53.66
C ARG O 209 -7.97 35.07 54.16
N ILE O 210 -7.41 34.14 53.40
CA ILE O 210 -7.44 32.73 53.80
C ILE O 210 -6.75 32.52 55.15
N GLN O 211 -5.58 33.14 55.35
CA GLN O 211 -4.77 32.81 56.53
C GLN O 211 -5.46 33.19 57.83
N GLN O 212 -6.36 34.18 57.80
CA GLN O 212 -7.05 34.59 59.02
C GLN O 212 -7.87 33.44 59.60
N GLN O 213 -8.58 32.71 58.75
CA GLN O 213 -9.31 31.53 59.18
C GLN O 213 -8.44 30.28 59.25
N SER O 214 -7.32 30.26 58.52
CA SER O 214 -6.41 29.12 58.54
C SER O 214 -5.64 29.00 59.85
N LYS O 215 -5.14 30.11 60.37
CA LYS O 215 -4.30 30.05 61.57
C LYS O 215 -5.10 29.82 62.85
N SER O 216 -6.42 29.99 62.80
CA SER O 216 -7.24 29.74 63.98
C SER O 216 -7.28 28.27 64.37
N LYS O 217 -6.92 27.37 63.44
CA LYS O 217 -6.93 25.95 63.72
C LYS O 217 -5.70 25.49 64.51
N GLN O 218 -4.74 26.38 64.73
CA GLN O 218 -3.53 25.99 65.46
C GLN O 218 -3.86 25.63 66.90
N GLU O 219 -4.78 26.37 67.53
CA GLU O 219 -5.16 26.13 68.92
C GLU O 219 -6.03 24.88 68.99
N LYS O 220 -5.39 23.72 68.82
CA LYS O 220 -6.11 22.46 68.89
C LYS O 220 -6.66 22.20 70.30
N ILE O 221 -5.86 22.51 71.32
CA ILE O 221 -6.16 22.33 72.75
C ILE O 221 -6.95 21.04 72.98
N ARG O 222 -6.53 19.96 72.32
CA ARG O 222 -7.21 18.68 72.43
C ARG O 222 -6.89 18.03 73.78
N PHE O 223 -7.90 17.39 74.36
CA PHE O 223 -7.77 16.70 75.64
C PHE O 223 -7.90 15.20 75.42
N CYS O 224 -7.01 14.45 76.06
CA CYS O 224 -6.93 13.00 75.88
C CYS O 224 -7.60 12.29 77.06
N TYR O 225 -8.41 11.27 76.75
CA TYR O 225 -9.07 10.47 77.77
C TYR O 225 -9.26 9.08 77.18
N TYR O 226 -8.36 8.15 77.52
CA TYR O 226 -8.29 6.85 76.88
C TYR O 226 -8.24 5.76 77.95
N ARG O 227 -8.41 4.51 77.50
CA ARG O 227 -8.48 3.35 78.36
C ARG O 227 -7.15 2.58 78.32
N THR O 228 -7.14 1.43 78.98
CA THR O 228 -6.02 0.50 78.94
C THR O 228 -6.52 -0.85 78.41
N ARG O 229 -5.60 -1.81 78.34
CA ARG O 229 -5.94 -3.15 77.86
C ARG O 229 -5.20 -4.16 78.72
N LYS O 230 -5.96 -4.95 79.49
CA LYS O 230 -5.42 -6.01 80.35
C LYS O 230 -6.21 -7.28 80.05
N ARG O 231 -5.73 -8.06 79.08
CA ARG O 231 -6.37 -9.31 78.68
C ARG O 231 -7.83 -9.10 78.30
N GLY O 232 -8.11 -8.01 77.60
CA GLY O 232 -9.45 -7.70 77.12
C GLY O 232 -10.32 -6.93 78.10
N HIS O 233 -10.22 -7.26 79.38
CA HIS O 233 -11.03 -6.59 80.39
C HIS O 233 -10.58 -5.13 80.52
N PRO O 234 -11.49 -4.17 80.42
CA PRO O 234 -11.10 -2.76 80.54
C PRO O 234 -10.58 -2.45 81.94
N GLY O 235 -9.64 -1.50 82.00
CA GLY O 235 -9.08 -1.06 83.26
C GLY O 235 -9.77 0.16 83.82
N GLU O 236 -8.99 1.12 84.29
CA GLU O 236 -9.50 2.36 84.84
C GLU O 236 -9.12 3.53 83.94
N TRP O 237 -9.55 4.73 84.34
CA TRP O 237 -9.30 5.93 83.57
C TRP O 237 -7.97 6.57 83.96
N GLN O 238 -7.31 7.18 82.99
CA GLN O 238 -6.04 7.86 83.19
C GLN O 238 -6.01 9.15 82.39
N GLY O 239 -5.24 10.11 82.88
CA GLY O 239 -5.16 11.42 82.25
C GLY O 239 -5.73 12.50 83.13
N PRO O 240 -6.11 13.64 82.53
CA PRO O 240 -5.98 13.93 81.10
C PRO O 240 -4.61 14.49 80.74
N THR O 241 -4.32 14.55 79.44
CA THR O 241 -3.05 15.06 78.95
C THR O 241 -3.23 15.53 77.51
N GLN O 242 -2.23 16.24 77.02
CA GLN O 242 -2.25 16.72 75.64
C GLN O 242 -1.82 15.61 74.70
N VAL O 243 -2.64 15.33 73.69
CA VAL O 243 -2.35 14.27 72.73
C VAL O 243 -1.29 14.77 71.75
N LEU O 244 -0.29 13.93 71.49
CA LEU O 244 0.76 14.32 70.56
C LEU O 244 0.27 14.31 69.12
N TRP O 245 -0.44 13.26 68.72
CA TRP O 245 -0.94 13.14 67.36
C TRP O 245 -2.14 12.21 67.36
N GLY O 246 -2.97 12.37 66.33
CA GLY O 246 -4.13 11.50 66.16
C GLY O 246 -4.26 11.06 64.72
N GLY O 247 -4.70 9.82 64.54
CA GLY O 247 -4.88 9.27 63.21
C GLY O 247 -6.32 8.98 62.87
N ASP O 248 -6.54 8.27 61.77
CA ASP O 248 -7.89 7.93 61.32
C ASP O 248 -8.35 6.64 61.99
N GLY O 249 -8.51 6.71 63.31
CA GLY O 249 -8.99 5.58 64.08
C GLY O 249 -8.12 5.24 65.28
N ALA O 250 -7.00 5.94 65.44
CA ALA O 250 -6.09 5.69 66.55
C ALA O 250 -5.36 6.97 66.90
N ILE O 251 -4.87 7.05 68.13
CA ILE O 251 -4.12 8.20 68.61
C ILE O 251 -2.85 7.70 69.31
N VAL O 252 -1.90 8.62 69.48
CA VAL O 252 -0.63 8.35 70.15
C VAL O 252 -0.57 9.23 71.39
N VAL O 253 -0.34 8.61 72.54
CA VAL O 253 -0.29 9.33 73.81
C VAL O 253 0.88 8.82 74.64
N LYS O 254 1.59 9.73 75.29
CA LYS O 254 2.74 9.37 76.12
C LYS O 254 2.27 9.15 77.55
N ASP O 255 2.65 8.00 78.12
CA ASP O 255 2.28 7.65 79.48
C ASP O 255 3.41 8.06 80.43
N ARG O 256 3.09 8.96 81.37
CA ARG O 256 4.11 9.43 82.30
C ARG O 256 4.61 8.34 83.23
N GLY O 257 3.78 7.34 83.54
CA GLY O 257 4.22 6.23 84.37
C GLY O 257 5.30 5.39 83.74
N THR O 258 5.34 5.32 82.40
CA THR O 258 6.37 4.58 81.69
C THR O 258 7.26 5.45 80.82
N ASP O 259 6.92 6.73 80.63
CA ASP O 259 7.69 7.65 79.78
C ASP O 259 7.84 7.09 78.37
N ARG O 260 6.77 6.47 77.87
CA ARG O 260 6.78 5.86 76.54
C ARG O 260 5.48 6.17 75.82
N TYR O 261 5.55 6.11 74.49
CA TYR O 261 4.38 6.35 73.66
C TYR O 261 3.57 5.08 73.49
N LEU O 262 2.24 5.22 73.55
CA LEU O 262 1.31 4.13 73.33
C LEU O 262 0.28 4.55 72.29
N VAL O 263 -0.12 3.59 71.46
CA VAL O 263 -1.12 3.79 70.44
C VAL O 263 -2.40 3.07 70.86
N ILE O 264 -3.52 3.78 70.80
CA ILE O 264 -4.80 3.23 71.21
C ILE O 264 -5.85 3.66 70.18
N ALA O 265 -6.74 2.73 69.84
CA ALA O 265 -7.80 3.02 68.88
C ALA O 265 -8.83 3.97 69.47
N ASN O 266 -9.52 4.69 68.58
CA ASN O 266 -10.50 5.68 68.99
C ASN O 266 -11.74 5.07 69.64
N LYS O 267 -11.94 3.76 69.53
CA LYS O 267 -13.09 3.12 70.17
C LYS O 267 -13.00 3.22 71.69
N ASP O 268 -11.79 3.24 72.24
CA ASP O 268 -11.57 3.38 73.67
C ASP O 268 -11.07 4.78 74.04
N VAL O 269 -11.22 5.75 73.13
CA VAL O 269 -10.73 7.10 73.35
C VAL O 269 -11.93 8.04 73.36
N LYS O 270 -12.01 8.88 74.39
CA LYS O 270 -13.07 9.87 74.52
C LYS O 270 -12.45 11.26 74.63
N PHE O 271 -13.16 12.24 74.09
CA PHE O 271 -12.69 13.62 74.08
C PHE O 271 -13.36 14.41 75.20
N ILE O 272 -12.85 15.62 75.44
CA ILE O 272 -13.42 16.50 76.44
C ILE O 272 -13.77 17.85 75.80
N ASN P 4 -18.92 12.69 41.13
CA ASN P 4 -19.95 12.68 42.16
C ASN P 4 -21.29 13.14 41.61
N ILE P 5 -21.40 13.19 40.28
CA ILE P 5 -22.65 13.61 39.65
C ILE P 5 -23.80 12.67 39.97
N PRO P 6 -23.67 11.34 39.83
CA PRO P 6 -24.82 10.47 40.16
C PRO P 6 -25.25 10.56 41.61
N LEU P 7 -24.31 10.63 42.55
CA LEU P 7 -24.69 10.72 43.96
C LEU P 7 -25.33 12.08 44.27
N ALA P 8 -24.84 13.14 43.63
CA ALA P 8 -25.47 14.45 43.80
C ALA P 8 -26.89 14.47 43.26
N GLU P 9 -27.10 13.84 42.09
CA GLU P 9 -28.45 13.75 41.54
C GLU P 9 -29.36 12.94 42.45
N GLU P 10 -28.85 11.82 42.99
CA GLU P 10 -29.64 11.02 43.92
C GLU P 10 -29.98 11.81 45.17
N GLU P 11 -29.03 12.58 45.70
CA GLU P 11 -29.30 13.40 46.87
C GLU P 11 -30.34 14.46 46.58
N HIS P 12 -30.28 15.08 45.40
CA HIS P 12 -31.28 16.07 45.04
C HIS P 12 -32.66 15.45 44.91
N ASN P 13 -32.75 14.27 44.28
CA ASN P 13 -34.03 13.59 44.17
C ASN P 13 -34.53 13.08 45.52
N LYS P 14 -33.62 12.89 46.47
CA LYS P 14 -33.96 12.36 47.79
C LYS P 14 -34.35 13.44 48.78
N TRP P 15 -33.84 14.66 48.63
CA TRP P 15 -34.08 15.74 49.57
C TRP P 15 -34.61 17.02 48.94
N HIS P 16 -34.33 17.26 47.66
CA HIS P 16 -34.77 18.46 46.95
C HIS P 16 -34.24 19.73 47.64
N GLN P 17 -32.92 19.85 47.65
CA GLN P 17 -32.27 21.02 48.21
C GLN P 17 -32.32 22.17 47.20
N ASP P 18 -31.63 23.26 47.50
CA ASP P 18 -31.56 24.42 46.62
C ASP P 18 -30.30 24.36 45.78
N ALA P 19 -30.33 25.07 44.65
CA ALA P 19 -29.17 25.10 43.76
C ALA P 19 -27.96 25.72 44.44
N VAL P 20 -28.17 26.82 45.17
CA VAL P 20 -27.06 27.46 45.87
C VAL P 20 -26.56 26.57 47.00
N SER P 21 -27.47 25.90 47.71
CA SER P 21 -27.05 24.99 48.77
C SER P 21 -26.20 23.86 48.21
N LEU P 22 -26.62 23.27 47.08
CA LEU P 22 -25.83 22.22 46.45
C LEU P 22 -24.48 22.74 45.99
N HIS P 23 -24.46 23.97 45.44
CA HIS P 23 -23.20 24.54 44.95
C HIS P 23 -22.22 24.74 46.09
N LEU P 24 -22.70 25.26 47.23
CA LEU P 24 -21.81 25.47 48.37
C LEU P 24 -21.40 24.16 49.05
N GLU P 25 -22.28 23.15 49.05
CA GLU P 25 -21.97 21.92 49.77
C GLU P 25 -21.19 20.91 48.94
N PHE P 26 -21.24 21.00 47.61
CA PHE P 26 -20.55 20.03 46.76
C PHE P 26 -19.51 20.65 45.83
N GLY P 27 -19.50 21.97 45.67
CA GLY P 27 -18.59 22.60 44.75
C GLY P 27 -18.95 22.47 43.29
N ILE P 28 -20.15 21.97 42.98
CA ILE P 28 -20.62 21.81 41.61
C ILE P 28 -20.80 23.19 40.99
N PRO P 29 -20.68 23.33 39.67
CA PRO P 29 -20.88 24.64 39.05
C PRO P 29 -22.29 25.17 39.26
N ARG P 30 -22.39 26.50 39.34
CA ARG P 30 -23.69 27.12 39.53
C ARG P 30 -24.63 26.83 38.37
N THR P 31 -24.11 26.85 37.15
CA THR P 31 -24.93 26.54 35.99
C THR P 31 -25.44 25.10 36.04
N ALA P 32 -24.58 24.16 36.46
CA ALA P 32 -24.99 22.77 36.59
C ALA P 32 -26.10 22.62 37.63
N ALA P 33 -25.96 23.30 38.77
CA ALA P 33 -26.99 23.23 39.80
C ALA P 33 -28.30 23.83 39.31
N GLU P 34 -28.23 24.96 38.59
CA GLU P 34 -29.44 25.56 38.05
C GLU P 34 -30.12 24.64 37.03
N ASP P 35 -29.32 24.00 36.19
CA ASP P 35 -29.88 23.06 35.21
C ASP P 35 -30.52 21.87 35.91
N ILE P 36 -29.89 21.36 36.97
CA ILE P 36 -30.46 20.24 37.72
C ILE P 36 -31.79 20.66 38.35
N VAL P 37 -31.84 21.85 38.93
CA VAL P 37 -33.08 22.34 39.54
C VAL P 37 -34.17 22.49 38.50
N GLN P 38 -33.83 23.06 37.33
CA GLN P 38 -34.81 23.22 36.28
C GLN P 38 -35.32 21.88 35.77
N GLN P 39 -34.42 20.90 35.63
CA GLN P 39 -34.83 19.57 35.19
C GLN P 39 -35.65 18.84 36.25
N CYS P 40 -35.50 19.20 37.52
CA CYS P 40 -36.29 18.59 38.59
C CYS P 40 -37.73 19.04 38.45
N ASP P 41 -38.60 18.10 38.04
CA ASP P 41 -40.01 18.44 37.82
C ASP P 41 -40.69 18.87 39.12
N VAL P 42 -40.38 18.20 40.22
CA VAL P 42 -41.02 18.51 41.50
C VAL P 42 -40.69 19.93 41.93
N CYS P 43 -39.43 20.33 41.77
CA CYS P 43 -39.00 21.68 42.16
C CYS P 43 -39.38 22.76 41.15
N GLN P 44 -39.89 22.38 39.98
CA GLN P 44 -40.21 23.32 38.92
C GLN P 44 -41.70 23.55 38.74
N GLU P 45 -42.48 22.49 38.57
CA GLU P 45 -43.91 22.66 38.29
C GLU P 45 -44.68 23.25 39.46
N ASN P 46 -44.18 23.09 40.69
CA ASN P 46 -44.87 23.65 41.85
C ASN P 46 -44.88 25.18 41.81
N LYS P 47 -43.78 25.78 41.39
CA LYS P 47 -43.70 27.24 41.30
C LYS P 47 -43.56 27.69 39.86
N ILE P 60 -24.21 36.01 40.99
CA ILE P 60 -24.88 36.66 39.88
C ILE P 60 -24.58 38.17 39.93
N ASP P 61 -24.38 38.67 41.15
CA ASP P 61 -24.01 40.06 41.39
C ASP P 61 -25.10 41.02 40.88
N HIS P 62 -26.28 40.91 41.48
CA HIS P 62 -27.38 41.82 41.19
C HIS P 62 -27.06 43.21 41.75
N TRP P 63 -27.74 44.21 41.19
CA TRP P 63 -27.51 45.59 41.59
C TRP P 63 -28.81 46.38 41.51
N GLN P 64 -28.78 47.57 42.10
CA GLN P 64 -29.95 48.42 42.24
C GLN P 64 -29.51 49.87 42.43
N VAL P 65 -30.27 50.79 41.85
CA VAL P 65 -29.96 52.21 41.85
C VAL P 65 -31.03 52.94 42.63
N ASP P 66 -30.61 53.78 43.58
CA ASP P 66 -31.51 54.56 44.42
C ASP P 66 -31.05 56.00 44.48
N TYR P 67 -31.93 56.86 44.98
CA TYR P 67 -31.62 58.27 45.15
C TYR P 67 -31.99 58.69 46.57
N THR P 68 -31.31 59.72 47.07
CA THR P 68 -31.65 60.24 48.39
C THR P 68 -31.27 61.72 48.47
N HIS P 69 -31.85 62.39 49.44
CA HIS P 69 -31.61 63.81 49.66
C HIS P 69 -31.33 64.06 51.13
N TYR P 70 -30.26 64.80 51.41
CA TYR P 70 -29.85 65.11 52.77
C TYR P 70 -29.34 66.54 52.81
N GLU P 71 -29.93 67.36 53.69
CA GLU P 71 -29.55 68.77 53.84
C GLU P 71 -29.62 69.49 52.51
N ASP P 72 -30.69 69.24 51.75
CA ASP P 72 -30.89 69.81 50.42
C ASP P 72 -29.72 69.48 49.49
N LYS P 73 -29.18 68.27 49.64
CA LYS P 73 -28.08 67.79 48.80
C LYS P 73 -28.44 66.44 48.22
N ILE P 74 -28.15 66.24 46.94
CA ILE P 74 -28.57 65.06 46.21
C ILE P 74 -27.46 64.01 46.26
N ILE P 75 -27.81 62.78 46.64
CA ILE P 75 -26.85 61.68 46.72
C ILE P 75 -27.41 60.50 45.94
N LEU P 76 -26.56 59.91 45.11
CA LEU P 76 -26.87 58.66 44.42
C LEU P 76 -26.51 57.48 45.30
N VAL P 77 -27.23 56.38 45.15
CA VAL P 77 -27.09 55.21 46.01
C VAL P 77 -26.99 53.96 45.13
N TRP P 78 -26.01 53.11 45.44
CA TRP P 78 -25.84 51.85 44.72
C TRP P 78 -25.95 50.71 45.72
N VAL P 79 -27.03 49.92 45.60
CA VAL P 79 -27.33 48.86 46.55
C VAL P 79 -27.33 47.52 45.83
N GLU P 80 -26.51 46.59 46.31
CA GLU P 80 -26.47 45.24 45.75
C GLU P 80 -26.95 44.26 46.80
N THR P 81 -27.74 43.27 46.35
CA THR P 81 -28.47 42.38 47.23
C THR P 81 -27.59 41.33 47.90
N ASN P 82 -26.66 40.74 47.14
CA ASN P 82 -25.94 39.55 47.62
C ASN P 82 -25.12 39.86 48.86
N SER P 83 -24.10 40.71 48.73
CA SER P 83 -23.19 40.99 49.82
C SER P 83 -23.55 42.26 50.59
N GLY P 84 -24.54 43.02 50.14
CA GLY P 84 -24.95 44.23 50.83
C GLY P 84 -23.95 45.36 50.85
N LEU P 85 -23.22 45.56 49.75
CA LEU P 85 -22.34 46.71 49.64
C LEU P 85 -23.15 47.97 49.31
N ILE P 86 -22.60 49.11 49.68
CA ILE P 86 -23.21 50.41 49.42
C ILE P 86 -22.17 51.31 48.77
N TYR P 87 -22.62 52.21 47.91
CA TYR P 87 -21.74 53.20 47.30
C TYR P 87 -22.53 54.47 47.05
N ALA P 88 -21.93 55.61 47.37
CA ALA P 88 -22.59 56.89 47.21
C ALA P 88 -21.56 57.99 47.02
N GLU P 89 -22.00 59.08 46.40
CA GLU P 89 -21.14 60.24 46.18
C GLU P 89 -22.04 61.43 45.89
N ARG P 90 -21.58 62.61 46.30
CA ARG P 90 -22.38 63.82 46.10
C ARG P 90 -22.51 64.15 44.62
N VAL P 91 -23.74 64.39 44.18
CA VAL P 91 -24.05 64.69 42.79
C VAL P 91 -24.80 66.02 42.75
N LYS P 92 -24.41 66.90 41.83
CA LYS P 92 -25.01 68.22 41.76
C LYS P 92 -26.50 68.15 41.44
N GLY P 93 -26.88 67.28 40.51
CA GLY P 93 -28.28 67.15 40.14
C GLY P 93 -28.55 65.83 39.45
N GLU P 94 -29.83 65.50 39.38
CA GLU P 94 -30.30 64.26 38.77
C GLU P 94 -30.92 64.58 37.42
N THR P 95 -30.24 64.21 36.34
CA THR P 95 -30.75 64.37 34.99
C THR P 95 -30.44 63.11 34.20
N GLY P 96 -31.01 63.03 32.99
CA GLY P 96 -30.77 61.87 32.14
C GLY P 96 -29.32 61.72 31.74
N GLN P 97 -28.67 62.83 31.38
CA GLN P 97 -27.28 62.78 30.94
C GLN P 97 -26.33 62.57 32.11
N GLU P 98 -26.62 63.16 33.27
CA GLU P 98 -25.73 63.02 34.42
C GLU P 98 -25.77 61.61 34.99
N PHE P 99 -26.92 60.93 34.93
CA PHE P 99 -27.00 59.55 35.42
C PHE P 99 -26.18 58.61 34.57
N ARG P 100 -26.03 58.89 33.27
CA ARG P 100 -25.21 58.05 32.40
C ARG P 100 -23.74 58.15 32.77
N VAL P 101 -23.31 59.27 33.37
CA VAL P 101 -21.94 59.38 33.85
C VAL P 101 -21.71 58.43 35.03
N GLN P 102 -22.68 58.35 35.94
CA GLN P 102 -22.52 57.49 37.12
C GLN P 102 -22.69 56.02 36.77
N THR P 103 -23.58 55.69 35.83
CA THR P 103 -23.85 54.28 35.54
C THR P 103 -22.68 53.59 34.87
N MET P 104 -21.76 54.34 34.25
CA MET P 104 -20.60 53.70 33.63
C MET P 104 -19.44 53.58 34.62
N LYS P 105 -19.25 54.56 35.48
CA LYS P 105 -18.26 54.41 36.55
C LYS P 105 -18.69 53.35 37.56
N TRP P 106 -20.00 53.07 37.68
CA TRP P 106 -20.44 51.93 38.46
C TRP P 106 -19.90 50.63 37.87
N TYR P 107 -19.97 50.49 36.54
CA TYR P 107 -19.41 49.32 35.88
C TYR P 107 -17.89 49.34 35.89
N ALA P 108 -17.28 50.52 36.10
CA ALA P 108 -15.82 50.60 36.08
C ALA P 108 -15.19 49.79 37.20
N MET P 109 -15.72 49.89 38.42
CA MET P 109 -15.13 49.21 39.57
C MET P 109 -15.80 47.88 39.90
N PHE P 110 -16.75 47.42 39.09
CA PHE P 110 -17.45 46.17 39.33
C PHE P 110 -17.56 45.38 38.04
N ALA P 111 -18.08 44.15 38.16
CA ALA P 111 -18.35 43.29 37.01
C ALA P 111 -19.76 42.74 37.12
N PRO P 112 -20.78 43.57 36.96
CA PRO P 112 -22.17 43.12 37.10
C PRO P 112 -22.59 42.21 35.96
N LYS P 113 -23.62 41.41 36.23
CA LYS P 113 -24.24 40.55 35.24
C LYS P 113 -25.71 40.86 34.99
N SER P 114 -26.40 41.48 35.96
CA SER P 114 -27.80 41.84 35.79
C SER P 114 -28.08 43.11 36.59
N LEU P 115 -29.13 43.81 36.21
CA LEU P 115 -29.50 45.06 36.88
C LEU P 115 -31.02 45.17 36.89
N GLN P 116 -31.55 45.60 38.04
CA GLN P 116 -32.98 45.85 38.20
C GLN P 116 -33.19 47.30 38.62
N SER P 117 -34.25 47.91 38.09
CA SER P 117 -34.56 49.29 38.42
C SER P 117 -36.06 49.51 38.29
N ASP P 118 -36.54 50.58 38.94
CA ASP P 118 -37.95 50.94 38.88
C ASP P 118 -38.21 51.76 37.61
N ASN P 119 -39.41 52.33 37.51
CA ASN P 119 -39.78 53.14 36.35
C ASN P 119 -39.51 54.61 36.61
N GLY P 120 -38.23 54.92 36.83
CA GLY P 120 -37.81 56.28 37.07
C GLY P 120 -37.77 57.09 35.79
N PRO P 121 -37.81 58.42 35.93
CA PRO P 121 -37.76 59.29 34.73
C PRO P 121 -36.50 59.09 33.91
N ALA P 122 -35.36 58.88 34.55
CA ALA P 122 -34.11 58.68 33.82
C ALA P 122 -34.00 57.26 33.27
N PHE P 123 -34.57 56.27 33.96
CA PHE P 123 -34.44 54.88 33.54
C PHE P 123 -35.14 54.64 32.20
N VAL P 124 -36.31 55.23 32.00
CA VAL P 124 -37.16 54.91 30.86
C VAL P 124 -36.76 55.73 29.64
N ALA P 125 -35.68 56.50 29.75
CA ALA P 125 -35.20 57.29 28.63
C ALA P 125 -34.66 56.38 27.53
N GLU P 126 -35.03 56.68 26.29
CA GLU P 126 -34.61 55.86 25.16
C GLU P 126 -33.09 55.92 24.98
N SER P 127 -32.51 57.12 25.08
CA SER P 127 -31.06 57.26 24.98
C SER P 127 -30.36 56.56 26.14
N THR P 128 -30.94 56.66 27.35
CA THR P 128 -30.37 55.94 28.49
C THR P 128 -30.44 54.44 28.28
N GLN P 129 -31.54 53.94 27.70
CA GLN P 129 -31.64 52.52 27.40
C GLN P 129 -30.62 52.09 26.36
N LEU P 130 -30.40 52.93 25.34
CA LEU P 130 -29.40 52.61 24.33
C LEU P 130 -27.99 52.59 24.91
N LEU P 131 -27.67 53.56 25.77
CA LEU P 131 -26.37 53.54 26.44
C LEU P 131 -26.26 52.35 27.39
N MET P 132 -27.39 51.93 27.96
CA MET P 132 -27.42 50.73 28.80
C MET P 132 -27.06 49.48 28.02
N LYS P 133 -27.72 49.27 26.88
CA LYS P 133 -27.43 48.11 26.06
C LYS P 133 -26.12 48.24 25.29
N TYR P 134 -25.54 49.43 25.26
CA TYR P 134 -24.24 49.62 24.62
C TYR P 134 -23.14 48.89 25.38
N LEU P 135 -23.22 48.86 26.71
CA LEU P 135 -22.23 48.20 27.55
C LEU P 135 -22.46 46.70 27.67
N GLY P 136 -23.55 46.17 27.14
CA GLY P 136 -23.81 44.74 27.16
C GLY P 136 -24.13 44.16 28.52
N ILE P 137 -24.98 44.82 29.31
CA ILE P 137 -25.48 44.30 30.58
C ILE P 137 -27.00 44.25 30.50
N GLU P 138 -27.57 43.09 30.83
CA GLU P 138 -29.01 42.93 30.79
C GLU P 138 -29.68 43.77 31.86
N HIS P 139 -30.86 44.31 31.53
CA HIS P 139 -31.61 45.15 32.45
C HIS P 139 -33.07 44.72 32.44
N THR P 140 -33.70 44.78 33.61
CA THR P 140 -35.12 44.48 33.76
C THR P 140 -35.82 45.69 34.39
N THR P 141 -36.96 46.08 33.81
CA THR P 141 -37.72 47.22 34.27
C THR P 141 -38.94 46.74 35.05
N GLY P 142 -39.15 47.30 36.22
CA GLY P 142 -40.25 46.93 37.09
C GLY P 142 -39.84 47.02 38.55
N ILE P 143 -40.84 47.28 39.39
CA ILE P 143 -40.60 47.40 40.83
C ILE P 143 -40.30 46.01 41.40
N PRO P 144 -39.25 45.87 42.22
CA PRO P 144 -39.01 44.58 42.87
C PRO P 144 -40.17 44.20 43.79
N TRP P 145 -40.46 42.89 43.84
CA TRP P 145 -41.56 42.37 44.62
C TRP P 145 -41.12 41.56 45.83
N ASN P 146 -39.82 41.37 46.01
CA ASN P 146 -39.34 40.59 47.14
C ASN P 146 -39.43 41.41 48.43
N PRO P 147 -40.19 40.96 49.43
CA PRO P 147 -40.26 41.73 50.68
C PRO P 147 -38.93 41.86 51.39
N GLN P 148 -38.07 40.84 51.31
CA GLN P 148 -36.79 40.90 51.99
C GLN P 148 -35.90 42.00 51.41
N SER P 149 -35.86 42.13 50.09
CA SER P 149 -35.07 43.19 49.46
C SER P 149 -35.61 44.56 49.84
N GLN P 150 -36.94 44.71 49.87
CA GLN P 150 -37.54 45.98 50.26
C GLN P 150 -37.18 46.34 51.70
N ALA P 151 -37.25 45.37 52.61
CA ALA P 151 -36.88 45.63 53.99
C ALA P 151 -35.41 45.99 54.11
N LEU P 152 -34.55 45.28 53.38
CA LEU P 152 -33.10 45.55 53.44
C LEU P 152 -32.79 46.95 52.94
N VAL P 153 -33.39 47.36 51.82
CA VAL P 153 -33.10 48.69 51.29
C VAL P 153 -33.73 49.77 52.16
N GLU P 154 -34.86 49.48 52.81
CA GLU P 154 -35.48 50.45 53.70
C GLU P 154 -34.65 50.66 54.96
N ARG P 155 -34.06 49.59 55.50
CA ARG P 155 -33.28 49.70 56.72
C ARG P 155 -32.00 50.52 56.55
N THR P 156 -31.50 50.65 55.32
CA THR P 156 -30.27 51.39 55.10
C THR P 156 -30.47 52.90 55.12
N HIS P 157 -31.69 53.36 54.84
CA HIS P 157 -31.92 54.79 54.66
C HIS P 157 -31.71 55.57 55.95
N GLN P 158 -32.31 55.09 57.05
CA GLN P 158 -32.16 55.80 58.33
C GLN P 158 -30.72 55.81 58.80
N THR P 159 -30.01 54.68 58.65
CA THR P 159 -28.61 54.62 59.02
C THR P 159 -27.75 55.55 58.19
N LEU P 160 -28.00 55.63 56.87
CA LEU P 160 -27.23 56.52 56.01
C LEU P 160 -27.27 57.96 56.50
N LYS P 161 -28.41 58.39 57.04
CA LYS P 161 -28.54 59.76 57.52
C LYS P 161 -28.05 59.93 58.96
N ASN P 162 -28.29 58.94 59.83
CA ASN P 162 -27.91 59.13 61.22
C ASN P 162 -26.41 58.95 61.45
N THR P 163 -25.73 58.16 60.60
CA THR P 163 -24.29 57.99 60.79
C THR P 163 -23.50 59.23 60.43
N LEU P 164 -24.11 60.17 59.68
CA LEU P 164 -23.41 61.38 59.28
C LEU P 164 -23.27 62.38 60.42
N GLU P 165 -24.06 62.24 61.49
CA GLU P 165 -24.06 63.23 62.55
C GLU P 165 -22.81 63.19 63.41
N LYS P 166 -22.11 62.06 63.45
CA LYS P 166 -20.92 61.91 64.26
C LYS P 166 -19.65 62.40 63.58
N LEU P 167 -19.74 62.81 62.31
CA LEU P 167 -18.57 63.17 61.53
C LEU P 167 -18.45 64.66 61.23
N ILE P 168 -19.54 65.42 61.35
CA ILE P 168 -19.50 66.85 61.07
C ILE P 168 -18.80 67.69 62.14
N PRO P 169 -18.84 67.34 63.47
CA PRO P 169 -18.30 68.29 64.45
C PRO P 169 -16.78 68.38 64.45
N MET P 170 -16.09 67.24 64.28
CA MET P 170 -14.64 67.24 64.49
C MET P 170 -13.92 67.92 63.33
N PHE P 171 -14.44 67.80 62.12
CA PHE P 171 -13.77 68.34 60.94
C PHE P 171 -14.75 69.19 60.14
N ASN P 172 -14.23 70.29 59.58
CA ASN P 172 -15.10 71.28 58.95
C ASN P 172 -15.69 70.76 57.63
N ALA P 173 -14.89 70.07 56.83
CA ALA P 173 -15.33 69.65 55.51
C ALA P 173 -16.43 68.60 55.62
N PHE P 174 -17.41 68.70 54.73
CA PHE P 174 -18.55 67.78 54.69
C PHE P 174 -18.41 66.70 53.65
N GLU P 175 -17.74 66.97 52.54
CA GLU P 175 -17.62 66.00 51.46
C GLU P 175 -16.79 64.78 51.88
N SER P 176 -15.72 65.01 52.66
CA SER P 176 -14.88 63.90 53.07
C SER P 176 -15.58 63.03 54.12
N ALA P 177 -16.29 63.65 55.06
CA ALA P 177 -16.95 62.91 56.12
C ALA P 177 -18.05 62.00 55.56
N LEU P 178 -18.75 62.46 54.52
CA LEU P 178 -19.79 61.65 53.91
C LEU P 178 -19.22 60.34 53.39
N ALA P 179 -18.09 60.41 52.68
CA ALA P 179 -17.45 59.19 52.21
C ALA P 179 -16.89 58.36 53.36
N GLY P 180 -16.36 59.04 54.39
CA GLY P 180 -15.78 58.31 55.51
C GLY P 180 -16.80 57.45 56.24
N THR P 181 -18.01 57.99 56.45
CA THR P 181 -19.06 57.19 57.08
C THR P 181 -19.34 55.92 56.28
N LEU P 182 -19.50 56.05 54.97
CA LEU P 182 -19.84 54.90 54.13
C LEU P 182 -18.71 53.87 54.13
N ILE P 183 -17.46 54.33 54.05
CA ILE P 183 -16.35 53.37 54.02
C ILE P 183 -16.22 52.66 55.36
N THR P 184 -16.45 53.39 56.47
CA THR P 184 -16.30 52.77 57.78
C THR P 184 -17.48 51.88 58.15
N LEU P 185 -18.63 52.08 57.51
CA LEU P 185 -19.77 51.20 57.81
C LEU P 185 -19.53 49.77 57.34
N ASN P 186 -18.81 49.58 56.23
CA ASN P 186 -18.75 48.28 55.56
C ASN P 186 -17.39 47.59 55.73
N ILE P 187 -16.68 47.87 56.82
CA ILE P 187 -15.36 47.27 57.01
C ILE P 187 -15.28 46.56 58.35
N LYS P 188 -16.24 46.80 59.23
CA LYS P 188 -16.14 46.26 60.58
C LYS P 188 -17.38 45.49 61.00
N ARG P 189 -18.54 45.80 60.42
CA ARG P 189 -19.76 45.10 60.79
C ARG P 189 -19.70 43.67 60.25
N LYS P 190 -19.88 42.70 61.13
CA LYS P 190 -19.74 41.29 60.81
C LYS P 190 -21.00 40.53 61.21
N GLY P 191 -21.44 39.63 60.35
CA GLY P 191 -22.61 38.80 60.61
C GLY P 191 -22.24 37.33 60.61
N GLY P 192 -22.65 36.62 61.65
CA GLY P 192 -22.35 35.20 61.78
C GLY P 192 -20.89 34.91 61.97
N LEU P 193 -20.31 34.13 61.04
CA LEU P 193 -18.91 33.72 61.14
C LEU P 193 -18.01 34.80 60.53
N GLY P 194 -18.02 35.97 61.16
CA GLY P 194 -17.30 37.10 60.62
C GLY P 194 -17.99 37.63 59.38
N THR P 195 -17.40 37.36 58.21
CA THR P 195 -18.00 37.69 56.91
C THR P 195 -18.23 39.19 56.78
N SER P 196 -17.12 39.94 56.70
CA SER P 196 -17.17 41.36 56.44
C SER P 196 -17.83 41.61 55.08
N PRO P 197 -18.42 42.79 54.88
CA PRO P 197 -19.23 43.00 53.65
C PRO P 197 -18.50 42.69 52.36
N MET P 198 -17.21 43.02 52.24
CA MET P 198 -16.50 42.70 51.02
C MET P 198 -16.18 41.22 50.93
N ASP P 199 -16.15 40.52 52.06
CA ASP P 199 -15.75 39.10 52.05
C ASP P 199 -16.76 38.25 51.28
N ILE P 200 -18.05 38.53 51.47
CA ILE P 200 -19.08 37.79 50.72
C ILE P 200 -18.94 38.06 49.23
N PHE P 201 -18.66 39.32 48.86
CA PHE P 201 -18.47 39.65 47.46
C PHE P 201 -17.28 38.89 46.87
N ILE P 202 -16.17 38.83 47.60
CA ILE P 202 -15.00 38.10 47.10
C ILE P 202 -15.31 36.62 46.97
N PHE P 203 -16.00 36.05 47.96
CA PHE P 203 -16.32 34.63 47.92
C PHE P 203 -17.24 34.31 46.76
N ASN P 204 -18.21 35.19 46.48
CA ASN P 204 -19.10 34.98 45.34
C ASN P 204 -18.36 35.13 44.01
N LYS P 205 -17.45 36.10 43.92
CA LYS P 205 -16.76 36.40 42.68
C LYS P 205 -15.67 35.39 42.34
N GLU P 206 -15.05 34.75 43.33
CA GLU P 206 -13.93 33.86 43.05
C GLU P 206 -14.34 32.54 42.42
N GLN P 207 -15.58 32.09 42.63
CA GLN P 207 -16.00 30.79 42.10
C GLN P 207 -16.04 30.78 40.58
N GLN P 208 -16.34 31.94 39.97
CA GLN P 208 -16.42 32.01 38.51
C GLN P 208 -15.09 31.65 37.86
N ARG P 209 -13.96 31.97 38.51
CA ARG P 209 -12.68 31.57 37.95
C ARG P 209 -12.55 30.05 37.87
N ILE P 210 -12.80 29.36 38.98
CA ILE P 210 -12.71 27.90 38.99
C ILE P 210 -13.68 27.30 37.97
N GLN P 211 -14.87 27.89 37.85
CA GLN P 211 -15.77 27.46 36.78
C GLN P 211 -15.17 27.70 35.39
N GLN P 212 -14.39 28.78 35.22
CA GLN P 212 -13.81 29.07 33.92
C GLN P 212 -12.76 28.02 33.52
N GLN P 213 -11.80 27.74 34.41
CA GLN P 213 -10.81 26.72 34.02
C GLN P 213 -11.25 25.30 34.34
N SER P 214 -12.47 25.10 34.86
CA SER P 214 -12.97 23.73 35.04
C SER P 214 -13.16 23.04 33.70
N LYS P 215 -13.70 23.76 32.71
CA LYS P 215 -13.96 23.17 31.40
C LYS P 215 -12.75 23.23 30.47
N SER P 216 -11.68 23.92 30.86
CA SER P 216 -10.50 23.99 30.00
C SER P 216 -9.87 22.61 29.82
N LYS P 217 -9.78 21.84 30.91
CA LYS P 217 -9.24 20.49 30.81
C LYS P 217 -10.23 19.52 30.17
N GLN P 218 -11.52 19.84 30.19
CA GLN P 218 -12.55 18.98 29.60
C GLN P 218 -12.81 19.42 28.17
N GLU P 219 -11.85 19.10 27.30
CA GLU P 219 -11.90 19.49 25.90
C GLU P 219 -11.86 18.32 24.93
N LYS P 220 -11.46 17.13 25.38
CA LYS P 220 -11.31 15.96 24.52
C LYS P 220 -12.64 15.38 24.03
N ILE P 221 -13.78 16.01 24.29
CA ILE P 221 -15.06 15.46 23.86
C ILE P 221 -15.19 15.56 22.35
N ARG P 222 -15.79 14.54 21.74
CA ARG P 222 -16.02 14.51 20.31
C ARG P 222 -17.43 14.03 20.03
N PHE P 223 -17.95 14.41 18.87
CA PHE P 223 -19.31 14.07 18.46
C PHE P 223 -19.29 13.36 17.11
N CYS P 224 -20.26 12.46 16.92
CA CYS P 224 -20.33 11.71 15.67
C CYS P 224 -21.74 11.18 15.47
N TYR P 225 -22.10 11.02 14.20
CA TYR P 225 -23.31 10.33 13.79
C TYR P 225 -23.05 8.83 13.74
N TYR P 226 -24.10 8.06 14.01
CA TYR P 226 -24.00 6.61 14.03
C TYR P 226 -25.24 6.00 13.38
N ARG P 227 -25.10 4.77 12.92
CA ARG P 227 -26.21 4.02 12.33
C ARG P 227 -26.16 2.59 12.80
N THR P 228 -27.33 1.96 12.87
CA THR P 228 -27.46 0.58 13.32
C THR P 228 -27.84 -0.31 12.15
N ARG P 229 -27.21 -1.48 12.07
CA ARG P 229 -27.46 -2.43 11.00
C ARG P 229 -28.47 -3.48 11.47
N LYS P 230 -29.52 -3.67 10.67
CA LYS P 230 -30.53 -4.68 10.94
C LYS P 230 -30.58 -5.63 9.75
N ARG P 231 -30.35 -6.92 10.02
CA ARG P 231 -30.32 -7.95 8.98
C ARG P 231 -29.33 -7.60 7.88
N GLY P 232 -28.18 -7.06 8.29
CA GLY P 232 -27.12 -6.66 7.37
C GLY P 232 -27.29 -5.31 6.74
N HIS P 233 -28.52 -4.94 6.39
CA HIS P 233 -28.78 -3.65 5.75
C HIS P 233 -28.58 -2.53 6.76
N PRO P 234 -27.71 -1.55 6.48
CA PRO P 234 -27.55 -0.43 7.42
C PRO P 234 -28.80 0.44 7.48
N GLY P 235 -29.03 1.01 8.65
CA GLY P 235 -30.17 1.89 8.86
C GLY P 235 -29.84 3.35 8.58
N GLU P 236 -30.84 4.19 8.81
CA GLU P 236 -30.67 5.62 8.62
C GLU P 236 -29.74 6.19 9.67
N TRP P 237 -29.03 7.27 9.30
CA TRP P 237 -28.12 7.92 10.22
C TRP P 237 -28.89 8.55 11.37
N GLN P 238 -28.30 8.47 12.56
CA GLN P 238 -28.92 9.01 13.77
C GLN P 238 -27.90 9.82 14.55
N GLY P 239 -28.38 10.85 15.24
CA GLY P 239 -27.52 11.71 16.02
C GLY P 239 -27.89 13.18 15.86
N PRO P 240 -26.92 14.08 16.12
CA PRO P 240 -25.57 13.74 16.58
C PRO P 240 -25.52 13.42 18.07
N THR P 241 -24.53 12.63 18.48
CA THR P 241 -24.36 12.22 19.87
C THR P 241 -22.89 12.38 20.25
N GLN P 242 -22.62 12.22 21.55
CA GLN P 242 -21.27 12.37 22.10
C GLN P 242 -20.60 11.01 22.18
N VAL P 243 -19.30 10.99 21.89
CA VAL P 243 -18.50 9.76 21.98
C VAL P 243 -18.19 9.54 23.45
N LEU P 244 -18.95 8.63 24.09
CA LEU P 244 -18.72 8.35 25.50
C LEU P 244 -17.36 7.71 25.73
N TRP P 245 -16.98 6.75 24.89
CA TRP P 245 -15.69 6.08 25.01
C TRP P 245 -15.13 5.86 23.61
N GLY P 246 -13.96 6.43 23.34
CA GLY P 246 -13.32 6.28 22.05
C GLY P 246 -12.39 5.09 22.02
N GLY P 247 -12.65 4.17 21.11
CA GLY P 247 -11.80 3.00 20.94
C GLY P 247 -11.37 2.89 19.50
N ASP P 248 -10.22 2.23 19.30
CA ASP P 248 -9.65 2.11 17.96
C ASP P 248 -10.55 1.28 17.05
N GLY P 249 -10.98 0.11 17.52
CA GLY P 249 -11.84 -0.73 16.71
C GLY P 249 -13.26 -0.20 16.59
N ALA P 250 -13.82 0.29 17.69
CA ALA P 250 -15.21 0.71 17.72
C ALA P 250 -15.37 1.73 18.84
N ILE P 251 -16.58 2.28 18.96
CA ILE P 251 -16.89 3.26 19.99
C ILE P 251 -18.19 2.87 20.67
N VAL P 252 -18.44 3.50 21.82
CA VAL P 252 -19.63 3.29 22.62
C VAL P 252 -20.43 4.58 22.65
N VAL P 253 -21.71 4.50 22.29
CA VAL P 253 -22.57 5.67 22.22
C VAL P 253 -23.81 5.45 23.08
N LYS P 254 -24.45 6.55 23.45
CA LYS P 254 -25.65 6.53 24.29
C LYS P 254 -26.86 6.86 23.43
N ASP P 255 -27.88 6.01 23.51
CA ASP P 255 -29.09 6.19 22.73
C ASP P 255 -30.17 6.86 23.56
N ARG P 256 -30.92 7.76 22.92
CA ARG P 256 -32.01 8.46 23.59
C ARG P 256 -33.33 7.73 23.49
N GLY P 257 -33.60 7.04 22.38
CA GLY P 257 -34.87 6.37 22.21
C GLY P 257 -35.06 5.20 23.17
N THR P 258 -34.02 4.38 23.34
CA THR P 258 -34.10 3.20 24.19
C THR P 258 -33.38 3.36 25.52
N ASP P 259 -32.63 4.45 25.71
CA ASP P 259 -31.88 4.69 26.95
C ASP P 259 -30.95 3.51 27.27
N ARG P 260 -30.28 3.01 26.23
CA ARG P 260 -29.38 1.88 26.37
C ARG P 260 -28.06 2.18 25.67
N TYR P 261 -27.00 1.54 26.14
CA TYR P 261 -25.69 1.71 25.57
C TYR P 261 -25.50 0.79 24.36
N LEU P 262 -24.82 1.30 23.34
CA LEU P 262 -24.57 0.52 22.13
C LEU P 262 -23.11 0.69 21.73
N VAL P 263 -22.59 -0.34 21.05
CA VAL P 263 -21.24 -0.34 20.51
C VAL P 263 -21.35 -0.33 19.00
N ILE P 264 -20.73 0.67 18.36
CA ILE P 264 -20.79 0.86 16.92
C ILE P 264 -19.37 0.79 16.36
N ALA P 265 -19.19 -0.02 15.32
CA ALA P 265 -17.90 -0.14 14.68
C ALA P 265 -17.55 1.14 13.93
N ASN P 266 -16.25 1.27 13.63
CA ASN P 266 -15.75 2.48 12.97
C ASN P 266 -16.27 2.63 11.54
N LYS P 267 -16.83 1.59 10.95
CA LYS P 267 -17.34 1.67 9.58
C LYS P 267 -18.76 2.21 9.51
N ASP P 268 -19.39 2.52 10.65
CA ASP P 268 -20.74 3.05 10.68
C ASP P 268 -20.82 4.33 11.48
N VAL P 269 -19.75 5.12 11.48
CA VAL P 269 -19.68 6.36 12.25
C VAL P 269 -19.25 7.50 11.34
N LYS P 270 -19.61 8.72 11.75
CA LYS P 270 -19.28 9.93 11.00
C LYS P 270 -18.88 11.00 12.01
N PHE P 271 -17.57 11.23 12.14
CA PHE P 271 -17.07 12.20 13.09
C PHE P 271 -17.37 13.62 12.62
N ILE P 272 -17.90 14.45 13.51
CA ILE P 272 -18.23 15.84 13.18
C ILE P 272 -17.76 16.74 14.32
N PRO P 273 -17.46 18.01 14.06
CA PRO P 273 -17.14 18.93 15.14
C PRO P 273 -18.36 19.15 16.03
N PRO P 274 -18.16 19.46 17.30
CA PRO P 274 -19.30 19.67 18.21
C PRO P 274 -20.11 20.87 17.80
N PRO P 275 -21.44 20.75 17.80
CA PRO P 275 -22.29 21.90 17.45
C PRO P 275 -22.36 22.91 18.59
N LYS P 276 -22.79 24.12 18.22
CA LYS P 276 -22.96 25.19 19.19
C LYS P 276 -24.23 25.99 18.90
N TRP Q 1 -6.66 39.88 73.53
CA TRP Q 1 -7.76 39.43 74.38
C TRP Q 1 -8.21 40.54 75.32
N ILE Q 2 -7.24 41.15 76.02
CA ILE Q 2 -7.50 42.23 76.94
C ILE Q 2 -6.92 43.55 76.44
N GLU Q 3 -5.76 43.51 75.80
CA GLU Q 3 -5.11 44.71 75.29
C GLU Q 3 -5.90 45.37 74.16
N ASN Q 4 -6.82 44.65 73.53
CA ASN Q 4 -7.62 45.20 72.43
C ASN Q 4 -8.81 46.02 72.90
N ILE Q 5 -9.09 46.03 74.21
CA ILE Q 5 -10.22 46.81 74.72
C ILE Q 5 -10.08 48.30 74.43
N PRO Q 6 -8.95 48.96 74.72
CA PRO Q 6 -8.83 50.37 74.33
C PRO Q 6 -8.99 50.60 72.83
N LEU Q 7 -8.47 49.69 72.00
CA LEU Q 7 -8.63 49.83 70.56
C LEU Q 7 -10.09 49.72 70.15
N ALA Q 8 -10.82 48.77 70.75
CA ALA Q 8 -12.25 48.64 70.46
C ALA Q 8 -13.02 49.87 70.90
N GLU Q 9 -12.70 50.41 72.07
CA GLU Q 9 -13.37 51.62 72.54
C GLU Q 9 -13.09 52.79 71.61
N GLU Q 10 -11.84 52.93 71.16
CA GLU Q 10 -11.50 54.00 70.23
C GLU Q 10 -12.25 53.84 68.91
N GLU Q 11 -12.33 52.60 68.40
CA GLU Q 11 -13.05 52.36 67.16
C GLU Q 11 -14.53 52.69 67.30
N HIS Q 12 -15.14 52.30 68.43
CA HIS Q 12 -16.55 52.62 68.65
C HIS Q 12 -16.76 54.12 68.76
N ASN Q 13 -15.86 54.82 69.46
CA ASN Q 13 -15.96 56.27 69.51
C ASN Q 13 -15.80 56.89 68.13
N LYS Q 14 -15.00 56.27 67.27
CA LYS Q 14 -14.80 56.79 65.93
C LYS Q 14 -16.04 56.61 65.05
N TRP Q 15 -16.64 55.42 65.08
CA TRP Q 15 -17.71 55.11 64.13
C TRP Q 15 -19.04 54.73 64.77
N HIS Q 16 -19.05 54.20 65.99
CA HIS Q 16 -20.28 53.84 66.71
C HIS Q 16 -21.09 52.81 65.92
N GLN Q 17 -20.49 51.64 65.74
CA GLN Q 17 -21.16 50.54 65.06
C GLN Q 17 -21.79 49.60 66.10
N ASP Q 18 -22.41 48.53 65.64
CA ASP Q 18 -23.12 47.62 66.53
C ASP Q 18 -22.13 46.78 67.35
N ALA Q 19 -22.62 46.29 68.50
CA ALA Q 19 -21.78 45.59 69.45
C ALA Q 19 -21.37 44.20 68.96
N VAL Q 20 -22.23 43.55 68.17
CA VAL Q 20 -21.92 42.21 67.69
C VAL Q 20 -20.67 42.22 66.81
N SER Q 21 -20.48 43.28 66.02
CA SER Q 21 -19.26 43.40 65.23
C SER Q 21 -18.03 43.49 66.12
N LEU Q 22 -18.11 44.26 67.20
CA LEU Q 22 -16.99 44.36 68.13
C LEU Q 22 -16.69 43.00 68.77
N HIS Q 23 -17.74 42.28 69.17
CA HIS Q 23 -17.55 40.97 69.78
C HIS Q 23 -16.90 39.99 68.80
N LEU Q 24 -17.34 40.02 67.55
CA LEU Q 24 -16.81 39.09 66.55
C LEU Q 24 -15.40 39.46 66.10
N GLU Q 25 -15.05 40.75 66.14
CA GLU Q 25 -13.75 41.18 65.65
C GLU Q 25 -12.67 41.14 66.72
N PHE Q 26 -12.95 41.64 67.92
CA PHE Q 26 -11.94 41.74 68.97
C PHE Q 26 -11.96 40.59 69.96
N GLY Q 27 -13.05 39.81 70.01
CA GLY Q 27 -13.16 38.76 70.99
C GLY Q 27 -13.61 39.20 72.36
N ILE Q 28 -13.89 40.49 72.54
CA ILE Q 28 -14.39 40.99 73.83
C ILE Q 28 -15.76 40.38 74.09
N PRO Q 29 -16.09 40.03 75.34
CA PRO Q 29 -17.44 39.52 75.62
C PRO Q 29 -18.52 40.50 75.18
N ARG Q 30 -19.59 39.96 74.61
CA ARG Q 30 -20.65 40.80 74.06
C ARG Q 30 -21.44 41.54 75.15
N THR Q 31 -21.38 41.07 76.40
CA THR Q 31 -22.04 41.81 77.47
C THR Q 31 -21.41 43.17 77.67
N ALA Q 32 -20.07 43.24 77.68
CA ALA Q 32 -19.39 44.52 77.84
C ALA Q 32 -19.66 45.44 76.65
N ALA Q 33 -19.66 44.89 75.44
CA ALA Q 33 -19.95 45.69 74.25
C ALA Q 33 -21.38 46.22 74.29
N GLU Q 34 -22.34 45.39 74.72
CA GLU Q 34 -23.71 45.84 74.85
C GLU Q 34 -23.84 46.94 75.90
N ASP Q 35 -23.12 46.80 77.02
CA ASP Q 35 -23.13 47.84 78.04
C ASP Q 35 -22.55 49.14 77.50
N ILE Q 36 -21.47 49.05 76.73
CA ILE Q 36 -20.88 50.24 76.12
C ILE Q 36 -21.86 50.90 75.15
N VAL Q 37 -22.55 50.09 74.35
CA VAL Q 37 -23.52 50.63 73.41
C VAL Q 37 -24.66 51.33 74.15
N GLN Q 38 -25.16 50.69 75.22
CA GLN Q 38 -26.25 51.29 75.99
C GLN Q 38 -25.82 52.58 76.66
N GLN Q 39 -24.60 52.61 77.23
CA GLN Q 39 -24.10 53.81 77.86
C GLN Q 39 -23.62 54.86 76.85
N CYS Q 40 -23.52 54.50 75.57
CA CYS Q 40 -23.16 55.45 74.53
C CYS Q 40 -24.34 56.37 74.24
N ASP Q 41 -24.40 57.51 74.93
CA ASP Q 41 -25.53 58.42 74.81
C ASP Q 41 -25.69 58.98 73.40
N VAL Q 42 -24.61 59.02 72.62
CA VAL Q 42 -24.71 59.50 71.24
C VAL Q 42 -25.59 58.57 70.41
N CYS Q 43 -25.37 57.26 70.54
CA CYS Q 43 -26.17 56.30 69.80
C CYS Q 43 -27.64 56.38 70.21
N GLN Q 44 -27.91 56.52 71.50
CA GLN Q 44 -29.28 56.60 71.98
C GLN Q 44 -29.95 57.90 71.54
N GLU Q 45 -29.21 59.00 71.48
CA GLU Q 45 -29.78 60.26 71.03
C GLU Q 45 -29.86 60.37 69.51
N ASN Q 46 -29.22 59.46 68.78
CA ASN Q 46 -29.29 59.45 67.32
C ASN Q 46 -30.59 58.82 66.79
N LYS Q 47 -31.35 58.14 67.65
CA LYS Q 47 -32.59 57.51 67.21
C LYS Q 47 -33.79 58.42 67.49
N GLY Q 59 -29.96 41.38 69.47
CA GLY Q 59 -28.81 40.92 70.22
C GLY Q 59 -28.44 39.48 69.91
N ILE Q 60 -28.35 38.65 70.96
CA ILE Q 60 -28.05 37.24 70.81
C ILE Q 60 -29.02 36.43 71.66
N ASP Q 61 -29.13 35.14 71.33
CA ASP Q 61 -30.01 34.21 72.03
C ASP Q 61 -31.47 34.66 72.00
N HIS Q 62 -31.88 35.31 70.91
CA HIS Q 62 -33.23 35.80 70.77
C HIS Q 62 -34.09 34.77 70.05
N TRP Q 63 -35.32 34.58 70.52
CA TRP Q 63 -36.23 33.56 70.00
C TRP Q 63 -37.53 34.21 69.55
N GLN Q 64 -38.20 33.54 68.62
CA GLN Q 64 -39.49 34.00 68.10
C GLN Q 64 -40.45 32.83 68.07
N VAL Q 65 -41.68 33.07 68.52
CA VAL Q 65 -42.71 32.04 68.62
C VAL Q 65 -43.91 32.46 67.80
N ASP Q 66 -44.54 31.49 67.13
CA ASP Q 66 -45.73 31.76 66.35
C ASP Q 66 -46.53 30.47 66.24
N TYR Q 67 -47.78 30.61 65.80
CA TYR Q 67 -48.67 29.46 65.61
C TYR Q 67 -49.11 29.40 64.16
N THR Q 68 -49.36 28.18 63.67
CA THR Q 68 -49.80 28.00 62.30
C THR Q 68 -50.78 26.84 62.24
N HIS Q 69 -51.62 26.87 61.22
CA HIS Q 69 -52.69 25.87 61.01
C HIS Q 69 -52.61 25.41 59.56
N TYR Q 70 -51.87 24.33 59.33
CA TYR Q 70 -51.72 23.74 58.00
C TYR Q 70 -52.44 22.40 57.98
N GLU Q 71 -53.37 22.24 57.03
CA GLU Q 71 -54.19 21.03 56.92
C GLU Q 71 -54.90 20.74 58.24
N ASP Q 72 -55.42 21.81 58.87
CA ASP Q 72 -56.11 21.72 60.15
C ASP Q 72 -55.24 21.07 61.23
N LYS Q 73 -53.95 21.38 61.19
CA LYS Q 73 -53.00 20.90 62.18
C LYS Q 73 -52.33 22.08 62.87
N ILE Q 74 -52.35 22.09 64.19
CA ILE Q 74 -51.79 23.17 64.99
C ILE Q 74 -50.29 22.90 65.14
N ILE Q 75 -49.47 23.76 64.57
CA ILE Q 75 -48.02 23.63 64.66
C ILE Q 75 -47.45 24.91 65.25
N LEU Q 76 -46.65 24.77 66.31
CA LEU Q 76 -46.05 25.90 66.99
C LEU Q 76 -44.67 26.16 66.39
N VAL Q 77 -44.60 27.14 65.50
CA VAL Q 77 -43.36 27.45 64.80
C VAL Q 77 -42.44 28.24 65.72
N TRP Q 78 -41.18 27.82 65.80
CA TRP Q 78 -40.17 28.47 66.63
C TRP Q 78 -38.98 28.83 65.73
N VAL Q 79 -38.55 30.08 65.82
CA VAL Q 79 -37.51 30.60 64.92
C VAL Q 79 -36.45 31.30 65.78
N GLU Q 80 -35.22 31.31 65.28
CA GLU Q 80 -34.14 32.09 65.86
C GLU Q 80 -33.87 33.29 64.96
N THR Q 81 -33.86 34.49 65.56
CA THR Q 81 -33.74 35.70 64.76
C THR Q 81 -32.35 35.87 64.19
N ASN Q 82 -31.32 35.50 64.96
CA ASN Q 82 -29.94 35.79 64.56
C ASN Q 82 -29.44 34.80 63.52
N SER Q 83 -29.35 33.52 63.89
CA SER Q 83 -28.78 32.50 63.03
C SER Q 83 -29.82 31.71 62.24
N GLY Q 84 -31.10 32.01 62.42
CA GLY Q 84 -32.15 31.32 61.69
C GLY Q 84 -32.32 29.86 62.04
N LEU Q 85 -32.24 29.51 63.32
CA LEU Q 85 -32.53 28.15 63.76
C LEU Q 85 -34.02 27.97 63.98
N ILE Q 86 -34.55 26.84 63.53
CA ILE Q 86 -35.97 26.55 63.63
C ILE Q 86 -36.17 25.20 64.30
N TYR Q 87 -37.35 25.02 64.90
CA TYR Q 87 -37.71 23.77 65.54
C TYR Q 87 -39.23 23.66 65.57
N ALA Q 88 -39.75 22.50 65.16
CA ALA Q 88 -41.18 22.27 65.13
C ALA Q 88 -41.49 20.90 65.73
N GLU Q 89 -42.67 20.80 66.35
CA GLU Q 89 -43.12 19.55 66.93
C GLU Q 89 -44.63 19.48 66.86
N ARG Q 90 -45.16 18.26 66.86
CA ARG Q 90 -46.61 18.07 66.76
C ARG Q 90 -47.28 18.55 68.06
N VAL Q 91 -48.33 19.35 67.90
CA VAL Q 91 -49.08 19.90 69.03
C VAL Q 91 -50.55 19.48 68.87
N LYS Q 92 -51.11 18.87 69.91
CA LYS Q 92 -52.51 18.44 69.85
C LYS Q 92 -53.45 19.64 69.75
N GLY Q 93 -53.17 20.70 70.50
CA GLY Q 93 -54.02 21.87 70.47
C GLY Q 93 -53.36 23.03 71.20
N GLU Q 94 -53.94 24.21 71.00
CA GLU Q 94 -53.42 25.44 71.60
C GLU Q 94 -53.87 25.56 73.06
N THR Q 95 -53.44 24.59 73.86
CA THR Q 95 -53.73 24.55 75.28
C THR Q 95 -52.50 24.95 76.07
N GLY Q 96 -52.70 25.71 77.14
CA GLY Q 96 -51.59 26.15 77.96
C GLY Q 96 -50.85 25.00 78.62
N GLN Q 97 -51.59 23.97 79.04
CA GLN Q 97 -50.97 22.82 79.70
C GLN Q 97 -49.97 22.13 78.79
N GLU Q 98 -50.34 21.90 77.53
CA GLU Q 98 -49.42 21.30 76.58
C GLU Q 98 -48.32 22.27 76.16
N PHE Q 99 -48.64 23.57 76.05
CA PHE Q 99 -47.64 24.55 75.66
C PHE Q 99 -46.52 24.64 76.69
N ARG Q 100 -46.86 24.57 77.98
CA ARG Q 100 -45.83 24.61 79.02
C ARG Q 100 -44.90 23.40 78.92
N VAL Q 101 -45.48 22.21 78.73
CA VAL Q 101 -44.66 21.01 78.59
C VAL Q 101 -43.76 21.11 77.37
N GLN Q 102 -44.27 21.67 76.27
CA GLN Q 102 -43.44 21.90 75.10
C GLN Q 102 -42.31 22.85 75.41
N THR Q 103 -42.57 23.88 76.24
CA THR Q 103 -41.50 24.82 76.59
C THR Q 103 -40.42 24.17 77.43
N MET Q 104 -40.79 23.36 78.44
CA MET Q 104 -39.78 22.65 79.20
C MET Q 104 -39.01 21.66 78.32
N LYS Q 105 -39.70 21.00 77.39
CA LYS Q 105 -38.98 20.09 76.48
C LYS Q 105 -38.03 20.85 75.58
N TRP Q 106 -38.41 22.05 75.14
CA TRP Q 106 -37.52 22.87 74.31
C TRP Q 106 -36.32 23.34 75.10
N TYR Q 107 -36.50 23.62 76.39
CA TYR Q 107 -35.38 24.08 77.21
C TYR Q 107 -34.34 22.98 77.45
N ALA Q 108 -34.62 21.74 77.08
CA ALA Q 108 -33.71 20.63 77.35
C ALA Q 108 -32.36 20.80 76.68
N MET Q 109 -32.31 21.22 75.41
CA MET Q 109 -31.05 21.37 74.70
C MET Q 109 -30.67 22.81 74.41
N PHE Q 110 -31.54 23.77 74.74
CA PHE Q 110 -31.25 25.18 74.52
C PHE Q 110 -31.28 25.93 75.85
N ALA Q 111 -30.28 26.77 76.07
CA ALA Q 111 -30.17 27.59 77.27
C ALA Q 111 -29.93 29.03 76.87
N PRO Q 112 -30.98 29.73 76.43
CA PRO Q 112 -30.82 31.12 75.99
C PRO Q 112 -30.77 32.10 77.14
N LYS Q 113 -30.54 33.38 76.83
CA LYS Q 113 -30.51 34.44 77.83
C LYS Q 113 -31.64 35.45 77.71
N SER Q 114 -32.32 35.52 76.56
CA SER Q 114 -33.44 36.42 76.36
C SER Q 114 -34.54 35.71 75.60
N LEU Q 115 -35.79 36.02 75.96
CA LEU Q 115 -36.95 35.48 75.26
C LEU Q 115 -37.97 36.58 75.02
N GLN Q 116 -38.59 36.55 73.85
CA GLN Q 116 -39.66 37.47 73.50
C GLN Q 116 -40.88 36.67 73.06
N SER Q 117 -42.06 37.16 73.44
CA SER Q 117 -43.29 36.47 73.11
C SER Q 117 -44.32 37.48 72.62
N ASP Q 118 -45.25 37.00 71.80
CA ASP Q 118 -46.31 37.84 71.27
C ASP Q 118 -47.53 37.75 72.18
N ASN Q 119 -48.66 38.28 71.72
CA ASN Q 119 -49.90 38.27 72.49
C ASN Q 119 -50.74 37.07 72.06
N GLY Q 120 -51.08 36.22 73.03
CA GLY Q 120 -51.88 35.05 72.76
C GLY Q 120 -52.40 34.41 74.02
N PRO Q 121 -53.42 33.55 73.89
CA PRO Q 121 -53.97 32.89 75.08
C PRO Q 121 -52.99 31.95 75.75
N ALA Q 122 -52.39 31.03 74.99
CA ALA Q 122 -51.43 30.09 75.57
C ALA Q 122 -50.09 30.76 75.85
N PHE Q 123 -49.73 31.78 75.06
CA PHE Q 123 -48.44 32.43 75.25
C PHE Q 123 -48.35 33.12 76.60
N VAL Q 124 -49.39 33.84 77.00
CA VAL Q 124 -49.44 34.53 78.28
C VAL Q 124 -50.66 34.01 79.04
N ALA Q 125 -50.42 33.42 80.21
CA ALA Q 125 -51.48 32.85 81.02
C ALA Q 125 -51.22 33.23 82.48
N GLU Q 126 -51.98 32.60 83.38
CA GLU Q 126 -51.86 32.89 84.81
C GLU Q 126 -50.61 32.28 85.44
N SER Q 127 -49.95 31.33 84.77
CA SER Q 127 -48.77 30.70 85.33
C SER Q 127 -47.63 30.57 84.33
N THR Q 128 -47.78 31.10 83.12
CA THR Q 128 -46.70 31.01 82.13
C THR Q 128 -45.48 31.81 82.58
N GLN Q 129 -45.68 33.00 83.14
CA GLN Q 129 -44.56 33.82 83.58
C GLN Q 129 -43.89 33.26 84.83
N LEU Q 130 -44.61 32.49 85.65
CA LEU Q 130 -44.00 31.91 86.85
C LEU Q 130 -42.96 30.85 86.50
N LEU Q 131 -43.24 30.04 85.48
CA LEU Q 131 -42.31 28.99 85.08
C LEU Q 131 -41.03 29.54 84.47
N MET Q 132 -41.02 30.80 84.06
CA MET Q 132 -39.84 31.44 83.50
C MET Q 132 -39.04 32.20 84.54
N LYS Q 133 -39.63 32.47 85.71
CA LYS Q 133 -38.94 33.26 86.73
C LYS Q 133 -37.70 32.54 87.26
N TYR Q 134 -37.75 31.23 87.42
CA TYR Q 134 -36.62 30.49 87.95
C TYR Q 134 -35.59 30.13 86.88
N LEU Q 135 -35.87 30.43 85.61
CA LEU Q 135 -34.92 30.15 84.54
C LEU Q 135 -33.89 31.26 84.35
N GLY Q 136 -34.08 32.41 85.00
CA GLY Q 136 -33.14 33.50 84.87
C GLY Q 136 -33.00 34.07 83.47
N ILE Q 137 -34.11 34.19 82.75
CA ILE Q 137 -34.11 34.68 81.38
C ILE Q 137 -34.97 35.94 81.31
N GLU Q 138 -34.42 37.00 80.73
CA GLU Q 138 -35.17 38.24 80.58
C GLU Q 138 -36.29 38.06 79.57
N HIS Q 139 -37.45 38.64 79.90
CA HIS Q 139 -38.63 38.57 79.04
C HIS Q 139 -39.18 39.96 78.80
N THR Q 140 -39.53 40.25 77.55
CA THR Q 140 -40.12 41.53 77.17
C THR Q 140 -41.34 41.25 76.30
N THR Q 141 -42.53 41.54 76.82
CA THR Q 141 -43.76 41.30 76.09
C THR Q 141 -44.09 42.51 75.23
N GLY Q 142 -45.21 42.41 74.51
CA GLY Q 142 -45.66 43.48 73.62
C GLY Q 142 -45.23 43.24 72.18
N ILE Q 143 -45.83 44.02 71.30
CA ILE Q 143 -45.54 43.90 69.86
C ILE Q 143 -44.10 44.37 69.61
N PRO Q 144 -43.32 43.65 68.81
CA PRO Q 144 -41.97 44.11 68.49
C PRO Q 144 -41.99 45.36 67.62
N TRP Q 145 -40.92 46.14 67.73
CA TRP Q 145 -40.77 47.35 66.94
C TRP Q 145 -39.71 47.23 65.84
N ASN Q 146 -38.87 46.22 65.89
CA ASN Q 146 -37.84 46.04 64.87
C ASN Q 146 -38.46 45.47 63.60
N PRO Q 147 -38.37 46.15 62.45
CA PRO Q 147 -38.93 45.58 61.22
C PRO Q 147 -38.31 44.27 60.81
N GLN Q 148 -37.02 44.07 61.08
CA GLN Q 148 -36.36 42.82 60.70
C GLN Q 148 -36.94 41.63 61.44
N SER Q 149 -37.27 41.82 62.73
CA SER Q 149 -37.81 40.72 63.51
C SER Q 149 -39.13 40.23 62.93
N GLN Q 150 -39.98 41.16 62.48
CA GLN Q 150 -41.20 40.77 61.80
C GLN Q 150 -40.94 40.21 60.41
N ALA Q 151 -39.89 40.70 59.73
CA ALA Q 151 -39.60 40.23 58.38
C ALA Q 151 -39.15 38.77 58.35
N LEU Q 152 -38.35 38.35 59.33
CA LEU Q 152 -37.93 36.95 59.38
C LEU Q 152 -39.12 36.01 59.56
N VAL Q 153 -40.14 36.44 60.29
CA VAL Q 153 -41.29 35.58 60.58
C VAL Q 153 -42.05 35.23 59.31
N GLU Q 154 -42.05 36.12 58.31
CA GLU Q 154 -42.95 35.98 57.18
C GLU Q 154 -42.60 34.76 56.32
N ARG Q 155 -41.41 34.76 55.73
CA ARG Q 155 -41.09 33.77 54.70
C ARG Q 155 -40.77 32.39 55.27
N THR Q 156 -40.49 32.29 56.57
CA THR Q 156 -40.19 30.99 57.16
C THR Q 156 -41.38 30.04 57.06
N HIS Q 157 -42.59 30.54 57.33
CA HIS Q 157 -43.77 29.71 57.21
C HIS Q 157 -43.98 29.23 55.78
N GLN Q 158 -43.79 30.13 54.80
CA GLN Q 158 -43.94 29.74 53.41
C GLN Q 158 -42.94 28.66 53.03
N THR Q 159 -41.68 28.82 53.43
CA THR Q 159 -40.67 27.81 53.15
C THR Q 159 -41.00 26.49 53.82
N LEU Q 160 -41.47 26.53 55.07
CA LEU Q 160 -41.83 25.30 55.77
C LEU Q 160 -42.97 24.58 55.07
N LYS Q 161 -44.01 25.31 54.65
CA LYS Q 161 -45.12 24.69 53.94
C LYS Q 161 -44.66 24.12 52.60
N ASN Q 162 -43.79 24.83 51.88
CA ASN Q 162 -43.29 24.33 50.61
C ASN Q 162 -42.51 23.04 50.81
N THR Q 163 -41.66 22.99 51.83
CA THR Q 163 -40.90 21.76 52.11
C THR Q 163 -41.82 20.62 52.54
N LEU Q 164 -42.83 20.92 53.37
CA LEU Q 164 -43.76 19.89 53.81
C LEU Q 164 -44.52 19.29 52.62
N GLU Q 165 -44.97 20.14 51.70
CA GLU Q 165 -45.72 19.63 50.55
C GLU Q 165 -44.87 18.69 49.69
N LYS Q 166 -43.56 18.95 49.60
CA LYS Q 166 -42.69 18.04 48.87
C LYS Q 166 -42.37 16.78 49.65
N LEU Q 167 -42.25 16.87 50.98
CA LEU Q 167 -41.76 15.73 51.76
C LEU Q 167 -42.87 14.81 52.26
N ILE Q 168 -44.14 15.22 52.19
CA ILE Q 168 -45.22 14.35 52.68
C ILE Q 168 -45.34 13.04 51.93
N PRO Q 169 -45.29 12.97 50.59
CA PRO Q 169 -45.64 11.70 49.93
C PRO Q 169 -44.68 10.55 50.20
N MET Q 170 -43.39 10.82 50.41
CA MET Q 170 -42.45 9.71 50.59
C MET Q 170 -42.66 9.00 51.92
N PHE Q 171 -42.94 9.75 52.98
CA PHE Q 171 -43.07 9.19 54.32
C PHE Q 171 -44.53 9.14 54.72
N ASN Q 172 -45.00 7.93 55.07
CA ASN Q 172 -46.40 7.76 55.44
C ASN Q 172 -46.73 8.51 56.73
N ALA Q 173 -45.84 8.44 57.72
CA ALA Q 173 -46.11 9.09 59.00
C ALA Q 173 -45.99 10.60 58.89
N PHE Q 174 -46.95 11.30 59.49
CA PHE Q 174 -46.90 12.77 59.51
C PHE Q 174 -45.69 13.27 60.29
N GLU Q 175 -45.39 12.66 61.44
CA GLU Q 175 -44.27 13.11 62.25
C GLU Q 175 -42.94 12.87 61.54
N SER Q 176 -42.82 11.78 60.78
CA SER Q 176 -41.58 11.51 60.07
C SER Q 176 -41.25 12.62 59.08
N ALA Q 177 -42.22 12.98 58.22
CA ALA Q 177 -42.00 14.05 57.26
C ALA Q 177 -41.83 15.40 57.95
N LEU Q 178 -42.59 15.64 59.02
CA LEU Q 178 -42.46 16.90 59.75
C LEU Q 178 -41.06 17.07 60.32
N ALA Q 179 -40.51 16.00 60.90
CA ALA Q 179 -39.15 16.07 61.42
C ALA Q 179 -38.12 16.15 60.29
N GLY Q 180 -38.36 15.45 59.19
CA GLY Q 180 -37.42 15.51 58.07
C GLY Q 180 -37.32 16.88 57.45
N THR Q 181 -38.43 17.63 57.42
CA THR Q 181 -38.40 18.99 56.90
C THR Q 181 -37.48 19.91 57.70
N LEU Q 182 -37.25 19.61 58.99
CA LEU Q 182 -36.39 20.46 59.81
C LEU Q 182 -34.94 20.40 59.32
N ILE Q 183 -34.47 19.23 58.91
CA ILE Q 183 -33.09 19.09 58.46
C ILE Q 183 -32.84 19.89 57.19
N THR Q 184 -33.86 20.00 56.32
CA THR Q 184 -33.68 20.71 55.06
C THR Q 184 -33.26 22.16 55.26
N LEU Q 185 -33.62 22.76 56.39
CA LEU Q 185 -33.24 24.14 56.68
C LEU Q 185 -32.16 24.25 57.73
N ASN Q 186 -32.20 23.42 58.78
CA ASN Q 186 -31.22 23.55 59.86
C ASN Q 186 -29.86 23.01 59.44
N ILE Q 187 -29.83 21.88 58.74
CA ILE Q 187 -28.59 21.20 58.39
C ILE Q 187 -28.33 21.24 56.89
N LYS Q 188 -29.33 20.87 56.07
CA LYS Q 188 -29.11 20.79 54.64
C LYS Q 188 -28.88 22.17 54.02
N ARG Q 189 -29.40 23.21 54.65
CA ARG Q 189 -29.20 24.56 54.14
C ARG Q 189 -27.89 25.14 54.67
N LYS Q 190 -27.06 25.65 53.75
CA LYS Q 190 -25.78 26.26 54.11
C LYS Q 190 -25.70 27.65 53.51
N GLY Q 191 -25.13 28.58 54.28
CA GLY Q 191 -24.99 29.95 53.84
C GLY Q 191 -23.61 30.48 54.18
N GLY Q 192 -23.33 31.68 53.69
CA GLY Q 192 -22.03 32.29 53.90
C GLY Q 192 -20.94 31.47 53.25
N LEU Q 193 -19.92 31.11 54.04
CA LEU Q 193 -18.82 30.31 53.53
C LEU Q 193 -19.14 28.82 53.60
N GLY Q 194 -20.29 28.43 53.05
CA GLY Q 194 -20.69 27.03 53.07
C GLY Q 194 -20.90 26.46 54.45
N THR Q 195 -21.54 27.22 55.34
CA THR Q 195 -21.74 26.83 56.72
C THR Q 195 -23.23 26.87 57.06
N SER Q 196 -23.72 25.82 57.70
CA SER Q 196 -25.12 25.74 58.09
C SER Q 196 -25.38 26.64 59.30
N PRO Q 197 -26.65 27.03 59.51
CA PRO Q 197 -26.98 27.80 60.72
C PRO Q 197 -26.62 27.08 62.01
N MET Q 198 -26.72 25.75 62.03
CA MET Q 198 -26.33 25.00 63.22
C MET Q 198 -24.85 25.22 63.54
N ASP Q 199 -24.01 25.25 62.51
CA ASP Q 199 -22.59 25.55 62.73
C ASP Q 199 -22.41 26.95 63.32
N ILE Q 200 -23.16 27.93 62.83
CA ILE Q 200 -23.05 29.29 63.35
C ILE Q 200 -23.45 29.34 64.82
N PHE Q 201 -24.57 28.70 65.17
CA PHE Q 201 -25.01 28.69 66.56
C PHE Q 201 -24.01 27.97 67.46
N ILE Q 202 -23.46 26.84 66.99
CA ILE Q 202 -22.47 26.12 67.77
C ILE Q 202 -21.23 26.97 67.98
N PHE Q 203 -20.78 27.68 66.95
CA PHE Q 203 -19.63 28.56 67.11
C PHE Q 203 -19.92 29.69 68.08
N ASN Q 204 -21.14 30.25 68.03
CA ASN Q 204 -21.50 31.31 68.95
C ASN Q 204 -21.44 30.83 70.39
N LYS Q 205 -22.01 29.65 70.67
CA LYS Q 205 -21.93 29.11 72.02
C LYS Q 205 -20.49 28.79 72.42
N GLU Q 206 -19.70 28.25 71.47
CA GLU Q 206 -18.31 27.92 71.75
C GLU Q 206 -17.51 29.17 72.11
N GLN Q 207 -17.73 30.27 71.41
CA GLN Q 207 -17.07 31.52 71.74
C GLN Q 207 -17.58 32.13 73.03
N GLN Q 208 -18.87 31.96 73.34
CA GLN Q 208 -19.44 32.50 74.56
C GLN Q 208 -18.98 31.76 75.81
N ARG Q 209 -18.61 30.48 75.68
CA ARG Q 209 -18.30 29.69 76.88
C ARG Q 209 -17.06 30.20 77.60
N ILE Q 210 -16.11 30.83 76.91
CA ILE Q 210 -14.83 31.15 77.52
C ILE Q 210 -15.00 32.16 78.65
N GLN Q 211 -15.79 33.21 78.43
CA GLN Q 211 -15.82 34.34 79.35
C GLN Q 211 -16.34 33.94 80.73
N GLN Q 212 -17.18 32.91 80.80
CA GLN Q 212 -17.64 32.43 82.11
C GLN Q 212 -16.50 31.86 82.93
N GLN Q 213 -15.62 31.07 82.30
CA GLN Q 213 -14.50 30.48 83.01
C GLN Q 213 -13.41 31.52 83.27
N SER Q 214 -13.16 32.41 82.31
CA SER Q 214 -12.11 33.40 82.47
C SER Q 214 -12.40 34.37 83.61
N LYS Q 215 -13.65 34.79 83.76
CA LYS Q 215 -14.03 35.71 84.83
C LYS Q 215 -14.38 34.95 86.10
N ILE R 60 -15.57 8.37 68.24
CA ILE R 60 -16.14 9.72 68.25
C ILE R 60 -17.61 9.65 67.85
N ASP R 61 -18.46 10.31 68.65
CA ASP R 61 -19.90 10.37 68.42
C ASP R 61 -20.51 8.96 68.37
N HIS R 62 -20.30 8.22 69.46
CA HIS R 62 -20.82 6.86 69.59
C HIS R 62 -22.13 6.91 70.37
N TRP R 63 -23.16 6.28 69.83
CA TRP R 63 -24.49 6.30 70.42
C TRP R 63 -25.01 4.88 70.60
N GLN R 64 -25.85 4.70 71.62
CA GLN R 64 -26.53 3.43 71.86
C GLN R 64 -27.97 3.71 72.22
N VAL R 65 -28.89 2.91 71.67
CA VAL R 65 -30.32 3.06 71.88
C VAL R 65 -30.83 1.88 72.68
N ASP R 66 -31.69 2.15 73.66
CA ASP R 66 -32.21 1.10 74.52
C ASP R 66 -33.61 1.46 75.00
N TYR R 67 -34.31 0.44 75.49
CA TYR R 67 -35.65 0.60 76.05
C TYR R 67 -35.62 0.37 77.56
N THR R 68 -36.52 1.04 78.27
CA THR R 68 -36.67 0.81 79.70
C THR R 68 -38.13 0.95 80.08
N HIS R 69 -38.49 0.34 81.21
CA HIS R 69 -39.87 0.31 81.69
C HIS R 69 -39.94 0.92 83.08
N TYR R 70 -40.98 1.71 83.32
CA TYR R 70 -41.20 2.34 84.62
C TYR R 70 -42.68 2.67 84.75
N GLU R 71 -43.34 2.05 85.73
CA GLU R 71 -44.77 2.24 85.96
C GLU R 71 -45.57 1.91 84.70
N ASP R 72 -45.21 0.81 84.03
CA ASP R 72 -45.86 0.37 82.80
C ASP R 72 -45.80 1.47 81.74
N LYS R 73 -44.64 2.10 81.61
CA LYS R 73 -44.38 3.11 80.59
C LYS R 73 -43.07 2.78 79.90
N ILE R 74 -43.08 2.84 78.56
CA ILE R 74 -41.91 2.53 77.76
C ILE R 74 -41.15 3.82 77.48
N ILE R 75 -39.87 3.85 77.83
CA ILE R 75 -39.02 5.01 77.63
C ILE R 75 -37.84 4.59 76.75
N LEU R 76 -37.62 5.35 75.67
CA LEU R 76 -36.49 5.14 74.79
C LEU R 76 -35.35 6.06 75.21
N VAL R 77 -34.16 5.47 75.40
CA VAL R 77 -33.01 6.18 75.94
C VAL R 77 -31.83 6.05 74.98
N TRP R 78 -31.18 7.18 74.72
CA TRP R 78 -29.95 7.24 73.95
C TRP R 78 -28.81 7.59 74.89
N VAL R 79 -27.78 6.73 74.88
CA VAL R 79 -26.59 6.90 75.71
C VAL R 79 -25.41 7.22 74.78
N GLU R 80 -24.66 8.26 75.12
CA GLU R 80 -23.52 8.69 74.33
C GLU R 80 -22.24 8.46 75.13
N THR R 81 -21.16 8.12 74.43
CA THR R 81 -19.90 7.78 75.07
C THR R 81 -18.99 8.99 75.25
N ASN R 82 -18.80 9.78 74.18
CA ASN R 82 -17.90 10.92 74.25
C ASN R 82 -18.46 12.02 75.15
N SER R 83 -19.63 12.55 74.79
CA SER R 83 -20.24 13.61 75.59
C SER R 83 -20.85 13.08 76.88
N GLY R 84 -21.28 11.81 76.89
CA GLY R 84 -21.91 11.24 78.06
C GLY R 84 -23.34 11.67 78.29
N LEU R 85 -23.95 12.35 77.32
CA LEU R 85 -25.32 12.85 77.51
C LEU R 85 -26.34 11.73 77.34
N ILE R 86 -27.34 11.74 78.20
CA ILE R 86 -28.47 10.82 78.13
C ILE R 86 -29.67 11.57 77.57
N TYR R 87 -30.37 10.94 76.62
CA TYR R 87 -31.59 11.52 76.07
C TYR R 87 -32.72 10.50 76.19
N ALA R 88 -33.70 10.81 77.02
CA ALA R 88 -34.81 9.90 77.29
C ALA R 88 -36.12 10.53 76.82
N GLU R 89 -36.94 9.72 76.14
CA GLU R 89 -38.24 10.18 75.68
C GLU R 89 -39.26 9.06 75.87
N ARG R 90 -40.54 9.42 75.79
CA ARG R 90 -41.64 8.49 75.98
C ARG R 90 -42.13 7.97 74.65
N VAL R 91 -42.31 6.65 74.56
CA VAL R 91 -42.80 5.98 73.36
C VAL R 91 -44.06 5.20 73.73
N LYS R 92 -45.12 5.38 72.95
CA LYS R 92 -46.38 4.70 73.23
C LYS R 92 -46.23 3.19 73.10
N GLY R 93 -45.55 2.72 72.06
CA GLY R 93 -45.37 1.30 71.84
C GLY R 93 -44.14 1.03 71.02
N GLU R 94 -43.54 -0.14 71.23
CA GLU R 94 -42.31 -0.52 70.55
C GLU R 94 -42.61 -1.09 69.17
N THR R 95 -43.34 -0.35 68.35
CA THR R 95 -43.64 -0.76 66.99
C THR R 95 -42.61 -0.21 66.01
N GLY R 96 -42.55 -0.82 64.84
CA GLY R 96 -41.58 -0.39 63.84
C GLY R 96 -41.81 1.03 63.35
N GLN R 97 -43.07 1.37 63.07
CA GLN R 97 -43.38 2.71 62.59
C GLN R 97 -43.07 3.76 63.65
N GLU R 98 -43.46 3.49 64.90
CA GLU R 98 -43.16 4.43 65.97
C GLU R 98 -41.66 4.50 66.25
N PHE R 99 -40.96 3.39 66.13
CA PHE R 99 -39.50 3.42 66.29
C PHE R 99 -38.86 4.28 65.21
N ARG R 100 -39.34 4.17 63.96
CA ARG R 100 -38.82 5.02 62.89
C ARG R 100 -39.14 6.48 63.16
N VAL R 101 -40.34 6.76 63.65
CA VAL R 101 -40.72 8.14 63.97
C VAL R 101 -39.81 8.70 65.05
N GLN R 102 -39.53 7.92 66.09
CA GLN R 102 -38.66 8.38 67.17
C GLN R 102 -37.23 8.59 66.66
N THR R 103 -36.74 7.70 65.78
CA THR R 103 -35.40 7.88 65.23
C THR R 103 -35.34 9.14 64.38
N MET R 104 -36.40 9.43 63.62
CA MET R 104 -36.46 10.67 62.85
C MET R 104 -36.48 11.90 63.76
N LYS R 105 -37.23 11.85 64.85
CA LYS R 105 -37.26 12.96 65.80
C LYS R 105 -35.87 13.17 66.43
N TRP R 106 -35.19 12.08 66.76
CA TRP R 106 -33.83 12.18 67.30
C TRP R 106 -32.88 12.75 66.26
N TYR R 107 -33.04 12.38 64.99
CA TYR R 107 -32.19 12.88 63.93
C TYR R 107 -32.49 14.34 63.58
N ALA R 108 -33.62 14.87 64.05
CA ALA R 108 -34.00 16.25 63.71
C ALA R 108 -33.01 17.27 64.23
N MET R 109 -32.53 17.11 65.46
CA MET R 109 -31.60 18.06 66.06
C MET R 109 -30.17 17.52 66.19
N PHE R 110 -29.98 16.22 66.07
CA PHE R 110 -28.67 15.60 66.19
C PHE R 110 -28.26 14.98 64.86
N ALA R 111 -26.94 14.76 64.72
CA ALA R 111 -26.35 14.16 63.54
C ALA R 111 -25.48 12.99 63.98
N PRO R 112 -26.09 11.86 64.30
CA PRO R 112 -25.31 10.71 64.78
C PRO R 112 -24.51 10.07 63.66
N LYS R 113 -23.42 9.41 64.05
CA LYS R 113 -22.54 8.71 63.12
C LYS R 113 -22.40 7.24 63.41
N SER R 114 -22.31 6.85 64.69
CA SER R 114 -22.21 5.45 65.07
C SER R 114 -23.29 5.15 66.09
N LEU R 115 -24.08 4.09 65.82
CA LEU R 115 -25.17 3.70 66.70
C LEU R 115 -25.13 2.19 66.90
N GLN R 116 -25.35 1.76 68.13
CA GLN R 116 -25.40 0.35 68.49
C GLN R 116 -26.75 0.02 69.10
N SER R 117 -27.31 -1.13 68.72
CA SER R 117 -28.61 -1.56 69.19
C SER R 117 -28.55 -3.00 69.65
N ASP R 118 -29.41 -3.33 70.61
CA ASP R 118 -29.49 -4.68 71.13
C ASP R 118 -30.55 -5.47 70.35
N ASN R 119 -30.91 -6.65 70.84
CA ASN R 119 -31.91 -7.47 70.18
C ASN R 119 -33.30 -6.86 70.36
N GLY R 120 -34.13 -6.99 69.32
CA GLY R 120 -35.47 -6.48 69.34
C GLY R 120 -36.20 -6.70 68.02
N PRO R 121 -37.46 -7.14 68.10
CA PRO R 121 -38.23 -7.35 66.87
C PRO R 121 -38.41 -6.09 66.03
N ALA R 122 -38.53 -4.93 66.67
CA ALA R 122 -38.72 -3.69 65.90
C ALA R 122 -37.44 -3.25 65.20
N PHE R 123 -36.28 -3.62 65.75
CA PHE R 123 -35.01 -3.23 65.14
C PHE R 123 -34.84 -3.86 63.77
N VAL R 124 -35.19 -5.14 63.64
CA VAL R 124 -35.02 -5.88 62.39
C VAL R 124 -36.33 -5.85 61.61
N ALA R 125 -36.25 -5.34 60.38
CA ALA R 125 -37.39 -5.26 59.46
C ALA R 125 -36.87 -4.77 58.11
N GLU R 126 -37.52 -5.22 57.04
CA GLU R 126 -37.14 -4.77 55.71
C GLU R 126 -37.35 -3.27 55.56
N SER R 127 -38.51 -2.77 56.01
CA SER R 127 -38.78 -1.34 55.94
C SER R 127 -37.84 -0.56 56.86
N THR R 128 -37.57 -1.10 58.05
CA THR R 128 -36.64 -0.44 58.96
C THR R 128 -35.24 -0.34 58.37
N GLN R 129 -34.77 -1.42 57.75
CA GLN R 129 -33.45 -1.40 57.12
C GLN R 129 -33.42 -0.47 55.91
N LEU R 130 -34.49 -0.42 55.13
CA LEU R 130 -34.56 0.52 54.02
C LEU R 130 -34.51 1.96 54.52
N LEU R 131 -35.24 2.27 55.59
CA LEU R 131 -35.20 3.60 56.17
C LEU R 131 -33.81 3.91 56.73
N MET R 132 -33.13 2.92 57.30
CA MET R 132 -31.82 3.18 57.88
C MET R 132 -30.80 3.46 56.77
N LYS R 133 -30.89 2.72 55.66
CA LYS R 133 -30.08 3.05 54.49
C LYS R 133 -30.45 4.40 53.91
N TYR R 134 -31.72 4.80 54.06
CA TYR R 134 -32.12 6.16 53.72
C TYR R 134 -31.37 7.17 54.58
N LEU R 135 -31.19 6.86 55.86
CA LEU R 135 -30.37 7.72 56.72
C LEU R 135 -28.91 7.74 56.28
N GLY R 136 -28.37 6.61 55.86
CA GLY R 136 -26.96 6.54 55.49
C GLY R 136 -26.01 6.76 56.64
N ILE R 137 -26.26 6.13 57.78
CA ILE R 137 -25.45 6.28 58.98
C ILE R 137 -24.91 4.90 59.36
N GLU R 138 -23.65 4.87 59.81
CA GLU R 138 -23.03 3.61 60.23
C GLU R 138 -23.67 3.09 61.52
N HIS R 139 -24.45 2.02 61.41
CA HIS R 139 -25.13 1.42 62.54
C HIS R 139 -25.11 -0.10 62.40
N THR R 140 -25.03 -0.78 63.55
CA THR R 140 -25.05 -2.24 63.59
C THR R 140 -26.12 -2.70 64.57
N THR R 141 -26.81 -3.78 64.21
CA THR R 141 -27.88 -4.33 65.01
C THR R 141 -27.60 -5.80 65.28
N GLY R 142 -27.70 -6.20 66.54
CA GLY R 142 -27.45 -7.58 66.92
C GLY R 142 -27.49 -7.80 68.41
N ILE R 143 -26.59 -8.63 68.93
CA ILE R 143 -26.50 -8.92 70.35
C ILE R 143 -25.16 -8.44 70.86
N PRO R 144 -25.11 -7.23 71.45
CA PRO R 144 -23.83 -6.70 71.96
C PRO R 144 -23.44 -7.36 73.27
N TRP R 145 -22.44 -8.23 73.21
CA TRP R 145 -21.92 -8.90 74.39
C TRP R 145 -20.72 -8.18 74.99
N ASN R 146 -20.32 -7.06 74.41
CA ASN R 146 -19.18 -6.31 74.92
C ASN R 146 -19.48 -5.82 76.34
N PRO R 147 -18.62 -6.14 77.32
CA PRO R 147 -18.89 -5.68 78.69
C PRO R 147 -18.95 -4.19 78.84
N GLN R 148 -18.21 -3.44 78.02
CA GLN R 148 -18.18 -1.99 78.15
C GLN R 148 -19.56 -1.37 77.91
N SER R 149 -20.19 -1.72 76.77
CA SER R 149 -21.48 -1.15 76.43
C SER R 149 -22.56 -1.57 77.42
N GLN R 150 -22.56 -2.85 77.81
CA GLN R 150 -23.55 -3.33 78.76
C GLN R 150 -23.41 -2.64 80.12
N ALA R 151 -22.16 -2.51 80.59
CA ALA R 151 -21.93 -1.83 81.85
C ALA R 151 -22.35 -0.37 81.79
N LEU R 152 -22.02 0.32 80.68
CA LEU R 152 -22.40 1.71 80.53
C LEU R 152 -23.92 1.87 80.53
N VAL R 153 -24.61 1.01 79.78
CA VAL R 153 -26.06 1.16 79.67
C VAL R 153 -26.75 0.82 80.99
N GLU R 154 -26.25 -0.18 81.72
CA GLU R 154 -26.88 -0.51 82.99
C GLU R 154 -26.60 0.56 84.04
N ARG R 155 -25.40 1.13 84.03
CA ARG R 155 -25.10 2.23 84.95
C ARG R 155 -25.96 3.45 84.63
N THR R 156 -26.15 3.76 83.34
CA THR R 156 -27.00 4.87 82.97
C THR R 156 -28.44 4.63 83.37
N HIS R 157 -28.93 3.40 83.20
CA HIS R 157 -30.29 3.08 83.62
C HIS R 157 -30.45 3.23 85.12
N GLN R 158 -29.48 2.73 85.89
CA GLN R 158 -29.55 2.88 87.34
C GLN R 158 -29.53 4.35 87.74
N THR R 159 -28.67 5.15 87.10
CA THR R 159 -28.59 6.57 87.44
C THR R 159 -29.89 7.29 87.12
N LEU R 160 -30.47 7.03 85.95
CA LEU R 160 -31.72 7.70 85.59
C LEU R 160 -32.86 7.26 86.49
N LYS R 161 -32.90 5.97 86.85
CA LYS R 161 -33.93 5.49 87.77
C LYS R 161 -33.80 6.14 89.14
N ASN R 162 -32.57 6.29 89.63
CA ASN R 162 -32.36 6.97 90.90
C ASN R 162 -32.75 8.44 90.83
N THR R 163 -32.44 9.11 89.71
CA THR R 163 -32.68 10.54 89.63
C THR R 163 -34.15 10.89 89.38
N LEU R 164 -34.88 10.06 88.63
CA LEU R 164 -36.25 10.43 88.28
C LEU R 164 -37.17 10.51 89.49
N GLU R 165 -36.99 9.62 90.46
CA GLU R 165 -37.87 9.58 91.63
C GLU R 165 -37.72 10.79 92.53
N LYS R 166 -36.67 11.61 92.33
CA LYS R 166 -36.49 12.78 93.18
C LYS R 166 -37.43 13.91 92.79
N LEU R 167 -37.76 14.02 91.50
CA LEU R 167 -38.56 15.13 90.99
C LEU R 167 -39.91 14.67 90.43
N ILE R 168 -40.43 13.54 90.89
CA ILE R 168 -41.77 13.09 90.48
C ILE R 168 -42.90 13.86 91.18
N PRO R 169 -42.81 14.26 92.46
CA PRO R 169 -44.02 14.78 93.11
C PRO R 169 -44.45 16.16 92.63
N MET R 170 -43.53 17.11 92.52
CA MET R 170 -43.93 18.48 92.21
C MET R 170 -44.33 18.64 90.75
N PHE R 171 -43.86 17.75 89.88
CA PHE R 171 -44.22 17.78 88.47
C PHE R 171 -45.30 16.74 88.21
N ASN R 172 -46.49 17.21 87.82
CA ASN R 172 -47.62 16.29 87.63
C ASN R 172 -47.45 15.47 86.36
N ALA R 173 -47.06 16.09 85.26
CA ALA R 173 -46.93 15.39 83.99
C ALA R 173 -45.66 14.56 83.97
N PHE R 174 -45.78 13.31 83.51
CA PHE R 174 -44.62 12.43 83.44
C PHE R 174 -43.59 12.96 82.45
N GLU R 175 -44.04 13.43 81.29
CA GLU R 175 -43.10 14.00 80.31
C GLU R 175 -42.42 15.23 80.88
N SER R 176 -43.18 16.12 81.53
CA SER R 176 -42.60 17.30 82.16
C SER R 176 -41.64 16.90 83.27
N ALA R 177 -42.00 15.87 84.04
CA ALA R 177 -41.13 15.43 85.13
C ALA R 177 -39.80 14.91 84.60
N LEU R 178 -39.84 14.07 83.56
CA LEU R 178 -38.59 13.54 83.01
C LEU R 178 -37.77 14.64 82.35
N ALA R 179 -38.43 15.58 81.66
CA ALA R 179 -37.71 16.71 81.07
C ALA R 179 -37.02 17.54 82.14
N GLY R 180 -37.72 17.82 83.24
CA GLY R 180 -37.11 18.56 84.32
C GLY R 180 -35.95 17.83 84.96
N THR R 181 -36.09 16.52 85.16
CA THR R 181 -35.01 15.74 85.75
C THR R 181 -33.77 15.78 84.86
N LEU R 182 -33.94 15.54 83.56
CA LEU R 182 -32.78 15.54 82.67
C LEU R 182 -32.17 16.93 82.56
N ILE R 183 -33.00 17.97 82.55
CA ILE R 183 -32.48 19.34 82.50
C ILE R 183 -31.64 19.62 83.74
N THR R 184 -32.14 19.25 84.92
CA THR R 184 -31.40 19.47 86.14
C THR R 184 -30.09 18.69 86.14
N LEU R 185 -30.12 17.44 85.67
CA LEU R 185 -28.90 16.64 85.62
C LEU R 185 -27.86 17.26 84.69
N ASN R 186 -28.28 17.74 83.52
CA ASN R 186 -27.30 18.26 82.58
C ASN R 186 -26.87 19.70 82.89
N ILE R 187 -27.61 20.43 83.71
CA ILE R 187 -27.18 21.78 84.08
C ILE R 187 -26.48 21.82 85.43
N LYS R 188 -26.64 20.79 86.28
CA LYS R 188 -26.05 20.79 87.61
C LYS R 188 -24.80 19.90 87.70
N ARG R 189 -24.86 18.70 87.14
CA ARG R 189 -23.73 17.79 87.23
C ARG R 189 -22.60 18.28 86.34
N LYS R 190 -21.40 18.37 86.92
CA LYS R 190 -20.21 18.79 86.18
C LYS R 190 -19.01 17.98 86.67
N GLY R 191 -18.04 17.79 85.79
CA GLY R 191 -16.87 17.01 86.10
C GLY R 191 -15.60 17.77 85.75
N GLY R 192 -14.52 17.37 86.43
CA GLY R 192 -13.24 18.03 86.21
C GLY R 192 -13.31 19.48 86.62
N LEU R 193 -12.98 20.38 85.70
CA LEU R 193 -13.04 21.82 85.94
C LEU R 193 -14.44 22.40 85.72
N GLY R 194 -15.48 21.55 85.71
CA GLY R 194 -16.83 22.02 85.47
C GLY R 194 -17.26 21.85 84.03
N THR R 195 -17.03 20.67 83.47
CA THR R 195 -17.36 20.37 82.08
C THR R 195 -18.69 19.62 82.04
N SER R 196 -19.74 20.31 81.61
CA SER R 196 -21.05 19.72 81.48
C SER R 196 -21.17 18.94 80.16
N PRO R 197 -22.08 17.97 80.09
CA PRO R 197 -22.11 17.10 78.89
C PRO R 197 -22.33 17.83 77.57
N MET R 198 -23.16 18.89 77.54
CA MET R 198 -23.41 19.56 76.27
C MET R 198 -22.17 20.29 75.78
N ASP R 199 -21.27 20.69 76.68
CA ASP R 199 -19.99 21.26 76.24
C ASP R 199 -19.19 20.23 75.46
N ILE R 200 -19.13 18.99 75.96
CA ILE R 200 -18.42 17.94 75.23
C ILE R 200 -19.13 17.64 73.92
N PHE R 201 -20.47 17.67 73.93
CA PHE R 201 -21.22 17.42 72.71
C PHE R 201 -20.94 18.46 71.64
N ILE R 202 -20.93 19.74 72.03
CA ILE R 202 -20.66 20.79 71.05
C ILE R 202 -19.19 20.76 70.63
N PHE R 203 -18.28 20.34 71.51
CA PHE R 203 -16.90 20.13 71.09
C PHE R 203 -16.82 19.06 70.01
N ASN R 204 -17.51 17.94 70.20
CA ASN R 204 -17.52 16.88 69.19
C ASN R 204 -18.14 17.38 67.89
N LYS R 205 -19.22 18.16 67.99
CA LYS R 205 -19.86 18.68 66.79
C LYS R 205 -18.95 19.63 66.03
N GLU R 206 -18.25 20.53 66.73
CA GLU R 206 -17.37 21.47 66.06
C GLU R 206 -16.07 20.83 65.58
N GLN R 207 -15.73 19.65 66.10
CA GLN R 207 -14.61 18.91 65.53
C GLN R 207 -14.94 18.29 64.17
N GLN R 208 -16.20 18.34 63.75
CA GLN R 208 -16.64 17.69 62.51
C GLN R 208 -16.89 18.70 61.40
N ARG R 209 -16.06 19.74 61.31
CA ARG R 209 -16.18 20.73 60.25
C ARG R 209 -15.65 20.16 58.93
N ILE R 210 -16.36 20.45 57.84
CA ILE R 210 -15.95 19.93 56.53
C ILE R 210 -14.64 20.59 56.09
N GLN R 211 -14.47 21.88 56.38
CA GLN R 211 -13.26 22.58 55.98
C GLN R 211 -12.02 22.06 56.68
N GLN R 212 -12.18 21.31 57.77
CA GLN R 212 -11.04 20.80 58.52
C GLN R 212 -10.29 19.72 57.77
N GLN R 213 -10.98 18.87 57.00
CA GLN R 213 -10.31 17.75 56.35
C GLN R 213 -9.32 18.23 55.30
N SER R 214 -9.65 19.29 54.57
CA SER R 214 -8.77 19.81 53.53
C SER R 214 -7.49 20.44 54.08
N LYS R 215 -7.44 20.75 55.38
CA LYS R 215 -6.26 21.37 55.98
C LYS R 215 -5.41 20.29 56.65
N SER R 216 -4.75 19.49 55.80
CA SER R 216 -3.93 18.39 56.30
C SER R 216 -2.58 18.25 55.62
N LYS R 217 -2.27 19.06 54.61
CA LYS R 217 -0.98 18.93 53.91
C LYS R 217 -0.60 20.32 53.39
N GLN R 218 0.20 21.05 54.19
CA GLN R 218 0.65 22.36 53.74
C GLN R 218 1.88 22.25 52.85
N GLU R 219 2.99 21.76 53.40
CA GLU R 219 4.22 21.58 52.62
C GLU R 219 4.98 20.29 52.91
N LYS R 220 4.80 19.66 54.07
CA LYS R 220 5.71 18.64 54.55
C LYS R 220 5.24 17.23 54.19
N ILE R 221 6.16 16.42 53.68
CA ILE R 221 5.95 15.00 53.45
C ILE R 221 7.31 14.32 53.41
N ARG R 222 7.45 13.20 54.11
CA ARG R 222 8.74 12.55 54.28
C ARG R 222 8.58 11.05 54.15
N PHE R 223 9.71 10.34 54.13
CA PHE R 223 9.75 8.89 54.08
C PHE R 223 10.95 8.40 54.87
N CYS R 224 10.87 7.16 55.35
CA CYS R 224 11.93 6.58 56.14
C CYS R 224 11.71 5.08 56.24
N TYR R 225 12.69 4.39 56.82
CA TYR R 225 12.63 2.97 57.07
C TYR R 225 12.30 2.72 58.54
N TYR R 226 12.18 1.44 58.91
CA TYR R 226 11.91 1.06 60.29
C TYR R 226 12.26 -0.40 60.49
N ARG R 227 12.83 -0.72 61.64
CA ARG R 227 13.17 -2.09 61.99
C ARG R 227 12.58 -2.42 63.36
N THR R 228 12.06 -3.63 63.49
CA THR R 228 11.45 -4.08 64.73
C THR R 228 12.52 -4.72 65.62
N ARG R 229 12.32 -4.59 66.94
CA ARG R 229 13.23 -5.13 67.94
C ARG R 229 12.49 -6.08 68.85
N LYS R 230 13.11 -7.22 69.14
CA LYS R 230 12.55 -8.24 70.02
C LYS R 230 13.61 -8.59 71.07
N ARG R 231 13.44 -8.06 72.28
CA ARG R 231 14.36 -8.29 73.39
C ARG R 231 15.79 -7.92 73.01
N GLY R 232 15.95 -6.78 72.34
CA GLY R 232 17.25 -6.28 71.95
C GLY R 232 17.78 -6.78 70.63
N HIS R 233 17.04 -7.66 69.94
CA HIS R 233 17.49 -8.18 68.66
C HIS R 233 16.73 -7.49 67.54
N PRO R 234 17.38 -6.63 66.75
CA PRO R 234 16.65 -5.91 65.69
C PRO R 234 16.31 -6.84 64.53
N GLY R 235 15.29 -6.43 63.78
CA GLY R 235 14.84 -7.13 62.59
C GLY R 235 15.42 -6.54 61.33
N GLU R 236 14.64 -6.57 60.26
CA GLU R 236 15.04 -6.01 58.98
C GLU R 236 14.22 -4.75 58.68
N TRP R 237 14.66 -4.03 57.65
CA TRP R 237 14.13 -2.69 57.36
C TRP R 237 12.68 -2.70 56.91
N GLN R 238 12.13 -3.84 56.53
CA GLN R 238 10.72 -4.02 56.15
C GLN R 238 10.33 -3.17 54.95
N GLY R 239 11.29 -2.58 54.24
CA GLY R 239 11.01 -1.78 53.08
C GLY R 239 10.56 -0.38 53.45
N PRO R 240 10.45 0.50 52.46
CA PRO R 240 10.02 1.87 52.73
C PRO R 240 8.55 1.91 53.14
N THR R 241 8.21 2.93 53.94
CA THR R 241 6.85 3.10 54.40
C THR R 241 6.57 4.59 54.58
N GLN R 242 5.30 4.94 54.53
CA GLN R 242 4.88 6.33 54.68
C GLN R 242 4.91 6.74 56.16
N VAL R 243 5.42 7.94 56.40
CA VAL R 243 5.47 8.49 57.76
C VAL R 243 4.09 9.00 58.15
N LEU R 244 3.85 9.08 59.45
CA LEU R 244 2.60 9.60 59.99
C LEU R 244 2.80 10.91 60.76
N TRP R 245 3.69 10.93 61.73
CA TRP R 245 3.99 12.13 62.47
C TRP R 245 5.37 11.99 63.11
N GLY R 246 6.09 13.11 63.21
CA GLY R 246 7.42 13.09 63.77
C GLY R 246 7.46 13.54 65.22
N GLY R 247 7.59 12.59 66.14
CA GLY R 247 7.69 12.88 67.55
C GLY R 247 9.11 13.09 68.01
N ASP R 248 9.27 13.16 69.32
CA ASP R 248 10.58 13.34 69.96
C ASP R 248 11.01 12.01 70.56
N GLY R 249 12.04 11.40 69.97
CA GLY R 249 12.55 10.13 70.43
C GLY R 249 11.96 8.91 69.76
N ALA R 250 10.80 9.05 69.12
CA ALA R 250 10.16 7.94 68.43
C ALA R 250 9.18 8.49 67.42
N ILE R 251 8.80 7.63 66.47
CA ILE R 251 7.84 7.98 65.43
C ILE R 251 6.78 6.88 65.35
N VAL R 252 5.66 7.21 64.71
CA VAL R 252 4.55 6.29 64.53
C VAL R 252 4.44 5.94 63.05
N VAL R 253 4.30 4.64 62.77
CA VAL R 253 4.20 4.14 61.40
C VAL R 253 3.02 3.19 61.30
N LYS R 254 2.60 2.93 60.06
CA LYS R 254 1.49 2.03 59.78
C LYS R 254 2.01 0.80 59.06
N ASP R 255 1.68 -0.37 59.59
CA ASP R 255 2.08 -1.64 58.99
C ASP R 255 1.11 -2.01 57.87
N ARG R 256 1.66 -2.60 56.81
CA ARG R 256 0.84 -3.01 55.68
C ARG R 256 0.31 -4.43 55.82
N GLY R 257 1.09 -5.33 56.43
CA GLY R 257 0.66 -6.71 56.57
C GLY R 257 -0.53 -6.87 57.50
N THR R 258 -0.51 -6.17 58.64
CA THR R 258 -1.55 -6.31 59.66
C THR R 258 -2.43 -5.09 59.80
N ASP R 259 -2.13 -3.99 59.09
CA ASP R 259 -2.88 -2.74 59.19
C ASP R 259 -2.95 -2.26 60.64
N ARG R 260 -1.81 -2.34 61.33
CA ARG R 260 -1.71 -1.95 62.73
C ARG R 260 -0.68 -0.86 62.88
N TYR R 261 -1.01 0.15 63.68
CA TYR R 261 -0.09 1.25 63.95
C TYR R 261 0.94 0.84 64.99
N LEU R 262 2.22 1.08 64.69
CA LEU R 262 3.32 0.74 65.57
C LEU R 262 4.14 1.99 65.84
N VAL R 263 4.99 1.91 66.87
CA VAL R 263 5.89 2.99 67.24
C VAL R 263 7.31 2.46 67.17
N ILE R 264 8.19 3.22 66.53
CA ILE R 264 9.59 2.84 66.32
C ILE R 264 10.49 3.94 66.84
N ALA R 265 11.53 3.56 67.58
CA ALA R 265 12.48 4.52 68.10
C ALA R 265 13.28 5.17 66.97
N ASN R 266 13.78 6.37 67.25
CA ASN R 266 14.52 7.12 66.24
C ASN R 266 15.81 6.41 65.84
N LYS R 267 16.50 5.79 66.81
CA LYS R 267 17.74 5.11 66.51
C LYS R 267 17.55 3.90 65.60
N ASP R 268 16.33 3.37 65.50
CA ASP R 268 16.03 2.23 64.65
C ASP R 268 15.38 2.65 63.33
N VAL R 269 15.41 3.94 63.01
CA VAL R 269 14.78 4.47 61.80
C VAL R 269 15.85 5.13 60.94
N LYS R 270 15.90 4.75 59.67
CA LYS R 270 16.81 5.35 58.70
C LYS R 270 16.04 6.36 57.86
N PHE R 271 16.49 7.61 57.89
CA PHE R 271 15.79 8.68 57.19
C PHE R 271 16.13 8.67 55.70
N ILE R 272 15.11 8.87 54.87
CA ILE R 272 15.28 8.99 53.42
C ILE R 272 15.54 10.47 53.11
N PRO R 273 16.66 10.80 52.47
CA PRO R 273 16.93 12.21 52.18
C PRO R 273 15.97 12.75 51.15
N PRO R 274 15.64 14.04 51.22
CA PRO R 274 14.72 14.63 50.24
C PRO R 274 15.37 14.72 48.88
N PRO R 275 14.58 14.78 47.80
CA PRO R 275 15.16 14.90 46.46
C PRO R 275 16.03 16.15 46.33
N LYS R 276 17.14 16.00 45.62
CA LYS R 276 18.09 17.09 45.44
C LYS R 276 17.90 17.77 44.09
#